data_4QQZ
#
_entry.id   4QQZ
#
_cell.length_a   86.917
_cell.length_b   222.064
_cell.length_c   124.898
_cell.angle_alpha   90.00
_cell.angle_beta   104.29
_cell.angle_gamma   90.00
#
_symmetry.space_group_name_H-M   'P 1 21 1'
#
loop_
_entity.id
_entity.type
_entity.pdbx_description
1 polymer 'CRISPR-associated helicase, Cas3 family'
2 polymer "DNA (5'-D(P*AP*AP*AP*AP*AP*AP*AP*AP*AP*AP*AP*A)-3')"
3 non-polymer 'FE (III) ION'
4 non-polymer 'PHOSPHOAMINOPHOSPHONIC ACID-ADENYLATE ESTER'
#
loop_
_entity_poly.entity_id
_entity_poly.type
_entity_poly.pdbx_seq_one_letter_code
_entity_poly.pdbx_strand_id
1 'polypeptide(L)'
;MGSSHHHHHHSSGLVPRGSHMPEHDSTDDKHGIPPLDLRFWAKERGLRGKTYPLVCHSLDAAAAALVLWNEYLSPGLRDT
IASSMETDEEHAGHCIAFWAGLHDIGKLTREFQQQIAIDLSAYPGEELSGEQRSHAAATGKWLPFALPSLGYPNGGLVTG
LVAQMLGGHHGTFHPHPSFQSRNPLAEFGFSSPHWEKQRHALLHAVFDATGRPTPPDMLDGPTASVVCGLVILADWLVSQ
EDFLLERLTSLPADGSASALRAHFETSLRRIPSLLDAAGLRPITVPPATFTESFPHLSKPNGLQASLAKHLPCLCTGPGL
VLITAPMGEGKTEAAYHVADLLGKATGRPGRFLALPTMATADQMHTRLKEYARYRVENTDLPRSSTLALLHSMAWLNPDY
APADLPGVSKVLSNLGHRDPFAATDWLMGRKRGLLAPWAVGTIDQALMAVLRAKHNALRLFGLAGKVVVVDEAHAVDPYM
QVLLEQLLRWLGTLDVPVVLLSATLHHSIANSLVKAYLEGARGRRWNRSEPQPVSEVSYPGWLHVDARIGKVTRSSDVDP
LPIATTPRKPLEVRLVDVPVKEGALNRSTVLAKELTPLVKQGGCAAIICTTVAEAQGVYDLLSQWFATLGEDAPDLYLLH
SRFPNRQRTEITATIVDLFGKEGAQSGRRPTRGAVLVATQVVEQSLDLDVDLMISDLAPVSLLLQRAGRCWRHEHLGIIN
RPQWAKQPELVVLTPEQNGDADRAPWFPRSWTSVYPLALLQRTYTLLRRRNGAPVQIPEDVQQLVDDVYDDDSLAEDLEA
DMERMGEELAQRGLARNAVIPDPDDAEDNLNGLTEFSFDVDEHVLATRFGAGSVRVLCYYVDTAGNRWLDPECTVEFPEQ
GTGREGRFTMADCRDLVARTIPVRMGPWASQLTEDNHPPEAWRESFYLRDLVLIPQRVTDEGAVLPTETGGREWLLDPCK
GLIF
;
A,C,E,G
2 'polydeoxyribonucleotide' (DA)(DA)(DA)(DA)(DA)(DA)(DA)(DA)(DA)(DA)(DA)(DA) B,D,F,H
#
# COMPACT_ATOMS: atom_id res chain seq x y z
N PRO A 34 18.67 32.31 35.84
CA PRO A 34 19.89 31.89 36.55
C PRO A 34 21.12 32.00 35.66
N PRO A 35 22.16 32.71 36.13
CA PRO A 35 23.43 32.82 35.39
C PRO A 35 24.05 31.44 35.27
N LEU A 36 24.88 31.20 34.26
CA LEU A 36 25.35 29.83 34.06
C LEU A 36 26.65 29.45 34.74
N ASP A 37 26.69 28.20 35.20
CA ASP A 37 27.80 27.60 35.93
C ASP A 37 28.79 26.94 34.95
N LEU A 38 30.07 27.30 35.06
CA LEU A 38 31.11 26.81 34.15
C LEU A 38 31.72 25.49 34.62
N ARG A 39 31.21 24.95 35.72
CA ARG A 39 31.79 23.73 36.28
C ARG A 39 31.51 22.49 35.43
N PHE A 40 30.51 22.59 34.56
CA PHE A 40 30.06 21.50 33.69
C PHE A 40 30.82 21.42 32.38
N TRP A 41 31.50 20.30 32.20
CA TRP A 41 32.48 20.14 31.13
C TRP A 41 31.91 19.38 29.95
N ALA A 42 32.69 19.33 28.88
CA ALA A 42 32.31 18.62 27.67
C ALA A 42 33.45 17.71 27.24
N LYS A 43 34.65 18.15 27.56
CA LYS A 43 35.88 17.47 27.22
C LYS A 43 36.77 17.30 28.41
N GLU A 44 37.42 16.19 28.57
CA GLU A 44 38.49 16.11 29.54
C GLU A 44 39.76 15.46 29.04
N ARG A 45 39.60 14.56 28.10
CA ARG A 45 40.64 13.69 27.64
C ARG A 45 41.76 14.41 26.95
N GLY A 46 42.93 13.83 27.05
CA GLY A 46 44.10 14.36 26.37
C GLY A 46 44.35 15.82 26.65
N LEU A 47 43.64 16.37 27.64
CA LEU A 47 43.75 17.79 27.96
C LEU A 47 44.70 18.05 29.13
N ARG A 48 45.54 17.06 29.41
CA ARG A 48 46.58 17.17 30.44
C ARG A 48 46.03 17.69 31.75
N GLY A 49 45.00 17.03 32.28
CA GLY A 49 44.53 17.34 33.60
C GLY A 49 43.45 18.40 33.73
N LYS A 50 43.31 19.30 32.76
CA LYS A 50 42.20 20.27 32.80
C LYS A 50 40.99 19.85 31.96
N THR A 51 39.91 20.62 32.07
CA THR A 51 38.64 20.33 31.43
C THR A 51 38.08 21.55 30.72
N TYR A 52 37.65 21.34 29.48
CA TYR A 52 37.04 22.39 28.69
C TYR A 52 35.55 22.42 29.05
N PRO A 53 35.02 23.61 29.34
CA PRO A 53 33.63 23.72 29.80
C PRO A 53 32.63 23.39 28.70
N LEU A 54 31.46 22.89 29.09
CA LEU A 54 30.43 22.56 28.14
C LEU A 54 30.00 23.75 27.30
N VAL A 55 29.94 24.94 27.91
CA VAL A 55 29.44 26.13 27.20
C VAL A 55 30.39 26.52 26.11
N CYS A 56 31.65 26.23 26.37
CA CYS A 56 32.71 26.63 25.49
C CYS A 56 32.75 25.71 24.29
N HIS A 57 32.58 24.41 24.51
CA HIS A 57 32.39 23.51 23.36
C HIS A 57 31.14 23.90 22.54
N SER A 58 30.05 24.23 23.23
CA SER A 58 28.81 24.56 22.56
C SER A 58 28.95 25.77 21.68
N LEU A 59 29.57 26.82 22.21
CA LEU A 59 29.76 28.05 21.45
C LEU A 59 30.70 27.80 20.27
N ASP A 60 31.81 27.10 20.54
CA ASP A 60 32.73 26.63 19.50
C ASP A 60 31.99 25.96 18.33
N ALA A 61 31.28 24.88 18.65
CA ALA A 61 30.48 24.15 17.67
C ALA A 61 29.43 25.02 16.96
N ALA A 62 28.82 25.98 17.65
CA ALA A 62 27.93 26.94 16.99
C ALA A 62 28.70 27.85 16.03
N ALA A 63 29.90 28.26 16.46
CA ALA A 63 30.74 29.13 15.64
C ALA A 63 31.17 28.44 14.34
N ALA A 64 31.67 27.21 14.48
CA ALA A 64 32.15 26.41 13.34
C ALA A 64 31.06 26.24 12.30
N ALA A 65 29.84 25.98 12.76
CA ALA A 65 28.74 25.70 11.85
C ALA A 65 28.44 26.95 11.01
N LEU A 66 28.46 28.10 11.68
CA LEU A 66 28.20 29.37 11.03
C LEU A 66 29.22 29.56 9.91
N VAL A 67 30.50 29.46 10.25
CA VAL A 67 31.56 29.60 9.26
C VAL A 67 31.44 28.59 8.14
N LEU A 68 31.12 27.34 8.49
CA LEU A 68 30.95 26.28 7.52
C LEU A 68 29.85 26.66 6.54
N TRP A 69 28.74 27.16 7.08
CA TRP A 69 27.63 27.62 6.26
C TRP A 69 28.09 28.65 5.23
N ASN A 70 28.81 29.66 5.70
CA ASN A 70 29.26 30.77 4.84
C ASN A 70 30.43 30.45 3.91
N GLU A 71 31.40 29.67 4.39
CA GLU A 71 32.65 29.49 3.69
C GLU A 71 32.92 28.08 3.13
N TYR A 72 32.18 27.08 3.58
CA TYR A 72 32.41 25.74 3.04
C TYR A 72 31.31 25.32 2.08
N LEU A 73 30.06 25.55 2.46
CA LEU A 73 28.91 25.12 1.65
C LEU A 73 28.89 25.68 0.24
N SER A 74 28.67 24.81 -0.73
CA SER A 74 28.31 25.26 -2.06
C SER A 74 27.12 26.20 -1.97
N PRO A 75 27.17 27.35 -2.67
CA PRO A 75 26.06 28.30 -2.73
C PRO A 75 24.74 27.62 -3.07
N GLY A 76 24.76 26.70 -4.01
CA GLY A 76 23.57 25.97 -4.37
C GLY A 76 22.99 25.25 -3.17
N LEU A 77 23.86 24.74 -2.31
CA LEU A 77 23.41 23.98 -1.14
C LEU A 77 22.78 24.88 -0.06
N ARG A 78 23.39 26.04 0.21
CA ARG A 78 22.77 27.04 1.07
C ARG A 78 21.33 27.36 0.59
N ASP A 79 21.16 27.38 -0.72
CA ASP A 79 19.88 27.69 -1.31
C ASP A 79 18.87 26.59 -1.02
N THR A 80 19.26 25.35 -1.37
CA THR A 80 18.44 24.15 -1.14
C THR A 80 17.94 24.05 0.29
N ILE A 81 18.83 24.28 1.24
CA ILE A 81 18.46 24.22 2.66
C ILE A 81 17.50 25.35 3.07
N ALA A 82 17.89 26.59 2.79
CA ALA A 82 17.06 27.72 3.10
C ALA A 82 15.67 27.64 2.47
N SER A 83 15.56 26.98 1.32
CA SER A 83 14.24 26.80 0.73
C SER A 83 13.38 25.83 1.52
N SER A 84 13.96 24.73 2.00
CA SER A 84 13.20 23.79 2.80
C SER A 84 12.66 24.44 4.07
N MET A 85 13.45 25.31 4.69
CA MET A 85 13.00 26.03 5.87
C MET A 85 12.11 27.21 5.47
N GLU A 86 12.09 27.51 4.18
CA GLU A 86 11.36 28.65 3.63
C GLU A 86 11.61 29.96 4.35
N THR A 87 12.86 30.35 4.42
CA THR A 87 13.26 31.60 5.04
C THR A 87 14.49 32.05 4.23
N ASP A 88 14.97 33.26 4.47
CA ASP A 88 16.20 33.70 3.80
C ASP A 88 17.43 32.93 4.34
N GLU A 89 18.49 32.91 3.54
CA GLU A 89 19.72 32.21 3.86
C GLU A 89 20.36 32.69 5.16
N GLU A 90 20.37 33.99 5.38
CA GLU A 90 21.03 34.55 6.55
C GLU A 90 20.41 34.02 7.85
N HIS A 91 19.09 33.89 7.82
CA HIS A 91 18.32 33.35 8.93
C HIS A 91 18.59 31.86 9.09
N ALA A 92 18.50 31.14 7.97
CA ALA A 92 18.79 29.72 7.90
C ALA A 92 20.14 29.43 8.51
N GLY A 93 21.11 30.28 8.22
CA GLY A 93 22.42 30.12 8.79
C GLY A 93 22.37 30.20 10.29
N HIS A 94 21.81 31.27 10.84
CA HIS A 94 21.84 31.43 12.28
C HIS A 94 21.06 30.33 13.02
N CYS A 95 19.94 29.89 12.42
CA CYS A 95 19.22 28.74 12.92
C CYS A 95 20.17 27.58 13.07
N ILE A 96 20.79 27.21 11.95
CA ILE A 96 21.73 26.11 11.88
C ILE A 96 22.84 26.22 12.92
N ALA A 97 23.41 27.42 13.05
CA ALA A 97 24.47 27.65 14.03
C ALA A 97 23.94 27.46 15.44
N PHE A 98 22.74 27.96 15.69
CA PHE A 98 22.06 27.79 16.96
C PHE A 98 21.89 26.33 17.30
N TRP A 99 21.34 25.58 16.35
CA TRP A 99 21.19 24.13 16.48
C TRP A 99 22.51 23.44 16.78
N ALA A 100 23.54 23.80 16.02
CA ALA A 100 24.86 23.25 16.25
C ALA A 100 25.33 23.46 17.71
N GLY A 101 25.05 24.60 18.29
CA GLY A 101 25.46 24.86 19.65
C GLY A 101 24.72 24.06 20.70
N LEU A 102 23.62 23.42 20.30
CA LEU A 102 22.81 22.60 21.21
C LEU A 102 23.16 21.11 21.13
N HIS A 103 24.10 20.74 20.26
CA HIS A 103 24.36 19.31 20.02
C HIS A 103 24.74 18.50 21.26
N ASP A 104 25.65 19.01 22.10
CA ASP A 104 26.07 18.27 23.30
C ASP A 104 25.34 18.66 24.60
N ILE A 105 24.18 19.31 24.49
CA ILE A 105 23.47 19.70 25.71
C ILE A 105 23.12 18.49 26.57
N GLY A 106 22.90 17.34 25.94
CA GLY A 106 22.64 16.12 26.69
C GLY A 106 23.75 15.71 27.64
N LYS A 107 24.87 16.45 27.63
CA LYS A 107 26.00 16.17 28.50
C LYS A 107 25.73 16.72 29.90
N LEU A 108 24.77 17.62 29.99
CA LEU A 108 24.44 18.28 31.23
C LEU A 108 23.45 17.40 31.95
N THR A 109 23.96 16.22 32.30
CA THR A 109 23.27 15.24 33.13
C THR A 109 24.30 14.73 34.13
N ARG A 110 23.83 14.22 35.26
CA ARG A 110 24.69 13.61 36.28
C ARG A 110 25.41 12.37 35.73
N GLU A 111 24.69 11.60 34.92
CA GLU A 111 25.23 10.40 34.31
C GLU A 111 26.51 10.70 33.52
N PHE A 112 26.54 11.83 32.83
CA PHE A 112 27.69 12.19 32.03
C PHE A 112 28.69 12.95 32.85
N GLN A 113 28.21 13.93 33.61
CA GLN A 113 29.09 14.78 34.38
C GLN A 113 29.99 14.02 35.37
N GLN A 114 29.42 13.06 36.11
CA GLN A 114 30.19 12.33 37.15
C GLN A 114 31.19 11.31 36.62
N GLN A 115 31.46 11.32 35.32
CA GLN A 115 32.51 10.45 34.76
C GLN A 115 33.90 10.86 35.28
N ILE A 116 33.98 12.07 35.81
CA ILE A 116 35.21 12.55 36.41
C ILE A 116 34.89 13.25 37.71
N ALA A 117 35.93 13.74 38.40
CA ALA A 117 35.72 14.47 39.65
C ALA A 117 35.04 15.80 39.38
N ILE A 118 34.00 16.10 40.13
CA ILE A 118 33.30 17.37 39.99
C ILE A 118 32.49 17.66 41.27
N ASP A 119 32.29 18.93 41.59
CA ASP A 119 31.57 19.29 42.81
C ASP A 119 30.10 19.58 42.53
N LEU A 120 29.25 18.57 42.68
CA LEU A 120 27.82 18.73 42.35
C LEU A 120 26.95 19.03 43.57
N SER A 121 27.56 19.41 44.63
CA SER A 121 26.88 19.66 45.83
C SER A 121 25.78 20.66 45.76
N ALA A 122 25.85 21.65 44.89
CA ALA A 122 24.79 22.64 44.70
C ALA A 122 23.65 22.07 43.86
N TYR A 123 23.80 20.82 43.45
CA TYR A 123 22.89 20.21 42.49
C TYR A 123 22.40 18.86 42.99
N PRO A 124 21.43 18.89 43.91
CA PRO A 124 20.80 17.67 44.42
C PRO A 124 19.71 17.22 43.45
N GLY A 125 19.45 15.93 43.43
CA GLY A 125 18.40 15.41 42.59
C GLY A 125 19.00 14.68 41.42
N GLU A 126 18.12 14.25 40.53
CA GLU A 126 18.49 13.45 39.35
C GLU A 126 19.52 12.39 39.68
N GLU A 127 19.25 11.62 40.73
CA GLU A 127 20.12 10.49 41.06
C GLU A 127 20.17 9.50 39.90
N LEU A 128 21.27 8.76 39.80
CA LEU A 128 21.53 7.88 38.67
C LEU A 128 20.47 6.80 38.49
N SER A 129 20.07 6.55 37.26
CA SER A 129 18.91 5.73 37.00
C SER A 129 19.31 4.31 36.63
N GLY A 130 20.52 4.17 36.12
CA GLY A 130 21.01 2.89 35.68
C GLY A 130 20.83 2.70 34.19
N GLU A 131 20.25 3.69 33.52
CA GLU A 131 19.93 3.51 32.11
C GLU A 131 21.18 3.46 31.24
N GLN A 132 22.21 4.19 31.65
CA GLN A 132 23.40 4.32 30.82
C GLN A 132 23.02 4.79 29.42
N ARG A 133 22.59 6.04 29.35
CA ARG A 133 21.98 6.63 28.17
C ARG A 133 22.96 7.61 27.55
N SER A 134 23.31 7.42 26.29
CA SER A 134 24.34 8.23 25.65
C SER A 134 23.94 9.70 25.64
N HIS A 135 24.94 10.58 25.65
CA HIS A 135 24.64 12.01 25.79
C HIS A 135 23.85 12.53 24.58
N ALA A 136 24.11 12.00 23.40
CA ALA A 136 23.35 12.43 22.23
C ALA A 136 21.89 12.02 22.33
N ALA A 137 21.64 10.83 22.88
CA ALA A 137 20.29 10.37 23.20
C ALA A 137 19.57 11.34 24.16
N ALA A 138 20.33 11.88 25.12
CA ALA A 138 19.78 12.84 26.06
C ALA A 138 19.40 14.15 25.36
N THR A 139 20.26 14.64 24.48
CA THR A 139 19.92 15.82 23.67
C THR A 139 18.56 15.68 23.00
N GLY A 140 18.37 14.61 22.24
CA GLY A 140 17.16 14.40 21.48
C GLY A 140 15.93 14.17 22.32
N LYS A 141 16.15 13.91 23.62
CA LYS A 141 15.08 13.66 24.62
C LYS A 141 14.66 14.93 25.33
N TRP A 142 15.58 15.89 25.41
CA TRP A 142 15.37 17.10 26.18
C TRP A 142 14.88 18.23 25.30
N LEU A 143 15.53 18.35 24.14
CA LEU A 143 15.22 19.40 23.20
C LEU A 143 13.74 19.55 22.77
N PRO A 144 12.98 18.42 22.62
CA PRO A 144 11.58 18.56 22.21
C PRO A 144 10.69 19.31 23.19
N PHE A 145 11.14 19.43 24.43
CA PHE A 145 10.29 20.03 25.47
C PHE A 145 10.90 21.29 26.05
N ALA A 146 12.03 21.72 25.48
CA ALA A 146 12.68 22.96 25.88
C ALA A 146 12.56 23.96 24.76
N LEU A 147 12.69 23.45 23.54
CA LEU A 147 12.60 24.30 22.35
C LEU A 147 11.35 25.17 22.32
N PRO A 148 10.17 24.63 22.69
CA PRO A 148 8.98 25.49 22.69
C PRO A 148 9.05 26.75 23.56
N SER A 149 9.94 26.78 24.54
CA SER A 149 10.04 27.96 25.39
C SER A 149 10.67 29.11 24.64
N LEU A 150 11.22 28.83 23.45
CA LEU A 150 11.88 29.88 22.66
C LEU A 150 11.06 30.28 21.45
N GLY A 151 10.04 29.49 21.11
CA GLY A 151 9.13 29.84 20.05
C GLY A 151 8.68 28.63 19.27
N TYR A 152 9.44 27.55 19.40
CA TYR A 152 9.17 26.36 18.60
C TYR A 152 7.79 25.76 18.92
N PRO A 153 7.07 25.35 17.88
CA PRO A 153 5.76 24.73 18.06
C PRO A 153 5.85 23.45 18.88
N ASN A 154 5.29 23.48 20.08
CA ASN A 154 5.24 22.27 20.90
C ASN A 154 4.62 21.12 20.13
N GLY A 155 5.30 19.99 20.07
CA GLY A 155 4.84 18.85 19.28
C GLY A 155 4.94 19.06 17.78
N GLY A 156 5.60 20.16 17.38
CA GLY A 156 5.71 20.47 15.97
C GLY A 156 6.61 19.51 15.23
N LEU A 157 6.45 19.46 13.91
CA LEU A 157 7.33 18.71 13.01
C LEU A 157 8.76 19.27 13.01
N VAL A 158 8.88 20.59 12.92
CA VAL A 158 10.18 21.25 12.97
C VAL A 158 10.90 20.93 14.27
N THR A 159 10.21 21.09 15.40
CA THR A 159 10.81 20.78 16.70
C THR A 159 11.21 19.29 16.78
N GLY A 160 10.35 18.43 16.26
CA GLY A 160 10.63 17.01 16.23
C GLY A 160 11.92 16.70 15.50
N LEU A 161 12.03 17.21 14.29
CA LEU A 161 13.23 17.02 13.48
C LEU A 161 14.49 17.67 14.05
N VAL A 162 14.39 18.87 14.58
CA VAL A 162 15.59 19.51 15.11
C VAL A 162 16.15 18.69 16.27
N ALA A 163 15.28 18.14 17.10
CA ALA A 163 15.74 17.31 18.22
C ALA A 163 16.34 15.99 17.75
N GLN A 164 15.63 15.32 16.84
CA GLN A 164 16.08 14.05 16.32
C GLN A 164 17.44 14.18 15.63
N MET A 165 17.57 15.20 14.79
CA MET A 165 18.78 15.41 14.02
C MET A 165 20.00 15.63 14.92
N LEU A 166 19.88 16.53 15.89
CA LEU A 166 20.95 16.78 16.84
C LEU A 166 21.23 15.52 17.65
N GLY A 167 20.16 14.79 17.98
CA GLY A 167 20.28 13.56 18.74
C GLY A 167 21.08 12.51 18.00
N GLY A 168 21.28 12.76 16.70
CA GLY A 168 22.00 11.86 15.83
C GLY A 168 23.40 12.33 15.49
N HIS A 169 23.95 13.23 16.29
CA HIS A 169 25.29 13.77 15.97
C HIS A 169 26.46 12.83 16.30
N HIS A 170 26.18 11.57 16.62
CA HIS A 170 27.27 10.58 16.64
C HIS A 170 27.05 9.46 15.62
N GLY A 171 26.31 9.78 14.56
CA GLY A 171 26.14 8.88 13.45
C GLY A 171 24.98 7.91 13.58
N THR A 172 24.15 8.10 14.59
CA THR A 172 23.00 7.22 14.82
C THR A 172 21.76 8.02 15.25
N PHE A 173 20.74 8.05 14.41
CA PHE A 173 19.48 8.69 14.78
C PHE A 173 18.69 7.85 15.80
N HIS A 174 17.80 8.48 16.56
CA HIS A 174 16.98 7.74 17.53
C HIS A 174 15.49 7.89 17.25
N PRO A 175 14.66 7.06 17.88
CA PRO A 175 13.24 7.27 17.63
C PRO A 175 12.75 8.56 18.23
N HIS A 176 11.64 9.06 17.75
CA HIS A 176 11.09 10.24 18.37
C HIS A 176 10.70 9.83 19.78
N PRO A 177 10.89 10.72 20.76
CA PRO A 177 10.56 10.35 22.15
C PRO A 177 9.07 10.04 22.29
N SER A 178 8.72 8.95 22.95
CA SER A 178 7.31 8.72 23.28
C SER A 178 7.07 8.68 24.80
N PHE A 179 6.02 9.35 25.23
CA PHE A 179 5.71 9.48 26.64
C PHE A 179 4.22 9.29 26.87
N GLN A 180 3.84 9.05 28.12
CA GLN A 180 2.43 8.86 28.48
C GLN A 180 1.92 9.91 29.47
N SER A 181 2.82 10.67 30.09
CA SER A 181 2.39 11.64 31.08
C SER A 181 2.26 13.04 30.50
N ARG A 182 1.88 13.98 31.36
CA ARG A 182 1.78 15.36 30.97
C ARG A 182 3.08 16.08 31.31
N ASN A 183 4.10 15.30 31.68
CA ASN A 183 5.38 15.87 32.05
C ASN A 183 6.53 15.07 31.45
N PRO A 184 6.69 15.17 30.12
CA PRO A 184 7.70 14.39 29.40
C PRO A 184 9.11 14.56 30.00
N LEU A 185 9.46 15.80 30.33
CA LEU A 185 10.76 16.10 30.92
C LEU A 185 11.03 15.22 32.14
N ALA A 186 10.09 15.19 33.06
CA ALA A 186 10.26 14.37 34.25
C ALA A 186 10.22 12.90 33.84
N GLU A 187 9.31 12.58 32.93
CA GLU A 187 9.17 11.23 32.46
C GLU A 187 10.50 10.72 31.88
N PHE A 188 11.31 11.61 31.33
CA PHE A 188 12.58 11.24 30.73
C PHE A 188 13.81 11.46 31.61
N GLY A 189 13.59 11.68 32.90
CA GLY A 189 14.69 11.69 33.84
C GLY A 189 15.15 13.06 34.26
N PHE A 190 14.55 14.09 33.67
CA PHE A 190 14.94 15.46 33.98
C PHE A 190 14.14 16.06 35.10
N SER A 191 14.35 15.54 36.30
CA SER A 191 13.43 15.79 37.40
C SER A 191 13.89 16.89 38.35
N SER A 192 15.15 17.30 38.28
CA SER A 192 15.67 18.25 39.26
C SER A 192 15.63 19.69 38.81
N PRO A 193 14.96 20.56 39.58
CA PRO A 193 14.93 21.99 39.28
C PRO A 193 16.32 22.57 39.15
N HIS A 194 17.25 22.13 39.98
CA HIS A 194 18.60 22.65 39.94
C HIS A 194 19.34 22.31 38.66
N TRP A 195 19.14 21.09 38.15
CA TRP A 195 19.76 20.68 36.90
C TRP A 195 19.07 21.33 35.71
N GLU A 196 17.75 21.45 35.82
CA GLU A 196 16.94 21.97 34.72
C GLU A 196 17.27 23.43 34.46
N LYS A 197 17.66 24.14 35.51
CA LYS A 197 18.00 25.56 35.39
C LYS A 197 19.28 25.72 34.60
N GLN A 198 20.28 24.91 34.91
CA GLN A 198 21.54 24.98 34.20
C GLN A 198 21.44 24.59 32.70
N ARG A 199 20.52 23.69 32.37
CA ARG A 199 20.30 23.32 30.98
C ARG A 199 19.59 24.41 30.18
N HIS A 200 18.70 25.16 30.83
CA HIS A 200 18.04 26.29 30.18
C HIS A 200 18.98 27.49 30.08
N ALA A 201 19.86 27.63 31.07
CA ALA A 201 20.86 28.67 31.04
C ALA A 201 21.64 28.47 29.75
N LEU A 202 22.07 27.23 29.56
CA LEU A 202 22.85 26.86 28.39
C LEU A 202 22.06 27.10 27.11
N LEU A 203 20.80 26.66 27.11
CA LEU A 203 19.90 26.85 25.97
C LEU A 203 19.82 28.32 25.60
N HIS A 204 19.66 29.18 26.59
CA HIS A 204 19.62 30.62 26.31
C HIS A 204 20.98 31.22 25.93
N ALA A 205 22.04 30.76 26.57
CA ALA A 205 23.36 31.23 26.21
C ALA A 205 23.66 31.05 24.71
N VAL A 206 23.34 29.90 24.13
CA VAL A 206 23.68 29.78 22.72
C VAL A 206 22.61 30.41 21.83
N PHE A 207 21.37 30.41 22.28
CA PHE A 207 20.31 31.14 21.59
C PHE A 207 20.72 32.60 21.41
N ASP A 208 21.21 33.21 22.49
CA ASP A 208 21.56 34.63 22.44
C ASP A 208 22.80 34.83 21.58
N ALA A 209 23.85 34.10 21.92
CA ALA A 209 25.11 34.15 21.20
C ALA A 209 24.92 33.97 19.69
N THR A 210 23.83 33.36 19.26
CA THR A 210 23.63 33.15 17.84
C THR A 210 22.60 34.11 17.26
N GLY A 211 22.26 35.14 18.04
CA GLY A 211 21.37 36.18 17.58
C GLY A 211 19.89 35.87 17.69
N ARG A 212 19.55 34.89 18.51
CA ARG A 212 18.16 34.54 18.76
C ARG A 212 17.34 34.30 17.50
N PRO A 213 17.71 33.31 16.69
CA PRO A 213 16.95 33.11 15.44
C PRO A 213 15.55 32.54 15.67
N THR A 214 14.52 33.17 15.10
CA THR A 214 13.16 32.64 15.24
C THR A 214 13.05 31.28 14.58
N PRO A 215 12.12 30.43 15.04
CA PRO A 215 12.06 29.10 14.43
C PRO A 215 11.62 29.18 12.99
N PRO A 216 12.23 28.38 12.10
CA PRO A 216 11.79 28.22 10.72
C PRO A 216 10.37 27.67 10.68
N ASP A 217 9.66 27.86 9.58
CA ASP A 217 8.31 27.34 9.44
C ASP A 217 8.33 25.85 9.09
N MET A 218 9.21 25.46 8.18
CA MET A 218 9.29 24.08 7.71
C MET A 218 10.68 23.49 7.84
N LEU A 219 10.73 22.17 7.80
CA LEU A 219 11.97 21.40 7.75
C LEU A 219 11.60 19.98 7.40
N ASP A 220 12.27 19.42 6.41
CA ASP A 220 11.98 18.05 6.00
C ASP A 220 13.11 17.09 6.39
N GLY A 221 12.80 15.81 6.37
CA GLY A 221 13.80 14.81 6.65
C GLY A 221 15.08 14.95 5.87
N PRO A 222 15.02 14.84 4.54
CA PRO A 222 16.25 14.91 3.75
C PRO A 222 17.08 16.15 4.09
N THR A 223 16.44 17.30 4.23
CA THR A 223 17.20 18.51 4.52
C THR A 223 17.82 18.39 5.90
N ALA A 224 17.06 17.84 6.84
CA ALA A 224 17.56 17.63 8.21
C ALA A 224 18.80 16.72 8.30
N SER A 225 18.84 15.69 7.47
CA SER A 225 19.91 14.72 7.49
C SER A 225 21.20 15.34 7.01
N VAL A 226 21.12 16.09 5.91
CA VAL A 226 22.24 16.89 5.41
C VAL A 226 22.74 17.87 6.47
N VAL A 227 21.84 18.55 7.16
CA VAL A 227 22.23 19.48 8.22
C VAL A 227 22.88 18.75 9.39
N CYS A 228 22.45 17.50 9.61
CA CYS A 228 23.05 16.69 10.65
C CYS A 228 24.52 16.55 10.31
N GLY A 229 24.80 16.18 9.06
CA GLY A 229 26.17 16.13 8.53
C GLY A 229 26.98 17.37 8.89
N LEU A 230 26.48 18.54 8.49
CA LEU A 230 27.05 19.82 8.85
C LEU A 230 27.33 19.95 10.36
N VAL A 231 26.34 19.75 11.21
CA VAL A 231 26.59 19.72 12.66
C VAL A 231 27.71 18.76 13.06
N ILE A 232 27.75 17.56 12.50
CA ILE A 232 28.83 16.63 12.80
C ILE A 232 30.21 17.16 12.38
N LEU A 233 30.32 17.77 11.20
CA LEU A 233 31.59 18.32 10.74
C LEU A 233 32.04 19.42 11.71
N ALA A 234 31.09 20.29 12.04
CA ALA A 234 31.29 21.28 13.08
C ALA A 234 31.87 20.71 14.38
N ASP A 235 31.21 19.72 15.00
CA ASP A 235 31.72 19.10 16.23
C ASP A 235 33.17 18.65 16.04
N TRP A 236 33.43 17.92 14.95
CA TRP A 236 34.75 17.34 14.66
C TRP A 236 35.86 18.36 14.50
N LEU A 237 35.62 19.37 13.67
CA LEU A 237 36.58 20.47 13.52
C LEU A 237 37.04 21.06 14.85
N VAL A 238 36.10 21.36 15.74
CA VAL A 238 36.42 22.04 16.99
C VAL A 238 36.65 21.05 18.14
N SER A 239 36.98 19.83 17.79
CA SER A 239 37.26 18.82 18.79
C SER A 239 38.70 18.34 18.67
N GLN A 240 39.43 18.96 17.76
CA GLN A 240 40.84 18.66 17.55
C GLN A 240 41.65 19.13 18.72
N GLU A 241 42.46 18.22 19.28
CA GLU A 241 43.29 18.53 20.45
C GLU A 241 44.03 19.87 20.39
N ASP A 242 44.65 20.18 19.25
CA ASP A 242 45.30 21.48 19.12
C ASP A 242 44.39 22.69 19.29
N PHE A 243 43.23 22.67 18.66
CA PHE A 243 42.27 23.76 18.75
C PHE A 243 41.79 23.95 20.18
N LEU A 244 41.76 22.84 20.92
CA LEU A 244 41.23 22.83 22.26
C LEU A 244 42.20 23.44 23.23
N LEU A 245 43.44 22.93 23.19
CA LEU A 245 44.54 23.42 24.02
C LEU A 245 44.70 24.92 23.87
N GLU A 246 44.46 25.40 22.65
CA GLU A 246 44.47 26.81 22.38
C GLU A 246 43.33 27.57 23.09
N ARG A 247 42.08 27.13 22.96
CA ARG A 247 40.97 27.87 23.58
C ARG A 247 41.09 27.79 25.09
N LEU A 248 41.79 26.77 25.53
CA LEU A 248 41.97 26.48 26.94
C LEU A 248 42.92 27.47 27.59
N THR A 249 43.52 28.34 26.79
CA THR A 249 44.39 29.36 27.34
C THR A 249 43.60 30.62 27.59
N SER A 250 42.43 30.72 26.97
CA SER A 250 41.58 31.91 27.15
C SER A 250 40.12 31.57 27.43
N LEU A 251 39.92 30.73 28.44
CA LEU A 251 38.58 30.44 28.93
C LEU A 251 37.90 31.74 29.38
N PRO A 252 36.55 31.77 29.38
CA PRO A 252 35.87 32.95 29.91
C PRO A 252 35.95 33.01 31.45
N ALA A 253 35.99 34.23 32.00
CA ALA A 253 36.17 34.41 33.44
C ALA A 253 35.01 33.80 34.18
N ASP A 254 33.81 34.08 33.68
CA ASP A 254 32.56 33.60 34.27
C ASP A 254 31.55 33.20 33.20
N GLY A 255 30.29 33.05 33.60
CA GLY A 255 29.22 32.66 32.70
C GLY A 255 28.37 33.83 32.25
N SER A 256 28.95 35.03 32.34
CA SER A 256 28.24 36.25 31.98
C SER A 256 27.99 36.31 30.49
N ALA A 257 26.94 37.01 30.09
CA ALA A 257 26.61 37.12 28.68
C ALA A 257 27.76 37.77 27.90
N SER A 258 28.44 38.73 28.51
CA SER A 258 29.45 39.45 27.75
C SER A 258 30.63 38.53 27.56
N ALA A 259 30.89 37.70 28.56
CA ALA A 259 32.02 36.78 28.48
C ALA A 259 31.80 35.71 27.41
N LEU A 260 30.57 35.20 27.32
CA LEU A 260 30.24 34.13 26.39
C LEU A 260 30.12 34.69 24.99
N ARG A 261 29.68 35.93 24.89
CA ARG A 261 29.70 36.68 23.64
C ARG A 261 31.16 36.82 23.12
N ALA A 262 32.10 37.12 24.03
CA ALA A 262 33.51 37.18 23.68
C ALA A 262 34.06 35.84 23.18
N HIS A 263 33.75 34.79 23.92
CA HIS A 263 34.24 33.44 23.59
C HIS A 263 33.82 32.99 22.19
N PHE A 264 32.51 33.14 21.93
CA PHE A 264 31.95 32.85 20.61
C PHE A 264 32.62 33.63 19.47
N GLU A 265 32.73 34.96 19.62
CA GLU A 265 33.33 35.83 18.58
C GLU A 265 34.81 35.51 18.30
N THR A 266 35.54 35.13 19.34
CA THR A 266 36.90 34.63 19.18
C THR A 266 36.98 33.32 18.38
N SER A 267 36.13 32.35 18.74
CA SER A 267 36.08 31.08 18.03
C SER A 267 35.62 31.30 16.60
N LEU A 268 34.72 32.28 16.42
CA LEU A 268 34.31 32.66 15.08
C LEU A 268 35.51 33.01 14.19
N ARG A 269 36.50 33.72 14.74
CA ARG A 269 37.65 34.14 13.95
C ARG A 269 38.60 33.00 13.65
N ARG A 270 38.61 32.02 14.54
CA ARG A 270 39.67 31.03 14.47
C ARG A 270 39.25 29.78 13.72
N ILE A 271 38.09 29.83 13.11
CA ILE A 271 37.60 28.66 12.40
C ILE A 271 37.98 28.58 10.91
N PRO A 272 37.97 29.72 10.18
CA PRO A 272 38.41 29.61 8.78
C PRO A 272 39.83 29.07 8.63
N SER A 273 40.69 29.35 9.61
CA SER A 273 42.03 28.78 9.63
C SER A 273 41.90 27.26 9.55
N LEU A 274 41.02 26.72 10.39
CA LEU A 274 40.76 25.29 10.51
C LEU A 274 40.38 24.65 9.16
N LEU A 275 39.54 25.34 8.41
CA LEU A 275 39.20 24.92 7.06
C LEU A 275 40.43 24.68 6.19
N ASP A 276 41.32 25.67 6.12
CA ASP A 276 42.54 25.58 5.30
C ASP A 276 43.46 24.45 5.71
N ALA A 277 43.66 24.28 7.02
CA ALA A 277 44.51 23.20 7.53
C ALA A 277 43.99 21.83 7.15
N ALA A 278 42.71 21.74 6.79
CA ALA A 278 42.13 20.45 6.44
C ALA A 278 41.82 20.39 4.95
N GLY A 279 42.08 21.47 4.25
CA GLY A 279 41.92 21.48 2.82
C GLY A 279 40.49 21.33 2.38
N LEU A 280 39.59 22.06 3.04
CA LEU A 280 38.16 21.97 2.76
C LEU A 280 37.65 23.15 1.94
N ARG A 281 38.58 23.97 1.44
CA ARG A 281 38.20 25.15 0.67
C ARG A 281 37.77 24.83 -0.76
N PRO A 282 36.74 25.52 -1.24
CA PRO A 282 36.17 25.29 -2.58
C PRO A 282 37.19 25.32 -3.70
N ILE A 283 37.03 24.40 -4.65
CA ILE A 283 37.64 24.52 -5.96
C ILE A 283 36.59 25.05 -6.94
N THR A 284 36.68 26.32 -7.28
CA THR A 284 35.80 26.89 -8.29
C THR A 284 36.52 27.03 -9.64
N VAL A 285 35.81 26.78 -10.71
CA VAL A 285 36.37 26.71 -12.04
C VAL A 285 35.55 27.64 -12.92
N PRO A 286 36.24 28.45 -13.76
CA PRO A 286 35.63 29.51 -14.57
C PRO A 286 34.74 28.93 -15.63
N PRO A 287 33.66 29.64 -16.01
CA PRO A 287 32.86 29.22 -17.16
C PRO A 287 33.77 29.16 -18.41
N ALA A 288 33.51 28.22 -19.31
CA ALA A 288 34.41 28.01 -20.43
C ALA A 288 33.75 27.20 -21.52
N THR A 289 33.98 27.58 -22.76
CA THR A 289 33.52 26.80 -23.87
C THR A 289 34.33 25.51 -23.88
N PHE A 290 33.90 24.55 -24.70
CA PHE A 290 34.59 23.26 -24.71
C PHE A 290 36.04 23.37 -25.14
N THR A 291 36.34 24.32 -26.02
CA THR A 291 37.69 24.44 -26.55
C THR A 291 38.60 25.18 -25.58
N GLU A 292 38.04 26.19 -24.91
CA GLU A 292 38.79 26.93 -23.92
C GLU A 292 39.19 26.05 -22.74
N SER A 293 38.41 24.98 -22.54
CA SER A 293 38.63 24.03 -21.45
C SER A 293 39.59 22.93 -21.86
N PHE A 294 39.58 22.60 -23.14
CA PHE A 294 40.54 21.64 -23.68
C PHE A 294 41.27 22.20 -24.91
N PRO A 295 42.21 23.15 -24.67
CA PRO A 295 42.89 23.82 -25.77
C PRO A 295 43.83 22.87 -26.53
N HIS A 296 44.26 21.81 -25.84
CA HIS A 296 45.13 20.83 -26.47
C HIS A 296 44.40 19.97 -27.52
N LEU A 297 43.08 20.10 -27.58
CA LEU A 297 42.29 19.30 -28.53
C LEU A 297 42.00 20.08 -29.79
N SER A 298 42.60 19.65 -30.89
CA SER A 298 42.46 20.35 -32.17
C SER A 298 41.10 20.09 -32.82
N LYS A 299 40.68 18.84 -32.83
CA LYS A 299 39.43 18.50 -33.52
C LYS A 299 38.46 17.80 -32.58
N PRO A 300 37.64 18.59 -31.86
CA PRO A 300 36.63 18.06 -30.95
C PRO A 300 35.75 17.03 -31.65
N ASN A 301 35.58 15.91 -30.95
CA ASN A 301 34.72 14.78 -31.28
C ASN A 301 33.30 15.16 -31.75
N GLY A 302 32.66 14.25 -32.47
CA GLY A 302 31.23 14.38 -32.72
C GLY A 302 30.40 14.49 -31.44
N LEU A 303 30.70 13.61 -30.48
CA LEU A 303 30.03 13.55 -29.18
C LEU A 303 30.22 14.86 -28.42
N GLN A 304 31.48 15.29 -28.38
CA GLN A 304 31.83 16.55 -27.72
C GLN A 304 31.16 17.75 -28.40
N ALA A 305 31.12 17.75 -29.75
CA ALA A 305 30.48 18.85 -30.47
C ALA A 305 28.98 18.89 -30.18
N SER A 306 28.32 17.75 -30.25
CA SER A 306 26.90 17.66 -29.95
C SER A 306 26.55 18.10 -28.52
N LEU A 307 27.33 17.63 -27.54
CA LEU A 307 27.10 17.98 -26.14
C LEU A 307 27.29 19.47 -25.89
N ALA A 308 28.44 19.99 -26.29
CA ALA A 308 28.78 21.40 -26.10
C ALA A 308 27.78 22.36 -26.73
N LYS A 309 27.18 21.93 -27.84
CA LYS A 309 26.26 22.77 -28.62
C LYS A 309 24.85 22.83 -28.06
N HIS A 310 24.29 21.68 -27.71
CA HIS A 310 22.88 21.63 -27.32
C HIS A 310 22.62 21.66 -25.80
N LEU A 311 23.67 21.59 -25.00
CA LEU A 311 23.47 21.47 -23.55
C LEU A 311 23.43 22.74 -22.72
N PRO A 312 24.17 23.80 -23.12
CA PRO A 312 24.07 24.97 -22.24
C PRO A 312 22.66 25.55 -22.16
N CYS A 313 21.88 25.38 -23.22
CA CYS A 313 20.51 25.90 -23.26
C CYS A 313 19.57 25.04 -22.41
N LEU A 314 19.96 23.78 -22.20
CA LEU A 314 19.20 22.83 -21.41
C LEU A 314 19.54 22.90 -19.94
N CYS A 315 20.80 23.20 -19.62
CA CYS A 315 21.28 23.15 -18.25
C CYS A 315 20.98 24.40 -17.46
N THR A 316 19.70 24.62 -17.19
CA THR A 316 19.24 25.82 -16.47
C THR A 316 19.11 25.57 -14.96
N GLY A 317 19.35 24.35 -14.53
CA GLY A 317 19.35 24.00 -13.12
C GLY A 317 19.51 22.51 -12.90
N PRO A 318 19.08 22.01 -11.74
CA PRO A 318 19.25 20.60 -11.38
C PRO A 318 18.75 19.69 -12.49
N GLY A 319 19.59 18.76 -12.92
CA GLY A 319 19.22 17.81 -13.94
C GLY A 319 20.17 16.62 -13.90
N LEU A 320 19.85 15.61 -14.69
CA LEU A 320 20.69 14.44 -14.89
C LEU A 320 21.00 14.33 -16.39
N VAL A 321 22.26 14.07 -16.74
CA VAL A 321 22.60 13.77 -18.12
C VAL A 321 23.12 12.33 -18.17
N LEU A 322 22.65 11.56 -19.16
CA LEU A 322 23.14 10.21 -19.41
C LEU A 322 23.81 10.18 -20.77
N ILE A 323 25.13 10.09 -20.81
CA ILE A 323 25.84 9.90 -22.07
C ILE A 323 26.20 8.43 -22.20
N THR A 324 25.91 7.86 -23.34
CA THR A 324 26.21 6.47 -23.59
C THR A 324 26.88 6.37 -24.96
N ALA A 325 28.15 6.02 -24.96
CA ALA A 325 28.93 6.07 -26.19
C ALA A 325 30.05 5.05 -26.16
N PRO A 326 30.63 4.74 -27.33
CA PRO A 326 31.69 3.73 -27.35
C PRO A 326 32.99 4.22 -26.75
N MET A 327 33.84 3.26 -26.41
CA MET A 327 35.20 3.49 -25.94
C MET A 327 36.03 4.24 -26.99
N GLY A 328 36.86 5.16 -26.53
CA GLY A 328 37.66 5.93 -27.44
C GLY A 328 36.88 7.03 -28.16
N GLU A 329 35.84 7.56 -27.51
CA GLU A 329 35.14 8.71 -28.09
C GLU A 329 35.18 9.99 -27.24
N GLY A 330 36.19 10.13 -26.39
CA GLY A 330 36.33 11.35 -25.61
C GLY A 330 35.25 11.54 -24.55
N LYS A 331 34.74 10.44 -23.99
CA LYS A 331 33.71 10.52 -22.97
C LYS A 331 34.15 11.32 -21.75
N THR A 332 35.42 11.19 -21.36
CA THR A 332 35.93 11.90 -20.18
C THR A 332 35.83 13.41 -20.29
N GLU A 333 36.35 13.98 -21.37
CA GLU A 333 36.31 15.43 -21.55
C GLU A 333 34.85 15.91 -21.68
N ALA A 334 34.06 15.12 -22.40
CA ALA A 334 32.63 15.37 -22.50
C ALA A 334 32.02 15.53 -21.11
N ALA A 335 32.37 14.60 -20.21
CA ALA A 335 31.85 14.57 -18.86
C ALA A 335 32.20 15.83 -18.08
N TYR A 336 33.49 16.20 -18.07
CA TYR A 336 33.95 17.38 -17.32
C TYR A 336 33.18 18.60 -17.77
N HIS A 337 32.93 18.70 -19.07
CA HIS A 337 32.23 19.85 -19.60
C HIS A 337 30.79 19.86 -19.13
N VAL A 338 30.09 18.76 -19.35
CA VAL A 338 28.71 18.65 -18.86
C VAL A 338 28.64 18.91 -17.34
N ALA A 339 29.59 18.33 -16.62
CA ALA A 339 29.70 18.58 -15.18
C ALA A 339 29.93 20.05 -14.88
N ASP A 340 30.74 20.73 -15.70
CA ASP A 340 31.00 22.16 -15.49
C ASP A 340 29.76 23.01 -15.72
N LEU A 341 28.98 22.69 -16.74
CA LEU A 341 27.71 23.38 -16.95
C LEU A 341 26.78 23.20 -15.73
N LEU A 342 26.38 21.95 -15.47
CA LEU A 342 25.49 21.62 -14.36
C LEU A 342 25.98 22.19 -13.04
N GLY A 343 27.30 22.20 -12.83
CA GLY A 343 27.87 22.83 -11.66
C GLY A 343 27.47 24.30 -11.57
N LYS A 344 27.64 25.02 -12.67
CA LYS A 344 27.30 26.43 -12.68
C LYS A 344 25.79 26.63 -12.51
N ALA A 345 24.99 25.88 -13.29
CA ALA A 345 23.54 26.01 -13.22
C ALA A 345 22.94 25.80 -11.82
N THR A 346 23.69 25.16 -10.92
CA THR A 346 23.17 24.77 -9.61
C THR A 346 24.03 25.29 -8.47
N GLY A 347 24.94 26.22 -8.78
CA GLY A 347 25.85 26.77 -7.79
C GLY A 347 26.58 25.70 -6.99
N ARG A 348 26.94 24.61 -7.66
CA ARG A 348 27.64 23.51 -7.00
C ARG A 348 29.02 23.24 -7.59
N PRO A 349 30.05 23.86 -7.01
CA PRO A 349 31.43 23.78 -7.48
C PRO A 349 32.15 22.47 -7.18
N GLY A 350 31.67 21.69 -6.21
CA GLY A 350 32.30 20.43 -5.86
C GLY A 350 32.11 19.36 -6.90
N ARG A 351 32.88 18.27 -6.82
CA ARG A 351 32.77 17.20 -7.81
C ARG A 351 33.05 15.90 -7.12
N PHE A 352 32.28 14.86 -7.46
CA PHE A 352 32.69 13.49 -7.19
C PHE A 352 32.64 12.69 -8.47
N LEU A 353 33.77 12.10 -8.84
CA LEU A 353 33.77 11.14 -9.94
C LEU A 353 33.88 9.75 -9.38
N ALA A 354 32.88 8.92 -9.68
CA ALA A 354 32.84 7.56 -9.18
C ALA A 354 33.34 6.63 -10.27
N LEU A 355 34.29 5.77 -9.94
CA LEU A 355 34.75 4.81 -10.92
C LEU A 355 34.52 3.35 -10.53
N PRO A 356 34.53 2.44 -11.51
CA PRO A 356 34.18 1.05 -11.20
C PRO A 356 35.27 0.36 -10.39
N THR A 357 36.53 0.67 -10.63
CA THR A 357 37.63 0.01 -9.91
C THR A 357 38.57 1.00 -9.21
N MET A 358 39.41 0.50 -8.32
CA MET A 358 40.42 1.35 -7.67
C MET A 358 41.42 1.89 -8.69
N ALA A 359 41.85 1.03 -9.61
CA ALA A 359 42.87 1.41 -10.58
C ALA A 359 42.37 2.54 -11.48
N THR A 360 41.20 2.35 -12.10
CA THR A 360 40.62 3.38 -12.95
C THR A 360 40.40 4.68 -12.17
N ALA A 361 40.13 4.56 -10.86
CA ALA A 361 39.98 5.72 -9.99
C ALA A 361 41.30 6.42 -9.86
N ASP A 362 42.38 5.64 -9.72
CA ASP A 362 43.72 6.20 -9.67
C ASP A 362 44.00 7.02 -10.91
N GLN A 363 43.80 6.42 -12.09
CA GLN A 363 44.09 7.08 -13.36
C GLN A 363 43.28 8.35 -13.51
N MET A 364 42.02 8.27 -13.13
CA MET A 364 41.11 9.39 -13.34
C MET A 364 41.48 10.52 -12.41
N HIS A 365 41.93 10.15 -11.22
CA HIS A 365 42.42 11.12 -10.26
C HIS A 365 43.59 11.91 -10.82
N THR A 366 44.33 11.30 -11.75
CA THR A 366 45.42 11.99 -12.40
C THR A 366 44.89 12.94 -13.45
N ARG A 367 44.05 12.45 -14.35
CA ARG A 367 43.43 13.33 -15.34
C ARG A 367 42.78 14.55 -14.67
N LEU A 368 41.92 14.32 -13.67
CA LEU A 368 41.12 15.42 -13.11
C LEU A 368 41.98 16.49 -12.47
N LYS A 369 43.07 16.06 -11.87
CA LYS A 369 43.99 16.96 -11.20
C LYS A 369 44.71 17.82 -12.24
N GLU A 370 45.02 17.22 -13.40
CA GLU A 370 45.62 17.95 -14.51
C GLU A 370 44.62 19.01 -14.89
N TYR A 371 43.41 18.55 -15.22
CA TYR A 371 42.31 19.44 -15.55
C TYR A 371 42.17 20.58 -14.53
N ALA A 372 42.33 20.26 -13.25
CA ALA A 372 42.16 21.28 -12.23
C ALA A 372 43.20 22.37 -12.43
N ARG A 373 44.48 21.98 -12.50
CA ARG A 373 45.58 22.93 -12.57
C ARG A 373 45.41 23.92 -13.72
N TYR A 374 45.09 23.39 -14.89
CA TYR A 374 44.88 24.26 -16.03
C TYR A 374 43.65 25.14 -15.86
N ARG A 375 42.66 24.64 -15.20
CA ARG A 375 41.37 25.23 -15.30
C ARG A 375 41.09 26.28 -14.28
N VAL A 376 41.83 26.23 -13.21
CA VAL A 376 41.78 27.23 -12.15
C VAL A 376 42.99 28.18 -12.23
N GLU A 377 42.76 29.45 -11.89
CA GLU A 377 43.83 30.45 -11.86
C GLU A 377 44.12 30.97 -10.47
N PRO A 382 45.42 27.11 -5.47
CA PRO A 382 44.65 26.67 -4.30
C PRO A 382 45.40 25.63 -3.45
N ARG A 383 46.13 26.10 -2.45
CA ARG A 383 46.92 25.19 -1.62
C ARG A 383 46.17 24.80 -0.34
N SER A 384 44.86 25.04 -0.33
CA SER A 384 44.03 24.77 0.83
C SER A 384 42.78 24.04 0.38
N SER A 385 42.91 23.26 -0.69
CA SER A 385 41.80 22.51 -1.26
C SER A 385 42.40 21.21 -1.74
N THR A 386 41.95 20.09 -1.20
CA THR A 386 42.50 18.83 -1.69
C THR A 386 41.62 18.17 -2.74
N LEU A 387 42.27 17.55 -3.72
CA LEU A 387 41.59 16.76 -4.72
C LEU A 387 41.78 15.35 -4.18
N ALA A 388 40.81 14.86 -3.42
CA ALA A 388 40.98 13.60 -2.69
C ALA A 388 40.89 12.36 -3.59
N LEU A 389 41.58 11.29 -3.20
CA LEU A 389 41.44 10.00 -3.85
C LEU A 389 40.81 9.08 -2.82
N LEU A 390 39.73 8.42 -3.20
CA LEU A 390 38.83 7.80 -2.24
C LEU A 390 38.54 6.31 -2.52
N HIS A 391 39.42 5.44 -2.03
CA HIS A 391 39.17 3.99 -2.01
C HIS A 391 40.06 3.40 -0.97
N SER A 392 39.90 2.11 -0.71
CA SER A 392 40.44 1.46 0.49
C SER A 392 41.96 1.24 0.46
N MET A 393 42.58 1.47 -0.68
CA MET A 393 44.00 1.29 -0.84
C MET A 393 44.66 2.62 -1.12
N ALA A 394 43.98 3.71 -0.79
CA ALA A 394 44.49 5.04 -1.10
C ALA A 394 45.62 5.44 -0.16
N TRP A 395 45.66 4.82 1.01
CA TRP A 395 46.67 5.12 2.00
C TRP A 395 48.01 4.56 1.54
N LEU A 396 47.99 3.40 0.91
CA LEU A 396 49.24 2.76 0.49
C LEU A 396 49.68 3.20 -0.89
N ASN A 397 49.25 4.39 -1.28
CA ASN A 397 49.68 4.99 -2.54
C ASN A 397 50.61 6.17 -2.23
N PRO A 398 51.90 6.04 -2.60
CA PRO A 398 52.97 6.96 -2.17
C PRO A 398 52.77 8.33 -2.75
N ASP A 399 52.17 8.32 -3.92
CA ASP A 399 51.97 9.52 -4.71
C ASP A 399 50.80 10.34 -4.24
N TYR A 400 49.94 9.75 -3.40
CA TYR A 400 48.74 10.44 -2.92
C TYR A 400 48.83 10.84 -1.45
N ALA A 401 49.07 9.85 -0.59
CA ALA A 401 49.08 10.08 0.86
C ALA A 401 50.24 10.99 1.27
N PRO A 402 50.09 11.65 2.43
CA PRO A 402 51.19 12.45 2.99
C PRO A 402 52.18 11.55 3.74
N ALA A 403 53.46 11.92 3.71
CA ALA A 403 54.48 11.13 4.37
C ALA A 403 54.53 11.43 5.86
N LEU A 415 52.16 23.47 6.39
CA LEU A 415 50.93 24.06 5.85
C LEU A 415 51.22 25.40 5.16
N GLY A 416 50.48 25.68 4.08
CA GLY A 416 50.76 26.83 3.24
C GLY A 416 51.95 26.55 2.35
N HIS A 417 52.67 25.48 2.71
CA HIS A 417 53.84 24.98 2.01
C HIS A 417 53.38 23.90 1.05
N ARG A 418 52.10 23.55 1.15
CA ARG A 418 51.51 22.41 0.49
C ARG A 418 51.49 22.53 -1.04
N ASP A 419 51.46 21.38 -1.70
CA ASP A 419 51.24 21.31 -3.15
C ASP A 419 49.77 21.57 -3.43
N PRO A 420 49.46 22.17 -4.59
CA PRO A 420 48.03 22.36 -4.84
C PRO A 420 47.29 21.03 -4.96
N PHE A 421 46.04 21.01 -4.48
CA PHE A 421 45.19 19.83 -4.59
C PHE A 421 45.73 18.60 -3.89
N ALA A 422 46.63 18.80 -2.93
CA ALA A 422 47.28 17.69 -2.29
C ALA A 422 46.50 17.23 -1.07
N ALA A 423 46.59 15.96 -0.73
CA ALA A 423 45.85 15.43 0.40
C ALA A 423 46.31 16.05 1.71
N THR A 424 45.36 16.34 2.57
CA THR A 424 45.67 16.86 3.88
C THR A 424 45.57 15.69 4.85
N ASP A 425 46.22 15.78 6.00
CA ASP A 425 46.17 14.71 6.99
C ASP A 425 44.75 14.48 7.46
N TRP A 426 43.99 15.57 7.54
CA TRP A 426 42.63 15.52 8.06
C TRP A 426 41.70 14.68 7.19
N LEU A 427 41.74 14.91 5.87
CA LEU A 427 40.88 14.20 4.93
C LEU A 427 41.31 12.77 4.77
N MET A 428 42.44 12.42 5.28
CA MET A 428 42.86 11.05 5.11
C MET A 428 42.15 10.17 6.09
N GLY A 429 41.37 10.76 6.97
CA GLY A 429 40.63 10.10 8.02
C GLY A 429 39.37 9.38 7.61
N ARG A 430 38.87 8.58 8.52
CA ARG A 430 37.75 7.71 8.25
C ARG A 430 36.51 8.51 8.22
N LYS A 431 35.74 8.33 7.16
CA LYS A 431 34.45 8.96 6.97
C LYS A 431 34.46 10.35 6.39
N ARG A 432 35.63 10.90 6.13
CA ARG A 432 35.77 12.32 5.79
C ARG A 432 35.97 12.61 4.30
N GLY A 433 36.43 11.62 3.53
CA GLY A 433 36.72 11.81 2.12
C GLY A 433 35.73 12.61 1.27
N LEU A 434 34.44 12.32 1.37
CA LEU A 434 33.46 13.01 0.54
C LEU A 434 33.34 14.49 0.90
N LEU A 435 33.87 14.87 2.06
CA LEU A 435 33.88 16.26 2.48
C LEU A 435 34.92 17.09 1.73
N ALA A 436 35.84 16.41 1.04
CA ALA A 436 36.78 17.09 0.17
C ALA A 436 36.04 17.82 -0.93
N PRO A 437 36.47 19.03 -1.28
CA PRO A 437 35.78 19.80 -2.33
C PRO A 437 35.69 19.02 -3.64
N TRP A 438 36.81 18.48 -4.12
CA TRP A 438 36.78 17.62 -5.31
C TRP A 438 37.32 16.27 -4.91
N ALA A 439 36.79 15.22 -5.53
CA ALA A 439 37.26 13.89 -5.20
C ALA A 439 36.91 12.92 -6.30
N VAL A 440 37.75 11.91 -6.48
CA VAL A 440 37.42 10.81 -7.35
C VAL A 440 37.73 9.55 -6.56
N GLY A 441 36.93 8.51 -6.79
CA GLY A 441 37.07 7.27 -6.07
C GLY A 441 36.16 6.22 -6.65
N THR A 442 36.09 5.09 -5.97
CA THR A 442 35.20 4.01 -6.36
C THR A 442 33.73 4.42 -6.19
N ILE A 443 32.87 3.88 -7.03
CA ILE A 443 31.45 4.16 -6.88
C ILE A 443 30.96 3.73 -5.49
N ASP A 444 31.64 2.75 -4.91
CA ASP A 444 31.27 2.20 -3.61
C ASP A 444 31.26 3.29 -2.58
N GLN A 445 32.11 4.29 -2.76
CA GLN A 445 32.20 5.35 -1.77
C GLN A 445 30.93 6.19 -1.73
N ALA A 446 30.33 6.42 -2.90
CA ALA A 446 29.09 7.17 -2.95
C ALA A 446 27.92 6.28 -2.52
N LEU A 447 27.88 5.06 -3.04
CA LEU A 447 26.86 4.11 -2.64
C LEU A 447 26.78 3.92 -1.11
N MET A 448 27.91 4.05 -0.41
CA MET A 448 27.85 3.91 1.04
C MET A 448 26.97 4.96 1.68
N ALA A 449 26.63 6.01 0.93
CA ALA A 449 25.82 7.08 1.51
C ALA A 449 24.37 6.65 1.74
N VAL A 450 23.86 5.78 0.89
CA VAL A 450 22.50 5.25 1.05
C VAL A 450 22.39 3.87 1.73
N LEU A 451 23.38 3.45 2.47
CA LEU A 451 23.32 2.23 3.21
C LEU A 451 22.94 2.56 4.62
N ARG A 452 22.27 1.68 5.34
CA ARG A 452 21.87 1.95 6.70
C ARG A 452 23.04 1.68 7.62
N ALA A 453 23.90 2.67 7.78
CA ALA A 453 25.11 2.55 8.57
C ALA A 453 25.37 3.83 9.28
N LYS A 454 26.14 3.79 10.34
CA LYS A 454 26.55 4.99 11.09
C LYS A 454 27.19 6.06 10.21
N HIS A 455 26.93 7.33 10.55
CA HIS A 455 27.54 8.48 9.86
C HIS A 455 27.27 8.55 8.37
N ASN A 456 26.21 7.93 7.89
CA ASN A 456 25.86 8.13 6.49
C ASN A 456 25.39 9.54 6.19
N ALA A 457 24.82 10.22 7.19
CA ALA A 457 24.35 11.57 6.95
C ALA A 457 25.54 12.47 6.67
N LEU A 458 26.71 12.05 7.14
CA LEU A 458 27.93 12.82 6.86
C LEU A 458 28.22 12.72 5.38
N ARG A 459 28.19 11.49 4.85
CA ARG A 459 28.46 11.26 3.42
C ARG A 459 27.40 11.93 2.56
N LEU A 460 26.17 11.97 3.05
CA LEU A 460 25.08 12.60 2.33
C LEU A 460 25.33 14.12 2.24
N PHE A 461 25.78 14.70 3.33
CA PHE A 461 26.17 16.10 3.35
C PHE A 461 27.33 16.39 2.38
N GLY A 462 28.35 15.54 2.41
CA GLY A 462 29.45 15.58 1.46
C GLY A 462 29.04 15.69 -0.01
N LEU A 463 28.07 14.88 -0.44
CA LEU A 463 27.67 14.85 -1.85
C LEU A 463 26.77 16.02 -2.21
N ALA A 464 26.04 16.53 -1.22
CA ALA A 464 24.94 17.47 -1.49
C ALA A 464 25.39 18.79 -2.12
N GLY A 465 26.67 19.12 -1.99
CA GLY A 465 27.18 20.33 -2.61
C GLY A 465 27.96 20.11 -3.88
N LYS A 466 27.98 18.87 -4.36
CA LYS A 466 28.78 18.50 -5.51
C LYS A 466 27.95 18.22 -6.77
N VAL A 467 28.64 18.10 -7.89
CA VAL A 467 28.08 17.49 -9.08
C VAL A 467 28.60 16.06 -9.09
N VAL A 468 27.73 15.06 -9.08
CA VAL A 468 28.28 13.72 -9.06
C VAL A 468 28.29 13.06 -10.43
N VAL A 469 29.42 12.46 -10.77
CA VAL A 469 29.60 11.87 -12.08
C VAL A 469 29.96 10.42 -11.87
N VAL A 470 29.09 9.53 -12.29
CA VAL A 470 29.43 8.14 -12.15
C VAL A 470 29.69 7.61 -13.55
N ASP A 471 30.81 6.95 -13.69
CA ASP A 471 31.29 6.48 -14.98
C ASP A 471 31.07 4.99 -15.05
N GLU A 472 30.99 4.44 -16.25
CA GLU A 472 30.79 3.00 -16.47
C GLU A 472 29.58 2.46 -15.69
N ALA A 473 28.43 3.08 -15.91
CA ALA A 473 27.19 2.64 -15.29
C ALA A 473 26.70 1.29 -15.82
N HIS A 474 27.18 0.87 -17.00
CA HIS A 474 26.84 -0.44 -17.52
C HIS A 474 27.47 -1.52 -16.65
N ALA A 475 28.46 -1.15 -15.86
CA ALA A 475 29.18 -2.13 -15.07
C ALA A 475 28.53 -2.44 -13.72
N VAL A 476 27.38 -1.82 -13.43
CA VAL A 476 26.76 -2.02 -12.13
C VAL A 476 25.69 -3.11 -12.13
N ASP A 477 25.96 -4.18 -11.38
CA ASP A 477 25.10 -5.36 -11.32
C ASP A 477 23.77 -5.04 -10.60
N PRO A 478 22.80 -5.98 -10.61
CA PRO A 478 21.49 -5.68 -10.01
C PRO A 478 21.47 -5.31 -8.51
N TYR A 479 22.44 -5.76 -7.73
CA TYR A 479 22.46 -5.33 -6.33
C TYR A 479 22.93 -3.88 -6.27
N MET A 480 24.04 -3.59 -6.95
CA MET A 480 24.54 -2.23 -6.98
C MET A 480 23.55 -1.24 -7.60
N GLN A 481 22.73 -1.77 -8.49
CA GLN A 481 21.79 -0.93 -9.20
C GLN A 481 20.62 -0.39 -8.32
N VAL A 482 20.18 -1.20 -7.37
CA VAL A 482 19.24 -0.74 -6.36
C VAL A 482 19.88 0.35 -5.47
N LEU A 483 21.14 0.17 -5.08
CA LEU A 483 21.85 1.19 -4.29
C LEU A 483 21.99 2.48 -5.11
N LEU A 484 22.37 2.32 -6.37
CA LEU A 484 22.50 3.47 -7.25
C LEU A 484 21.17 4.21 -7.35
N GLU A 485 20.09 3.45 -7.50
CA GLU A 485 18.77 4.02 -7.58
C GLU A 485 18.38 4.80 -6.34
N GLN A 486 18.71 4.29 -5.15
CA GLN A 486 18.43 5.05 -3.94
C GLN A 486 19.27 6.31 -3.81
N LEU A 487 20.51 6.25 -4.26
CA LEU A 487 21.37 7.42 -4.29
C LEU A 487 20.83 8.48 -5.22
N LEU A 488 20.60 8.11 -6.47
CA LEU A 488 20.00 9.01 -7.45
C LEU A 488 18.75 9.62 -6.88
N ARG A 489 17.90 8.79 -6.29
CA ARG A 489 16.68 9.28 -5.66
C ARG A 489 16.93 10.33 -4.58
N TRP A 490 17.96 10.12 -3.76
CA TRP A 490 18.29 11.07 -2.71
C TRP A 490 19.03 12.28 -3.25
N LEU A 491 19.86 12.07 -4.26
CA LEU A 491 20.56 13.17 -4.92
C LEU A 491 19.59 14.10 -5.65
N GLY A 492 18.63 13.50 -6.37
CA GLY A 492 17.53 14.23 -6.96
C GLY A 492 16.79 15.15 -6.01
N THR A 493 16.47 14.68 -4.82
CA THR A 493 15.69 15.50 -3.89
C THR A 493 16.52 16.62 -3.29
N LEU A 494 17.84 16.42 -3.28
CA LEU A 494 18.76 17.35 -2.63
C LEU A 494 19.27 18.38 -3.64
N ASP A 495 18.66 18.38 -4.83
CA ASP A 495 19.05 19.29 -5.92
C ASP A 495 20.40 19.02 -6.60
N VAL A 496 21.05 17.89 -6.33
CA VAL A 496 22.36 17.70 -6.95
C VAL A 496 22.27 17.14 -8.37
N PRO A 497 22.91 17.85 -9.32
CA PRO A 497 22.95 17.43 -10.72
C PRO A 497 23.88 16.24 -10.89
N VAL A 498 23.58 15.38 -11.86
CA VAL A 498 24.28 14.11 -12.00
C VAL A 498 24.63 13.88 -13.45
N VAL A 499 25.83 13.36 -13.71
CA VAL A 499 26.18 12.90 -15.06
C VAL A 499 26.46 11.42 -15.04
N LEU A 500 25.73 10.67 -15.87
CA LEU A 500 25.86 9.22 -15.95
C LEU A 500 26.50 8.84 -17.26
N LEU A 501 27.71 8.29 -17.22
CA LEU A 501 28.40 7.86 -18.43
C LEU A 501 28.37 6.34 -18.54
N SER A 502 28.29 5.92 -19.41
CA SER A 502 28.16 4.51 -19.77
C SER A 502 28.76 4.18 -21.14
N ALA A 503 28.70 2.89 -21.63
CA ALA A 503 28.81 2.32 -22.92
C ALA A 503 27.46 1.92 -22.94
N THR A 504 27.10 1.05 -23.85
CA THR A 504 25.75 0.63 -24.03
C THR A 504 25.03 0.36 -22.77
N LEU A 505 23.79 0.74 -22.67
CA LEU A 505 23.02 0.44 -21.49
C LEU A 505 21.66 -0.16 -21.78
N HIS A 506 21.38 -1.32 -21.24
CA HIS A 506 20.02 -1.85 -21.42
C HIS A 506 18.99 -0.78 -21.05
N HIS A 507 17.93 -0.65 -21.85
CA HIS A 507 16.98 0.47 -21.69
C HIS A 507 16.28 0.49 -20.34
N SER A 508 16.11 -0.69 -19.75
CA SER A 508 15.43 -0.81 -18.47
C SER A 508 16.26 -0.20 -17.34
N ILE A 509 17.56 -0.47 -17.35
CA ILE A 509 18.43 0.13 -16.36
C ILE A 509 18.41 1.64 -16.57
N ALA A 510 18.50 2.06 -17.82
CA ALA A 510 18.51 3.47 -18.16
C ALA A 510 17.26 4.10 -17.63
N ASN A 511 16.14 3.40 -17.84
CA ASN A 511 14.84 3.86 -17.37
C ASN A 511 14.77 3.95 -15.83
N SER A 512 15.31 2.94 -15.16
CA SER A 512 15.27 2.89 -13.71
C SER A 512 16.06 4.02 -13.09
N LEU A 513 17.20 4.34 -13.68
CA LEU A 513 18.06 5.35 -13.09
C LEU A 513 17.46 6.73 -13.23
N VAL A 514 16.99 7.08 -14.42
CA VAL A 514 16.40 8.40 -14.55
C VAL A 514 15.06 8.47 -13.84
N LYS A 515 14.35 7.34 -13.76
CA LYS A 515 13.09 7.32 -13.03
C LYS A 515 13.37 7.61 -11.57
N ALA A 516 14.44 7.02 -11.06
CA ALA A 516 14.88 7.21 -9.67
C ALA A 516 15.21 8.67 -9.39
N TYR A 517 15.96 9.29 -10.28
CA TYR A 517 16.34 10.68 -10.08
C TYR A 517 15.12 11.60 -10.13
N LEU A 518 14.21 11.31 -11.04
CA LEU A 518 13.00 12.11 -11.17
C LEU A 518 12.12 11.99 -9.93
N GLU A 519 12.09 10.79 -9.34
CA GLU A 519 11.27 10.61 -8.14
C GLU A 519 11.70 11.54 -7.03
N GLY A 520 13.01 11.62 -6.78
CA GLY A 520 13.55 12.49 -5.75
C GLY A 520 13.22 13.94 -6.03
N ALA A 521 13.46 14.36 -7.26
CA ALA A 521 13.20 15.72 -7.66
C ALA A 521 11.74 16.13 -7.44
N ARG A 522 10.81 15.22 -7.71
CA ARG A 522 9.40 15.61 -7.83
C ARG A 522 8.59 15.32 -6.57
N GLY A 523 9.25 14.74 -5.57
CA GLY A 523 8.59 14.46 -4.31
C GLY A 523 7.86 13.12 -4.26
N ARG A 524 7.35 12.68 -5.40
CA ARG A 524 6.48 11.51 -5.42
C ARG A 524 7.07 10.43 -6.30
N ARG A 525 6.58 9.21 -6.15
CA ARG A 525 7.09 8.11 -6.95
C ARG A 525 6.35 7.91 -8.26
N TRP A 526 6.58 6.79 -8.90
CA TRP A 526 5.97 6.51 -10.19
C TRP A 526 4.68 5.73 -10.03
N ASN A 527 3.65 6.12 -10.79
CA ASN A 527 2.36 5.40 -10.83
C ASN A 527 2.48 4.10 -11.64
N ARG A 528 1.43 3.28 -11.62
CA ARG A 528 1.36 2.14 -12.53
C ARG A 528 0.81 2.62 -13.87
N SER A 529 0.04 3.70 -13.83
CA SER A 529 -0.54 4.30 -15.01
C SER A 529 0.46 5.15 -15.77
N GLU A 530 1.31 5.85 -15.02
CA GLU A 530 2.32 6.78 -15.53
C GLU A 530 3.25 6.18 -16.58
N PRO A 531 3.45 6.91 -17.70
CA PRO A 531 4.34 6.48 -18.79
C PRO A 531 5.83 6.50 -18.40
N GLN A 532 6.62 5.62 -19.00
CA GLN A 532 8.06 5.53 -18.75
C GLN A 532 8.84 6.68 -19.38
N PRO A 533 9.76 7.28 -18.61
CA PRO A 533 10.55 8.45 -19.07
C PRO A 533 11.62 8.12 -20.10
N VAL A 534 12.08 6.86 -20.16
CA VAL A 534 13.09 6.45 -21.12
C VAL A 534 12.68 5.10 -21.68
N SER A 535 12.28 5.03 -22.93
CA SER A 535 11.90 3.74 -23.46
C SER A 535 12.93 3.23 -24.44
N GLU A 536 13.83 4.12 -24.86
CA GLU A 536 14.87 3.76 -25.82
C GLU A 536 16.16 4.48 -25.55
N VAL A 537 17.28 3.79 -25.73
CA VAL A 537 18.58 4.47 -25.70
C VAL A 537 19.28 4.32 -27.04
N SER A 538 20.01 5.35 -27.43
CA SER A 538 20.76 5.33 -28.66
C SER A 538 22.24 5.32 -28.36
N TYR A 539 22.96 4.43 -29.04
CA TYR A 539 24.41 4.26 -28.88
C TYR A 539 25.07 4.46 -30.24
N PRO A 540 25.72 5.62 -30.44
CA PRO A 540 25.95 6.67 -29.44
C PRO A 540 24.74 7.61 -29.25
N GLY A 541 24.68 8.27 -28.11
CA GLY A 541 23.61 9.19 -27.83
C GLY A 541 23.74 9.81 -26.44
N TRP A 542 23.11 10.96 -26.22
CA TRP A 542 23.04 11.49 -24.88
C TRP A 542 21.61 11.86 -24.56
N LEU A 543 21.37 12.33 -23.34
CA LEU A 543 20.02 12.50 -22.88
C LEU A 543 20.04 13.45 -21.71
N HIS A 544 19.13 14.41 -21.72
CA HIS A 544 19.02 15.36 -20.63
C HIS A 544 17.69 15.24 -19.91
N VAL A 545 17.73 15.38 -18.59
CA VAL A 545 16.51 15.33 -17.79
C VAL A 545 16.43 16.56 -16.93
N ASP A 546 15.32 17.31 -17.04
CA ASP A 546 15.11 18.47 -16.18
C ASP A 546 14.45 18.09 -14.85
N ALA A 547 15.04 18.48 -13.75
CA ALA A 547 14.47 18.12 -12.47
C ALA A 547 13.21 18.91 -12.15
N ARG A 548 13.18 20.20 -12.51
CA ARG A 548 12.06 21.04 -12.12
C ARG A 548 10.75 20.62 -12.77
N ILE A 549 10.78 20.30 -14.06
CA ILE A 549 9.58 19.96 -14.81
C ILE A 549 9.54 18.50 -15.29
N GLY A 550 10.67 17.82 -15.26
CA GLY A 550 10.69 16.41 -15.57
C GLY A 550 10.72 16.14 -17.05
N LYS A 551 11.09 17.15 -17.83
CA LYS A 551 11.18 17.00 -19.27
C LYS A 551 12.42 16.21 -19.67
N VAL A 552 12.24 15.09 -20.37
CA VAL A 552 13.37 14.37 -20.94
C VAL A 552 13.68 14.84 -22.36
N THR A 553 14.95 15.16 -22.62
CA THR A 553 15.38 15.69 -23.91
C THR A 553 16.43 14.80 -24.56
N ARG A 554 16.00 13.92 -25.46
CA ARG A 554 16.92 13.08 -26.19
C ARG A 554 17.75 13.88 -27.17
N SER A 555 18.95 13.39 -27.47
CA SER A 555 19.82 14.04 -28.45
C SER A 555 19.16 13.99 -29.82
N SER A 556 18.37 12.93 -30.05
CA SER A 556 17.60 12.77 -31.27
C SER A 556 16.72 13.99 -31.53
N ASP A 557 16.08 14.46 -30.47
CA ASP A 557 15.14 15.57 -30.59
C ASP A 557 15.78 16.89 -31.00
N VAL A 558 17.07 17.06 -30.74
CA VAL A 558 17.72 18.32 -31.04
C VAL A 558 18.62 18.24 -32.26
N ASP A 559 18.71 17.06 -32.86
CA ASP A 559 19.48 16.89 -34.08
C ASP A 559 19.21 15.55 -34.74
N PRO A 560 18.62 15.58 -35.94
CA PRO A 560 18.21 14.40 -36.71
C PRO A 560 19.40 13.51 -37.05
N LEU A 561 20.54 14.13 -37.35
CA LEU A 561 21.77 13.37 -37.61
C LEU A 561 22.18 12.49 -36.41
N PRO A 562 22.73 11.31 -36.70
CA PRO A 562 23.36 10.55 -35.62
C PRO A 562 24.67 11.22 -35.21
N ILE A 563 25.11 10.97 -33.97
CA ILE A 563 26.38 11.49 -33.51
C ILE A 563 27.56 10.78 -34.18
N ALA A 564 28.36 11.58 -34.88
CA ALA A 564 29.52 11.07 -35.58
C ALA A 564 30.54 10.46 -34.61
N THR A 565 30.82 9.17 -34.78
CA THR A 565 31.92 8.51 -34.04
C THR A 565 33.03 8.07 -34.98
N THR A 566 34.12 7.56 -34.41
CA THR A 566 35.19 6.99 -35.21
C THR A 566 34.60 5.90 -36.07
N PRO A 567 34.72 6.02 -37.40
CA PRO A 567 34.22 4.93 -38.23
C PRO A 567 35.08 3.72 -37.99
N ARG A 568 34.50 2.53 -38.07
CA ARG A 568 35.31 1.33 -37.95
C ARG A 568 34.69 0.11 -38.58
N LYS A 569 35.55 -0.83 -38.98
CA LYS A 569 35.14 -2.01 -39.71
C LYS A 569 34.24 -2.85 -38.86
N PRO A 570 33.19 -3.40 -39.45
CA PRO A 570 32.31 -4.26 -38.66
C PRO A 570 33.07 -5.46 -38.09
N LEU A 571 32.60 -5.96 -36.94
CA LEU A 571 33.23 -7.06 -36.24
C LEU A 571 32.66 -8.38 -36.71
N GLU A 572 33.49 -9.21 -37.32
CA GLU A 572 33.09 -10.57 -37.66
C GLU A 572 32.99 -11.36 -36.36
N VAL A 573 31.85 -12.01 -36.16
CA VAL A 573 31.70 -12.90 -34.99
C VAL A 573 31.45 -14.34 -35.45
N ARG A 574 32.28 -15.27 -34.99
CA ARG A 574 32.21 -16.63 -35.50
C ARG A 574 32.07 -17.67 -34.40
N LEU A 575 30.91 -18.33 -34.35
CA LEU A 575 30.66 -19.41 -33.40
C LEU A 575 31.33 -20.73 -33.83
N VAL A 576 32.21 -21.24 -32.98
CA VAL A 576 32.94 -22.47 -33.26
C VAL A 576 32.74 -23.51 -32.16
N ASP A 577 32.29 -24.71 -32.50
CA ASP A 577 32.12 -25.78 -31.51
C ASP A 577 33.47 -26.35 -31.04
N VAL A 578 33.46 -26.88 -29.81
CA VAL A 578 34.63 -27.57 -29.24
C VAL A 578 34.16 -28.89 -28.62
N PRO A 579 34.92 -29.98 -28.83
CA PRO A 579 34.59 -31.23 -28.14
C PRO A 579 34.67 -31.07 -26.63
N VAL A 580 33.79 -31.79 -25.97
CA VAL A 580 33.68 -31.77 -24.53
C VAL A 580 34.31 -33.02 -23.98
N LYS A 581 35.34 -32.87 -23.15
CA LYS A 581 35.90 -34.02 -22.45
C LYS A 581 35.74 -33.85 -20.96
N GLU A 582 34.98 -34.75 -20.34
CA GLU A 582 34.79 -34.79 -18.91
C GLU A 582 34.07 -33.54 -18.45
N GLY A 583 33.08 -33.12 -19.23
CA GLY A 583 32.32 -31.92 -18.93
C GLY A 583 33.19 -30.66 -18.94
N ALA A 584 34.31 -30.74 -19.64
CA ALA A 584 35.19 -29.59 -19.84
C ALA A 584 35.42 -29.35 -21.34
N LEU A 585 36.17 -28.29 -21.66
CA LEU A 585 36.46 -27.97 -23.05
C LEU A 585 37.84 -28.45 -23.46
N ASN A 586 37.88 -29.31 -24.48
CA ASN A 586 39.14 -29.71 -25.06
C ASN A 586 39.53 -28.75 -26.18
N ARG A 587 40.03 -27.60 -25.84
CA ARG A 587 40.16 -26.57 -26.84
C ARG A 587 41.30 -26.88 -27.74
N SER A 588 41.91 -28.03 -27.59
CA SER A 588 43.24 -28.25 -28.12
C SER A 588 43.33 -28.08 -29.60
N THR A 589 42.43 -28.73 -30.31
CA THR A 589 42.56 -28.78 -31.73
C THR A 589 42.42 -27.38 -32.22
N VAL A 590 41.37 -26.79 -31.75
CA VAL A 590 40.90 -25.59 -32.33
C VAL A 590 41.94 -24.55 -32.13
N LEU A 591 42.56 -24.61 -30.98
CA LEU A 591 43.53 -23.61 -30.66
C LEU A 591 44.62 -23.70 -31.68
N ALA A 592 44.94 -24.92 -32.06
CA ALA A 592 46.02 -25.13 -33.01
C ALA A 592 45.58 -24.66 -34.39
N LYS A 593 44.34 -25.01 -34.76
CA LYS A 593 43.77 -24.59 -36.04
C LYS A 593 43.70 -23.07 -36.19
N GLU A 594 43.32 -22.37 -35.13
CA GLU A 594 43.06 -20.94 -35.22
C GLU A 594 44.29 -20.06 -35.01
N LEU A 595 45.28 -20.58 -34.30
CA LEU A 595 46.45 -19.80 -33.94
C LEU A 595 47.55 -20.01 -34.95
N THR A 596 47.34 -20.99 -35.84
CA THR A 596 48.36 -21.40 -36.82
C THR A 596 48.94 -20.25 -37.67
N PRO A 597 48.08 -19.44 -38.33
CA PRO A 597 48.66 -18.31 -39.06
C PRO A 597 49.56 -17.40 -38.22
N LEU A 598 49.26 -17.23 -36.93
CA LEU A 598 50.05 -16.36 -36.06
C LEU A 598 51.48 -16.87 -35.84
N VAL A 599 51.67 -18.20 -35.88
CA VAL A 599 53.03 -18.74 -35.71
C VAL A 599 53.94 -18.48 -36.93
N LYS A 600 53.33 -18.55 -38.11
CA LYS A 600 54.02 -18.29 -39.37
C LYS A 600 54.28 -16.80 -39.61
N GLN A 601 53.19 -16.04 -39.74
CA GLN A 601 53.26 -14.66 -40.24
C GLN A 601 53.25 -13.62 -39.14
N GLY A 602 52.96 -14.05 -37.92
CA GLY A 602 53.01 -13.17 -36.77
C GLY A 602 51.67 -12.58 -36.40
N GLY A 603 51.72 -11.55 -35.55
CA GLY A 603 50.53 -10.88 -35.09
C GLY A 603 50.32 -11.01 -33.60
N CYS A 604 49.15 -10.55 -33.16
CA CYS A 604 48.79 -10.46 -31.76
C CYS A 604 47.40 -11.07 -31.55
N ALA A 605 47.26 -11.97 -30.57
CA ALA A 605 45.95 -12.52 -30.28
C ALA A 605 45.72 -12.74 -28.79
N ALA A 606 44.45 -12.81 -28.42
CA ALA A 606 44.04 -13.04 -27.05
C ALA A 606 43.02 -14.19 -26.98
N ILE A 607 43.17 -15.07 -26.00
CA ILE A 607 42.15 -16.05 -25.68
C ILE A 607 41.58 -15.72 -24.32
N ILE A 608 40.26 -15.59 -24.25
CA ILE A 608 39.60 -15.25 -23.00
C ILE A 608 38.83 -16.44 -22.45
N CYS A 609 39.11 -16.79 -21.21
CA CYS A 609 38.53 -17.97 -20.58
C CYS A 609 37.65 -17.61 -19.41
N THR A 610 36.61 -18.40 -19.19
CA THR A 610 35.63 -18.10 -18.17
C THR A 610 36.19 -18.21 -16.76
N THR A 611 37.08 -19.17 -16.52
CA THR A 611 37.65 -19.35 -15.17
C THR A 611 39.18 -19.35 -15.14
N VAL A 612 39.75 -19.19 -13.95
CA VAL A 612 41.20 -19.15 -13.78
C VAL A 612 41.83 -20.51 -14.03
N ALA A 613 41.13 -21.58 -13.66
CA ALA A 613 41.58 -22.92 -13.99
C ALA A 613 41.76 -23.04 -15.50
N GLU A 614 40.66 -22.85 -16.22
CA GLU A 614 40.62 -22.94 -17.68
C GLU A 614 41.64 -22.01 -18.31
N ALA A 615 41.88 -20.89 -17.65
CA ALA A 615 42.87 -19.94 -18.14
C ALA A 615 44.27 -20.53 -18.00
N GLN A 616 44.52 -21.23 -16.90
CA GLN A 616 45.82 -21.83 -16.65
C GLN A 616 46.07 -23.03 -17.57
N GLY A 617 45.01 -23.80 -17.84
CA GLY A 617 45.08 -24.93 -18.74
C GLY A 617 45.59 -24.51 -20.11
N VAL A 618 44.86 -23.58 -20.73
CA VAL A 618 45.24 -23.01 -22.01
C VAL A 618 46.70 -22.52 -22.09
N TYR A 619 47.19 -21.86 -21.07
CA TYR A 619 48.55 -21.41 -21.12
C TYR A 619 49.48 -22.55 -21.18
N ASP A 620 49.24 -23.57 -20.37
CA ASP A 620 50.17 -24.63 -20.24
C ASP A 620 50.32 -25.32 -21.55
N LEU A 621 49.20 -25.54 -22.18
CA LEU A 621 49.16 -26.20 -23.45
C LEU A 621 49.82 -25.39 -24.51
N LEU A 622 49.66 -24.08 -24.47
CA LEU A 622 50.31 -23.24 -25.44
C LEU A 622 51.79 -23.37 -25.28
N SER A 623 52.24 -23.46 -24.05
CA SER A 623 53.65 -23.66 -23.77
C SER A 623 54.15 -24.98 -24.32
N GLN A 624 53.37 -26.04 -24.18
CA GLN A 624 53.82 -27.34 -24.63
C GLN A 624 54.05 -27.30 -26.11
N TRP A 625 53.12 -26.69 -26.78
CA TRP A 625 53.04 -26.59 -28.23
C TRP A 625 54.09 -25.65 -28.82
N PHE A 626 54.62 -24.82 -27.95
CA PHE A 626 55.52 -23.76 -28.32
C PHE A 626 56.93 -24.06 -28.02
N ALA A 627 57.14 -25.18 -27.34
CA ALA A 627 58.48 -25.61 -27.05
C ALA A 627 59.16 -26.02 -28.37
N THR A 628 58.36 -26.11 -29.45
CA THR A 628 58.83 -26.55 -30.75
C THR A 628 59.44 -25.42 -31.62
N LEU A 629 59.91 -24.37 -30.96
CA LEU A 629 60.81 -23.36 -31.54
C LEU A 629 61.33 -22.61 -30.33
N ALA A 633 58.96 -16.05 -29.76
CA ALA A 633 58.70 -16.31 -31.10
C ALA A 633 57.70 -17.48 -31.32
N PRO A 634 56.42 -17.31 -31.08
CA PRO A 634 55.74 -16.15 -30.51
C PRO A 634 55.80 -16.13 -28.98
N ASP A 635 55.43 -15.04 -28.36
CA ASP A 635 55.46 -14.94 -26.93
C ASP A 635 54.16 -15.49 -26.35
N LEU A 636 54.13 -15.64 -25.03
CA LEU A 636 52.96 -16.17 -24.34
C LEU A 636 52.84 -15.50 -22.98
N TYR A 637 51.63 -15.04 -22.66
CA TYR A 637 51.33 -14.41 -21.39
C TYR A 637 49.98 -14.84 -20.83
N LEU A 638 49.89 -14.73 -19.53
CA LEU A 638 48.73 -15.15 -18.77
C LEU A 638 48.40 -14.10 -17.73
N LEU A 639 47.19 -13.58 -17.79
CA LEU A 639 46.76 -12.57 -16.83
C LEU A 639 45.42 -12.95 -16.22
N HIS A 640 45.39 -12.95 -14.89
CA HIS A 640 44.15 -13.16 -14.15
C HIS A 640 44.31 -12.53 -12.77
N SER A 641 43.31 -12.70 -11.90
CA SER A 641 43.31 -11.96 -10.64
C SER A 641 44.14 -12.60 -9.55
N ARG A 642 44.56 -13.85 -9.74
CA ARG A 642 45.24 -14.57 -8.68
C ARG A 642 46.75 -14.53 -8.80
N PHE A 643 47.30 -13.32 -8.91
CA PHE A 643 48.74 -13.12 -8.92
C PHE A 643 49.00 -12.18 -7.77
N PRO A 644 50.22 -12.22 -7.22
CA PRO A 644 50.53 -11.20 -6.21
C PRO A 644 50.43 -9.82 -6.88
N ASN A 645 50.10 -8.78 -6.12
CA ASN A 645 49.97 -7.44 -6.69
C ASN A 645 51.15 -7.04 -7.57
N ARG A 646 52.32 -6.92 -6.95
CA ARG A 646 53.54 -6.48 -7.62
C ARG A 646 53.73 -7.19 -8.95
N GLN A 647 53.41 -8.47 -8.96
CA GLN A 647 53.50 -9.23 -10.19
C GLN A 647 52.46 -8.82 -11.20
N ARG A 648 51.22 -8.62 -10.74
CA ARG A 648 50.14 -8.28 -11.65
C ARG A 648 50.32 -6.90 -12.24
N THR A 649 50.73 -5.95 -11.39
CA THR A 649 50.95 -4.60 -11.88
C THR A 649 52.09 -4.60 -12.87
N GLU A 650 53.01 -5.55 -12.73
CA GLU A 650 54.09 -5.72 -13.72
C GLU A 650 53.65 -6.40 -15.02
N ILE A 651 53.01 -7.56 -14.94
CA ILE A 651 52.49 -8.25 -16.13
C ILE A 651 51.64 -7.35 -17.02
N THR A 652 50.80 -6.54 -16.38
CA THR A 652 49.87 -5.70 -17.11
C THR A 652 50.65 -4.66 -17.87
N ALA A 653 51.60 -4.04 -17.19
CA ALA A 653 52.36 -2.94 -17.77
C ALA A 653 53.04 -3.35 -19.07
N THR A 654 53.60 -4.55 -19.10
CA THR A 654 54.29 -5.04 -20.29
C THR A 654 53.28 -5.45 -21.35
N ILE A 655 52.11 -5.86 -20.89
CA ILE A 655 51.12 -6.40 -21.81
C ILE A 655 50.42 -5.28 -22.58
N VAL A 656 50.28 -4.11 -21.98
CA VAL A 656 49.72 -3.00 -22.70
C VAL A 656 50.86 -2.38 -23.44
N ASP A 657 52.06 -2.58 -22.89
CA ASP A 657 53.29 -2.12 -23.48
C ASP A 657 53.43 -2.72 -24.88
N LEU A 658 53.09 -3.99 -25.03
CA LEU A 658 53.18 -4.62 -26.35
C LEU A 658 51.95 -4.39 -27.22
N PHE A 659 50.77 -4.60 -26.65
CA PHE A 659 49.52 -4.60 -27.42
C PHE A 659 48.76 -3.28 -27.48
N GLY A 660 49.17 -2.28 -26.69
CA GLY A 660 48.45 -1.02 -26.62
C GLY A 660 48.93 0.05 -27.57
N LYS A 661 48.53 1.29 -27.32
CA LYS A 661 48.80 2.38 -28.26
C LYS A 661 50.22 2.92 -28.16
N GLU A 662 50.69 3.20 -26.95
CA GLU A 662 52.08 3.68 -26.79
C GLU A 662 53.11 2.60 -27.11
N GLY A 663 52.63 1.42 -27.50
CA GLY A 663 53.48 0.37 -27.98
C GLY A 663 53.59 0.46 -29.49
N ALA A 664 52.44 0.55 -30.14
CA ALA A 664 52.38 0.70 -31.58
C ALA A 664 53.08 2.00 -31.99
N GLN A 665 52.89 3.05 -31.22
CA GLN A 665 53.51 4.32 -31.56
C GLN A 665 55.03 4.27 -31.41
N SER A 666 55.50 3.51 -30.45
CA SER A 666 56.93 3.46 -30.17
C SER A 666 57.63 2.29 -30.88
N GLY A 667 56.87 1.54 -31.66
CA GLY A 667 57.45 0.49 -32.47
C GLY A 667 57.65 -0.84 -31.76
N ARG A 668 57.44 -0.87 -30.45
CA ARG A 668 57.65 -2.10 -29.67
C ARG A 668 56.63 -3.23 -29.94
N ARG A 669 55.55 -2.94 -30.65
CA ARG A 669 54.56 -3.97 -30.97
C ARG A 669 55.12 -5.14 -31.80
N PRO A 670 55.03 -6.37 -31.25
CA PRO A 670 55.69 -7.60 -31.71
C PRO A 670 55.25 -8.17 -33.08
N THR A 671 55.75 -9.37 -33.38
CA THR A 671 55.53 -10.09 -34.63
C THR A 671 55.46 -11.61 -34.42
N ALA A 674 52.89 -13.46 -30.93
CA ALA A 674 52.46 -13.05 -29.60
C ALA A 674 51.01 -13.45 -29.29
N VAL A 675 50.79 -14.04 -28.12
CA VAL A 675 49.47 -14.50 -27.69
C VAL A 675 49.24 -14.24 -26.19
N LEU A 676 48.10 -13.65 -25.86
CA LEU A 676 47.69 -13.44 -24.45
C LEU A 676 46.52 -14.32 -24.02
N VAL A 677 46.66 -14.94 -22.85
CA VAL A 677 45.57 -15.74 -22.28
C VAL A 677 45.09 -15.09 -20.99
N ALA A 678 43.83 -14.67 -20.96
CA ALA A 678 43.34 -14.00 -19.76
C ALA A 678 41.92 -14.41 -19.41
N THR A 679 41.56 -14.10 -18.16
CA THR A 679 40.18 -14.20 -17.69
C THR A 679 39.52 -12.85 -17.87
N GLN A 680 38.44 -12.60 -17.15
CA GLN A 680 37.66 -11.41 -17.40
C GLN A 680 38.35 -10.12 -17.02
N VAL A 681 39.60 -10.18 -16.56
CA VAL A 681 40.39 -8.94 -16.34
C VAL A 681 40.51 -8.13 -17.64
N VAL A 682 40.32 -8.81 -18.76
CA VAL A 682 40.39 -8.14 -20.04
C VAL A 682 39.16 -7.22 -20.23
N GLU A 683 38.10 -7.47 -19.48
CA GLU A 683 36.88 -6.65 -19.57
C GLU A 683 37.05 -5.33 -18.84
N GLN A 684 38.10 -5.24 -18.04
CA GLN A 684 38.45 -4.02 -17.35
C GLN A 684 39.19 -3.12 -18.30
N SER A 685 39.44 -1.89 -17.91
CA SER A 685 40.18 -1.02 -18.81
C SER A 685 41.61 -1.51 -18.88
N LEU A 686 41.92 -2.18 -19.98
CA LEU A 686 43.30 -2.45 -20.36
C LEU A 686 43.45 -1.96 -21.77
N ASP A 687 44.47 -1.16 -22.01
CA ASP A 687 44.77 -0.71 -23.35
C ASP A 687 45.35 -1.86 -24.16
N LEU A 688 44.51 -2.59 -24.87
CA LEU A 688 44.96 -3.66 -25.74
C LEU A 688 44.35 -3.53 -27.12
N ASP A 689 45.16 -3.82 -28.14
CA ASP A 689 44.67 -4.04 -29.48
C ASP A 689 45.16 -5.40 -29.96
N VAL A 690 44.25 -6.32 -30.21
CA VAL A 690 44.65 -7.63 -30.72
C VAL A 690 44.09 -7.84 -32.11
N ASP A 691 44.77 -8.66 -32.91
CA ASP A 691 44.39 -8.89 -34.30
C ASP A 691 43.31 -9.93 -34.38
N LEU A 692 43.34 -10.87 -33.45
CA LEU A 692 42.32 -11.90 -33.35
C LEU A 692 41.90 -12.02 -31.88
N MET A 693 40.62 -12.31 -31.64
CA MET A 693 40.17 -12.62 -30.28
C MET A 693 39.35 -13.91 -30.22
N ILE A 694 39.72 -14.77 -29.28
CA ILE A 694 38.98 -16.01 -29.09
C ILE A 694 38.44 -16.01 -27.67
N SER A 695 37.14 -16.22 -27.54
CA SER A 695 36.52 -16.14 -26.22
C SER A 695 35.55 -17.26 -25.99
N ASP A 696 35.49 -17.73 -24.74
CA ASP A 696 34.42 -18.60 -24.31
C ASP A 696 33.17 -17.77 -24.45
N LEU A 697 32.06 -18.39 -24.78
CA LEU A 697 30.77 -17.72 -24.79
C LEU A 697 30.54 -17.03 -23.44
N ALA A 698 30.06 -15.79 -23.49
CA ALA A 698 29.71 -15.03 -22.29
C ALA A 698 28.43 -14.28 -22.67
N PRO A 699 27.82 -13.55 -21.74
CA PRO A 699 26.67 -12.77 -22.22
C PRO A 699 27.07 -11.72 -23.29
N VAL A 700 26.21 -11.41 -24.27
CA VAL A 700 26.60 -10.52 -25.39
C VAL A 700 27.18 -9.18 -24.98
N SER A 701 26.57 -8.58 -23.95
CA SER A 701 27.05 -7.33 -23.37
C SER A 701 28.53 -7.48 -23.00
N LEU A 702 28.86 -8.64 -22.44
CA LEU A 702 30.21 -8.91 -22.03
C LEU A 702 31.08 -9.34 -23.20
N LEU A 703 30.52 -10.14 -24.11
CA LEU A 703 31.24 -10.48 -25.34
C LEU A 703 31.60 -9.22 -26.12
N LEU A 704 30.58 -8.45 -26.47
CA LEU A 704 30.77 -7.19 -27.17
C LEU A 704 31.74 -6.27 -26.43
N GLN A 705 31.74 -6.36 -25.11
CA GLN A 705 32.67 -5.58 -24.31
C GLN A 705 34.11 -6.01 -24.58
N ARG A 706 34.36 -7.32 -24.44
CA ARG A 706 35.63 -7.96 -24.76
C ARG A 706 36.11 -7.63 -26.17
N ALA A 707 35.21 -7.81 -27.15
CA ALA A 707 35.49 -7.62 -28.56
C ALA A 707 35.91 -6.20 -28.94
N GLY A 708 35.76 -5.25 -28.02
CA GLY A 708 36.22 -3.89 -28.27
C GLY A 708 37.73 -3.77 -28.22
N ARG A 709 38.41 -4.85 -27.83
CA ARG A 709 39.87 -4.93 -27.90
C ARG A 709 40.36 -5.30 -29.30
N CYS A 710 39.45 -5.73 -30.16
CA CYS A 710 39.81 -6.08 -31.54
C CYS A 710 39.97 -4.84 -32.39
N TRP A 711 41.21 -4.65 -32.87
CA TRP A 711 41.53 -3.57 -33.79
C TRP A 711 41.17 -2.23 -33.21
N ARG A 712 41.35 -2.11 -31.91
CA ARG A 712 40.97 -0.92 -31.16
C ARG A 712 41.52 0.37 -31.78
N HIS A 713 42.70 0.28 -32.39
CA HIS A 713 43.35 1.48 -32.89
C HIS A 713 43.55 1.48 -34.39
N GLU A 714 42.73 0.71 -35.11
CA GLU A 714 42.87 0.65 -36.55
C GLU A 714 42.73 2.02 -37.22
N HIS A 715 42.01 2.95 -36.58
CA HIS A 715 41.80 4.23 -37.21
C HIS A 715 43.00 5.12 -36.98
N LEU A 716 43.99 4.60 -36.27
CA LEU A 716 45.23 5.33 -36.09
C LEU A 716 46.14 5.19 -37.31
N GLY A 717 45.86 4.18 -38.14
CA GLY A 717 46.56 3.97 -39.41
C GLY A 717 47.99 3.48 -39.29
N ILE A 718 48.49 3.45 -38.06
CA ILE A 718 49.86 3.11 -37.70
C ILE A 718 50.18 1.61 -37.74
N ILE A 719 49.18 0.76 -37.47
CA ILE A 719 49.43 -0.66 -37.24
C ILE A 719 49.36 -1.54 -38.48
N ASN A 720 50.35 -2.42 -38.63
CA ASN A 720 50.40 -3.36 -39.74
C ASN A 720 49.87 -4.75 -39.38
N ARG A 721 48.71 -5.08 -39.95
CA ARG A 721 48.10 -6.35 -39.64
C ARG A 721 48.56 -7.41 -40.59
N PRO A 722 48.79 -8.61 -40.07
CA PRO A 722 49.30 -9.74 -40.84
C PRO A 722 48.33 -10.15 -41.90
N GLN A 723 48.85 -10.73 -42.97
CA GLN A 723 48.06 -11.09 -44.15
C GLN A 723 46.87 -11.99 -43.84
N TRP A 724 46.94 -12.74 -42.73
CA TRP A 724 45.86 -13.65 -42.36
C TRP A 724 44.73 -12.94 -41.60
N ALA A 725 45.02 -11.76 -41.07
CA ALA A 725 44.03 -10.95 -40.39
C ALA A 725 43.27 -10.07 -41.38
N LYS A 726 42.34 -10.66 -42.11
CA LYS A 726 41.65 -9.91 -43.15
C LYS A 726 40.67 -8.91 -42.55
N GLN A 727 39.88 -9.35 -41.58
CA GLN A 727 38.87 -8.48 -40.96
C GLN A 727 38.90 -8.60 -39.43
N PRO A 728 38.43 -7.56 -38.71
CA PRO A 728 38.46 -7.66 -37.25
C PRO A 728 37.52 -8.78 -36.83
N GLU A 729 38.05 -9.73 -36.07
CA GLU A 729 37.32 -10.95 -35.80
C GLU A 729 37.32 -11.31 -34.32
N LEU A 730 36.16 -11.77 -33.87
CA LEU A 730 35.98 -12.36 -32.56
C LEU A 730 35.53 -13.79 -32.78
N VAL A 731 36.26 -14.74 -32.22
CA VAL A 731 35.86 -16.13 -32.29
C VAL A 731 35.24 -16.55 -30.97
N VAL A 732 34.02 -17.05 -31.02
CA VAL A 732 33.27 -17.40 -29.83
C VAL A 732 33.14 -18.93 -29.66
N LEU A 733 33.91 -19.50 -28.75
CA LEU A 733 33.87 -20.94 -28.48
C LEU A 733 32.59 -21.37 -27.78
N THR A 734 32.12 -22.58 -28.06
CA THR A 734 30.92 -23.08 -27.43
C THR A 734 30.91 -24.60 -27.54
N PRO A 735 30.46 -25.30 -26.49
CA PRO A 735 30.47 -26.76 -26.52
C PRO A 735 29.59 -27.32 -27.63
N GLU A 736 30.08 -28.37 -28.29
CA GLU A 736 29.24 -29.09 -29.22
C GLU A 736 28.26 -29.90 -28.38
N GLN A 737 27.02 -29.99 -28.83
CA GLN A 737 25.96 -30.58 -28.01
C GLN A 737 25.47 -31.92 -28.55
N ASN A 738 24.35 -32.40 -28.00
CA ASN A 738 23.73 -33.66 -28.38
C ASN A 738 22.36 -33.83 -27.70
N ARG A 743 16.47 -30.09 -25.79
CA ARG A 743 16.89 -29.29 -26.93
C ARG A 743 17.15 -27.83 -26.57
N ALA A 744 17.65 -27.59 -25.36
CA ALA A 744 18.15 -26.27 -24.98
C ALA A 744 19.63 -26.42 -24.63
N PRO A 745 20.46 -25.48 -25.11
CA PRO A 745 21.92 -25.62 -25.13
C PRO A 745 22.49 -25.96 -23.76
N TRP A 746 23.58 -26.74 -23.77
CA TRP A 746 24.28 -27.15 -22.55
C TRP A 746 25.58 -26.37 -22.42
N PHE A 747 25.98 -26.09 -21.19
CA PHE A 747 27.25 -25.41 -20.94
C PHE A 747 27.93 -25.99 -19.72
N PRO A 748 29.26 -25.89 -19.67
CA PRO A 748 30.02 -26.43 -18.54
C PRO A 748 29.51 -25.88 -17.21
N ARG A 749 29.50 -26.76 -16.20
CA ARG A 749 29.18 -26.39 -14.83
C ARG A 749 30.02 -25.19 -14.38
N SER A 750 31.28 -25.18 -14.80
CA SER A 750 32.22 -24.15 -14.40
C SER A 750 31.85 -22.82 -15.02
N TRP A 751 31.16 -22.87 -16.16
CA TRP A 751 30.71 -21.67 -16.82
C TRP A 751 29.40 -21.19 -16.20
N THR A 752 28.52 -22.12 -15.88
CA THR A 752 27.18 -21.78 -15.41
C THR A 752 27.19 -21.27 -13.98
N SER A 753 28.35 -21.40 -13.33
CA SER A 753 28.55 -20.95 -11.96
C SER A 753 28.99 -19.49 -11.91
N VAL A 754 29.46 -18.99 -13.05
CA VAL A 754 29.87 -17.60 -13.16
C VAL A 754 28.75 -16.78 -13.81
N TYR A 755 28.24 -17.29 -14.93
CA TYR A 755 27.15 -16.65 -15.64
C TYR A 755 25.91 -17.51 -15.51
N PRO A 756 24.73 -16.89 -15.34
CA PRO A 756 23.52 -17.71 -15.19
C PRO A 756 23.35 -18.54 -16.45
N LEU A 757 22.95 -19.79 -16.35
CA LEU A 757 22.79 -20.63 -17.54
C LEU A 757 21.93 -19.96 -18.64
N ALA A 758 20.72 -19.54 -18.29
CA ALA A 758 19.83 -18.89 -19.26
C ALA A 758 20.48 -17.77 -20.07
N LEU A 759 21.36 -16.99 -19.44
CA LEU A 759 21.96 -15.88 -20.16
C LEU A 759 22.91 -16.38 -21.24
N LEU A 760 23.69 -17.41 -20.92
CA LEU A 760 24.59 -18.02 -21.90
C LEU A 760 23.78 -18.68 -23.04
N GLN A 761 22.66 -19.30 -22.68
CA GLN A 761 21.73 -19.88 -23.66
C GLN A 761 21.15 -18.83 -24.63
N ARG A 762 20.49 -17.81 -24.09
CA ARG A 762 19.92 -16.73 -24.88
C ARG A 762 20.98 -16.07 -25.76
N THR A 763 22.21 -16.00 -25.26
CA THR A 763 23.29 -15.38 -26.01
C THR A 763 23.70 -16.26 -27.20
N TYR A 764 23.88 -17.55 -26.95
CA TYR A 764 24.18 -18.50 -28.02
C TYR A 764 23.08 -18.47 -29.08
N THR A 765 21.85 -18.55 -28.62
CA THR A 765 20.70 -18.51 -29.49
C THR A 765 20.65 -17.24 -30.35
N LEU A 766 20.93 -16.09 -29.74
CA LEU A 766 20.92 -14.81 -30.47
C LEU A 766 22.01 -14.71 -31.53
N LEU A 767 23.14 -15.36 -31.27
CA LEU A 767 24.30 -15.29 -32.17
C LEU A 767 24.19 -16.28 -33.32
N ARG A 768 23.62 -17.45 -33.02
CA ARG A 768 23.37 -18.47 -34.01
C ARG A 768 22.41 -17.89 -35.04
N ARG A 769 21.40 -17.20 -34.54
CA ARG A 769 20.35 -16.62 -35.37
C ARG A 769 20.85 -15.68 -36.47
N ARG A 770 22.04 -15.13 -36.31
CA ARG A 770 22.55 -14.13 -37.24
C ARG A 770 23.16 -14.76 -38.47
N ASN A 771 23.31 -16.08 -38.43
CA ASN A 771 24.01 -16.82 -39.49
C ASN A 771 25.27 -16.14 -39.99
N GLY A 772 26.31 -16.10 -39.18
CA GLY A 772 27.61 -15.62 -39.63
C GLY A 772 27.76 -14.11 -39.73
N ALA A 773 26.65 -13.43 -40.03
CA ALA A 773 26.63 -11.98 -40.25
C ALA A 773 27.46 -11.20 -39.24
N PRO A 774 28.30 -10.27 -39.73
CA PRO A 774 29.10 -9.41 -38.86
C PRO A 774 28.26 -8.43 -38.04
N VAL A 775 28.85 -7.87 -36.99
CA VAL A 775 28.21 -6.83 -36.19
C VAL A 775 28.69 -5.44 -36.62
N GLN A 776 27.82 -4.70 -37.29
CA GLN A 776 28.15 -3.34 -37.68
C GLN A 776 28.35 -2.56 -36.40
N ILE A 777 29.35 -1.68 -36.40
CA ILE A 777 29.72 -0.95 -35.18
C ILE A 777 29.71 0.55 -35.44
N PRO A 778 28.93 1.31 -34.65
CA PRO A 778 28.20 0.85 -33.47
C PRO A 778 26.70 0.63 -33.68
N GLU A 779 26.25 0.67 -34.94
CA GLU A 779 24.83 0.56 -35.31
C GLU A 779 24.09 -0.69 -34.79
N ASP A 780 24.79 -1.83 -34.74
CA ASP A 780 24.18 -3.08 -34.29
C ASP A 780 24.20 -3.38 -32.79
N VAL A 781 25.07 -2.69 -32.05
CA VAL A 781 25.38 -3.09 -30.68
C VAL A 781 24.23 -3.00 -29.66
N GLN A 782 23.71 -1.80 -29.45
CA GLN A 782 22.70 -1.56 -28.43
C GLN A 782 21.47 -2.43 -28.61
N GLN A 783 21.19 -2.80 -29.85
CA GLN A 783 20.05 -3.67 -30.14
C GLN A 783 20.33 -5.08 -29.64
N LEU A 784 21.58 -5.53 -29.77
CA LEU A 784 21.97 -6.85 -29.27
C LEU A 784 21.83 -6.90 -27.77
N VAL A 785 22.30 -5.83 -27.14
CA VAL A 785 22.29 -5.70 -25.70
C VAL A 785 20.87 -5.71 -25.17
N ASP A 786 19.99 -4.97 -25.84
CA ASP A 786 18.60 -4.95 -25.44
C ASP A 786 17.96 -6.29 -25.69
N ASP A 787 18.27 -6.88 -26.83
CA ASP A 787 17.55 -8.07 -27.27
C ASP A 787 17.85 -9.34 -26.47
N VAL A 788 19.06 -9.46 -25.94
CA VAL A 788 19.41 -10.67 -25.20
C VAL A 788 18.49 -10.90 -23.99
N TYR A 789 18.05 -9.80 -23.36
CA TYR A 789 17.09 -9.86 -22.26
C TYR A 789 15.64 -9.70 -22.73
N ASP A 790 15.41 -8.86 -23.75
CA ASP A 790 14.04 -8.54 -24.16
C ASP A 790 13.29 -9.61 -24.94
N ASP A 791 13.99 -10.34 -25.81
CA ASP A 791 13.33 -11.28 -26.71
C ASP A 791 13.15 -12.66 -26.08
N ASP A 792 11.93 -12.97 -25.68
CA ASP A 792 11.67 -14.21 -24.96
C ASP A 792 11.89 -15.47 -25.74
N SER A 793 11.90 -15.36 -27.05
CA SER A 793 12.00 -16.55 -27.89
C SER A 793 13.40 -17.10 -27.80
N LEU A 794 14.31 -16.33 -27.22
CA LEU A 794 15.71 -16.70 -27.12
C LEU A 794 16.00 -17.72 -26.04
N ALA A 795 15.06 -17.92 -25.10
CA ALA A 795 15.28 -18.86 -24.01
C ALA A 795 14.38 -20.10 -24.09
N GLU A 796 14.96 -21.24 -24.43
CA GLU A 796 14.18 -22.44 -24.65
C GLU A 796 14.12 -23.29 -23.40
N ASP A 797 14.96 -22.97 -22.42
CA ASP A 797 14.96 -23.64 -21.13
C ASP A 797 14.19 -22.77 -20.15
N LEU A 798 12.89 -23.02 -20.03
CA LEU A 798 12.03 -22.13 -19.25
C LEU A 798 12.41 -22.21 -17.78
N GLU A 799 12.98 -23.34 -17.39
CA GLU A 799 13.39 -23.57 -16.03
C GLU A 799 14.66 -22.81 -15.69
N ALA A 800 15.64 -22.85 -16.60
CA ALA A 800 16.90 -22.14 -16.42
C ALA A 800 16.69 -20.62 -16.42
N ASP A 801 15.68 -20.20 -17.17
CA ASP A 801 15.40 -18.79 -17.36
C ASP A 801 14.72 -18.20 -16.13
N MET A 802 13.83 -18.98 -15.52
CA MET A 802 13.13 -18.55 -14.32
C MET A 802 14.09 -18.45 -13.15
N GLU A 803 15.04 -19.37 -13.11
CA GLU A 803 16.02 -19.37 -12.04
C GLU A 803 16.79 -18.08 -12.15
N ARG A 804 17.24 -17.77 -13.36
CA ARG A 804 17.96 -16.55 -13.66
C ARG A 804 17.21 -15.32 -13.14
N MET A 805 15.92 -15.29 -13.39
CA MET A 805 15.08 -14.20 -12.93
C MET A 805 14.97 -14.20 -11.43
N GLY A 806 14.93 -15.38 -10.83
CA GLY A 806 14.84 -15.51 -9.40
C GLY A 806 16.11 -15.11 -8.70
N GLU A 807 17.25 -15.46 -9.27
CA GLU A 807 18.52 -15.00 -8.74
C GLU A 807 18.60 -13.49 -8.79
N GLU A 808 18.12 -12.88 -9.88
CA GLU A 808 18.14 -11.42 -9.99
C GLU A 808 17.27 -10.75 -8.93
N LEU A 809 16.11 -11.35 -8.69
CA LEU A 809 15.23 -10.91 -7.62
C LEU A 809 15.93 -10.95 -6.26
N ALA A 810 16.65 -12.03 -6.01
CA ALA A 810 17.29 -12.21 -4.72
C ALA A 810 18.28 -11.08 -4.46
N GLN A 811 18.89 -10.61 -5.52
CA GLN A 811 19.93 -9.62 -5.40
C GLN A 811 19.36 -8.23 -5.18
N ARG A 812 18.26 -7.93 -5.86
CA ARG A 812 17.60 -6.65 -5.64
C ARG A 812 16.96 -6.63 -4.25
N GLY A 813 16.62 -7.81 -3.74
CA GLY A 813 15.94 -7.93 -2.47
C GLY A 813 16.87 -7.67 -1.31
N LEU A 814 18.08 -8.22 -1.39
CA LEU A 814 19.07 -8.03 -0.36
C LEU A 814 19.38 -6.56 -0.28
N ALA A 815 19.46 -5.96 -1.47
CA ALA A 815 19.74 -4.55 -1.63
C ALA A 815 18.72 -3.70 -0.89
N ARG A 816 17.44 -3.92 -1.15
CA ARG A 816 16.36 -3.19 -0.46
C ARG A 816 16.43 -3.25 1.09
N ASN A 817 16.91 -4.37 1.64
CA ASN A 817 17.14 -4.46 3.07
C ASN A 817 18.21 -3.50 3.50
N ALA A 818 19.22 -3.36 2.65
CA ALA A 818 20.44 -2.64 2.96
C ALA A 818 20.32 -1.12 2.95
N VAL A 819 19.42 -0.59 2.11
CA VAL A 819 19.37 0.85 1.87
C VAL A 819 18.53 1.68 2.85
N ILE A 820 18.73 2.98 2.83
CA ILE A 820 17.97 3.86 3.70
C ILE A 820 16.62 4.07 3.06
N PRO A 821 15.66 4.64 3.80
CA PRO A 821 14.33 4.92 3.23
C PRO A 821 14.34 5.77 1.95
N ASP A 822 13.24 5.69 1.20
CA ASP A 822 12.97 6.65 0.15
C ASP A 822 12.81 7.99 0.85
N PRO A 823 13.25 9.09 0.22
CA PRO A 823 13.21 10.41 0.86
C PRO A 823 11.85 10.67 1.47
N ASP A 824 10.78 10.30 0.77
CA ASP A 824 9.42 10.58 1.25
C ASP A 824 9.02 9.76 2.48
N ASP A 825 9.66 8.61 2.68
CA ASP A 825 9.51 7.85 3.92
C ASP A 825 10.32 8.48 5.04
N ALA A 826 11.33 9.25 4.69
CA ALA A 826 12.14 9.92 5.69
C ALA A 826 11.69 11.36 5.96
N GLU A 827 10.48 11.71 5.51
CA GLU A 827 9.98 13.09 5.62
C GLU A 827 9.96 13.71 7.03
N ASP A 828 9.37 12.98 7.98
CA ASP A 828 9.25 13.45 9.36
C ASP A 828 10.07 12.60 10.34
N ASN A 829 10.78 11.62 9.83
CA ASN A 829 11.47 10.69 10.67
C ASN A 829 12.80 10.27 10.09
N LEU A 830 13.89 10.58 10.79
CA LEU A 830 15.22 10.21 10.36
C LEU A 830 15.67 8.88 10.89
N ASN A 831 14.86 8.24 11.75
CA ASN A 831 15.35 7.06 12.43
C ASN A 831 15.69 5.88 11.53
N GLY A 832 15.03 5.76 10.39
CA GLY A 832 15.27 4.65 9.50
C GLY A 832 16.57 4.76 8.75
N LEU A 833 17.24 5.90 8.84
CA LEU A 833 18.50 6.08 8.14
C LEU A 833 19.60 5.24 8.77
N THR A 834 19.50 5.00 10.07
CA THR A 834 20.57 4.30 10.75
C THR A 834 20.09 3.07 11.51
N GLU A 835 18.83 2.71 11.28
CA GLU A 835 18.22 1.56 11.97
C GLU A 835 18.76 0.26 11.42
N PHE A 836 19.17 -0.64 12.31
CA PHE A 836 19.49 -2.01 11.91
C PHE A 836 19.57 -2.93 13.13
N SER A 837 19.38 -4.24 12.92
CA SER A 837 19.38 -5.24 14.01
C SER A 837 19.83 -6.65 13.59
N PHE A 838 20.24 -7.43 14.59
CA PHE A 838 20.92 -8.75 14.46
C PHE A 838 22.38 -8.61 14.02
N HIS A 843 28.44 -6.99 12.30
CA HIS A 843 28.30 -7.07 10.84
C HIS A 843 28.39 -5.69 10.15
N VAL A 844 28.76 -5.68 8.86
CA VAL A 844 28.79 -4.43 8.09
C VAL A 844 28.09 -4.60 6.74
N LEU A 845 27.22 -3.65 6.36
CA LEU A 845 26.49 -3.75 5.09
C LEU A 845 27.41 -3.54 3.90
N ALA A 846 27.15 -4.23 2.80
CA ALA A 846 28.05 -4.23 1.66
C ALA A 846 27.55 -3.44 0.44
N THR A 847 28.50 -2.86 -0.27
CA THR A 847 28.22 -2.16 -1.49
C THR A 847 28.09 -3.12 -2.67
N ARG A 848 28.64 -4.32 -2.56
CA ARG A 848 28.55 -5.30 -3.64
C ARG A 848 28.03 -6.66 -3.15
N PHE A 849 27.36 -7.37 -4.05
CA PHE A 849 26.74 -8.66 -3.76
C PHE A 849 27.77 -9.79 -3.80
N GLY A 850 27.54 -10.85 -3.04
CA GLY A 850 28.48 -11.96 -3.00
C GLY A 850 29.22 -12.19 -1.68
N ALA A 851 29.90 -13.32 -1.60
CA ALA A 851 30.71 -13.68 -0.44
C ALA A 851 32.01 -12.89 -0.33
N GLY A 852 32.46 -12.29 -1.44
CA GLY A 852 33.57 -11.36 -1.39
C GLY A 852 34.94 -11.98 -1.54
N SER A 853 35.96 -11.30 -1.02
CA SER A 853 37.33 -11.77 -1.15
C SER A 853 38.14 -11.48 0.09
N VAL A 854 39.08 -12.36 0.37
CA VAL A 854 40.08 -12.10 1.41
C VAL A 854 41.44 -11.97 0.75
N ARG A 855 42.31 -11.20 1.37
CA ARG A 855 43.68 -11.08 0.89
C ARG A 855 44.59 -12.10 1.57
N VAL A 856 45.18 -12.99 0.79
CA VAL A 856 46.12 -13.96 1.35
C VAL A 856 47.58 -13.58 1.09
N LEU A 857 48.46 -14.16 1.89
CA LEU A 857 49.89 -13.97 1.73
C LEU A 857 50.61 -15.31 1.91
N CYS A 858 51.38 -15.70 0.92
CA CYS A 858 52.11 -16.96 0.97
C CYS A 858 53.47 -16.82 1.66
N TYR A 859 53.66 -17.62 2.70
CA TYR A 859 54.94 -17.71 3.39
C TYR A 859 55.54 -19.08 3.13
N TYR A 860 56.85 -19.17 3.27
CA TYR A 860 57.57 -20.40 2.90
C TYR A 860 58.22 -21.08 4.09
N VAL A 861 58.10 -22.41 4.13
CA VAL A 861 58.68 -23.23 5.19
C VAL A 861 59.65 -24.31 4.64
N ASP A 862 60.88 -24.30 5.13
CA ASP A 862 61.85 -25.34 4.76
C ASP A 862 61.66 -26.58 5.63
N THR A 863 62.58 -27.54 5.51
CA THR A 863 62.49 -28.78 6.27
C THR A 863 62.70 -28.52 7.76
N ALA A 864 63.50 -27.49 8.05
CA ALA A 864 63.92 -27.18 9.41
C ALA A 864 62.83 -27.20 10.51
N GLY A 865 61.73 -26.46 10.37
CA GLY A 865 61.41 -25.58 9.26
C GLY A 865 61.03 -24.20 9.74
N ASN A 866 61.43 -23.19 8.98
CA ASN A 866 61.24 -21.80 9.38
C ASN A 866 60.54 -20.98 8.31
N ARG A 867 60.03 -19.82 8.70
CA ARG A 867 59.15 -19.05 7.83
C ARG A 867 59.87 -18.01 6.96
N TRP A 868 59.65 -18.11 5.65
CA TRP A 868 60.29 -17.22 4.67
C TRP A 868 59.28 -16.57 3.71
N LEU A 869 59.72 -15.54 3.00
CA LEU A 869 58.85 -14.78 2.09
C LEU A 869 59.10 -15.08 0.61
N ASP A 870 60.11 -15.90 0.34
CA ASP A 870 60.47 -16.30 -1.02
C ASP A 870 60.82 -17.77 -1.03
N PRO A 871 60.63 -18.44 -2.18
CA PRO A 871 60.96 -19.88 -2.26
C PRO A 871 62.43 -20.15 -1.92
N GLU A 872 63.28 -19.15 -2.14
CA GLU A 872 64.72 -19.28 -1.91
C GLU A 872 65.11 -19.19 -0.43
N CYS A 873 64.12 -18.97 0.44
CA CYS A 873 64.34 -18.89 1.88
C CYS A 873 65.51 -17.98 2.28
N THR A 874 65.50 -16.76 1.74
CA THR A 874 66.53 -15.78 2.04
C THR A 874 65.93 -14.60 2.83
N VAL A 875 64.61 -14.43 2.73
CA VAL A 875 63.91 -13.31 3.38
C VAL A 875 63.02 -13.81 4.52
N GLU A 876 63.48 -13.58 5.74
CA GLU A 876 62.78 -14.02 6.92
C GLU A 876 61.39 -13.42 6.99
N PHE A 877 60.43 -14.27 7.31
CA PHE A 877 59.08 -13.84 7.61
C PHE A 877 59.15 -12.97 8.86
N PRO A 878 58.87 -11.67 8.70
CA PRO A 878 58.92 -10.71 9.80
C PRO A 878 57.86 -10.96 10.88
N GLU A 879 58.26 -11.48 12.04
CA GLU A 879 57.33 -11.57 13.17
C GLU A 879 56.99 -10.18 13.68
N GLN A 880 57.89 -9.23 13.39
CA GLN A 880 57.80 -7.88 13.91
C GLN A 880 57.97 -6.90 12.77
N GLY A 881 57.73 -5.63 13.05
CA GLY A 881 57.84 -4.60 12.04
C GLY A 881 58.99 -3.64 12.28
N THR A 882 59.72 -3.31 11.23
CA THR A 882 60.90 -2.46 11.33
C THR A 882 60.56 -1.00 11.54
N GLY A 883 59.83 -0.73 12.60
CA GLY A 883 59.64 0.63 13.06
C GLY A 883 59.98 0.56 14.52
N ARG A 884 60.25 1.71 15.13
CA ARG A 884 60.51 1.84 16.56
C ARG A 884 59.38 1.10 17.31
N GLU A 885 59.69 0.49 18.46
CA GLU A 885 58.72 -0.32 19.21
C GLU A 885 58.31 -1.59 18.47
N GLY A 886 59.03 -1.98 17.42
CA GLY A 886 58.67 -3.17 16.67
C GLY A 886 57.36 -3.05 15.88
N ARG A 887 56.88 -1.82 15.77
CA ARG A 887 55.62 -1.54 15.10
C ARG A 887 55.81 -1.40 13.60
N PHE A 888 54.73 -1.65 12.86
CA PHE A 888 54.78 -1.55 11.40
C PHE A 888 54.56 -0.13 10.93
N THR A 889 55.25 0.23 9.86
CA THR A 889 55.05 1.51 9.24
C THR A 889 54.14 1.33 8.05
N MET A 890 53.76 2.44 7.46
CA MET A 890 53.07 2.49 6.21
C MET A 890 53.90 1.77 5.14
N ALA A 891 55.11 2.28 4.90
CA ALA A 891 56.03 1.71 3.92
C ALA A 891 56.37 0.23 4.18
N ASP A 892 56.16 -0.22 5.42
CA ASP A 892 56.28 -1.63 5.74
C ASP A 892 55.09 -2.38 5.15
N CYS A 893 53.90 -1.89 5.47
CA CYS A 893 52.64 -2.46 4.98
C CYS A 893 52.56 -2.46 3.44
N ARG A 894 53.23 -1.49 2.81
CA ARG A 894 53.25 -1.45 1.34
C ARG A 894 54.01 -2.64 0.77
N ASP A 895 55.07 -3.04 1.46
CA ASP A 895 55.90 -4.12 0.96
C ASP A 895 55.23 -5.46 1.13
N LEU A 896 54.41 -5.57 2.17
CA LEU A 896 53.72 -6.83 2.43
C LEU A 896 52.51 -6.98 1.54
N VAL A 897 51.75 -5.91 1.41
CA VAL A 897 50.53 -5.92 0.62
C VAL A 897 50.87 -6.13 -0.86
N ALA A 898 52.05 -5.69 -1.28
CA ALA A 898 52.44 -5.76 -2.67
C ALA A 898 52.56 -7.18 -3.20
N ARG A 899 52.56 -8.16 -2.30
CA ARG A 899 52.63 -9.54 -2.73
C ARG A 899 51.41 -10.32 -2.26
N THR A 900 50.36 -9.61 -1.87
CA THR A 900 49.14 -10.26 -1.43
C THR A 900 48.36 -10.70 -2.65
N ILE A 901 47.52 -11.71 -2.48
CA ILE A 901 46.68 -12.19 -3.57
C ILE A 901 45.22 -12.21 -3.16
N PRO A 902 44.36 -11.63 -3.99
CA PRO A 902 42.92 -11.74 -3.73
C PRO A 902 42.43 -13.16 -3.97
N VAL A 903 41.71 -13.74 -3.02
CA VAL A 903 41.13 -15.06 -3.21
C VAL A 903 39.65 -15.08 -2.81
N ARG A 904 38.80 -15.65 -3.66
CA ARG A 904 37.36 -15.66 -3.40
C ARG A 904 36.91 -16.55 -2.26
N MET A 905 36.11 -15.97 -1.39
CA MET A 905 35.61 -16.61 -0.18
C MET A 905 34.83 -17.89 -0.46
N GLY A 906 35.06 -18.89 0.38
CA GLY A 906 34.43 -20.19 0.23
C GLY A 906 34.63 -21.00 1.49
N PRO A 907 34.26 -22.29 1.44
CA PRO A 907 34.38 -23.23 2.55
C PRO A 907 35.78 -23.29 3.15
N TRP A 908 36.78 -23.01 2.33
CA TRP A 908 38.18 -23.10 2.76
C TRP A 908 38.49 -22.18 3.93
N ALA A 909 37.72 -21.10 4.05
CA ALA A 909 37.89 -20.15 5.13
C ALA A 909 37.32 -20.65 6.45
N SER A 910 36.38 -21.61 6.39
CA SER A 910 35.79 -22.18 7.60
C SER A 910 36.61 -23.36 8.11
N GLN A 911 37.79 -23.54 7.52
CA GLN A 911 38.66 -24.64 7.88
C GLN A 911 40.08 -24.15 8.06
N LEU A 912 40.22 -22.90 8.50
CA LEU A 912 41.55 -22.37 8.76
C LEU A 912 42.00 -22.73 10.16
N THR A 913 43.30 -22.57 10.40
CA THR A 913 43.90 -22.91 11.69
C THR A 913 44.85 -21.80 12.13
N GLU A 914 45.52 -22.03 13.26
CA GLU A 914 46.34 -21.01 13.91
C GLU A 914 47.49 -20.52 13.03
N ASP A 915 47.92 -21.37 12.11
CA ASP A 915 49.04 -21.09 11.25
C ASP A 915 48.54 -20.53 9.92
N ASN A 916 47.28 -20.13 9.91
CA ASN A 916 46.75 -19.43 8.77
C ASN A 916 46.52 -18.00 9.16
N HIS A 917 46.72 -17.73 10.45
CA HIS A 917 46.48 -16.40 11.00
C HIS A 917 47.79 -15.66 11.21
N PRO A 918 47.77 -14.33 11.04
CA PRO A 918 48.96 -13.51 11.25
C PRO A 918 49.35 -13.44 12.72
N PRO A 919 50.66 -13.36 12.99
CA PRO A 919 51.28 -13.24 14.32
C PRO A 919 50.69 -12.12 15.16
N GLU A 920 50.97 -12.10 16.46
CA GLU A 920 50.37 -11.12 17.37
C GLU A 920 50.66 -9.68 16.95
N ALA A 921 51.87 -9.44 16.46
CA ALA A 921 52.29 -8.10 16.10
C ALA A 921 51.50 -7.51 14.92
N TRP A 922 50.95 -8.37 14.07
CA TRP A 922 50.27 -7.91 12.88
C TRP A 922 48.90 -7.33 13.17
N ARG A 923 48.23 -7.87 14.20
CA ARG A 923 46.86 -7.47 14.53
C ARG A 923 46.73 -5.97 14.83
N GLU A 924 47.83 -5.36 15.25
CA GLU A 924 47.86 -3.93 15.53
C GLU A 924 47.76 -3.07 14.27
N SER A 925 47.84 -3.70 13.10
CA SER A 925 47.84 -2.98 11.83
C SER A 925 46.59 -3.26 10.99
N PHE A 926 45.81 -2.20 10.79
CA PHE A 926 44.61 -2.18 9.94
C PHE A 926 44.78 -3.03 8.69
N TYR A 927 45.91 -2.85 8.02
CA TYR A 927 46.16 -3.47 6.73
C TYR A 927 46.59 -4.92 6.77
N LEU A 928 47.14 -5.35 7.90
CA LEU A 928 47.70 -6.70 8.01
C LEU A 928 46.86 -7.60 8.92
N ARG A 929 46.14 -6.99 9.86
CA ARG A 929 45.29 -7.73 10.77
C ARG A 929 44.39 -8.77 10.10
N ASP A 930 43.87 -8.43 8.92
CA ASP A 930 42.87 -9.30 8.29
C ASP A 930 43.46 -10.24 7.24
N LEU A 931 44.79 -10.29 7.15
CA LEU A 931 45.42 -11.17 6.17
C LEU A 931 45.34 -12.62 6.57
N VAL A 932 45.31 -13.48 5.57
CA VAL A 932 45.31 -14.91 5.77
C VAL A 932 46.67 -15.44 5.32
N LEU A 933 47.29 -16.28 6.12
CA LEU A 933 48.61 -16.81 5.80
C LEU A 933 48.53 -18.19 5.15
N ILE A 934 49.17 -18.34 4.00
CA ILE A 934 49.14 -19.59 3.26
C ILE A 934 50.54 -20.20 3.23
N PRO A 935 50.74 -21.28 4.00
CA PRO A 935 52.07 -21.91 4.04
C PRO A 935 52.43 -22.57 2.72
N GLN A 936 53.72 -22.63 2.43
CA GLN A 936 54.21 -23.33 1.25
C GLN A 936 55.47 -24.13 1.60
N ARG A 937 55.34 -25.45 1.54
CA ARG A 937 56.45 -26.35 1.92
C ARG A 937 57.47 -26.46 0.78
N VAL A 938 58.71 -26.09 1.06
CA VAL A 938 59.79 -26.25 0.09
C VAL A 938 60.83 -27.27 0.56
N THR A 939 61.14 -28.22 -0.32
CA THR A 939 62.04 -29.33 0.00
C THR A 939 63.46 -28.84 0.10
N ASP A 940 64.30 -29.65 0.73
CA ASP A 940 65.71 -29.31 0.90
C ASP A 940 66.48 -29.38 -0.41
N GLU A 941 65.82 -29.82 -1.48
CA GLU A 941 66.38 -29.73 -2.82
C GLU A 941 66.10 -28.37 -3.47
N GLY A 942 65.03 -27.72 -3.02
CA GLY A 942 64.67 -26.39 -3.51
C GLY A 942 63.32 -26.31 -4.20
N ALA A 943 62.66 -27.46 -4.37
CA ALA A 943 61.35 -27.53 -5.01
C ALA A 943 60.22 -27.15 -4.06
N VAL A 944 59.26 -26.36 -4.55
CA VAL A 944 58.11 -25.95 -3.76
C VAL A 944 56.98 -26.96 -3.91
N LEU A 945 56.45 -27.41 -2.77
CA LEU A 945 55.40 -28.42 -2.76
C LEU A 945 54.03 -27.79 -2.58
N PRO A 946 53.00 -28.40 -3.19
CA PRO A 946 51.61 -28.06 -2.88
C PRO A 946 51.31 -28.33 -1.39
N THR A 947 50.69 -27.36 -0.71
CA THR A 947 50.48 -27.44 0.74
C THR A 947 49.00 -27.28 1.16
N GLU A 948 48.56 -28.12 2.10
CA GLU A 948 47.16 -28.12 2.53
C GLU A 948 46.86 -26.97 3.48
N THR A 949 45.80 -26.23 3.17
CA THR A 949 45.27 -25.21 4.07
C THR A 949 43.77 -25.07 3.83
N GLY A 950 42.99 -25.28 4.89
CA GLY A 950 41.56 -25.12 4.79
C GLY A 950 40.85 -26.27 4.11
N GLY A 951 41.56 -27.36 3.88
CA GLY A 951 40.93 -28.53 3.31
C GLY A 951 41.22 -28.71 1.84
N ARG A 952 42.17 -27.93 1.33
CA ARG A 952 42.63 -28.12 -0.04
C ARG A 952 44.10 -27.74 -0.18
N GLU A 953 44.70 -28.08 -1.31
CA GLU A 953 46.12 -27.85 -1.56
C GLU A 953 46.39 -26.63 -2.42
N TRP A 954 47.37 -25.83 -2.03
CA TRP A 954 47.69 -24.61 -2.74
C TRP A 954 49.12 -24.62 -3.25
N LEU A 955 49.36 -23.92 -4.35
CA LEU A 955 50.71 -23.79 -4.86
C LEU A 955 50.78 -22.50 -5.64
N LEU A 956 51.67 -21.61 -5.23
CA LEU A 956 51.82 -20.35 -5.93
C LEU A 956 52.87 -20.51 -7.02
N ASP A 957 52.43 -20.99 -8.18
CA ASP A 957 53.31 -21.11 -9.33
C ASP A 957 53.64 -19.73 -9.86
N PRO A 958 54.91 -19.49 -10.23
CA PRO A 958 55.33 -18.13 -10.61
C PRO A 958 54.83 -17.73 -11.98
N CYS A 959 54.71 -18.69 -12.90
CA CYS A 959 54.19 -18.39 -14.22
C CYS A 959 52.66 -18.43 -14.28
N LYS A 960 52.06 -19.32 -13.50
CA LYS A 960 50.62 -19.54 -13.59
C LYS A 960 49.79 -18.93 -12.46
N GLY A 961 50.45 -18.25 -11.52
CA GLY A 961 49.76 -17.71 -10.37
C GLY A 961 49.30 -18.78 -9.39
N LEU A 962 48.65 -18.35 -8.31
CA LEU A 962 48.19 -19.25 -7.26
C LEU A 962 47.24 -20.33 -7.80
N ILE A 963 47.45 -21.58 -7.38
CA ILE A 963 46.64 -22.70 -7.84
C ILE A 963 46.10 -23.51 -6.67
N PHE A 964 44.81 -23.86 -6.74
CA PHE A 964 44.16 -24.66 -5.68
C PHE A 964 43.00 -25.54 -6.17
N PRO C 34 10.50 -35.51 -3.82
CA PRO C 34 11.82 -36.12 -4.09
C PRO C 34 12.37 -36.90 -2.89
N PRO C 35 13.22 -37.90 -3.13
CA PRO C 35 13.82 -38.60 -2.00
C PRO C 35 14.83 -37.66 -1.33
N LEU C 36 14.67 -37.44 -0.03
CA LEU C 36 15.54 -36.47 0.64
C LEU C 36 16.90 -37.02 0.97
N ASP C 37 17.89 -36.13 0.88
CA ASP C 37 19.30 -36.46 1.01
C ASP C 37 19.76 -36.19 2.43
N LEU C 38 20.29 -37.20 3.11
CA LEU C 38 20.75 -37.08 4.49
C LEU C 38 22.15 -36.45 4.55
N ARG C 39 22.56 -35.82 3.46
CA ARG C 39 23.87 -35.19 3.47
C ARG C 39 23.78 -33.88 4.23
N PHE C 40 22.58 -33.30 4.27
CA PHE C 40 22.40 -32.03 4.96
C PHE C 40 22.32 -32.22 6.47
N TRP C 41 23.24 -31.56 7.16
CA TRP C 41 23.41 -31.75 8.58
C TRP C 41 22.79 -30.63 9.43
N ALA C 42 22.75 -30.85 10.74
CA ALA C 42 22.21 -29.89 11.68
C ALA C 42 23.19 -29.72 12.82
N LYS C 43 24.02 -30.72 13.06
CA LYS C 43 24.99 -30.70 14.13
C LYS C 43 26.31 -31.26 13.70
N GLU C 44 27.40 -30.68 14.15
CA GLU C 44 28.71 -31.25 13.95
C GLU C 44 29.67 -31.03 15.07
N ARG C 45 29.53 -29.93 15.77
CA ARG C 45 30.47 -29.56 16.79
C ARG C 45 30.36 -30.62 17.81
N GLY C 46 31.47 -31.14 18.33
CA GLY C 46 31.47 -32.01 19.50
C GLY C 46 31.02 -33.45 19.29
N LEU C 47 31.23 -33.98 18.09
CA LEU C 47 30.78 -35.32 17.75
C LEU C 47 31.92 -36.07 17.11
N ARG C 48 33.14 -35.60 17.35
CA ARG C 48 34.35 -36.30 16.97
C ARG C 48 34.43 -36.59 15.48
N GLY C 49 33.99 -35.66 14.65
CA GLY C 49 34.15 -35.80 13.22
C GLY C 49 32.97 -36.43 12.49
N LYS C 50 31.91 -36.74 13.23
CA LYS C 50 30.68 -37.26 12.62
C LYS C 50 29.74 -36.08 12.40
N THR C 51 28.61 -36.31 11.73
CA THR C 51 27.61 -35.26 11.54
C THR C 51 26.18 -35.80 11.64
N TYR C 52 25.38 -35.15 12.47
CA TYR C 52 23.98 -35.52 12.69
C TYR C 52 23.06 -34.84 11.68
N PRO C 53 22.48 -35.63 10.78
CA PRO C 53 21.62 -35.16 9.68
C PRO C 53 20.50 -34.23 10.12
N LEU C 54 20.27 -33.16 9.34
CA LEU C 54 19.23 -32.18 9.65
C LEU C 54 17.81 -32.77 9.86
N VAL C 55 17.55 -33.89 9.20
CA VAL C 55 16.26 -34.58 9.31
C VAL C 55 16.08 -35.19 10.68
N CYS C 56 17.16 -35.82 11.17
CA CYS C 56 17.11 -36.52 12.43
C CYS C 56 16.91 -35.50 13.55
N HIS C 57 17.73 -34.45 13.57
CA HIS C 57 17.53 -33.34 14.51
C HIS C 57 16.10 -32.76 14.48
N SER C 58 15.54 -32.56 13.30
CA SER C 58 14.19 -32.00 13.17
C SER C 58 13.12 -32.94 13.73
N LEU C 59 13.23 -34.22 13.36
CA LEU C 59 12.37 -35.25 13.93
C LEU C 59 12.48 -35.33 15.46
N ASP C 60 13.72 -35.30 15.98
CA ASP C 60 13.94 -35.30 17.43
C ASP C 60 13.18 -34.18 18.13
N ALA C 61 13.31 -32.98 17.59
CA ALA C 61 12.69 -31.82 18.20
C ALA C 61 11.18 -31.99 18.19
N ALA C 62 10.68 -32.55 17.09
CA ALA C 62 9.26 -32.79 16.92
C ALA C 62 8.80 -33.82 17.95
N ALA C 63 9.64 -34.85 18.11
CA ALA C 63 9.43 -35.89 19.11
C ALA C 63 9.32 -35.28 20.49
N ALA C 64 10.39 -34.58 20.89
CA ALA C 64 10.47 -33.95 22.21
C ALA C 64 9.30 -33.03 22.50
N ALA C 65 8.90 -32.25 21.50
CA ALA C 65 7.83 -31.28 21.68
C ALA C 65 6.56 -32.01 22.07
N LEU C 66 6.31 -33.12 21.37
CA LEU C 66 5.11 -33.90 21.58
C LEU C 66 5.07 -34.49 23.00
N VAL C 67 6.16 -35.14 23.40
CA VAL C 67 6.27 -35.67 24.75
C VAL C 67 6.13 -34.58 25.82
N LEU C 68 6.91 -33.51 25.68
CA LEU C 68 6.73 -32.31 26.48
C LEU C 68 5.24 -31.99 26.71
N TRP C 69 4.51 -31.83 25.60
CA TRP C 69 3.08 -31.55 25.62
C TRP C 69 2.26 -32.58 26.45
N ASN C 70 2.43 -33.85 26.14
CA ASN C 70 1.69 -34.92 26.85
C ASN C 70 2.13 -35.18 28.29
N GLU C 71 3.43 -35.13 28.56
CA GLU C 71 3.96 -35.51 29.86
C GLU C 71 4.46 -34.38 30.77
N TYR C 72 4.81 -33.23 30.20
CA TYR C 72 5.38 -32.14 30.99
C TYR C 72 4.44 -30.94 31.24
N LEU C 73 3.67 -30.53 30.24
CA LEU C 73 2.87 -29.32 30.42
C LEU C 73 1.75 -29.51 31.45
N SER C 74 1.61 -28.55 32.35
CA SER C 74 0.42 -28.46 33.20
C SER C 74 -0.86 -28.66 32.39
N PRO C 75 -1.74 -29.56 32.82
CA PRO C 75 -3.01 -29.83 32.13
C PRO C 75 -3.78 -28.56 31.83
N GLY C 76 -3.77 -27.62 32.77
CA GLY C 76 -4.43 -26.35 32.55
C GLY C 76 -3.81 -25.58 31.40
N LEU C 77 -2.50 -25.76 31.23
CA LEU C 77 -1.79 -25.08 30.16
C LEU C 77 -2.22 -25.64 28.79
N ARG C 78 -2.06 -26.95 28.58
CA ARG C 78 -2.59 -27.63 27.40
C ARG C 78 -3.95 -27.07 27.01
N ASP C 79 -4.82 -26.91 28.00
CA ASP C 79 -6.15 -26.36 27.79
C ASP C 79 -6.06 -24.97 27.21
N THR C 80 -5.34 -24.07 27.90
CA THR C 80 -5.23 -22.67 27.49
C THR C 80 -4.75 -22.52 26.05
N ILE C 81 -3.70 -23.26 25.69
CA ILE C 81 -3.13 -23.17 24.36
C ILE C 81 -4.13 -23.61 23.30
N ALA C 82 -4.71 -24.79 23.51
CA ALA C 82 -5.63 -25.38 22.53
C ALA C 82 -6.91 -24.54 22.40
N SER C 83 -7.35 -23.94 23.50
CA SER C 83 -8.46 -23.01 23.43
C SER C 83 -8.18 -21.80 22.51
N SER C 84 -6.96 -21.29 22.58
CA SER C 84 -6.57 -20.15 21.78
C SER C 84 -6.45 -20.54 20.31
N MET C 85 -6.06 -21.77 20.06
CA MET C 85 -6.03 -22.28 18.69
C MET C 85 -7.42 -22.71 18.24
N GLU C 86 -8.37 -22.65 19.18
CA GLU C 86 -9.74 -23.07 18.94
C GLU C 86 -9.76 -24.46 18.33
N THR C 87 -9.26 -25.43 19.09
CA THR C 87 -9.16 -26.81 18.64
C THR C 87 -9.01 -27.71 19.87
N ASP C 88 -8.73 -28.99 19.64
CA ASP C 88 -8.52 -29.95 20.72
C ASP C 88 -7.04 -30.26 20.90
N GLU C 89 -6.71 -30.67 22.13
CA GLU C 89 -5.35 -30.98 22.53
C GLU C 89 -4.61 -32.01 21.70
N GLU C 90 -5.29 -33.07 21.25
CA GLU C 90 -4.59 -34.06 20.42
C GLU C 90 -4.10 -33.39 19.14
N HIS C 91 -4.95 -32.51 18.60
CA HIS C 91 -4.62 -31.75 17.42
C HIS C 91 -3.54 -30.75 17.77
N ALA C 92 -3.86 -29.86 18.73
CA ALA C 92 -2.91 -28.88 19.27
C ALA C 92 -1.50 -29.46 19.42
N GLY C 93 -1.36 -30.51 20.21
CA GLY C 93 -0.10 -31.20 20.35
C GLY C 93 0.58 -31.63 19.06
N HIS C 94 -0.19 -31.97 18.04
CA HIS C 94 0.44 -32.40 16.80
C HIS C 94 0.89 -31.23 15.94
N CYS C 95 0.08 -30.15 15.96
CA CYS C 95 0.46 -28.90 15.32
C CYS C 95 1.80 -28.45 15.90
N ILE C 96 1.83 -28.39 17.23
CA ILE C 96 3.03 -28.00 17.95
C ILE C 96 4.22 -28.91 17.66
N ALA C 97 4.00 -30.22 17.66
CA ALA C 97 5.09 -31.13 17.32
C ALA C 97 5.55 -30.92 15.88
N PHE C 98 4.62 -30.57 14.99
CA PHE C 98 4.94 -30.28 13.60
C PHE C 98 5.78 -29.00 13.50
N TRP C 99 5.38 -27.99 14.28
CA TRP C 99 6.06 -26.72 14.28
C TRP C 99 7.48 -26.86 14.78
N ALA C 100 7.59 -27.42 15.98
CA ALA C 100 8.88 -27.67 16.62
C ALA C 100 9.87 -28.40 15.71
N GLY C 101 9.38 -29.29 14.86
CA GLY C 101 10.24 -30.03 13.97
C GLY C 101 10.69 -29.23 12.75
N LEU C 102 10.08 -28.06 12.57
CA LEU C 102 10.45 -27.14 11.48
C LEU C 102 11.46 -26.06 11.90
N HIS C 103 11.75 -25.99 13.21
CA HIS C 103 12.57 -24.95 13.82
C HIS C 103 13.91 -24.64 13.13
N ASP C 104 14.62 -25.66 12.65
CA ASP C 104 15.92 -25.41 12.02
C ASP C 104 15.85 -25.65 10.52
N ILE C 105 14.69 -25.46 9.93
CA ILE C 105 14.61 -25.67 8.50
C ILE C 105 15.50 -24.63 7.78
N GLY C 106 15.63 -23.46 8.39
CA GLY C 106 16.57 -22.45 7.93
C GLY C 106 18.02 -22.89 7.74
N LYS C 107 18.38 -24.09 8.21
CA LYS C 107 19.75 -24.59 8.03
C LYS C 107 19.97 -25.19 6.64
N LEU C 108 18.91 -25.44 5.91
CA LEU C 108 19.02 -26.06 4.60
C LEU C 108 19.37 -25.04 3.52
N THR C 109 20.46 -24.32 3.74
CA THR C 109 20.85 -23.22 2.88
C THR C 109 22.34 -23.37 2.64
N ARG C 110 22.82 -22.85 1.50
CA ARG C 110 24.24 -22.95 1.17
C ARG C 110 25.13 -22.31 2.26
N GLU C 111 24.69 -21.16 2.77
CA GLU C 111 25.41 -20.41 3.80
C GLU C 111 25.68 -21.25 5.07
N PHE C 112 24.63 -21.80 5.66
CA PHE C 112 24.80 -22.72 6.78
C PHE C 112 25.61 -23.97 6.45
N GLN C 113 25.18 -24.71 5.43
CA GLN C 113 25.76 -26.01 5.11
C GLN C 113 27.25 -26.00 4.74
N GLN C 114 27.75 -24.88 4.25
CA GLN C 114 29.14 -24.81 3.84
C GLN C 114 30.10 -24.45 4.98
N GLN C 115 29.58 -24.39 6.20
CA GLN C 115 30.42 -24.15 7.36
C GLN C 115 31.42 -25.30 7.53
N ILE C 116 31.04 -26.50 7.09
CA ILE C 116 31.96 -27.65 7.12
C ILE C 116 32.21 -28.22 5.72
N ALA C 117 32.98 -29.29 5.68
CA ALA C 117 33.26 -29.98 4.43
C ALA C 117 32.04 -30.77 3.95
N ILE C 118 31.52 -30.41 2.78
CA ILE C 118 30.38 -31.10 2.19
C ILE C 118 30.43 -31.01 0.66
N ASP C 119 30.06 -32.10 0.00
CA ASP C 119 30.07 -32.19 -1.45
C ASP C 119 28.67 -31.88 -1.98
N LEU C 120 28.51 -30.67 -2.53
CA LEU C 120 27.20 -30.15 -2.95
C LEU C 120 27.09 -30.10 -4.46
N SER C 121 27.92 -30.89 -5.13
CA SER C 121 28.03 -30.85 -6.57
C SER C 121 26.72 -31.14 -7.31
N ALA C 122 25.77 -31.74 -6.62
CA ALA C 122 24.48 -32.03 -7.24
C ALA C 122 23.44 -31.00 -6.84
N TYR C 123 23.90 -29.82 -6.47
CA TYR C 123 22.99 -28.76 -6.00
C TYR C 123 23.44 -27.36 -6.44
N PRO C 124 23.48 -27.13 -7.75
CA PRO C 124 23.99 -25.85 -8.25
C PRO C 124 22.94 -24.76 -8.08
N GLY C 125 23.37 -23.50 -7.99
CA GLY C 125 22.45 -22.43 -7.68
C GLY C 125 22.63 -21.94 -6.26
N GLU C 126 21.83 -20.94 -5.87
CA GLU C 126 21.93 -20.28 -4.55
C GLU C 126 23.33 -19.98 -4.09
N GLU C 127 24.08 -19.23 -4.88
CA GLU C 127 25.40 -18.77 -4.48
C GLU C 127 25.35 -17.90 -3.26
N LEU C 128 26.39 -17.98 -2.43
CA LEU C 128 26.53 -17.14 -1.24
C LEU C 128 26.23 -15.67 -1.55
N SER C 129 25.33 -15.07 -0.77
CA SER C 129 24.99 -13.68 -1.00
C SER C 129 25.94 -12.70 -0.30
N GLY C 130 26.49 -13.13 0.82
CA GLY C 130 27.28 -12.26 1.65
C GLY C 130 26.55 -11.76 2.87
N GLU C 131 25.23 -11.95 2.88
CA GLU C 131 24.37 -11.47 3.96
C GLU C 131 24.74 -12.01 5.34
N GLN C 132 25.29 -13.23 5.39
CA GLN C 132 25.57 -13.90 6.67
C GLN C 132 24.34 -13.97 7.55
N ARG C 133 23.27 -14.57 7.02
CA ARG C 133 21.97 -14.61 7.69
C ARG C 133 21.91 -15.83 8.60
N SER C 134 21.22 -15.70 9.72
CA SER C 134 21.20 -16.78 10.69
C SER C 134 20.11 -17.73 10.29
N HIS C 135 20.26 -19.00 10.64
CA HIS C 135 19.26 -19.98 10.25
C HIS C 135 17.89 -19.71 10.88
N ALA C 136 17.85 -19.11 12.06
CA ALA C 136 16.54 -18.89 12.67
C ALA C 136 15.81 -17.84 11.87
N ALA C 137 16.55 -16.83 11.42
CA ALA C 137 15.98 -15.81 10.54
C ALA C 137 15.48 -16.40 9.23
N ALA C 138 16.28 -17.27 8.62
CA ALA C 138 15.89 -17.93 7.38
C ALA C 138 14.65 -18.80 7.58
N THR C 139 14.59 -19.52 8.70
CA THR C 139 13.38 -20.26 8.99
C THR C 139 12.18 -19.32 8.90
N GLY C 140 12.24 -18.21 9.61
CA GLY C 140 11.15 -17.27 9.60
C GLY C 140 10.81 -16.67 8.24
N LYS C 141 11.74 -16.76 7.30
CA LYS C 141 11.56 -16.17 5.98
C LYS C 141 11.18 -17.21 4.94
N TRP C 142 11.53 -18.47 5.16
CA TRP C 142 11.13 -19.51 4.22
C TRP C 142 9.75 -20.04 4.56
N LEU C 143 9.47 -20.13 5.85
CA LEU C 143 8.23 -20.73 6.31
C LEU C 143 6.92 -20.07 5.87
N PRO C 144 6.88 -18.73 5.69
CA PRO C 144 5.54 -18.18 5.47
C PRO C 144 5.07 -18.31 4.02
N PHE C 145 5.93 -18.87 3.18
CA PHE C 145 5.61 -19.02 1.76
C PHE C 145 5.63 -20.49 1.40
N ALA C 146 5.93 -21.34 2.38
CA ALA C 146 5.87 -22.79 2.17
C ALA C 146 4.71 -23.46 2.92
N LEU C 147 4.41 -22.96 4.11
CA LEU C 147 3.26 -23.45 4.85
C LEU C 147 1.96 -23.48 4.04
N PRO C 148 1.75 -22.50 3.14
CA PRO C 148 0.49 -22.58 2.38
C PRO C 148 0.34 -23.80 1.48
N SER C 149 1.45 -24.28 0.94
CA SER C 149 1.41 -25.51 0.16
C SER C 149 0.93 -26.73 0.96
N LEU C 150 0.70 -26.55 2.28
CA LEU C 150 0.25 -27.63 3.15
C LEU C 150 -1.18 -27.42 3.61
N GLY C 151 -1.66 -26.18 3.49
CA GLY C 151 -3.01 -25.89 3.88
C GLY C 151 -3.08 -24.62 4.68
N TYR C 152 -1.95 -23.96 4.83
CA TYR C 152 -1.92 -22.78 5.68
C TYR C 152 -2.34 -21.55 4.91
N PRO C 153 -3.24 -20.74 5.51
CA PRO C 153 -3.68 -19.51 4.85
C PRO C 153 -2.51 -18.63 4.52
N ASN C 154 -2.13 -18.62 3.24
CA ASN C 154 -1.21 -17.62 2.70
C ASN C 154 -1.59 -16.21 3.13
N GLY C 155 -0.67 -15.54 3.82
CA GLY C 155 -0.90 -14.19 4.31
C GLY C 155 -1.65 -14.15 5.61
N GLY C 156 -2.18 -15.29 6.03
CA GLY C 156 -3.03 -15.30 7.21
C GLY C 156 -2.33 -15.12 8.54
N LEU C 157 -3.04 -14.53 9.51
CA LEU C 157 -2.53 -14.33 10.86
C LEU C 157 -1.81 -15.56 11.45
N VAL C 158 -2.39 -16.74 11.28
CA VAL C 158 -1.80 -17.95 11.84
C VAL C 158 -0.47 -18.30 11.20
N THR C 159 -0.35 -18.15 9.88
CA THR C 159 0.90 -18.51 9.22
C THR C 159 1.97 -17.47 9.52
N GLY C 160 1.55 -16.26 9.82
CA GLY C 160 2.49 -15.21 10.14
C GLY C 160 3.16 -15.47 11.48
N LEU C 161 2.34 -15.84 12.46
CA LEU C 161 2.82 -16.11 13.82
C LEU C 161 3.65 -17.37 13.90
N VAL C 162 3.21 -18.42 13.21
CA VAL C 162 3.92 -19.68 13.31
C VAL C 162 5.35 -19.53 12.80
N ALA C 163 5.53 -18.90 11.64
CA ALA C 163 6.88 -18.66 11.14
C ALA C 163 7.66 -17.68 12.02
N GLN C 164 6.99 -16.69 12.62
CA GLN C 164 7.69 -15.70 13.43
C GLN C 164 8.20 -16.35 14.71
N MET C 165 7.27 -16.94 15.46
CA MET C 165 7.56 -17.73 16.64
C MET C 165 8.70 -18.68 16.35
N LEU C 166 8.61 -19.47 15.29
CA LEU C 166 9.68 -20.42 14.98
C LEU C 166 11.00 -19.73 14.63
N GLY C 167 10.94 -18.60 13.95
CA GLY C 167 12.14 -17.87 13.59
C GLY C 167 12.79 -17.29 14.83
N GLY C 168 12.05 -17.27 15.93
CA GLY C 168 12.55 -16.77 17.21
C GLY C 168 13.04 -17.89 18.13
N HIS C 169 13.45 -19.00 17.55
CA HIS C 169 13.84 -20.14 18.37
C HIS C 169 15.23 -20.05 19.03
N HIS C 170 15.96 -18.95 18.83
CA HIS C 170 17.16 -18.70 19.64
C HIS C 170 17.07 -17.45 20.53
N GLY C 171 15.84 -17.09 20.89
CA GLY C 171 15.65 -16.07 21.89
C GLY C 171 15.38 -14.69 21.34
N THR C 172 15.44 -14.56 20.02
CA THR C 172 15.23 -13.29 19.36
C THR C 172 14.21 -13.41 18.23
N PHE C 173 13.07 -12.75 18.39
CA PHE C 173 12.09 -12.64 17.32
C PHE C 173 12.57 -11.67 16.24
N HIS C 174 12.04 -11.82 15.03
CA HIS C 174 12.40 -10.93 13.92
C HIS C 174 11.13 -10.32 13.33
N PRO C 175 11.25 -9.24 12.56
CA PRO C 175 10.04 -8.69 11.99
C PRO C 175 9.44 -9.61 10.93
N HIS C 176 8.13 -9.58 10.82
CA HIS C 176 7.49 -10.22 9.69
C HIS C 176 8.21 -9.78 8.42
N PRO C 177 8.49 -10.74 7.53
CA PRO C 177 9.14 -10.50 6.24
C PRO C 177 8.38 -9.45 5.47
N SER C 178 9.08 -8.64 4.70
CA SER C 178 8.42 -7.67 3.84
C SER C 178 9.06 -7.80 2.46
N PHE C 179 8.28 -7.62 1.41
CA PHE C 179 8.75 -7.99 0.08
C PHE C 179 7.90 -7.30 -0.99
N GLN C 180 8.50 -6.91 -2.10
CA GLN C 180 7.73 -6.22 -3.12
C GLN C 180 7.39 -6.96 -4.36
N SER C 181 7.94 -8.13 -4.55
CA SER C 181 7.66 -8.91 -5.73
C SER C 181 6.50 -9.83 -5.53
N ARG C 182 6.34 -10.72 -6.48
CA ARG C 182 5.35 -11.73 -6.38
C ARG C 182 5.95 -13.06 -6.10
N ASN C 183 7.25 -13.08 -5.89
CA ASN C 183 7.98 -14.29 -5.68
C ASN C 183 8.88 -14.12 -4.49
N PRO C 184 8.26 -14.08 -3.33
CA PRO C 184 8.97 -13.77 -2.08
C PRO C 184 10.07 -14.80 -1.80
N LEU C 185 9.82 -16.06 -2.14
CA LEU C 185 10.82 -17.10 -2.01
C LEU C 185 12.14 -16.73 -2.65
N ALA C 186 12.07 -16.17 -3.87
CA ALA C 186 13.27 -15.72 -4.58
C ALA C 186 13.82 -14.39 -4.02
N GLU C 187 12.92 -13.51 -3.65
CA GLU C 187 13.33 -12.24 -3.09
C GLU C 187 14.20 -12.42 -1.84
N PHE C 188 14.01 -13.56 -1.16
CA PHE C 188 14.69 -13.84 0.10
C PHE C 188 15.84 -14.84 -0.02
N GLY C 189 16.19 -15.23 -1.24
CA GLY C 189 17.40 -15.98 -1.48
C GLY C 189 17.17 -17.43 -1.83
N PHE C 190 15.92 -17.87 -1.71
CA PHE C 190 15.58 -19.27 -1.97
C PHE C 190 15.18 -19.43 -3.43
N SER C 191 16.17 -19.67 -4.29
CA SER C 191 16.02 -19.49 -5.72
C SER C 191 16.48 -20.68 -6.57
N SER C 192 17.17 -21.65 -5.96
CA SER C 192 17.54 -22.86 -6.67
C SER C 192 16.44 -23.89 -6.54
N PRO C 193 16.10 -24.55 -7.65
CA PRO C 193 15.01 -25.52 -7.62
C PRO C 193 15.44 -26.74 -6.85
N HIS C 194 16.72 -27.06 -6.92
CA HIS C 194 17.28 -28.22 -6.24
C HIS C 194 17.24 -28.07 -4.71
N TRP C 195 17.79 -26.96 -4.22
CA TRP C 195 17.78 -26.64 -2.80
C TRP C 195 16.35 -26.60 -2.31
N GLU C 196 15.47 -26.09 -3.16
CA GLU C 196 14.10 -25.88 -2.79
C GLU C 196 13.32 -27.18 -2.73
N LYS C 197 13.77 -28.16 -3.51
CA LYS C 197 13.12 -29.46 -3.50
C LYS C 197 13.41 -30.11 -2.16
N GLN C 198 14.68 -30.09 -1.77
CA GLN C 198 15.12 -30.59 -0.47
C GLN C 198 14.46 -29.92 0.74
N ARG C 199 14.29 -28.61 0.68
CA ARG C 199 13.63 -27.92 1.76
C ARG C 199 12.20 -28.44 1.87
N HIS C 200 11.56 -28.64 0.72
CA HIS C 200 10.19 -29.14 0.71
C HIS C 200 10.12 -30.62 1.13
N ALA C 201 11.08 -31.41 0.65
CA ALA C 201 11.29 -32.78 1.11
C ALA C 201 11.24 -32.82 2.64
N LEU C 202 12.12 -32.03 3.27
CA LEU C 202 12.20 -31.91 4.72
C LEU C 202 10.89 -31.51 5.39
N LEU C 203 10.25 -30.48 4.84
CA LEU C 203 9.01 -29.98 5.42
C LEU C 203 7.98 -31.10 5.39
N HIS C 204 7.97 -31.85 4.29
CA HIS C 204 7.03 -32.94 4.12
C HIS C 204 7.32 -34.13 5.04
N ALA C 205 8.60 -34.49 5.15
CA ALA C 205 8.99 -35.54 6.06
C ALA C 205 8.44 -35.35 7.49
N VAL C 206 8.59 -34.15 8.06
CA VAL C 206 8.13 -33.95 9.43
C VAL C 206 6.61 -33.82 9.52
N PHE C 207 6.00 -33.26 8.47
CA PHE C 207 4.53 -33.18 8.40
C PHE C 207 3.91 -34.58 8.45
N ASP C 208 4.51 -35.50 7.70
CA ASP C 208 4.09 -36.89 7.73
C ASP C 208 4.29 -37.50 9.11
N ALA C 209 5.49 -37.32 9.65
CA ALA C 209 5.86 -37.89 10.94
C ALA C 209 4.97 -37.42 12.10
N THR C 210 4.46 -36.19 12.04
CA THR C 210 3.60 -35.74 13.14
C THR C 210 2.13 -35.95 12.82
N GLY C 211 1.87 -36.75 11.78
CA GLY C 211 0.51 -37.15 11.45
C GLY C 211 -0.30 -36.14 10.68
N ARG C 212 0.36 -35.46 9.73
CA ARG C 212 -0.26 -34.45 8.86
C ARG C 212 -1.36 -33.58 9.48
N PRO C 213 -0.99 -32.72 10.42
CA PRO C 213 -2.06 -31.99 11.12
C PRO C 213 -2.56 -30.73 10.40
N THR C 214 -3.88 -30.61 10.31
CA THR C 214 -4.49 -29.45 9.69
C THR C 214 -4.14 -28.21 10.51
N PRO C 215 -3.88 -27.09 9.84
CA PRO C 215 -3.65 -25.82 10.52
C PRO C 215 -4.77 -25.49 11.51
N PRO C 216 -4.44 -24.79 12.60
CA PRO C 216 -5.47 -24.31 13.52
C PRO C 216 -6.22 -23.13 12.92
N ASP C 217 -7.43 -22.88 13.40
CA ASP C 217 -8.24 -21.76 12.93
C ASP C 217 -7.63 -20.46 13.41
N MET C 218 -7.23 -20.44 14.65
CA MET C 218 -6.71 -19.23 15.20
C MET C 218 -5.44 -19.49 15.95
N LEU C 219 -4.72 -18.43 16.26
CA LEU C 219 -3.60 -18.48 17.15
C LEU C 219 -3.35 -17.08 17.50
N ASP C 220 -2.71 -16.79 18.61
CA ASP C 220 -2.45 -15.41 18.99
C ASP C 220 -1.09 -15.23 19.53
N GLY C 221 -0.69 -13.98 19.69
CA GLY C 221 0.67 -13.69 19.98
C GLY C 221 1.17 -14.20 21.28
N PRO C 222 0.36 -13.95 22.38
CA PRO C 222 0.85 -14.52 23.63
C PRO C 222 0.91 -16.02 23.74
N THR C 223 -0.15 -16.66 23.33
CA THR C 223 -0.12 -18.10 23.19
C THR C 223 1.14 -18.53 22.43
N ALA C 224 1.40 -17.88 21.31
CA ALA C 224 2.48 -18.26 20.41
C ALA C 224 3.86 -18.03 21.01
N SER C 225 3.94 -17.14 22.00
CA SER C 225 5.21 -16.85 22.66
C SER C 225 5.52 -17.95 23.67
N VAL C 226 4.49 -18.34 24.41
CA VAL C 226 4.53 -19.55 25.23
C VAL C 226 4.96 -20.75 24.39
N VAL C 227 4.31 -20.95 23.24
CA VAL C 227 4.64 -22.10 22.40
C VAL C 227 6.09 -22.04 21.92
N CYS C 228 6.63 -20.82 21.84
CA CYS C 228 8.04 -20.61 21.52
C CYS C 228 8.93 -21.25 22.59
N GLY C 229 8.64 -20.92 23.85
CA GLY C 229 9.24 -21.60 24.98
C GLY C 229 9.26 -23.11 24.80
N LEU C 230 8.11 -23.70 24.44
CA LEU C 230 8.01 -25.15 24.27
C LEU C 230 9.02 -25.67 23.27
N VAL C 231 9.06 -25.01 22.11
CA VAL C 231 9.98 -25.38 21.02
C VAL C 231 11.42 -25.23 21.45
N ILE C 232 11.73 -24.12 22.10
CA ILE C 232 13.07 -23.88 22.59
C ILE C 232 13.48 -24.98 23.56
N LEU C 233 12.61 -25.29 24.52
CA LEU C 233 12.92 -26.33 25.50
C LEU C 233 13.17 -27.64 24.77
N ALA C 234 12.31 -27.90 23.80
CA ALA C 234 12.47 -29.07 22.95
C ALA C 234 13.81 -29.11 22.22
N ASP C 235 14.25 -27.99 21.62
CA ASP C 235 15.50 -27.98 20.85
C ASP C 235 16.69 -28.31 21.78
N TRP C 236 16.57 -27.84 23.01
CA TRP C 236 17.62 -27.99 24.00
C TRP C 236 17.76 -29.40 24.55
N LEU C 237 16.62 -30.01 24.89
CA LEU C 237 16.61 -31.40 25.32
C LEU C 237 17.39 -32.30 24.35
N VAL C 238 17.19 -32.14 23.05
CA VAL C 238 17.74 -33.07 22.08
C VAL C 238 19.03 -32.58 21.46
N SER C 239 19.60 -31.53 22.04
CA SER C 239 20.89 -31.02 21.57
C SER C 239 22.05 -31.45 22.47
N GLN C 240 21.70 -32.10 23.58
CA GLN C 240 22.66 -32.69 24.51
C GLN C 240 23.58 -33.73 23.85
N GLU C 241 24.87 -33.64 24.11
CA GLU C 241 25.82 -34.47 23.39
C GLU C 241 25.71 -35.96 23.66
N ASP C 242 25.07 -36.33 24.76
CA ASP C 242 24.93 -37.74 25.09
C ASP C 242 23.79 -38.36 24.33
N PHE C 243 22.65 -37.67 24.30
CA PHE C 243 21.55 -38.06 23.45
C PHE C 243 21.95 -38.17 21.96
N LEU C 244 22.65 -37.17 21.44
CA LEU C 244 23.11 -37.17 20.06
C LEU C 244 24.04 -38.33 19.74
N LEU C 245 25.09 -38.49 20.54
CA LEU C 245 26.12 -39.51 20.30
C LEU C 245 25.54 -40.91 20.25
N GLU C 246 24.41 -41.09 20.92
CA GLU C 246 23.73 -42.37 20.95
C GLU C 246 22.84 -42.53 19.72
N ARG C 247 22.22 -41.43 19.25
CA ARG C 247 21.36 -41.50 18.07
C ARG C 247 22.26 -41.72 16.87
N LEU C 248 23.51 -41.29 17.05
CA LEU C 248 24.56 -41.37 16.05
C LEU C 248 25.02 -42.81 15.76
N THR C 249 24.50 -43.78 16.51
CA THR C 249 24.87 -45.18 16.29
C THR C 249 23.73 -45.88 15.59
N SER C 250 22.61 -45.18 15.45
CA SER C 250 21.42 -45.78 14.84
C SER C 250 20.78 -44.84 13.84
N LEU C 251 21.60 -44.34 12.91
CA LEU C 251 21.14 -43.44 11.87
C LEU C 251 20.35 -44.19 10.80
N PRO C 252 19.30 -43.55 10.25
CA PRO C 252 18.61 -44.12 9.08
C PRO C 252 19.59 -44.33 7.92
N ALA C 253 19.30 -45.27 7.03
CA ALA C 253 20.23 -45.56 5.93
C ALA C 253 19.86 -44.80 4.67
N ASP C 254 18.70 -44.15 4.69
CA ASP C 254 18.26 -43.29 3.60
C ASP C 254 17.01 -42.54 4.01
N GLY C 255 16.55 -41.63 3.16
CA GLY C 255 15.46 -40.73 3.51
C GLY C 255 14.07 -41.29 3.30
N SER C 256 13.93 -42.61 3.26
CA SER C 256 12.62 -43.23 3.03
C SER C 256 11.60 -42.88 4.12
N ALA C 257 10.31 -42.95 3.79
CA ALA C 257 9.28 -42.57 4.76
C ALA C 257 9.36 -43.49 5.95
N SER C 258 9.83 -44.71 5.72
CA SER C 258 9.90 -45.73 6.76
C SER C 258 11.15 -45.59 7.66
N ALA C 259 12.29 -45.30 7.06
CA ALA C 259 13.54 -45.10 7.81
C ALA C 259 13.42 -43.93 8.78
N LEU C 260 12.75 -42.87 8.34
CA LEU C 260 12.58 -41.66 9.13
C LEU C 260 11.43 -41.83 10.11
N ARG C 261 10.55 -42.78 9.84
CA ARG C 261 9.45 -43.07 10.74
C ARG C 261 9.99 -43.88 11.93
N ALA C 262 11.00 -44.69 11.67
CA ALA C 262 11.59 -45.46 12.74
C ALA C 262 12.33 -44.50 13.65
N HIS C 263 12.99 -43.52 13.04
CA HIS C 263 13.79 -42.57 13.80
C HIS C 263 12.92 -41.74 14.74
N PHE C 264 11.77 -41.30 14.27
CA PHE C 264 10.90 -40.48 15.07
C PHE C 264 10.35 -41.27 16.23
N GLU C 265 10.06 -42.55 15.99
CA GLU C 265 9.45 -43.39 17.02
C GLU C 265 10.43 -43.75 18.11
N THR C 266 11.65 -44.07 17.68
CA THR C 266 12.74 -44.25 18.60
C THR C 266 12.83 -43.04 19.51
N SER C 267 12.99 -41.86 18.91
CA SER C 267 13.15 -40.65 19.69
C SER C 267 11.95 -40.40 20.60
N LEU C 268 10.75 -40.68 20.13
CA LEU C 268 9.57 -40.59 21.00
C LEU C 268 9.77 -41.42 22.26
N ARG C 269 10.52 -42.51 22.13
CA ARG C 269 10.72 -43.45 23.22
C ARG C 269 11.83 -42.99 24.13
N ARG C 270 12.83 -42.33 23.55
CA ARG C 270 14.00 -41.93 24.31
C ARG C 270 13.78 -40.60 25.04
N ILE C 271 12.90 -39.75 24.51
CA ILE C 271 12.62 -38.47 25.18
C ILE C 271 12.17 -38.57 26.65
N PRO C 272 11.20 -39.46 26.98
CA PRO C 272 10.71 -39.38 28.37
C PRO C 272 11.79 -39.60 29.42
N SER C 273 12.81 -40.37 29.10
CA SER C 273 13.94 -40.54 30.00
C SER C 273 14.60 -39.20 30.29
N LEU C 274 14.86 -38.43 29.24
CA LEU C 274 15.45 -37.08 29.30
C LEU C 274 14.76 -36.17 30.32
N LEU C 275 13.43 -36.29 30.40
CA LEU C 275 12.66 -35.49 31.35
C LEU C 275 13.09 -35.79 32.77
N ASP C 276 13.30 -37.07 33.05
CA ASP C 276 13.70 -37.53 34.38
C ASP C 276 15.11 -37.05 34.73
N ALA C 277 16.01 -37.12 33.75
CA ALA C 277 17.40 -36.69 33.93
C ALA C 277 17.54 -35.22 34.29
N ALA C 278 16.53 -34.42 33.98
CA ALA C 278 16.59 -32.99 34.20
C ALA C 278 15.66 -32.60 35.33
N GLY C 279 15.04 -33.61 35.92
CA GLY C 279 14.13 -33.40 37.04
C GLY C 279 12.96 -32.51 36.72
N LEU C 280 12.38 -32.68 35.53
CA LEU C 280 11.26 -31.85 35.11
C LEU C 280 9.89 -32.52 35.28
N ARG C 281 9.81 -33.60 36.06
CA ARG C 281 8.53 -34.28 36.27
C ARG C 281 7.61 -33.48 37.17
N PRO C 282 6.31 -33.55 36.94
CA PRO C 282 5.41 -32.74 37.77
C PRO C 282 5.49 -33.02 39.27
N ILE C 283 5.23 -32.00 40.08
CA ILE C 283 5.06 -32.20 41.50
C ILE C 283 3.56 -32.04 41.81
N THR C 284 2.90 -33.13 42.17
CA THR C 284 1.45 -33.05 42.40
C THR C 284 1.03 -33.31 43.83
N VAL C 285 0.31 -32.32 44.36
CA VAL C 285 -0.16 -32.33 45.73
C VAL C 285 -1.66 -32.56 45.73
N PRO C 286 -2.11 -33.54 46.54
CA PRO C 286 -3.53 -33.93 46.63
C PRO C 286 -4.37 -32.85 47.30
N PRO C 287 -5.66 -32.77 46.96
CA PRO C 287 -6.47 -31.75 47.65
C PRO C 287 -6.55 -32.05 49.13
N ALA C 288 -6.58 -31.00 49.94
CA ALA C 288 -6.68 -31.17 51.39
C ALA C 288 -7.15 -29.89 52.04
N THR C 289 -7.96 -30.00 53.09
CA THR C 289 -8.40 -28.81 53.81
C THR C 289 -7.19 -28.22 54.50
N PHE C 290 -7.37 -27.06 55.14
CA PHE C 290 -6.25 -26.37 55.77
C PHE C 290 -5.52 -27.21 56.79
N THR C 291 -6.28 -27.94 57.61
CA THR C 291 -5.71 -28.73 58.72
C THR C 291 -5.01 -30.00 58.27
N GLU C 292 -5.49 -30.62 57.20
CA GLU C 292 -4.83 -31.81 56.66
C GLU C 292 -3.53 -31.45 55.95
N SER C 293 -3.41 -30.18 55.56
CA SER C 293 -2.21 -29.67 54.92
C SER C 293 -1.17 -29.29 55.97
N PHE C 294 -1.65 -28.84 57.13
CA PHE C 294 -0.79 -28.50 58.25
C PHE C 294 -1.33 -29.14 59.53
N PRO C 295 -1.16 -30.46 59.66
CA PRO C 295 -1.74 -31.14 60.83
C PRO C 295 -1.03 -30.72 62.10
N HIS C 296 0.23 -30.34 61.99
CA HIS C 296 0.98 -29.88 63.16
C HIS C 296 0.36 -28.60 63.72
N LEU C 297 -0.42 -27.91 62.91
CA LEU C 297 -1.03 -26.66 63.35
C LEU C 297 -2.23 -26.91 64.26
N SER C 298 -1.99 -26.75 65.55
CA SER C 298 -2.97 -27.02 66.59
C SER C 298 -4.24 -26.21 66.34
N LYS C 299 -4.06 -24.91 66.31
CA LYS C 299 -5.16 -24.00 66.13
C LYS C 299 -4.96 -23.05 64.97
N PRO C 300 -5.91 -23.15 63.95
CA PRO C 300 -5.71 -22.19 62.86
C PRO C 300 -6.03 -20.76 63.19
N ASN C 301 -5.40 -19.87 62.45
CA ASN C 301 -5.45 -18.45 62.64
C ASN C 301 -6.79 -17.90 62.27
N GLY C 302 -7.09 -16.68 62.64
CA GLY C 302 -8.28 -16.04 62.13
C GLY C 302 -8.25 -15.83 60.64
N LEU C 303 -7.13 -15.34 60.14
CA LEU C 303 -6.86 -15.18 58.72
C LEU C 303 -6.93 -16.50 57.99
N GLN C 304 -6.26 -17.53 58.51
CA GLN C 304 -6.28 -18.83 57.87
C GLN C 304 -7.68 -19.46 57.84
N ALA C 305 -8.48 -19.25 58.88
CA ALA C 305 -9.79 -19.88 58.92
C ALA C 305 -10.70 -19.17 57.91
N SER C 306 -10.65 -17.83 57.94
CA SER C 306 -11.38 -17.00 57.00
C SER C 306 -11.10 -17.37 55.54
N LEU C 307 -9.83 -17.67 55.25
CA LEU C 307 -9.40 -18.02 53.90
C LEU C 307 -9.81 -19.42 53.50
N ALA C 308 -9.53 -20.38 54.39
CA ALA C 308 -9.92 -21.78 54.16
C ALA C 308 -11.45 -21.92 53.99
N LYS C 309 -12.18 -21.10 54.74
CA LYS C 309 -13.63 -21.05 54.71
C LYS C 309 -14.21 -20.55 53.37
N HIS C 310 -13.99 -19.27 53.08
CA HIS C 310 -14.73 -18.56 52.01
C HIS C 310 -14.13 -18.60 50.61
N LEU C 311 -12.87 -19.00 50.51
CA LEU C 311 -12.22 -19.09 49.22
C LEU C 311 -12.64 -20.23 48.32
N PRO C 312 -12.76 -21.47 48.86
CA PRO C 312 -13.00 -22.60 47.95
C PRO C 312 -14.20 -22.40 47.00
N CYS C 313 -15.28 -21.86 47.53
CA CYS C 313 -16.44 -21.54 46.70
C CYS C 313 -16.11 -20.47 45.64
N LEU C 314 -15.28 -19.49 46.01
CA LEU C 314 -14.87 -18.43 45.07
C LEU C 314 -13.89 -18.93 43.98
N CYS C 315 -12.97 -19.82 44.34
CA CYS C 315 -11.92 -20.26 43.41
C CYS C 315 -12.42 -21.26 42.39
N THR C 316 -13.17 -20.75 41.42
CA THR C 316 -13.77 -21.57 40.38
C THR C 316 -12.89 -21.70 39.13
N GLY C 317 -11.73 -21.05 39.16
CA GLY C 317 -10.81 -21.09 38.03
C GLY C 317 -9.78 -19.98 38.15
N PRO C 318 -9.17 -19.59 37.02
CA PRO C 318 -8.11 -18.57 37.01
C PRO C 318 -8.60 -17.33 37.69
N GLY C 319 -7.81 -16.82 38.62
CA GLY C 319 -8.14 -15.65 39.40
C GLY C 319 -6.95 -15.22 40.23
N LEU C 320 -7.11 -14.11 40.94
CA LEU C 320 -6.03 -13.58 41.75
C LEU C 320 -6.56 -13.37 43.17
N VAL C 321 -5.69 -13.60 44.16
CA VAL C 321 -6.03 -13.39 45.58
C VAL C 321 -5.00 -12.47 46.22
N LEU C 322 -5.47 -11.34 46.73
CA LEU C 322 -4.60 -10.39 47.39
C LEU C 322 -4.85 -10.47 48.88
N ILE C 323 -3.88 -11.03 49.60
CA ILE C 323 -3.93 -11.14 51.06
C ILE C 323 -3.03 -10.07 51.64
N THR C 324 -3.58 -9.23 52.50
CA THR C 324 -2.78 -8.18 53.12
C THR C 324 -2.96 -8.19 54.62
N ALA C 325 -1.88 -8.55 55.33
CA ALA C 325 -1.95 -8.84 56.76
C ALA C 325 -0.59 -8.62 57.41
N PRO C 326 -0.56 -8.44 58.74
CA PRO C 326 0.68 -8.20 59.48
C PRO C 326 1.64 -9.39 59.57
N MET C 327 2.71 -9.19 60.34
CA MET C 327 3.72 -10.18 60.59
C MET C 327 3.23 -11.11 61.70
N GLY C 328 3.74 -12.34 61.69
CA GLY C 328 3.39 -13.30 62.72
C GLY C 328 2.00 -13.89 62.61
N GLU C 329 1.34 -13.71 61.47
CA GLU C 329 -0.02 -14.21 61.34
C GLU C 329 -0.13 -15.44 60.46
N GLY C 330 1.01 -16.01 60.08
CA GLY C 330 1.02 -17.25 59.33
C GLY C 330 0.50 -17.11 57.91
N LYS C 331 1.01 -16.10 57.20
CA LYS C 331 0.65 -15.84 55.82
C LYS C 331 1.19 -16.91 54.89
N THR C 332 2.31 -17.51 55.27
CA THR C 332 2.97 -18.49 54.42
C THR C 332 2.12 -19.74 54.30
N GLU C 333 1.56 -20.17 55.41
CA GLU C 333 0.69 -21.33 55.41
C GLU C 333 -0.55 -21.01 54.60
N ALA C 334 -1.21 -19.91 54.95
CA ALA C 334 -2.31 -19.37 54.15
C ALA C 334 -1.97 -19.39 52.66
N ALA C 335 -0.75 -19.00 52.31
CA ALA C 335 -0.33 -18.92 50.93
C ALA C 335 -0.33 -20.28 50.26
N TYR C 336 0.36 -21.23 50.85
CA TYR C 336 0.47 -22.57 50.27
C TYR C 336 -0.90 -23.13 49.96
N HIS C 337 -1.85 -22.86 50.86
CA HIS C 337 -3.17 -23.42 50.74
C HIS C 337 -3.97 -22.75 49.62
N VAL C 338 -4.00 -21.41 49.65
CA VAL C 338 -4.57 -20.63 48.56
C VAL C 338 -4.00 -21.08 47.22
N ALA C 339 -2.67 -21.20 47.14
CA ALA C 339 -2.03 -21.68 45.92
C ALA C 339 -2.58 -23.05 45.50
N ASP C 340 -2.93 -23.88 46.47
CA ASP C 340 -3.39 -25.22 46.16
C ASP C 340 -4.77 -25.21 45.56
N LEU C 341 -5.61 -24.33 46.11
CA LEU C 341 -6.96 -24.20 45.64
C LEU C 341 -6.89 -23.81 44.18
N LEU C 342 -6.26 -22.67 43.91
CA LEU C 342 -6.06 -22.16 42.57
C LEU C 342 -5.43 -23.22 41.68
N GLY C 343 -4.44 -23.93 42.22
CA GLY C 343 -3.79 -25.01 41.51
C GLY C 343 -4.77 -26.03 40.96
N LYS C 344 -5.75 -26.43 41.78
CA LYS C 344 -6.76 -27.40 41.33
C LYS C 344 -7.72 -26.77 40.32
N ALA C 345 -8.16 -25.55 40.63
CA ALA C 345 -9.11 -24.80 39.80
C ALA C 345 -8.60 -24.48 38.38
N THR C 346 -7.29 -24.56 38.17
CA THR C 346 -6.71 -24.22 36.87
C THR C 346 -5.87 -25.36 36.30
N GLY C 347 -5.91 -26.51 36.95
CA GLY C 347 -5.16 -27.68 36.48
C GLY C 347 -3.70 -27.36 36.32
N ARG C 348 -3.18 -26.59 37.27
CA ARG C 348 -1.80 -26.14 37.26
C ARG C 348 -1.12 -26.57 38.56
N PRO C 349 -0.40 -27.69 38.51
CA PRO C 349 0.28 -28.20 39.69
C PRO C 349 1.59 -27.46 39.99
N GLY C 350 2.06 -26.66 39.04
CA GLY C 350 3.35 -26.00 39.16
C GLY C 350 3.35 -24.87 40.16
N ARG C 351 4.54 -24.49 40.63
CA ARG C 351 4.62 -23.42 41.60
C ARG C 351 5.79 -22.50 41.30
N PHE C 352 5.59 -21.21 41.53
CA PHE C 352 6.71 -20.30 41.73
C PHE C 352 6.40 -19.31 42.84
N LEU C 353 7.26 -19.30 43.87
CA LEU C 353 7.15 -18.30 44.96
C LEU C 353 8.26 -17.28 44.79
N ALA C 354 7.87 -16.03 44.66
CA ALA C 354 8.79 -14.94 44.44
C ALA C 354 9.03 -14.22 45.75
N LEU C 355 10.30 -14.02 46.11
CA LEU C 355 10.62 -13.32 47.36
C LEU C 355 11.50 -12.10 47.13
N PRO C 356 11.63 -11.23 48.13
CA PRO C 356 12.24 -9.97 47.73
C PRO C 356 13.73 -10.05 47.76
N THR C 357 14.29 -10.95 48.56
CA THR C 357 15.75 -11.05 48.69
C THR C 357 16.22 -12.49 48.55
N MET C 358 17.46 -12.67 48.12
CA MET C 358 18.05 -14.00 48.01
C MET C 358 17.96 -14.77 49.34
N ALA C 359 18.01 -14.05 50.45
CA ALA C 359 17.91 -14.64 51.78
C ALA C 359 16.54 -15.23 52.10
N THR C 360 15.48 -14.41 52.00
CA THR C 360 14.13 -14.90 52.19
C THR C 360 13.76 -15.96 51.15
N ALA C 361 14.52 -16.04 50.07
CA ALA C 361 14.28 -17.07 49.09
C ALA C 361 14.82 -18.40 49.61
N ASP C 362 16.07 -18.37 50.07
CA ASP C 362 16.73 -19.50 50.74
C ASP C 362 15.89 -20.10 51.87
N GLN C 363 15.41 -19.25 52.77
CA GLN C 363 14.55 -19.69 53.86
C GLN C 363 13.26 -20.35 53.35
N MET C 364 12.61 -19.69 52.40
CA MET C 364 11.32 -20.14 51.91
C MET C 364 11.44 -21.38 51.05
N HIS C 365 12.59 -21.55 50.41
CA HIS C 365 12.86 -22.76 49.67
C HIS C 365 12.90 -23.93 50.63
N THR C 366 13.45 -23.71 51.82
CA THR C 366 13.51 -24.79 52.80
C THR C 366 12.11 -25.20 53.27
N ARG C 367 11.29 -24.21 53.62
CA ARG C 367 9.93 -24.45 54.10
C ARG C 367 9.11 -25.21 53.07
N LEU C 368 9.26 -24.85 51.79
CA LEU C 368 8.47 -25.48 50.74
C LEU C 368 8.93 -26.92 50.49
N LYS C 369 10.22 -27.17 50.67
CA LYS C 369 10.74 -28.52 50.49
C LYS C 369 10.14 -29.46 51.55
N GLU C 370 9.95 -28.94 52.76
CA GLU C 370 9.43 -29.79 53.81
C GLU C 370 7.93 -29.94 53.68
N TYR C 371 7.29 -28.94 53.09
CA TYR C 371 5.86 -29.01 52.83
C TYR C 371 5.59 -30.00 51.73
N ALA C 372 6.53 -30.10 50.79
CA ALA C 372 6.42 -31.04 49.68
C ALA C 372 6.68 -32.48 50.14
N ARG C 373 7.70 -32.66 50.98
CA ARG C 373 8.03 -33.99 51.48
C ARG C 373 6.86 -34.57 52.28
N TYR C 374 6.19 -33.71 53.04
CA TYR C 374 5.00 -34.14 53.76
C TYR C 374 3.78 -34.32 52.86
N ARG C 375 3.54 -33.38 51.95
CA ARG C 375 2.30 -33.40 51.17
C ARG C 375 2.27 -34.31 49.94
N VAL C 376 3.41 -34.53 49.31
CA VAL C 376 3.41 -35.45 48.16
C VAL C 376 3.25 -36.91 48.62
N GLU C 377 2.65 -37.73 47.77
CA GLU C 377 2.47 -39.16 48.08
C GLU C 377 3.74 -39.94 47.76
N ASN C 378 3.94 -41.04 48.49
CA ASN C 378 5.18 -41.81 48.37
C ASN C 378 5.43 -42.36 46.98
N THR C 379 4.38 -42.92 46.38
CA THR C 379 4.45 -43.52 45.04
C THR C 379 5.31 -44.78 44.97
N ARG C 383 11.66 -40.06 43.15
CA ARG C 383 11.97 -38.78 42.49
C ARG C 383 10.91 -38.54 41.35
N SER C 384 11.18 -37.87 40.19
CA SER C 384 12.37 -37.11 39.79
C SER C 384 11.98 -35.74 39.31
N SER C 385 12.01 -34.76 40.19
CA SER C 385 11.40 -33.50 39.88
C SER C 385 11.91 -32.46 40.84
N THR C 386 12.94 -31.73 40.41
CA THR C 386 13.61 -30.86 41.36
C THR C 386 12.73 -29.69 41.74
N LEU C 387 12.88 -29.28 43.01
CA LEU C 387 12.29 -28.08 43.52
C LEU C 387 13.47 -27.14 43.44
N ALA C 388 13.34 -26.07 42.66
CA ALA C 388 14.50 -25.25 42.29
C ALA C 388 14.62 -23.95 43.08
N LEU C 389 15.86 -23.53 43.33
CA LEU C 389 16.17 -22.27 43.99
C LEU C 389 16.69 -21.31 42.92
N LEU C 390 16.00 -20.20 42.70
CA LEU C 390 16.34 -19.32 41.57
C LEU C 390 16.84 -17.93 41.99
N HIS C 391 18.16 -17.77 41.98
CA HIS C 391 18.79 -16.47 42.15
C HIS C 391 20.28 -16.53 41.80
N SER C 392 20.87 -15.35 41.59
CA SER C 392 22.26 -15.24 41.14
C SER C 392 23.31 -15.85 42.07
N MET C 393 22.88 -16.36 43.23
CA MET C 393 23.76 -16.86 44.29
C MET C 393 23.50 -18.33 44.64
N ALA C 394 22.66 -18.99 43.84
CA ALA C 394 22.19 -20.34 44.12
C ALA C 394 23.21 -21.41 43.77
N TRP C 395 24.22 -21.07 42.97
CA TRP C 395 25.30 -22.01 42.70
C TRP C 395 26.21 -22.15 43.94
N LEU C 396 26.33 -21.07 44.70
CA LEU C 396 27.22 -21.03 45.84
C LEU C 396 26.52 -21.49 47.12
N ASN C 397 25.39 -22.18 46.97
CA ASN C 397 24.72 -22.78 48.11
C ASN C 397 24.93 -24.30 48.11
N PRO C 398 25.67 -24.79 49.11
CA PRO C 398 26.02 -26.22 49.18
C PRO C 398 24.82 -27.08 49.57
N ASP C 399 23.93 -26.51 50.39
CA ASP C 399 22.69 -27.18 50.74
C ASP C 399 21.74 -27.32 49.56
N TYR C 400 22.03 -26.62 48.45
CA TYR C 400 21.17 -26.68 47.29
C TYR C 400 21.82 -27.25 46.03
N ALA C 401 22.93 -26.63 45.63
CA ALA C 401 23.50 -26.93 44.33
C ALA C 401 24.15 -28.29 44.40
N PRO C 402 24.20 -28.99 43.25
CA PRO C 402 24.66 -30.37 43.24
C PRO C 402 26.16 -30.40 43.14
N ALA C 403 26.74 -31.59 43.10
CA ALA C 403 28.19 -31.73 43.02
C ALA C 403 28.71 -31.47 41.60
N ASP C 419 17.67 -37.99 46.16
CA ASP C 419 16.64 -37.27 46.92
C ASP C 419 15.56 -36.65 46.02
N PRO C 420 14.27 -37.00 46.27
CA PRO C 420 13.19 -36.32 45.54
C PRO C 420 13.24 -34.83 45.83
N PHE C 421 12.98 -34.00 44.82
CA PHE C 421 13.05 -32.52 44.92
C PHE C 421 14.46 -31.94 44.81
N ALA C 422 15.48 -32.78 44.69
CA ALA C 422 16.85 -32.28 44.62
C ALA C 422 17.20 -31.72 43.25
N ALA C 423 17.88 -30.58 43.26
CA ALA C 423 18.40 -29.94 42.06
C ALA C 423 19.19 -30.91 41.18
N THR C 424 19.10 -30.71 39.87
CA THR C 424 19.83 -31.51 38.90
C THR C 424 20.76 -30.61 38.11
N ASP C 425 21.78 -31.18 37.47
CA ASP C 425 22.71 -30.37 36.68
C ASP C 425 22.00 -29.60 35.58
N TRP C 426 21.11 -30.28 34.85
CA TRP C 426 20.41 -29.64 33.75
C TRP C 426 19.71 -28.37 34.22
N LEU C 427 18.91 -28.46 35.28
CA LEU C 427 18.13 -27.31 35.73
C LEU C 427 19.00 -26.23 36.34
N MET C 428 20.28 -26.54 36.58
CA MET C 428 21.20 -25.57 37.16
C MET C 428 21.60 -24.51 36.14
N GLY C 429 21.46 -24.84 34.89
CA GLY C 429 21.99 -24.10 33.78
C GLY C 429 21.30 -22.81 33.53
N ARG C 430 21.85 -22.06 32.61
CA ARG C 430 21.38 -20.75 32.36
C ARG C 430 20.10 -20.66 31.59
N LYS C 431 19.18 -19.90 32.16
CA LYS C 431 17.87 -19.61 31.62
C LYS C 431 16.81 -20.65 31.88
N ARG C 432 17.10 -21.65 32.67
CA ARG C 432 16.27 -22.85 32.76
C ARG C 432 15.42 -22.87 34.01
N GLY C 433 15.88 -22.14 35.00
CA GLY C 433 15.31 -22.18 36.32
C GLY C 433 13.83 -22.35 36.39
N LEU C 434 13.07 -21.48 35.73
CA LEU C 434 11.62 -21.51 35.86
C LEU C 434 10.95 -22.70 35.15
N LEU C 435 11.75 -23.51 34.47
CA LEU C 435 11.24 -24.72 33.87
C LEU C 435 11.00 -25.81 34.91
N ALA C 436 11.64 -25.68 36.06
CA ALA C 436 11.41 -26.58 37.19
C ALA C 436 9.94 -26.59 37.62
N PRO C 437 9.41 -27.77 37.96
CA PRO C 437 8.02 -27.93 38.39
C PRO C 437 7.61 -27.04 39.55
N TRP C 438 8.32 -27.14 40.66
CA TRP C 438 8.21 -26.13 41.71
C TRP C 438 9.51 -25.39 41.78
N ALA C 439 9.43 -24.10 42.07
CA ALA C 439 10.65 -23.31 42.22
C ALA C 439 10.37 -22.12 43.12
N VAL C 440 11.40 -21.73 43.85
CA VAL C 440 11.32 -20.52 44.64
C VAL C 440 12.58 -19.70 44.38
N GLY C 441 12.40 -18.39 44.33
CA GLY C 441 13.48 -17.50 43.97
C GLY C 441 13.04 -16.08 44.22
N THR C 442 13.83 -15.14 43.74
CA THR C 442 13.58 -13.73 43.91
C THR C 442 12.53 -13.29 42.91
N ILE C 443 11.85 -12.21 43.22
CA ILE C 443 10.85 -11.66 42.32
C ILE C 443 11.49 -11.28 40.97
N ASP C 444 12.76 -10.88 41.01
CA ASP C 444 13.50 -10.53 39.82
C ASP C 444 13.47 -11.62 38.77
N GLN C 445 13.67 -12.87 39.17
CA GLN C 445 13.64 -13.97 38.20
C GLN C 445 12.32 -14.08 37.38
N ALA C 446 11.23 -13.54 37.90
CA ALA C 446 9.96 -13.55 37.18
C ALA C 446 9.80 -12.27 36.38
N LEU C 447 10.15 -11.13 36.98
CA LEU C 447 10.14 -9.86 36.26
C LEU C 447 11.00 -9.89 34.99
N MET C 448 12.02 -10.74 34.96
CA MET C 448 12.84 -10.83 33.75
C MET C 448 12.07 -11.43 32.59
N ALA C 449 10.87 -11.93 32.84
CA ALA C 449 10.05 -12.51 31.77
C ALA C 449 9.31 -11.43 30.98
N VAL C 450 9.19 -10.23 31.55
CA VAL C 450 8.53 -9.15 30.82
C VAL C 450 9.48 -8.02 30.36
N LEU C 451 10.78 -8.17 30.62
CA LEU C 451 11.75 -7.26 30.08
C LEU C 451 11.96 -7.65 28.62
N ARG C 452 12.39 -6.71 27.77
CA ARG C 452 12.74 -7.05 26.40
C ARG C 452 14.15 -7.64 26.30
N ALA C 453 14.29 -8.94 26.56
CA ALA C 453 15.60 -9.58 26.44
C ALA C 453 15.47 -10.96 25.82
N LYS C 454 16.60 -11.56 25.44
CA LYS C 454 16.59 -12.88 24.82
C LYS C 454 15.98 -13.95 25.72
N HIS C 455 15.33 -14.93 25.10
CA HIS C 455 14.70 -16.06 25.78
C HIS C 455 13.65 -15.73 26.86
N ASN C 456 13.09 -14.52 26.87
CA ASN C 456 12.01 -14.24 27.78
C ASN C 456 10.81 -15.13 27.46
N ALA C 457 10.72 -15.58 26.21
CA ALA C 457 9.69 -16.51 25.78
C ALA C 457 9.78 -17.80 26.59
N LEU C 458 11.00 -18.22 26.91
CA LEU C 458 11.21 -19.37 27.79
C LEU C 458 10.64 -19.10 29.18
N ARG C 459 10.99 -17.96 29.77
CA ARG C 459 10.55 -17.66 31.12
C ARG C 459 9.03 -17.62 31.19
N LEU C 460 8.39 -17.13 30.12
CA LEU C 460 6.94 -17.06 30.01
C LEU C 460 6.31 -18.48 30.00
N PHE C 461 6.86 -19.36 29.17
CA PHE C 461 6.53 -20.78 29.15
C PHE C 461 6.67 -21.41 30.55
N GLY C 462 7.78 -21.15 31.22
CA GLY C 462 8.03 -21.66 32.57
C GLY C 462 7.00 -21.21 33.61
N LEU C 463 6.59 -19.95 33.52
CA LEU C 463 5.57 -19.43 34.39
C LEU C 463 4.18 -19.97 34.05
N ALA C 464 3.96 -20.23 32.76
CA ALA C 464 2.59 -20.46 32.25
C ALA C 464 1.89 -21.68 32.86
N GLY C 465 2.67 -22.69 33.27
CA GLY C 465 2.11 -23.88 33.87
C GLY C 465 1.93 -23.79 35.38
N LYS C 466 2.25 -22.64 35.98
CA LYS C 466 2.30 -22.55 37.43
C LYS C 466 1.25 -21.63 38.05
N VAL C 467 1.07 -21.79 39.35
CA VAL C 467 0.47 -20.77 40.21
C VAL C 467 1.67 -19.94 40.66
N VAL C 468 1.57 -18.62 40.59
CA VAL C 468 2.68 -17.78 41.02
C VAL C 468 2.27 -16.92 42.21
N VAL C 469 3.19 -16.84 43.16
CA VAL C 469 2.96 -16.22 44.46
C VAL C 469 4.06 -15.21 44.73
N VAL C 470 3.70 -13.98 44.95
CA VAL C 470 4.71 -13.00 45.24
C VAL C 470 4.54 -12.46 46.66
N ASP C 471 5.56 -12.70 47.48
CA ASP C 471 5.53 -12.28 48.87
C ASP C 471 6.02 -10.86 48.94
N GLU C 472 5.66 -10.18 50.03
CA GLU C 472 6.14 -8.83 50.30
C GLU C 472 6.00 -7.88 49.09
N ALA C 473 4.77 -7.73 48.61
CA ALA C 473 4.48 -6.81 47.51
C ALA C 473 4.66 -5.35 47.93
N HIS C 474 4.55 -5.09 49.24
CA HIS C 474 4.69 -3.73 49.76
C HIS C 474 6.13 -3.21 49.57
N ALA C 475 7.02 -4.12 49.24
CA ALA C 475 8.41 -3.80 49.08
C ALA C 475 8.80 -3.60 47.62
N VAL C 476 7.83 -3.33 46.76
CA VAL C 476 8.16 -3.09 45.35
C VAL C 476 8.04 -1.60 44.98
N ASP C 477 9.16 -0.96 44.65
CA ASP C 477 9.18 0.46 44.33
C ASP C 477 8.44 0.75 43.00
N PRO C 478 8.22 2.04 42.66
CA PRO C 478 7.55 2.35 41.39
C PRO C 478 8.12 1.64 40.13
N TYR C 479 9.43 1.63 39.96
CA TYR C 479 9.98 0.96 38.79
C TYR C 479 9.62 -0.51 38.74
N MET C 480 9.82 -1.24 39.84
CA MET C 480 9.46 -2.67 39.86
C MET C 480 7.95 -2.87 39.68
N GLN C 481 7.18 -1.95 40.22
CA GLN C 481 5.74 -2.00 40.14
C GLN C 481 5.27 -2.07 38.68
N VAL C 482 5.82 -1.18 37.85
CA VAL C 482 5.58 -1.21 36.40
C VAL C 482 5.93 -2.57 35.80
N LEU C 483 7.10 -3.11 36.11
CA LEU C 483 7.42 -4.49 35.72
C LEU C 483 6.38 -5.52 36.25
N LEU C 484 5.98 -5.38 37.51
CA LEU C 484 5.04 -6.31 38.12
C LEU C 484 3.67 -6.25 37.44
N GLU C 485 3.20 -5.05 37.19
CA GLU C 485 1.93 -4.86 36.52
C GLU C 485 1.91 -5.56 35.17
N GLN C 486 3.04 -5.54 34.48
CA GLN C 486 3.10 -6.14 33.17
C GLN C 486 3.18 -7.64 33.26
N LEU C 487 3.78 -8.14 34.35
CA LEU C 487 3.81 -9.58 34.60
C LEU C 487 2.39 -10.05 34.91
N LEU C 488 1.72 -9.31 35.78
CA LEU C 488 0.33 -9.59 36.12
C LEU C 488 -0.56 -9.58 34.87
N ARG C 489 -0.24 -8.68 33.95
CA ARG C 489 -1.04 -8.53 32.76
C ARG C 489 -0.89 -9.76 31.85
N TRP C 490 0.34 -10.20 31.69
CA TRP C 490 0.59 -11.36 30.84
C TRP C 490 0.10 -12.66 31.47
N LEU C 491 0.25 -12.76 32.80
CA LEU C 491 -0.21 -13.95 33.51
C LEU C 491 -1.72 -13.97 33.50
N GLY C 492 -2.31 -12.77 33.57
CA GLY C 492 -3.73 -12.61 33.33
C GLY C 492 -4.15 -13.31 32.05
N THR C 493 -3.55 -12.94 30.93
CA THR C 493 -3.98 -13.47 29.64
C THR C 493 -3.68 -14.95 29.47
N LEU C 494 -2.82 -15.51 30.30
CA LEU C 494 -2.42 -16.90 30.07
C LEU C 494 -3.13 -17.85 31.01
N ASP C 495 -4.10 -17.33 31.74
CA ASP C 495 -4.91 -18.13 32.66
C ASP C 495 -4.09 -18.67 33.85
N VAL C 496 -3.01 -18.00 34.20
CA VAL C 496 -2.25 -18.43 35.36
C VAL C 496 -2.74 -17.63 36.56
N PRO C 497 -3.13 -18.35 37.62
CA PRO C 497 -3.67 -17.70 38.81
C PRO C 497 -2.53 -17.21 39.68
N VAL C 498 -2.82 -16.23 40.51
CA VAL C 498 -1.80 -15.48 41.21
C VAL C 498 -2.22 -15.21 42.65
N VAL C 499 -1.25 -15.36 43.56
CA VAL C 499 -1.44 -14.91 44.94
C VAL C 499 -0.47 -13.79 45.27
N LEU C 500 -0.99 -12.72 45.86
CA LEU C 500 -0.22 -11.57 46.26
C LEU C 500 -0.28 -11.44 47.76
N LEU C 501 0.86 -11.54 48.42
CA LEU C 501 0.98 -11.37 49.85
C LEU C 501 1.53 -10.03 50.16
N SER C 502 0.98 -9.35 51.13
CA SER C 502 1.51 -8.09 51.54
C SER C 502 1.30 -7.75 52.98
N ALA C 503 2.07 -6.80 53.48
CA ALA C 503 1.88 -6.31 54.84
C ALA C 503 0.76 -5.28 54.77
N THR C 504 1.12 -4.01 54.94
CA THR C 504 0.21 -2.95 54.63
C THR C 504 0.54 -2.40 53.20
N LEU C 505 -0.46 -2.28 52.33
CA LEU C 505 -0.26 -1.79 50.98
C LEU C 505 -1.04 -0.54 50.67
N HIS C 506 -0.43 0.46 50.09
CA HIS C 506 -1.17 1.66 49.72
C HIS C 506 -2.25 1.32 48.68
N HIS C 507 -3.43 1.91 48.82
CA HIS C 507 -4.58 1.48 48.03
C HIS C 507 -4.42 1.69 46.53
N SER C 508 -3.55 2.64 46.15
CA SER C 508 -3.33 2.92 44.74
C SER C 508 -2.58 1.74 44.14
N ILE C 509 -1.57 1.29 44.88
CA ILE C 509 -0.76 0.17 44.46
C ILE C 509 -1.62 -1.06 44.32
N ALA C 510 -2.48 -1.30 45.29
CA ALA C 510 -3.32 -2.48 45.31
C ALA C 510 -4.26 -2.42 44.11
N ASN C 511 -4.77 -1.22 43.87
CA ASN C 511 -5.60 -0.91 42.72
C ASN C 511 -4.91 -1.20 41.39
N SER C 512 -3.69 -0.68 41.24
CA SER C 512 -2.94 -0.83 39.99
C SER C 512 -2.65 -2.29 39.72
N LEU C 513 -2.23 -2.98 40.76
CA LEU C 513 -1.93 -4.39 40.69
C LEU C 513 -3.12 -5.25 40.24
N VAL C 514 -4.25 -5.21 40.94
CA VAL C 514 -5.37 -6.02 40.47
C VAL C 514 -5.95 -5.53 39.14
N LYS C 515 -6.02 -4.21 38.96
CA LYS C 515 -6.41 -3.65 37.66
C LYS C 515 -5.61 -4.28 36.52
N ALA C 516 -4.29 -4.28 36.65
CA ALA C 516 -3.44 -4.91 35.67
C ALA C 516 -3.89 -6.34 35.41
N TYR C 517 -4.03 -7.13 36.47
CA TYR C 517 -4.37 -8.54 36.29
C TYR C 517 -5.70 -8.69 35.50
N LEU C 518 -6.68 -7.90 35.91
CA LEU C 518 -7.93 -7.82 35.17
C LEU C 518 -7.73 -7.52 33.67
N GLU C 519 -7.00 -6.44 33.38
CA GLU C 519 -6.67 -6.06 31.99
C GLU C 519 -6.18 -7.21 31.13
N GLY C 520 -5.28 -8.03 31.67
CA GLY C 520 -4.81 -9.18 30.94
C GLY C 520 -5.92 -10.19 30.70
N ALA C 521 -6.65 -10.50 31.77
CA ALA C 521 -7.74 -11.45 31.73
C ALA C 521 -8.70 -11.15 30.59
N ARG C 522 -9.28 -9.95 30.60
CA ARG C 522 -10.26 -9.56 29.59
C ARG C 522 -9.67 -9.32 28.18
N GLY C 523 -8.55 -8.61 28.09
CA GLY C 523 -7.93 -8.39 26.79
C GLY C 523 -7.99 -6.94 26.33
N ARG C 524 -8.36 -6.06 27.23
CA ARG C 524 -8.35 -4.63 27.03
C ARG C 524 -7.93 -3.86 28.29
N ARG C 525 -7.16 -2.81 28.16
CA ARG C 525 -6.73 -2.02 29.29
C ARG C 525 -7.84 -1.17 29.81
N TRP C 526 -7.63 -0.55 30.94
CA TRP C 526 -8.66 0.28 31.55
C TRP C 526 -8.92 1.63 30.91
N ASN C 527 -10.18 2.02 30.84
CA ASN C 527 -10.61 3.30 30.30
C ASN C 527 -10.53 4.36 31.37
N ARG C 528 -10.62 5.65 31.06
CA ARG C 528 -10.54 6.66 32.10
C ARG C 528 -11.88 6.88 32.78
N SER C 529 -12.94 6.34 32.19
CA SER C 529 -14.26 6.55 32.73
C SER C 529 -14.66 5.37 33.59
N GLU C 530 -13.95 4.27 33.43
CA GLU C 530 -14.26 3.05 34.14
C GLU C 530 -13.93 3.24 35.63
N PRO C 531 -14.84 2.81 36.53
CA PRO C 531 -14.65 2.97 37.97
C PRO C 531 -13.59 2.01 38.51
N GLN C 532 -12.67 2.51 39.34
CA GLN C 532 -11.55 1.73 39.86
C GLN C 532 -11.96 0.46 40.64
N PRO C 533 -11.27 -0.67 40.36
CA PRO C 533 -11.62 -1.98 40.93
C PRO C 533 -11.26 -2.11 42.41
N VAL C 534 -10.41 -1.23 42.92
CA VAL C 534 -10.06 -1.24 44.35
C VAL C 534 -9.86 0.19 44.85
N SER C 535 -10.71 0.63 45.76
CA SER C 535 -10.60 1.99 46.29
C SER C 535 -10.29 1.95 47.78
N GLU C 536 -10.22 0.73 48.31
CA GLU C 536 -9.97 0.54 49.73
C GLU C 536 -9.30 -0.80 49.99
N VAL C 537 -8.25 -0.79 50.83
CA VAL C 537 -7.70 -2.05 51.31
C VAL C 537 -7.82 -2.12 52.82
N SER C 538 -8.07 -3.32 53.31
CA SER C 538 -8.18 -3.53 54.74
C SER C 538 -6.98 -4.30 55.25
N TYR C 539 -6.46 -3.86 56.40
CA TYR C 539 -5.27 -4.45 56.98
C TYR C 539 -5.52 -4.83 58.42
N PRO C 540 -5.71 -6.13 58.70
CA PRO C 540 -5.68 -7.25 57.76
C PRO C 540 -6.92 -7.34 56.89
N GLY C 541 -6.91 -8.27 55.94
CA GLY C 541 -8.01 -8.43 55.03
C GLY C 541 -7.53 -9.11 53.76
N TRP C 542 -8.42 -9.81 53.07
CA TRP C 542 -8.04 -10.41 51.81
C TRP C 542 -9.06 -10.05 50.75
N LEU C 543 -8.89 -10.59 49.56
CA LEU C 543 -9.62 -10.10 48.39
C LEU C 543 -9.42 -11.10 47.26
N HIS C 544 -10.48 -11.31 46.47
CA HIS C 544 -10.41 -12.26 45.36
C HIS C 544 -10.84 -11.59 44.07
N VAL C 545 -10.12 -11.89 42.99
CA VAL C 545 -10.45 -11.38 41.68
C VAL C 545 -10.80 -12.54 40.76
N ASP C 546 -11.95 -12.45 40.09
CA ASP C 546 -12.32 -13.47 39.12
C ASP C 546 -11.98 -13.05 37.68
N ALA C 547 -11.37 -13.95 36.92
CA ALA C 547 -10.96 -13.65 35.56
C ALA C 547 -12.15 -13.72 34.63
N ARG C 548 -13.03 -14.68 34.88
CA ARG C 548 -14.16 -14.95 34.01
C ARG C 548 -15.05 -13.72 33.77
N ILE C 549 -15.41 -13.03 34.85
CA ILE C 549 -16.34 -11.90 34.80
C ILE C 549 -15.72 -10.60 35.29
N GLY C 550 -14.62 -10.72 36.05
CA GLY C 550 -13.96 -9.55 36.57
C GLY C 550 -14.55 -9.04 37.87
N LYS C 551 -15.13 -9.92 38.67
CA LYS C 551 -15.71 -9.52 39.95
C LYS C 551 -14.67 -9.47 41.07
N VAL C 552 -14.64 -8.36 41.80
CA VAL C 552 -13.69 -8.19 42.88
C VAL C 552 -14.37 -8.37 44.23
N THR C 553 -14.22 -9.56 44.79
CA THR C 553 -14.87 -9.92 46.04
C THR C 553 -13.98 -9.60 47.23
N ARG C 554 -14.39 -8.63 48.04
CA ARG C 554 -13.73 -8.36 49.30
C ARG C 554 -14.05 -9.45 50.34
N SER C 555 -13.24 -9.53 51.40
CA SER C 555 -13.50 -10.48 52.48
C SER C 555 -14.72 -10.05 53.27
N SER C 556 -14.90 -8.74 53.45
CA SER C 556 -16.03 -8.21 54.20
C SER C 556 -17.36 -8.60 53.56
N ASP C 557 -17.31 -8.86 52.26
CA ASP C 557 -18.49 -9.20 51.49
C ASP C 557 -18.93 -10.65 51.70
N VAL C 558 -17.99 -11.54 52.03
CA VAL C 558 -18.34 -12.95 52.24
C VAL C 558 -18.18 -13.43 53.68
N ASP C 559 -17.38 -12.71 54.46
CA ASP C 559 -17.17 -13.07 55.87
C ASP C 559 -17.55 -11.92 56.80
N PRO C 560 -18.64 -12.10 57.56
CA PRO C 560 -19.14 -11.08 58.48
C PRO C 560 -18.18 -10.86 59.63
N LEU C 561 -17.42 -11.90 59.99
CA LEU C 561 -16.44 -11.83 61.06
C LEU C 561 -15.29 -10.88 60.75
N PRO C 562 -14.74 -10.24 61.78
CA PRO C 562 -13.49 -9.49 61.58
C PRO C 562 -12.31 -10.47 61.54
N ILE C 563 -11.24 -10.12 60.84
CA ILE C 563 -10.07 -10.99 60.87
C ILE C 563 -9.31 -10.74 62.16
N ALA C 564 -9.27 -11.76 63.02
CA ALA C 564 -8.59 -11.64 64.29
C ALA C 564 -7.10 -11.92 64.12
N THR C 565 -6.28 -11.10 64.77
CA THR C 565 -4.84 -11.21 64.71
C THR C 565 -4.29 -11.14 66.13
N THR C 566 -2.99 -11.39 66.29
CA THR C 566 -2.35 -11.30 67.60
C THR C 566 -2.61 -9.95 68.27
N PRO C 567 -3.21 -9.98 69.48
CA PRO C 567 -3.45 -8.73 70.21
C PRO C 567 -2.13 -8.06 70.58
N ARG C 568 -2.02 -6.77 70.30
CA ARG C 568 -0.76 -6.07 70.50
C ARG C 568 -0.98 -4.76 71.24
N LYS C 569 -0.21 -4.55 72.30
CA LYS C 569 -0.22 -3.27 72.98
C LYS C 569 0.18 -2.22 71.96
N PRO C 570 -0.63 -1.16 71.84
CA PRO C 570 -0.36 -0.03 70.94
C PRO C 570 1.10 0.45 71.04
N LEU C 571 1.60 1.00 69.95
CA LEU C 571 2.97 1.48 69.87
C LEU C 571 3.01 2.95 70.22
N GLU C 572 3.90 3.33 71.12
CA GLU C 572 4.13 4.74 71.44
C GLU C 572 5.08 5.29 70.41
N VAL C 573 4.79 6.48 69.88
CA VAL C 573 5.69 7.13 68.92
C VAL C 573 6.04 8.55 69.35
N ARG C 574 7.30 8.76 69.68
CA ARG C 574 7.73 10.01 70.32
C ARG C 574 8.73 10.75 69.45
N LEU C 575 8.32 11.88 68.88
CA LEU C 575 9.26 12.70 68.14
C LEU C 575 10.26 13.37 69.10
N VAL C 576 11.52 13.37 68.74
CA VAL C 576 12.55 14.00 69.57
C VAL C 576 13.46 14.86 68.71
N ASP C 577 13.44 16.17 68.95
CA ASP C 577 14.36 17.08 68.28
C ASP C 577 15.81 16.87 68.72
N VAL C 578 16.70 16.90 67.74
CA VAL C 578 18.11 16.66 67.95
C VAL C 578 18.84 17.82 67.29
N PRO C 579 19.87 18.35 67.98
CA PRO C 579 20.66 19.46 67.43
C PRO C 579 21.37 19.08 66.13
N VAL C 580 21.78 20.10 65.37
CA VAL C 580 22.46 19.89 64.11
C VAL C 580 23.81 20.60 64.11
N LYS C 581 24.89 19.84 63.96
CA LYS C 581 26.19 20.44 63.79
C LYS C 581 26.70 20.15 62.39
N GLU C 582 27.07 21.23 61.68
CA GLU C 582 27.59 21.15 60.31
C GLU C 582 26.69 20.35 59.39
N GLY C 583 25.40 20.67 59.39
CA GLY C 583 24.45 20.05 58.48
C GLY C 583 24.08 18.60 58.75
N ALA C 584 24.69 17.98 59.75
CA ALA C 584 24.34 16.61 60.14
C ALA C 584 23.87 16.55 61.59
N LEU C 585 23.33 15.40 62.00
CA LEU C 585 22.79 15.25 63.35
C LEU C 585 23.84 14.96 64.42
N ASN C 586 23.74 15.66 65.54
CA ASN C 586 24.54 15.32 66.70
C ASN C 586 23.67 14.57 67.72
N ARG C 587 23.69 13.24 67.67
CA ARG C 587 22.84 12.43 68.53
C ARG C 587 23.44 12.24 69.92
N SER C 588 24.63 12.81 70.15
CA SER C 588 25.38 12.64 71.41
C SER C 588 24.53 12.73 72.69
N THR C 589 23.88 13.87 72.88
CA THR C 589 23.01 14.09 74.04
C THR C 589 21.84 13.11 74.10
N VAL C 590 21.17 12.93 72.97
CA VAL C 590 19.86 12.30 72.93
C VAL C 590 20.03 10.82 73.16
N LEU C 591 21.17 10.32 72.72
CA LEU C 591 21.53 8.94 72.94
C LEU C 591 21.79 8.64 74.41
N ALA C 592 22.60 9.48 75.04
CA ALA C 592 22.95 9.29 76.45
C ALA C 592 21.70 9.33 77.30
N LYS C 593 20.82 10.28 77.00
CA LYS C 593 19.57 10.44 77.73
C LYS C 593 18.67 9.21 77.65
N GLU C 594 18.49 8.70 76.43
CA GLU C 594 17.50 7.64 76.16
C GLU C 594 18.00 6.23 76.48
N LEU C 595 19.32 6.07 76.54
CA LEU C 595 19.95 4.78 76.76
C LEU C 595 20.39 4.64 78.20
N THR C 596 20.23 5.72 78.96
CA THR C 596 20.65 5.70 80.36
C THR C 596 19.89 4.65 81.20
N PRO C 597 18.55 4.59 81.06
CA PRO C 597 17.83 3.51 81.75
C PRO C 597 18.36 2.13 81.38
N LEU C 598 18.92 2.00 80.19
CA LEU C 598 19.45 0.73 79.73
C LEU C 598 20.77 0.36 80.40
N VAL C 599 21.68 1.32 80.48
CA VAL C 599 23.00 1.06 81.04
C VAL C 599 22.91 0.71 82.53
N LYS C 600 21.81 1.10 83.16
CA LYS C 600 21.64 0.90 84.59
C LYS C 600 20.88 -0.37 84.96
N GLN C 601 19.78 -0.65 84.25
CA GLN C 601 18.93 -1.77 84.62
C GLN C 601 19.00 -2.92 83.62
N GLY C 602 19.61 -2.67 82.45
CA GLY C 602 19.69 -3.64 81.38
C GLY C 602 18.55 -3.55 80.38
N GLY C 603 18.63 -4.37 79.34
CA GLY C 603 17.59 -4.43 78.33
C GLY C 603 18.15 -4.49 76.93
N CYS C 604 17.27 -4.58 75.93
CA CYS C 604 17.66 -4.64 74.52
C CYS C 604 17.13 -3.43 73.75
N ALA C 605 18.02 -2.72 73.06
CA ALA C 605 17.56 -1.59 72.26
C ALA C 605 18.20 -1.61 70.90
N ALA C 606 17.72 -0.77 70.00
CA ALA C 606 18.24 -0.70 68.65
C ALA C 606 18.29 0.73 68.12
N ILE C 607 19.42 1.14 67.55
CA ILE C 607 19.50 2.44 66.86
C ILE C 607 19.50 2.25 65.34
N ILE C 608 18.53 2.84 64.65
CA ILE C 608 18.48 2.71 63.20
C ILE C 608 18.79 4.03 62.53
N CYS C 609 19.82 4.03 61.70
CA CYS C 609 20.28 5.25 61.07
C CYS C 609 20.10 5.16 59.56
N THR C 610 20.09 6.32 58.93
CA THR C 610 19.73 6.43 57.54
C THR C 610 20.87 6.03 56.61
N THR C 611 22.10 6.33 57.03
CA THR C 611 23.27 6.08 56.19
C THR C 611 24.32 5.25 56.90
N VAL C 612 25.19 4.58 56.15
CA VAL C 612 26.18 3.69 56.73
C VAL C 612 27.16 4.46 57.59
N ALA C 613 27.64 5.59 57.08
CA ALA C 613 28.55 6.41 57.88
C ALA C 613 27.90 6.90 59.16
N GLU C 614 26.62 7.23 59.14
CA GLU C 614 25.92 7.62 60.37
C GLU C 614 25.84 6.46 61.38
N ALA C 615 25.49 5.27 60.91
CA ALA C 615 25.45 4.12 61.79
C ALA C 615 26.86 3.83 62.30
N GLN C 616 27.86 4.12 61.48
CA GLN C 616 29.25 3.90 61.84
C GLN C 616 29.65 4.89 62.93
N GLY C 617 29.22 6.15 62.75
CA GLY C 617 29.41 7.15 63.78
C GLY C 617 28.83 6.77 65.13
N VAL C 618 27.54 6.45 65.16
CA VAL C 618 26.86 6.11 66.41
C VAL C 618 27.59 4.98 67.13
N TYR C 619 28.07 4.01 66.37
CA TYR C 619 28.83 2.90 66.93
C TYR C 619 30.13 3.37 67.57
N ASP C 620 30.79 4.37 66.98
CA ASP C 620 31.94 5.03 67.61
C ASP C 620 31.51 5.68 68.91
N LEU C 621 30.55 6.58 68.80
CA LEU C 621 30.02 7.32 69.94
C LEU C 621 29.67 6.42 71.10
N LEU C 622 28.97 5.33 70.80
CA LEU C 622 28.56 4.41 71.84
C LEU C 622 29.70 3.58 72.37
N SER C 623 30.57 3.12 71.47
CA SER C 623 31.71 2.29 71.86
C SER C 623 32.58 2.97 72.91
N GLN C 624 32.79 4.27 72.74
CA GLN C 624 33.62 5.05 73.65
C GLN C 624 32.89 5.30 74.96
N TRP C 625 31.61 5.64 74.87
CA TRP C 625 30.80 5.86 76.07
C TRP C 625 30.77 4.61 76.93
N PHE C 626 30.80 3.45 76.30
CA PHE C 626 30.72 2.19 77.01
C PHE C 626 32.07 1.80 77.56
N ALA C 627 33.13 2.34 76.97
CA ALA C 627 34.48 2.06 77.47
C ALA C 627 34.65 2.57 78.90
N THR C 628 34.12 3.76 79.17
CA THR C 628 34.28 4.40 80.46
C THR C 628 33.48 3.73 81.57
N LEU C 629 32.48 2.94 81.21
CA LEU C 629 31.62 2.32 82.22
C LEU C 629 32.29 1.39 83.27
N GLY C 630 33.07 0.37 82.87
CA GLY C 630 33.30 -0.04 81.49
C GLY C 630 33.15 -1.55 81.49
N GLU C 631 33.00 -2.06 82.71
CA GLU C 631 32.60 -3.45 82.93
C GLU C 631 31.71 -3.52 84.18
N ASP C 632 30.43 -3.83 83.99
CA ASP C 632 29.87 -4.04 82.65
C ASP C 632 29.19 -2.81 82.06
N ALA C 633 29.57 -2.52 80.82
CA ALA C 633 28.78 -1.66 79.96
C ALA C 633 27.98 -2.62 79.10
N PRO C 634 26.88 -2.14 78.49
CA PRO C 634 26.10 -3.08 77.67
C PRO C 634 26.88 -3.50 76.43
N ASP C 635 26.51 -4.66 75.89
CA ASP C 635 27.11 -5.18 74.69
C ASP C 635 26.77 -4.29 73.49
N LEU C 636 27.61 -4.31 72.46
CA LEU C 636 27.43 -3.43 71.30
C LEU C 636 27.47 -4.19 69.96
N TYR C 637 26.49 -3.94 69.11
CA TYR C 637 26.49 -4.55 67.79
C TYR C 637 26.27 -3.51 66.67
N LEU C 638 26.92 -3.74 65.53
CA LEU C 638 26.78 -2.89 64.36
C LEU C 638 26.39 -3.75 63.16
N LEU C 639 25.47 -3.27 62.34
CA LEU C 639 25.06 -4.07 61.18
C LEU C 639 24.57 -3.21 60.04
N HIS C 640 25.21 -3.38 58.90
CA HIS C 640 24.81 -2.68 57.70
C HIS C 640 25.31 -3.50 56.53
N SER C 641 25.12 -2.99 55.32
CA SER C 641 25.34 -3.80 54.12
C SER C 641 26.80 -3.94 53.75
N ARG C 642 27.65 -3.06 54.27
CA ARG C 642 29.05 -3.04 53.86
C ARG C 642 30.02 -3.87 54.72
N PHE C 643 29.66 -5.12 54.96
CA PHE C 643 30.56 -6.08 55.59
C PHE C 643 30.83 -7.20 54.60
N PRO C 644 31.97 -7.91 54.74
CA PRO C 644 32.13 -9.11 53.90
C PRO C 644 31.03 -10.10 54.26
N ASN C 645 30.52 -10.82 53.25
CA ASN C 645 29.38 -11.70 53.44
C ASN C 645 29.48 -12.56 54.68
N ARG C 646 30.57 -13.33 54.78
CA ARG C 646 30.76 -14.23 55.91
C ARG C 646 30.54 -13.49 57.22
N GLN C 647 31.22 -12.34 57.36
CA GLN C 647 31.14 -11.54 58.58
C GLN C 647 29.71 -11.13 58.86
N ARG C 648 29.00 -10.70 57.82
CA ARG C 648 27.63 -10.25 57.97
C ARG C 648 26.73 -11.40 58.44
N THR C 649 26.85 -12.57 57.82
CA THR C 649 25.99 -13.67 58.24
C THR C 649 26.33 -14.06 59.69
N GLU C 650 27.60 -13.93 60.07
CA GLU C 650 27.99 -14.07 61.47
C GLU C 650 27.27 -13.10 62.41
N ILE C 651 27.46 -11.80 62.16
CA ILE C 651 26.89 -10.79 63.02
C ILE C 651 25.39 -11.02 63.10
N THR C 652 24.77 -11.29 61.96
CA THR C 652 23.34 -11.54 61.90
C THR C 652 22.91 -12.72 62.77
N ALA C 653 23.67 -13.81 62.68
CA ALA C 653 23.37 -15.04 63.41
C ALA C 653 23.31 -14.76 64.88
N THR C 654 24.34 -14.09 65.40
CA THR C 654 24.44 -13.90 66.84
C THR C 654 23.42 -12.90 67.32
N ILE C 655 23.12 -11.93 66.46
CA ILE C 655 22.15 -10.90 66.80
C ILE C 655 20.72 -11.42 66.95
N VAL C 656 20.30 -12.36 66.09
CA VAL C 656 18.95 -12.90 66.22
C VAL C 656 18.90 -14.02 67.24
N ASP C 657 20.05 -14.41 67.75
CA ASP C 657 20.05 -15.39 68.83
C ASP C 657 19.68 -14.69 70.12
N LEU C 658 20.27 -13.53 70.33
CA LEU C 658 20.04 -12.80 71.56
C LEU C 658 18.64 -12.21 71.58
N PHE C 659 18.25 -11.59 70.46
CA PHE C 659 17.05 -10.75 70.41
C PHE C 659 15.90 -11.49 69.73
N GLY C 660 16.20 -12.68 69.22
CA GLY C 660 15.20 -13.44 68.50
C GLY C 660 14.33 -14.28 69.40
N LYS C 661 13.45 -15.07 68.80
CA LYS C 661 12.51 -15.88 69.56
C LYS C 661 13.16 -17.13 70.16
N GLU C 662 13.92 -17.84 69.36
CA GLU C 662 14.59 -19.04 69.85
C GLU C 662 15.49 -18.73 71.05
N GLY C 663 16.05 -17.53 71.10
CA GLY C 663 16.89 -17.14 72.22
C GLY C 663 16.11 -16.69 73.45
N ALA C 664 14.88 -16.25 73.23
CA ALA C 664 14.00 -15.91 74.34
C ALA C 664 13.43 -17.20 74.92
N GLN C 665 13.20 -18.17 74.06
CA GLN C 665 12.76 -19.51 74.48
C GLN C 665 13.87 -20.33 75.15
N SER C 666 15.12 -20.18 74.70
CA SER C 666 16.26 -20.88 75.29
C SER C 666 16.97 -20.08 76.38
N GLY C 667 16.29 -19.07 76.92
CA GLY C 667 16.89 -18.21 77.92
C GLY C 667 18.27 -17.68 77.55
N ARG C 668 18.45 -17.30 76.29
CA ARG C 668 19.70 -16.74 75.80
C ARG C 668 19.64 -15.22 75.63
N ARG C 669 18.45 -14.67 75.84
CA ARG C 669 18.28 -13.23 75.74
C ARG C 669 19.01 -12.52 76.88
N PRO C 670 19.94 -11.62 76.53
CA PRO C 670 20.78 -10.94 77.52
C PRO C 670 19.96 -10.15 78.55
N THR C 671 20.20 -10.51 79.81
CA THR C 671 19.72 -9.78 80.98
C THR C 671 20.48 -8.47 81.02
N ARG C 672 21.79 -8.56 80.79
CA ARG C 672 22.66 -7.40 80.69
C ARG C 672 22.21 -6.56 79.52
N GLY C 673 22.40 -5.25 79.62
CA GLY C 673 22.01 -4.35 78.54
C GLY C 673 22.62 -4.73 77.20
N ALA C 674 21.99 -4.29 76.13
CA ALA C 674 22.49 -4.58 74.78
C ALA C 674 21.96 -3.57 73.80
N VAL C 675 22.82 -3.10 72.91
CA VAL C 675 22.40 -2.15 71.90
C VAL C 675 22.89 -2.59 70.54
N LEU C 676 21.96 -2.66 69.59
CA LEU C 676 22.29 -2.89 68.19
C LEU C 676 22.16 -1.60 67.40
N VAL C 677 23.19 -1.27 66.63
CA VAL C 677 23.11 -0.11 65.73
C VAL C 677 23.04 -0.59 64.28
N ALA C 678 21.97 -0.24 63.59
CA ALA C 678 21.78 -0.73 62.22
C ALA C 678 21.33 0.33 61.19
N THR C 679 21.52 0.00 59.91
CA THR C 679 20.90 0.73 58.80
C THR C 679 19.61 0.00 58.45
N GLN C 680 19.08 0.27 57.27
CA GLN C 680 17.79 -0.31 56.90
C GLN C 680 17.85 -1.80 56.63
N VAL C 681 18.97 -2.44 56.97
CA VAL C 681 19.08 -3.89 56.89
C VAL C 681 18.06 -4.50 57.85
N VAL C 682 17.61 -3.67 58.79
CA VAL C 682 16.68 -4.09 59.84
C VAL C 682 15.24 -4.15 59.32
N GLU C 683 15.04 -3.63 58.10
CA GLU C 683 13.72 -3.60 57.48
C GLU C 683 13.44 -4.90 56.75
N GLN C 684 14.46 -5.73 56.58
CA GLN C 684 14.28 -7.03 55.93
C GLN C 684 14.47 -8.21 56.84
N SER C 685 13.36 -8.88 57.16
CA SER C 685 13.37 -10.22 57.74
C SER C 685 14.52 -10.56 58.69
N LEU C 686 14.55 -9.88 59.84
CA LEU C 686 15.41 -10.29 60.94
C LEU C 686 14.54 -10.53 62.15
N ASP C 687 14.66 -11.71 62.73
CA ASP C 687 13.91 -12.01 63.93
C ASP C 687 14.52 -11.26 65.10
N LEU C 688 14.03 -10.05 65.35
CA LEU C 688 14.46 -9.28 66.53
C LEU C 688 13.27 -8.89 67.40
N ASP C 689 13.49 -8.91 68.71
CA ASP C 689 12.56 -8.27 69.64
C ASP C 689 13.36 -7.34 70.54
N VAL C 690 13.31 -6.05 70.25
CA VAL C 690 13.98 -5.08 71.11
C VAL C 690 12.95 -4.41 72.04
N ASP C 691 13.40 -4.02 73.22
CA ASP C 691 12.54 -3.45 74.24
C ASP C 691 12.33 -1.99 73.93
N LEU C 692 13.33 -1.41 73.27
CA LEU C 692 13.30 -0.02 72.81
C LEU C 692 13.83 0.08 71.36
N MET C 693 13.28 1.00 70.57
CA MET C 693 13.86 1.32 69.27
C MET C 693 13.87 2.79 68.94
N ILE C 694 15.07 3.33 68.73
CA ILE C 694 15.26 4.70 68.26
C ILE C 694 15.63 4.64 66.79
N SER C 695 14.96 5.46 65.97
CA SER C 695 15.18 5.45 64.53
C SER C 695 15.27 6.87 64.00
N ASP C 696 16.08 7.13 62.99
CA ASP C 696 16.01 8.43 62.32
C ASP C 696 14.68 8.45 61.62
N LEU C 697 14.23 9.63 61.20
CA LEU C 697 12.98 9.73 60.47
C LEU C 697 13.10 9.01 59.15
N ALA C 698 11.99 8.44 58.69
CA ALA C 698 11.92 7.77 57.41
C ALA C 698 10.46 7.84 56.98
N PRO C 699 10.15 7.52 55.72
CA PRO C 699 8.71 7.53 55.41
C PRO C 699 7.92 6.54 56.32
N VAL C 700 6.75 6.95 56.81
CA VAL C 700 5.99 6.16 57.80
C VAL C 700 5.91 4.68 57.52
N SER C 701 5.74 4.33 56.26
CA SER C 701 5.63 2.93 55.87
C SER C 701 6.86 2.16 56.36
N LEU C 702 8.03 2.79 56.25
CA LEU C 702 9.28 2.15 56.64
C LEU C 702 9.49 2.24 58.13
N LEU C 703 9.15 3.39 58.71
CA LEU C 703 9.19 3.60 60.15
C LEU C 703 8.32 2.55 60.88
N LEU C 704 7.13 2.29 60.34
CA LEU C 704 6.19 1.31 60.88
C LEU C 704 6.71 -0.11 60.77
N GLN C 705 7.53 -0.36 59.75
CA GLN C 705 8.07 -1.68 59.54
C GLN C 705 9.32 -1.89 60.39
N ARG C 706 10.06 -0.81 60.56
CA ARG C 706 11.19 -0.76 61.48
C ARG C 706 10.66 -1.11 62.88
N ALA C 707 9.58 -0.46 63.29
CA ALA C 707 9.01 -0.64 64.63
C ALA C 707 8.34 -2.00 64.89
N GLY C 708 8.17 -2.83 63.87
CA GLY C 708 7.62 -4.15 64.10
C GLY C 708 8.55 -5.06 64.88
N ARG C 709 9.68 -4.53 65.30
CA ARG C 709 10.64 -5.31 66.06
C ARG C 709 10.48 -4.94 67.53
N CYS C 710 9.90 -3.77 67.77
CA CYS C 710 9.60 -3.33 69.13
C CYS C 710 8.58 -4.27 69.76
N TRP C 711 9.01 -5.00 70.78
CA TRP C 711 8.13 -5.91 71.50
C TRP C 711 7.43 -6.91 70.57
N ARG C 712 8.18 -7.39 69.58
CA ARG C 712 7.66 -8.35 68.62
C ARG C 712 7.05 -9.59 69.27
N HIS C 713 7.74 -10.13 70.26
CA HIS C 713 7.34 -11.39 70.87
C HIS C 713 6.71 -11.27 72.26
N GLU C 714 6.07 -10.12 72.51
CA GLU C 714 5.40 -9.90 73.77
C GLU C 714 4.41 -11.00 74.06
N HIS C 715 3.54 -11.29 73.10
CA HIS C 715 2.43 -12.20 73.35
C HIS C 715 2.87 -13.64 73.51
N LEU C 716 4.18 -13.85 73.53
CA LEU C 716 4.71 -15.16 73.91
C LEU C 716 4.78 -15.25 75.44
N GLY C 717 4.68 -14.08 76.09
CA GLY C 717 4.73 -13.98 77.54
C GLY C 717 5.99 -14.56 78.17
N ILE C 718 7.10 -14.52 77.46
CA ILE C 718 8.31 -15.20 77.90
C ILE C 718 9.54 -14.29 77.97
N ILE C 719 9.30 -12.97 77.96
CA ILE C 719 10.38 -11.99 78.07
C ILE C 719 10.17 -11.03 79.24
N ASN C 720 11.13 -10.99 80.17
CA ASN C 720 11.12 -10.03 81.26
C ASN C 720 11.59 -8.65 80.82
N ARG C 721 10.66 -7.82 80.38
CA ARG C 721 11.05 -6.46 80.02
C ARG C 721 11.47 -5.66 81.25
N PRO C 722 12.60 -4.93 81.14
CA PRO C 722 13.16 -4.09 82.20
C PRO C 722 12.13 -3.13 82.77
N GLN C 723 12.39 -2.65 83.98
CA GLN C 723 11.48 -1.74 84.66
C GLN C 723 11.18 -0.52 83.80
N TRP C 724 12.22 0.05 83.18
CA TRP C 724 12.09 1.29 82.42
C TRP C 724 11.25 1.17 81.15
N ALA C 725 11.14 -0.06 80.65
CA ALA C 725 10.42 -0.30 79.41
C ALA C 725 8.95 -0.55 79.73
N LYS C 726 8.20 0.53 79.90
CA LYS C 726 6.81 0.41 80.29
C LYS C 726 5.92 0.03 79.10
N GLN C 727 6.16 0.67 77.97
CA GLN C 727 5.36 0.42 76.78
C GLN C 727 6.24 0.25 75.55
N PRO C 728 5.76 -0.50 74.54
CA PRO C 728 6.55 -0.65 73.32
C PRO C 728 6.65 0.70 72.61
N GLU C 729 7.85 1.24 72.54
CA GLU C 729 8.02 2.61 72.10
C GLU C 729 9.05 2.73 70.99
N LEU C 730 8.69 3.52 69.99
CA LEU C 730 9.60 3.93 68.94
C LEU C 730 9.95 5.41 69.14
N VAL C 731 11.24 5.70 69.25
CA VAL C 731 11.68 7.09 69.39
C VAL C 731 12.19 7.55 68.04
N VAL C 732 11.62 8.64 67.54
CA VAL C 732 11.94 9.11 66.20
C VAL C 732 12.75 10.40 66.19
N LEU C 733 13.99 10.30 65.72
CA LEU C 733 14.91 11.44 65.66
C LEU C 733 14.64 12.33 64.44
N THR C 734 14.57 13.64 64.69
CA THR C 734 14.35 14.64 63.63
C THR C 734 15.03 15.96 64.03
N PRO C 735 15.68 16.64 63.08
CA PRO C 735 16.52 17.79 63.44
C PRO C 735 15.71 18.98 63.91
N GLU C 736 16.22 19.72 64.89
CA GLU C 736 15.54 20.94 65.30
C GLU C 736 15.58 21.97 64.19
N GLN C 737 14.49 22.71 64.04
CA GLN C 737 14.32 23.66 62.93
C GLN C 737 14.68 25.11 63.24
N ASN C 738 14.28 26.01 62.35
CA ASN C 738 14.53 27.44 62.51
C ASN C 738 13.28 28.26 62.23
N ALA C 744 8.54 25.30 56.14
CA ALA C 744 8.66 23.90 55.72
C ALA C 744 9.93 23.22 56.26
N PRO C 745 9.77 22.00 56.79
CA PRO C 745 10.83 21.25 57.50
C PRO C 745 12.10 21.02 56.68
N TRP C 746 13.21 20.76 57.37
CA TRP C 746 14.50 20.58 56.74
C TRP C 746 15.11 19.27 57.22
N PHE C 747 15.84 18.58 56.35
CA PHE C 747 16.52 17.36 56.77
C PHE C 747 17.91 17.30 56.17
N PRO C 748 18.80 16.51 56.78
CA PRO C 748 20.17 16.43 56.26
C PRO C 748 20.19 15.98 54.80
N ARG C 749 21.21 16.41 54.09
CA ARG C 749 21.33 16.06 52.70
C ARG C 749 21.49 14.54 52.58
N SER C 750 22.18 13.94 53.53
CA SER C 750 22.38 12.50 53.53
C SER C 750 21.08 11.72 53.71
N TRP C 751 20.02 12.38 54.15
CA TRP C 751 18.71 11.74 54.30
C TRP C 751 17.87 12.00 53.06
N THR C 752 17.99 13.22 52.53
CA THR C 752 17.23 13.56 51.34
C THR C 752 17.79 12.86 50.11
N SER C 753 19.02 12.36 50.23
CA SER C 753 19.70 11.62 49.17
C SER C 753 19.17 10.20 49.06
N VAL C 754 18.63 9.67 50.15
CA VAL C 754 18.07 8.33 50.09
C VAL C 754 16.54 8.35 50.05
N TYR C 755 15.92 9.26 50.81
CA TYR C 755 14.47 9.39 50.77
C TYR C 755 14.11 10.75 50.21
N PRO C 756 13.00 10.81 49.44
CA PRO C 756 12.62 12.10 48.86
C PRO C 756 12.37 13.12 49.98
N LEU C 757 12.84 14.34 49.80
CA LEU C 757 12.63 15.36 50.83
C LEU C 757 11.15 15.52 51.20
N ALA C 758 10.30 15.65 50.20
CA ALA C 758 8.89 15.84 50.47
C ALA C 758 8.29 14.69 51.27
N LEU C 759 8.77 13.48 51.03
CA LEU C 759 8.19 12.29 51.66
C LEU C 759 8.52 12.31 53.15
N LEU C 760 9.75 12.71 53.48
CA LEU C 760 10.15 12.95 54.86
C LEU C 760 9.25 14.03 55.50
N GLN C 761 9.20 15.20 54.88
CA GLN C 761 8.35 16.31 55.30
C GLN C 761 6.91 15.91 55.59
N ARG C 762 6.30 15.17 54.67
CA ARG C 762 4.95 14.68 54.91
C ARG C 762 4.89 13.69 56.07
N THR C 763 5.94 12.91 56.28
CA THR C 763 5.93 11.92 57.36
C THR C 763 6.01 12.65 58.69
N TYR C 764 6.93 13.60 58.80
CA TYR C 764 7.04 14.43 59.99
C TYR C 764 5.74 15.17 60.33
N THR C 765 5.10 15.74 59.31
CA THR C 765 3.87 16.46 59.53
C THR C 765 2.79 15.51 60.03
N LEU C 766 2.68 14.34 59.41
CA LEU C 766 1.69 13.34 59.83
C LEU C 766 1.84 13.01 61.31
N LEU C 767 3.08 12.85 61.77
CA LEU C 767 3.38 12.38 63.13
C LEU C 767 3.17 13.44 64.23
N ARG C 768 3.61 14.66 63.94
CA ARG C 768 3.44 15.81 64.82
C ARG C 768 1.96 16.17 64.95
N ARG C 769 1.18 15.89 63.94
CA ARG C 769 -0.24 16.07 63.94
C ARG C 769 -0.94 15.23 64.98
N ARG C 770 -0.48 14.01 65.14
CA ARG C 770 -1.10 13.04 66.04
C ARG C 770 -0.91 13.37 67.49
N ASN C 771 0.05 14.22 67.77
CA ASN C 771 0.20 14.74 69.09
C ASN C 771 0.36 13.70 70.19
N GLY C 772 1.32 12.81 70.02
CA GLY C 772 1.82 11.98 71.10
C GLY C 772 1.03 10.73 71.24
N ALA C 773 -0.04 10.72 70.51
CA ALA C 773 -1.01 9.65 70.46
C ALA C 773 -0.40 8.37 69.93
N PRO C 774 -0.44 7.32 70.74
CA PRO C 774 0.13 6.01 70.36
C PRO C 774 -0.55 5.52 69.10
N VAL C 775 0.11 4.63 68.37
CA VAL C 775 -0.44 4.09 67.15
C VAL C 775 -1.01 2.71 67.41
N GLN C 776 -2.34 2.60 67.36
CA GLN C 776 -3.03 1.32 67.52
C GLN C 776 -2.49 0.34 66.53
N ILE C 777 -2.23 -0.87 66.96
CA ILE C 777 -1.75 -1.87 66.04
C ILE C 777 -2.60 -3.12 66.13
N PRO C 778 -3.15 -3.59 64.98
CA PRO C 778 -2.93 -3.15 63.60
C PRO C 778 -3.94 -2.15 63.05
N GLU C 779 -4.53 -1.33 63.92
CA GLU C 779 -5.71 -0.56 63.55
C GLU C 779 -5.44 0.79 62.90
N ASP C 780 -4.38 1.48 63.31
CA ASP C 780 -4.10 2.82 62.80
C ASP C 780 -3.09 2.78 61.65
N VAL C 781 -2.60 1.57 61.37
CA VAL C 781 -1.52 1.38 60.42
C VAL C 781 -1.86 1.69 58.95
N GLN C 782 -2.87 1.02 58.41
CA GLN C 782 -3.26 1.21 57.03
C GLN C 782 -3.64 2.66 56.76
N GLN C 783 -4.30 3.30 57.71
CA GLN C 783 -4.71 4.69 57.57
C GLN C 783 -3.50 5.61 57.41
N LEU C 784 -2.44 5.32 58.16
CA LEU C 784 -1.25 6.14 58.13
C LEU C 784 -0.49 5.95 56.82
N VAL C 785 -0.36 4.69 56.38
CA VAL C 785 0.23 4.40 55.07
C VAL C 785 -0.44 5.15 53.91
N ASP C 786 -1.76 5.02 53.77
CA ASP C 786 -2.48 5.67 52.68
C ASP C 786 -2.38 7.18 52.77
N ASP C 787 -2.58 7.72 53.97
CA ASP C 787 -2.74 9.16 54.13
C ASP C 787 -1.50 10.00 53.87
N VAL C 788 -0.31 9.39 54.02
CA VAL C 788 0.93 10.15 53.92
C VAL C 788 1.12 10.63 52.48
N TYR C 789 0.65 9.84 51.52
CA TYR C 789 0.64 10.27 50.14
C TYR C 789 -0.64 11.03 49.83
N ASP C 790 -1.76 10.46 50.22
CA ASP C 790 -3.07 11.00 49.89
C ASP C 790 -3.41 12.41 50.38
N ASP C 791 -2.87 12.83 51.51
CA ASP C 791 -3.28 14.11 52.11
C ASP C 791 -2.39 15.27 51.64
N ASP C 792 -2.88 16.08 50.73
CA ASP C 792 -2.15 17.25 50.23
C ASP C 792 -1.77 18.30 51.28
N SER C 793 -2.44 18.28 52.42
CA SER C 793 -2.16 19.30 53.44
C SER C 793 -0.86 19.00 54.17
N LEU C 794 -0.35 17.78 54.02
CA LEU C 794 0.91 17.37 54.64
C LEU C 794 2.10 17.97 53.87
N ALA C 795 1.85 18.32 52.62
CA ALA C 795 2.89 18.86 51.78
C ALA C 795 2.93 20.39 51.82
N GLU C 796 3.75 20.95 52.70
CA GLU C 796 3.85 22.38 52.86
C GLU C 796 4.89 22.98 51.93
N ASP C 797 5.72 22.10 51.36
CA ASP C 797 6.69 22.52 50.39
C ASP C 797 6.22 21.99 49.03
N LEU C 798 5.85 22.89 48.13
CA LEU C 798 5.31 22.49 46.83
C LEU C 798 6.36 22.09 45.79
N GLU C 799 7.48 22.80 45.75
CA GLU C 799 8.54 22.45 44.80
C GLU C 799 9.08 21.09 45.16
N ALA C 800 9.25 20.84 46.46
CA ALA C 800 9.72 19.56 46.93
C ALA C 800 8.73 18.49 46.57
N ASP C 801 7.46 18.78 46.78
CA ASP C 801 6.46 17.75 46.53
C ASP C 801 6.31 17.53 45.04
N MET C 802 6.69 18.53 44.25
CA MET C 802 6.63 18.37 42.81
C MET C 802 7.80 17.50 42.33
N GLU C 803 8.98 17.76 42.88
CA GLU C 803 10.14 16.96 42.53
C GLU C 803 9.94 15.49 42.93
N ARG C 804 9.35 15.24 44.09
CA ARG C 804 9.07 13.89 44.53
C ARG C 804 8.20 13.15 43.52
N MET C 805 7.18 13.84 43.01
CA MET C 805 6.33 13.26 41.99
C MET C 805 7.01 13.16 40.65
N GLY C 806 7.95 14.05 40.39
CA GLY C 806 8.75 14.00 39.17
C GLY C 806 9.70 12.82 39.14
N GLU C 807 10.40 12.59 40.24
CA GLU C 807 11.26 11.43 40.36
C GLU C 807 10.47 10.12 40.14
N GLU C 808 9.23 10.08 40.60
CA GLU C 808 8.41 8.90 40.45
C GLU C 808 7.95 8.64 39.00
N LEU C 809 7.69 9.70 38.26
CA LEU C 809 7.41 9.58 36.82
C LEU C 809 8.61 9.04 36.06
N ALA C 810 9.77 9.59 36.37
CA ALA C 810 11.04 9.14 35.82
C ALA C 810 11.21 7.64 35.96
N GLN C 811 11.08 7.14 37.19
CA GLN C 811 11.24 5.72 37.46
C GLN C 811 10.24 4.85 36.71
N ARG C 812 8.97 5.23 36.73
CA ARG C 812 7.98 4.47 35.99
C ARG C 812 8.18 4.59 34.49
N GLY C 813 8.69 5.75 34.05
CA GLY C 813 8.91 6.00 32.65
C GLY C 813 9.97 5.05 32.11
N LEU C 814 11.06 4.92 32.87
CA LEU C 814 12.19 4.08 32.50
C LEU C 814 11.74 2.64 32.36
N ALA C 815 10.79 2.26 33.19
CA ALA C 815 10.31 0.90 33.22
C ALA C 815 9.41 0.59 32.05
N ARG C 816 8.51 1.52 31.71
CA ARG C 816 7.65 1.28 30.56
C ARG C 816 8.52 1.08 29.33
N ASN C 817 9.70 1.69 29.32
CA ASN C 817 10.63 1.49 28.22
C ASN C 817 11.27 0.10 28.17
N ALA C 818 11.51 -0.49 29.33
CA ALA C 818 12.22 -1.75 29.44
C ALA C 818 11.34 -2.96 29.17
N VAL C 819 10.04 -2.83 29.43
CA VAL C 819 9.15 -3.98 29.35
C VAL C 819 8.65 -4.34 27.96
N ILE C 820 8.16 -5.57 27.86
CA ILE C 820 7.53 -6.06 26.63
C ILE C 820 6.20 -5.35 26.37
N PRO C 821 5.69 -5.43 25.14
CA PRO C 821 4.38 -4.85 24.87
C PRO C 821 3.26 -5.40 25.75
N ASP C 822 2.20 -4.64 25.96
CA ASP C 822 0.95 -5.23 26.46
C ASP C 822 0.57 -6.38 25.55
N PRO C 823 -0.16 -7.37 26.10
CA PRO C 823 -0.55 -8.53 25.30
C PRO C 823 -1.40 -8.17 24.08
N ASP C 824 -2.30 -7.20 24.24
CA ASP C 824 -3.09 -6.73 23.11
C ASP C 824 -2.20 -6.24 21.96
N ASP C 825 -1.16 -5.46 22.24
CA ASP C 825 -0.29 -4.99 21.16
C ASP C 825 0.59 -6.07 20.57
N ALA C 826 0.64 -7.24 21.20
CA ALA C 826 1.44 -8.34 20.65
C ALA C 826 0.55 -9.41 20.07
N GLU C 827 -0.68 -9.02 19.74
CA GLU C 827 -1.73 -9.90 19.23
C GLU C 827 -1.37 -10.68 17.97
N ASP C 828 -0.62 -10.04 17.06
CA ASP C 828 -0.31 -10.63 15.76
C ASP C 828 1.16 -10.41 15.38
N ASN C 829 1.91 -9.81 16.30
CA ASN C 829 3.33 -9.60 16.08
C ASN C 829 4.13 -9.80 17.36
N LEU C 830 5.10 -10.71 17.32
CA LEU C 830 5.96 -11.01 18.47
C LEU C 830 7.28 -10.24 18.49
N ASN C 831 7.58 -9.46 17.46
CA ASN C 831 8.88 -8.81 17.34
C ASN C 831 9.24 -7.89 18.50
N GLY C 832 8.24 -7.22 19.04
CA GLY C 832 8.44 -6.25 20.09
C GLY C 832 8.81 -6.84 21.44
N LEU C 833 8.90 -8.16 21.48
CA LEU C 833 9.20 -8.86 22.71
C LEU C 833 10.71 -8.93 22.96
N THR C 834 11.51 -8.82 21.91
CA THR C 834 12.94 -8.95 22.09
C THR C 834 13.67 -7.86 21.31
N GLU C 835 12.92 -6.82 20.96
CA GLU C 835 13.44 -5.64 20.27
C GLU C 835 14.11 -4.66 21.22
N PHE C 836 15.35 -4.29 20.91
CA PHE C 836 16.06 -3.26 21.67
C PHE C 836 17.41 -2.92 21.07
N SER C 837 17.76 -1.64 21.08
CA SER C 837 19.02 -1.17 20.50
C SER C 837 19.91 -0.40 21.48
N VAL C 844 22.23 -4.07 29.05
CA VAL C 844 21.51 -5.13 29.75
C VAL C 844 20.43 -4.55 30.66
N LEU C 845 19.16 -4.79 30.29
CA LEU C 845 18.04 -4.17 31.01
C LEU C 845 17.92 -4.64 32.47
N ALA C 846 17.39 -3.77 33.33
CA ALA C 846 17.43 -4.00 34.77
C ALA C 846 16.09 -4.39 35.38
N THR C 847 16.10 -5.28 36.38
CA THR C 847 14.91 -5.50 37.18
C THR C 847 14.71 -4.45 38.25
N ARG C 848 15.71 -3.62 38.51
CA ARG C 848 15.60 -2.63 39.58
C ARG C 848 16.12 -1.28 39.10
N PHE C 849 15.51 -0.22 39.61
CA PHE C 849 15.91 1.11 39.19
C PHE C 849 17.19 1.51 39.88
N GLY C 850 17.96 2.38 39.26
CA GLY C 850 19.13 2.95 39.90
C GLY C 850 20.43 2.39 39.39
N ALA C 851 21.53 2.90 39.95
CA ALA C 851 22.84 2.49 39.49
C ALA C 851 23.24 1.07 39.94
N GLY C 852 22.78 0.62 41.10
CA GLY C 852 23.14 -0.69 41.59
C GLY C 852 24.50 -0.82 42.26
N SER C 853 24.91 -2.07 42.55
CA SER C 853 26.12 -2.31 43.30
C SER C 853 27.09 -3.20 42.56
N VAL C 854 28.36 -3.11 42.92
CA VAL C 854 29.36 -4.11 42.49
C VAL C 854 29.97 -4.74 43.71
N ARG C 855 30.48 -5.96 43.56
CA ARG C 855 31.15 -6.60 44.67
C ARG C 855 32.63 -6.26 44.59
N VAL C 856 33.17 -5.68 45.66
CA VAL C 856 34.60 -5.50 45.78
C VAL C 856 35.18 -6.62 46.65
N LEU C 857 36.43 -6.98 46.38
CA LEU C 857 37.18 -7.87 47.27
C LEU C 857 38.45 -7.19 47.72
N CYS C 858 38.55 -6.88 49.02
CA CYS C 858 39.76 -6.26 49.53
C CYS C 858 40.94 -7.23 49.55
N TYR C 859 42.06 -6.83 48.98
CA TYR C 859 43.28 -7.61 49.15
C TYR C 859 44.36 -6.80 49.88
N TYR C 860 45.27 -7.51 50.55
CA TYR C 860 46.34 -6.85 51.31
C TYR C 860 47.66 -6.90 50.58
N VAL C 861 48.34 -5.76 50.49
CA VAL C 861 49.58 -5.64 49.73
C VAL C 861 50.74 -5.15 50.62
N ASP C 862 51.83 -5.93 50.68
CA ASP C 862 52.99 -5.54 51.48
C ASP C 862 53.96 -4.69 50.65
N THR C 863 55.07 -4.26 51.25
CA THR C 863 55.98 -3.36 50.57
C THR C 863 56.84 -4.04 49.52
N ALA C 864 56.50 -5.27 49.16
CA ALA C 864 57.32 -6.02 48.21
C ALA C 864 57.02 -5.88 46.69
N GLY C 865 55.76 -5.87 46.26
CA GLY C 865 54.59 -6.00 47.08
C GLY C 865 53.70 -7.13 46.61
N ASN C 866 53.86 -8.28 47.23
CA ASN C 866 53.01 -9.42 46.96
C ASN C 866 51.63 -9.19 47.55
N ARG C 867 50.68 -10.02 47.16
CA ARG C 867 49.30 -9.78 47.54
C ARG C 867 48.74 -10.90 48.41
N TRP C 868 47.99 -10.51 49.44
CA TRP C 868 47.53 -11.46 50.44
C TRP C 868 46.03 -11.31 50.69
N LEU C 869 45.43 -12.35 51.25
CA LEU C 869 43.99 -12.33 51.52
C LEU C 869 43.69 -11.82 52.93
N ASP C 870 44.68 -11.84 53.80
CA ASP C 870 44.55 -11.36 55.17
C ASP C 870 45.52 -10.22 55.44
N PRO C 871 45.19 -9.36 56.41
CA PRO C 871 46.14 -8.30 56.75
C PRO C 871 47.43 -8.85 57.33
N GLU C 872 47.46 -10.14 57.64
CA GLU C 872 48.64 -10.75 58.25
C GLU C 872 49.59 -11.28 57.19
N CYS C 873 49.14 -11.29 55.95
CA CYS C 873 50.01 -11.59 54.82
C CYS C 873 50.57 -13.01 54.82
N THR C 874 49.71 -13.97 55.11
CA THR C 874 50.10 -15.36 55.24
C THR C 874 49.22 -16.27 54.39
N VAL C 875 48.16 -15.73 53.80
CA VAL C 875 47.37 -16.47 52.83
C VAL C 875 47.53 -15.76 51.51
N GLU C 876 48.25 -16.37 50.59
CA GLU C 876 48.55 -15.62 49.39
C GLU C 876 47.36 -15.51 48.46
N PHE C 877 47.27 -14.37 47.79
CA PHE C 877 46.24 -14.10 46.81
C PHE C 877 46.26 -15.18 45.75
N PRO C 878 45.10 -15.82 45.51
CA PRO C 878 44.94 -16.91 44.54
C PRO C 878 45.02 -16.49 43.07
N GLU C 879 46.03 -16.98 42.37
CA GLU C 879 46.19 -16.75 40.94
C GLU C 879 45.54 -17.88 40.16
N GLN C 880 45.26 -18.97 40.86
CA GLN C 880 44.65 -20.14 40.28
C GLN C 880 43.68 -20.83 41.23
N GLY C 881 42.84 -21.69 40.67
CA GLY C 881 41.88 -22.45 41.43
C GLY C 881 42.40 -23.84 41.75
N THR C 882 41.61 -24.61 42.49
CA THR C 882 42.05 -25.88 43.04
C THR C 882 41.43 -27.06 42.30
N GLY C 883 40.76 -26.77 41.20
CA GLY C 883 40.18 -27.81 40.38
C GLY C 883 41.20 -28.23 39.35
N ARG C 884 40.82 -29.21 38.53
CA ARG C 884 41.72 -29.76 37.52
C ARG C 884 42.28 -28.65 36.63
N GLU C 885 43.57 -28.74 36.37
CA GLU C 885 44.27 -27.76 35.53
C GLU C 885 44.10 -26.33 36.02
N GLY C 886 43.87 -26.16 37.31
CA GLY C 886 43.83 -24.84 37.91
C GLY C 886 42.52 -24.12 37.67
N ARG C 887 41.50 -24.86 37.26
CA ARG C 887 40.18 -24.30 37.07
C ARG C 887 39.60 -23.87 38.41
N PHE C 888 38.85 -22.77 38.42
CA PHE C 888 38.13 -22.37 39.63
C PHE C 888 36.84 -23.17 39.76
N THR C 889 36.65 -23.83 40.90
CA THR C 889 35.51 -24.68 41.12
C THR C 889 34.43 -23.85 41.76
N MET C 890 33.23 -24.39 41.89
CA MET C 890 32.17 -23.62 42.53
C MET C 890 32.46 -23.48 44.01
N ALA C 891 33.22 -24.42 44.57
CA ALA C 891 33.61 -24.32 45.96
C ALA C 891 34.65 -23.22 46.11
N ASP C 892 35.56 -23.15 45.15
CA ASP C 892 36.52 -22.07 45.08
C ASP C 892 35.86 -20.70 45.04
N CYS C 893 34.87 -20.54 44.17
CA CYS C 893 34.14 -19.28 44.10
C CYS C 893 33.34 -19.05 45.38
N ARG C 894 32.72 -20.10 45.89
CA ARG C 894 31.95 -20.00 47.13
C ARG C 894 32.79 -19.41 48.26
N ASP C 895 34.07 -19.81 48.33
CA ASP C 895 35.00 -19.32 49.34
C ASP C 895 35.40 -17.87 49.08
N LEU C 896 35.70 -17.55 47.82
CA LEU C 896 36.05 -16.17 47.46
C LEU C 896 34.91 -15.18 47.66
N VAL C 897 33.75 -15.51 47.11
CA VAL C 897 32.61 -14.63 47.20
C VAL C 897 32.29 -14.30 48.64
N ALA C 898 32.61 -15.21 49.56
CA ALA C 898 32.33 -15.01 51.01
C ALA C 898 33.12 -13.86 51.61
N ARG C 899 34.24 -13.55 50.98
CA ARG C 899 35.09 -12.46 51.39
C ARG C 899 34.68 -11.14 50.74
N THR C 900 33.89 -11.20 49.66
CA THR C 900 33.52 -9.98 48.92
C THR C 900 32.50 -9.13 49.65
N ILE C 901 32.45 -7.86 49.28
CA ILE C 901 31.47 -6.97 49.90
C ILE C 901 30.82 -6.00 48.89
N PRO C 902 29.49 -5.86 48.96
CA PRO C 902 28.67 -5.09 48.02
C PRO C 902 28.74 -3.58 48.21
N VAL C 903 29.19 -2.89 47.17
CA VAL C 903 29.38 -1.45 47.24
C VAL C 903 28.60 -0.71 46.16
N ARG C 904 27.85 0.31 46.56
CA ARG C 904 27.02 1.08 45.64
C ARG C 904 27.85 1.79 44.57
N MET C 905 27.36 1.74 43.34
CA MET C 905 28.10 2.26 42.21
C MET C 905 28.09 3.78 42.25
N GLY C 906 29.25 4.38 42.01
CA GLY C 906 29.38 5.82 42.05
C GLY C 906 30.47 6.28 41.10
N PRO C 907 30.81 7.57 41.16
CA PRO C 907 31.88 8.15 40.35
C PRO C 907 33.18 7.34 40.45
N TRP C 908 33.44 6.74 41.61
CA TRP C 908 34.70 6.01 41.85
C TRP C 908 34.99 4.88 40.88
N ALA C 909 33.94 4.21 40.42
CA ALA C 909 34.10 3.06 39.53
C ALA C 909 34.53 3.46 38.11
N SER C 910 34.44 4.76 37.81
CA SER C 910 34.87 5.29 36.51
C SER C 910 36.36 5.57 36.50
N GLN C 911 36.99 5.39 37.65
CA GLN C 911 38.38 5.75 37.80
C GLN C 911 39.19 4.61 38.35
N LEU C 912 39.01 3.41 37.82
CA LEU C 912 39.77 2.28 38.30
C LEU C 912 41.04 2.12 37.50
N THR C 913 42.06 1.57 38.14
CA THR C 913 43.32 1.34 37.49
C THR C 913 43.54 -0.16 37.44
N GLU C 914 44.69 -0.60 36.93
CA GLU C 914 44.87 -2.01 36.58
C GLU C 914 45.09 -2.91 37.82
N ASP C 915 45.39 -2.31 38.96
CA ASP C 915 45.49 -3.10 40.18
C ASP C 915 44.16 -3.12 40.93
N ASN C 916 43.10 -2.80 40.21
CA ASN C 916 41.73 -2.98 40.69
C ASN C 916 41.06 -4.04 39.83
N HIS C 917 41.87 -4.71 39.02
CA HIS C 917 41.37 -5.67 38.07
C HIS C 917 41.84 -7.08 38.39
N PRO C 918 40.90 -8.02 38.41
CA PRO C 918 41.20 -9.43 38.68
C PRO C 918 42.15 -10.01 37.67
N PRO C 919 43.01 -10.93 38.12
CA PRO C 919 43.94 -11.70 37.29
C PRO C 919 43.19 -12.36 36.15
N GLU C 920 43.89 -12.57 35.04
CA GLU C 920 43.33 -13.15 33.83
C GLU C 920 42.52 -14.43 34.10
N ALA C 921 43.07 -15.32 34.94
CA ALA C 921 42.42 -16.59 35.28
C ALA C 921 41.06 -16.42 35.90
N TRP C 922 40.84 -15.28 36.55
CA TRP C 922 39.53 -15.02 37.14
C TRP C 922 38.48 -14.68 36.10
N ARG C 923 38.92 -14.24 34.93
CA ARG C 923 38.01 -13.74 33.90
C ARG C 923 37.24 -14.89 33.26
N GLU C 924 37.76 -16.09 33.44
CA GLU C 924 37.13 -17.27 32.91
C GLU C 924 35.96 -17.73 33.76
N SER C 925 35.86 -17.18 34.97
CA SER C 925 34.82 -17.62 35.88
C SER C 925 33.72 -16.56 36.05
N PHE C 926 32.48 -16.95 35.82
CA PHE C 926 31.32 -16.07 35.93
C PHE C 926 31.28 -15.25 37.23
N TYR C 927 31.62 -15.88 38.35
CA TYR C 927 31.49 -15.26 39.66
C TYR C 927 32.64 -14.35 40.06
N LEU C 928 33.80 -14.50 39.41
CA LEU C 928 34.97 -13.68 39.77
C LEU C 928 35.27 -12.62 38.75
N ARG C 929 34.80 -12.84 37.52
CA ARG C 929 35.05 -11.92 36.40
C ARG C 929 34.75 -10.45 36.69
N ASP C 930 33.67 -10.16 37.41
CA ASP C 930 33.26 -8.77 37.62
C ASP C 930 33.68 -8.19 38.95
N LEU C 931 34.50 -8.91 39.71
CA LEU C 931 34.93 -8.36 40.98
C LEU C 931 35.83 -7.15 40.77
N VAL C 932 35.64 -6.15 41.61
CA VAL C 932 36.62 -5.08 41.74
C VAL C 932 37.55 -5.32 42.96
N LEU C 933 38.86 -5.32 42.71
CA LEU C 933 39.86 -5.48 43.76
C LEU C 933 40.16 -4.17 44.47
N ILE C 934 40.07 -4.18 45.79
CA ILE C 934 40.38 -2.99 46.58
C ILE C 934 41.63 -3.29 47.41
N PRO C 935 42.79 -2.74 46.98
CA PRO C 935 44.04 -2.94 47.72
C PRO C 935 44.03 -2.20 49.05
N GLN C 936 44.66 -2.81 50.05
CA GLN C 936 44.88 -2.17 51.33
C GLN C 936 46.35 -2.32 51.59
N ARG C 937 47.05 -1.19 51.74
CA ARG C 937 48.48 -1.22 52.04
C ARG C 937 48.74 -1.62 53.48
N VAL C 938 49.70 -2.52 53.65
CA VAL C 938 50.14 -2.92 54.97
C VAL C 938 51.64 -2.65 55.14
N THR C 939 51.94 -1.86 56.16
CA THR C 939 53.28 -1.42 56.46
C THR C 939 54.14 -2.58 56.93
N ASP C 940 55.43 -2.33 57.14
CA ASP C 940 56.37 -3.36 57.58
C ASP C 940 56.13 -3.78 59.03
N GLU C 941 55.62 -2.86 59.83
CA GLU C 941 55.25 -3.20 61.19
C GLU C 941 53.79 -3.69 61.26
N GLY C 942 53.27 -4.11 60.09
CA GLY C 942 51.98 -4.77 59.99
C GLY C 942 50.69 -3.98 60.10
N ALA C 943 50.76 -2.65 60.00
CA ALA C 943 49.56 -1.82 60.07
C ALA C 943 48.89 -1.62 58.70
N VAL C 944 47.59 -1.84 58.66
CA VAL C 944 46.78 -1.55 57.48
C VAL C 944 46.48 -0.06 57.38
N LEU C 945 46.68 0.48 56.19
CA LEU C 945 46.45 1.90 55.94
C LEU C 945 45.24 2.06 55.05
N PRO C 946 44.54 3.20 55.17
CA PRO C 946 43.59 3.62 54.15
C PRO C 946 44.33 3.79 52.84
N THR C 947 43.80 3.20 51.78
CA THR C 947 44.48 3.19 50.48
C THR C 947 43.64 3.78 49.35
N GLU C 948 44.25 4.69 48.58
CA GLU C 948 43.62 5.33 47.43
C GLU C 948 43.21 4.30 46.39
N THR C 949 41.93 4.34 46.04
CA THR C 949 41.40 3.57 44.94
C THR C 949 40.29 4.38 44.29
N GLY C 950 40.49 4.79 43.05
CA GLY C 950 39.41 5.40 42.29
C GLY C 950 38.98 6.75 42.84
N GLY C 951 39.90 7.44 43.49
CA GLY C 951 39.68 8.82 43.86
C GLY C 951 39.19 9.00 45.27
N ARG C 952 39.17 7.91 46.03
CA ARG C 952 38.87 8.02 47.43
C ARG C 952 39.60 6.95 48.24
N GLU C 953 39.53 7.08 49.56
CA GLU C 953 40.32 6.24 50.43
C GLU C 953 39.52 5.14 51.12
N TRP C 954 40.00 3.92 50.98
CA TRP C 954 39.28 2.75 51.46
C TRP C 954 40.00 2.13 52.63
N LEU C 955 39.21 1.65 53.59
CA LEU C 955 39.76 0.96 54.74
C LEU C 955 38.74 -0.03 55.31
N LEU C 956 39.08 -1.30 55.25
CA LEU C 956 38.16 -2.31 55.76
C LEU C 956 38.40 -2.47 57.24
N ASP C 957 37.63 -1.78 58.05
CA ASP C 957 37.78 -1.95 59.49
C ASP C 957 37.07 -3.23 59.90
N PRO C 958 37.73 -4.03 60.73
CA PRO C 958 37.18 -5.33 61.15
C PRO C 958 35.89 -5.21 61.96
N CYS C 959 35.72 -4.11 62.66
CA CYS C 959 34.53 -3.93 63.47
C CYS C 959 33.48 -3.02 62.84
N LYS C 960 33.89 -2.13 61.94
CA LYS C 960 32.93 -1.19 61.37
C LYS C 960 32.59 -1.46 59.89
N GLY C 961 33.22 -2.49 59.31
CA GLY C 961 33.01 -2.79 57.91
C GLY C 961 33.89 -1.96 57.00
N LEU C 962 33.48 -1.81 55.74
CA LEU C 962 34.25 -1.00 54.80
C LEU C 962 34.00 0.49 55.06
N ILE C 963 35.06 1.29 55.04
CA ILE C 963 34.94 2.74 55.28
C ILE C 963 35.56 3.56 54.14
N PHE C 964 34.79 4.49 53.59
CA PHE C 964 35.28 5.38 52.53
C PHE C 964 34.57 6.73 52.51
N PRO E 34 -2.23 28.69 -43.33
CA PRO E 34 -3.35 29.06 -44.19
C PRO E 34 -4.31 30.01 -43.49
N PRO E 35 -5.00 30.87 -44.26
CA PRO E 35 -6.03 31.73 -43.65
C PRO E 35 -7.15 30.82 -43.17
N LEU E 36 -7.81 31.14 -42.05
CA LEU E 36 -8.84 30.21 -41.58
C LEU E 36 -10.21 30.41 -42.21
N ASP E 37 -10.84 29.29 -42.57
CA ASP E 37 -12.14 29.30 -43.22
C ASP E 37 -13.24 29.46 -42.19
N LEU E 38 -13.96 30.57 -42.26
CA LEU E 38 -15.05 30.85 -41.32
C LEU E 38 -16.25 29.91 -41.44
N ARG E 39 -16.28 29.07 -42.47
CA ARG E 39 -17.45 28.24 -42.70
C ARG E 39 -17.68 27.24 -41.57
N PHE E 40 -16.62 26.88 -40.88
CA PHE E 40 -16.75 25.87 -39.84
C PHE E 40 -17.48 26.43 -38.65
N TRP E 41 -18.63 25.84 -38.33
CA TRP E 41 -19.53 26.42 -37.33
C TRP E 41 -19.30 25.89 -35.91
N ALA E 42 -19.96 26.52 -34.95
CA ALA E 42 -19.97 26.06 -33.56
C ALA E 42 -21.38 26.10 -33.00
N LYS E 43 -22.21 26.98 -33.53
CA LYS E 43 -23.61 27.03 -33.17
C LYS E 43 -24.51 27.19 -34.35
N GLU E 44 -25.59 26.45 -34.43
CA GLU E 44 -26.64 26.74 -35.40
C GLU E 44 -28.05 26.69 -34.89
N ARG E 45 -28.24 26.13 -33.71
CA ARG E 45 -29.55 25.69 -33.29
C ARG E 45 -30.19 26.68 -32.39
N GLY E 46 -31.43 27.03 -32.64
CA GLY E 46 -32.05 28.18 -32.00
C GLY E 46 -31.54 29.55 -32.44
N LEU E 47 -31.19 29.71 -33.72
CA LEU E 47 -30.37 30.85 -34.11
C LEU E 47 -30.73 31.57 -35.42
N ARG E 48 -32.01 31.59 -35.76
CA ARG E 48 -32.47 32.48 -36.82
C ARG E 48 -31.90 32.21 -38.23
N GLY E 49 -31.02 31.23 -38.37
CA GLY E 49 -30.62 30.82 -39.72
C GLY E 49 -29.14 30.81 -40.03
N LYS E 50 -28.47 31.92 -39.85
CA LYS E 50 -27.02 31.96 -40.01
C LYS E 50 -26.38 31.19 -38.87
N THR E 51 -25.28 30.50 -39.17
CA THR E 51 -24.53 29.80 -38.12
C THR E 51 -23.42 30.67 -37.56
N TYR E 52 -23.01 30.37 -36.34
CA TYR E 52 -21.96 31.12 -35.66
C TYR E 52 -20.63 30.40 -35.86
N PRO E 53 -19.67 31.08 -36.48
CA PRO E 53 -18.37 30.46 -36.77
C PRO E 53 -17.64 29.98 -35.52
N LEU E 54 -17.08 28.77 -35.62
CA LEU E 54 -16.32 28.15 -34.56
C LEU E 54 -15.27 29.07 -33.97
N VAL E 55 -14.66 29.90 -34.82
CA VAL E 55 -13.62 30.84 -34.39
C VAL E 55 -14.22 31.86 -33.47
N CYS E 56 -15.47 32.20 -33.77
CA CYS E 56 -16.14 33.25 -33.03
C CYS E 56 -16.54 32.77 -31.64
N HIS E 57 -17.14 31.57 -31.55
CA HIS E 57 -17.39 30.99 -30.23
C HIS E 57 -16.07 30.85 -29.45
N SER E 58 -15.03 30.36 -30.13
CA SER E 58 -13.74 30.15 -29.50
C SER E 58 -13.15 31.43 -28.90
N LEU E 59 -13.10 32.49 -29.70
CA LEU E 59 -12.67 33.77 -29.19
C LEU E 59 -13.59 34.29 -28.08
N ASP E 60 -14.90 34.10 -28.21
CA ASP E 60 -15.83 34.53 -27.15
C ASP E 60 -15.49 33.87 -25.82
N ALA E 61 -15.28 32.56 -25.85
CA ALA E 61 -14.90 31.79 -24.68
C ALA E 61 -13.59 32.31 -24.09
N ALA E 62 -12.58 32.48 -24.95
CA ALA E 62 -11.28 33.02 -24.54
C ALA E 62 -11.47 34.34 -23.78
N ALA E 63 -12.19 35.26 -24.43
CA ALA E 63 -12.49 36.57 -23.88
C ALA E 63 -13.22 36.47 -22.54
N ALA E 64 -14.25 35.65 -22.51
CA ALA E 64 -15.06 35.43 -21.31
C ALA E 64 -14.20 34.96 -20.13
N ALA E 65 -13.28 34.04 -20.45
CA ALA E 65 -12.37 33.45 -19.49
C ALA E 65 -11.51 34.51 -18.87
N LEU E 66 -10.98 35.38 -19.72
CA LEU E 66 -10.13 36.49 -19.28
C LEU E 66 -10.87 37.49 -18.37
N VAL E 67 -12.07 37.92 -18.76
CA VAL E 67 -12.83 38.81 -17.92
C VAL E 67 -13.20 38.12 -16.62
N LEU E 68 -13.62 36.87 -16.68
CA LEU E 68 -13.86 36.05 -15.49
C LEU E 68 -12.65 36.09 -14.59
N TRP E 69 -11.49 35.76 -15.14
CA TRP E 69 -10.24 35.79 -14.39
C TRP E 69 -9.97 37.14 -13.68
N ASN E 70 -10.27 38.24 -14.38
CA ASN E 70 -9.99 39.57 -13.84
C ASN E 70 -11.05 40.15 -12.94
N GLU E 71 -12.31 39.82 -13.18
CA GLU E 71 -13.43 40.48 -12.50
C GLU E 71 -14.34 39.54 -11.68
N TYR E 72 -14.26 38.25 -11.94
CA TYR E 72 -15.06 37.32 -11.15
C TYR E 72 -14.26 36.64 -10.04
N LEU E 73 -13.10 36.06 -10.35
CA LEU E 73 -12.37 35.29 -9.34
C LEU E 73 -12.01 36.10 -8.10
N SER E 74 -12.14 35.47 -6.94
CA SER E 74 -11.55 36.02 -5.73
C SER E 74 -10.06 36.17 -5.97
N PRO E 75 -9.52 37.34 -5.60
CA PRO E 75 -8.08 37.61 -5.65
C PRO E 75 -7.29 36.41 -5.15
N GLY E 76 -7.65 35.90 -3.97
CA GLY E 76 -6.93 34.80 -3.37
C GLY E 76 -6.92 33.54 -4.23
N LEU E 77 -7.90 33.45 -5.13
CA LEU E 77 -8.03 32.27 -5.95
C LEU E 77 -7.16 32.41 -7.18
N ARG E 78 -7.02 33.63 -7.70
CA ARG E 78 -6.05 33.90 -8.74
C ARG E 78 -4.68 33.53 -8.19
N ASP E 79 -4.44 33.88 -6.94
CA ASP E 79 -3.18 33.56 -6.29
C ASP E 79 -2.92 32.07 -6.28
N THR E 80 -3.89 31.32 -5.76
CA THR E 80 -3.79 29.87 -5.66
C THR E 80 -3.55 29.23 -7.02
N ILE E 81 -4.25 29.72 -8.05
CA ILE E 81 -4.07 29.16 -9.40
C ILE E 81 -2.72 29.52 -10.03
N ALA E 82 -2.23 30.73 -9.79
CA ALA E 82 -0.98 31.11 -10.44
C ALA E 82 0.24 30.50 -9.72
N SER E 83 0.11 30.18 -8.45
CA SER E 83 1.23 29.58 -7.76
C SER E 83 1.42 28.15 -8.21
N SER E 84 0.31 27.48 -8.48
CA SER E 84 0.34 26.08 -8.84
C SER E 84 0.87 25.86 -10.23
N MET E 85 0.94 26.95 -10.99
CA MET E 85 1.51 26.94 -12.33
C MET E 85 2.91 27.56 -12.29
N GLU E 86 3.31 27.95 -11.08
CA GLU E 86 4.52 28.74 -10.82
C GLU E 86 4.81 29.86 -11.82
N THR E 87 3.79 30.65 -12.14
CA THR E 87 3.96 31.87 -12.93
C THR E 87 3.19 33.03 -12.29
N ASP E 88 3.07 34.14 -12.99
CA ASP E 88 2.43 35.31 -12.42
C ASP E 88 0.97 35.30 -12.84
N GLU E 89 0.16 36.08 -12.12
CA GLU E 89 -1.28 36.09 -12.34
C GLU E 89 -1.65 36.52 -13.75
N GLU E 90 -0.90 37.46 -14.30
CA GLU E 90 -1.18 37.94 -15.65
C GLU E 90 -0.92 36.90 -16.73
N HIS E 91 0.19 36.18 -16.59
CA HIS E 91 0.52 35.14 -17.54
C HIS E 91 -0.52 34.02 -17.41
N ALA E 92 -0.75 33.57 -16.17
CA ALA E 92 -1.71 32.50 -15.93
C ALA E 92 -3.15 32.80 -16.46
N GLY E 93 -3.63 34.01 -16.17
CA GLY E 93 -4.84 34.50 -16.79
C GLY E 93 -4.85 34.27 -18.30
N HIS E 94 -3.76 34.64 -18.97
CA HIS E 94 -3.69 34.45 -20.42
C HIS E 94 -3.64 32.98 -20.88
N CYS E 95 -2.85 32.16 -20.18
CA CYS E 95 -2.87 30.71 -20.38
C CYS E 95 -4.29 30.21 -20.33
N ILE E 96 -4.97 30.53 -19.24
CA ILE E 96 -6.34 30.14 -19.04
C ILE E 96 -7.21 30.70 -20.15
N ALA E 97 -7.01 31.96 -20.47
CA ALA E 97 -7.78 32.56 -21.57
C ALA E 97 -7.56 31.80 -22.88
N PHE E 98 -6.30 31.45 -23.15
CA PHE E 98 -5.94 30.65 -24.31
C PHE E 98 -6.58 29.27 -24.23
N TRP E 99 -6.53 28.64 -23.07
CA TRP E 99 -7.09 27.30 -22.92
C TRP E 99 -8.60 27.29 -23.19
N ALA E 100 -9.31 28.23 -22.57
CA ALA E 100 -10.75 28.35 -22.74
C ALA E 100 -11.16 28.50 -24.21
N GLY E 101 -10.36 29.21 -24.99
CA GLY E 101 -10.67 29.40 -26.40
C GLY E 101 -10.51 28.15 -27.24
N LEU E 102 -9.85 27.14 -26.68
CA LEU E 102 -9.61 25.90 -27.41
C LEU E 102 -10.61 24.80 -27.06
N HIS E 103 -11.54 25.09 -26.14
CA HIS E 103 -12.44 24.07 -25.61
C HIS E 103 -13.25 23.28 -26.68
N ASP E 104 -13.84 23.98 -27.66
CA ASP E 104 -14.66 23.33 -28.69
C ASP E 104 -13.89 22.99 -29.98
N ILE E 105 -12.55 22.94 -29.92
CA ILE E 105 -11.78 22.63 -31.12
C ILE E 105 -12.12 21.25 -31.67
N GLY E 106 -12.63 20.37 -30.82
CA GLY E 106 -13.09 19.07 -31.26
C GLY E 106 -14.22 19.13 -32.27
N LYS E 107 -14.80 20.31 -32.46
CA LYS E 107 -15.92 20.49 -33.40
C LYS E 107 -15.41 20.54 -34.83
N LEU E 108 -14.16 20.99 -35.00
CA LEU E 108 -13.55 21.00 -36.30
C LEU E 108 -13.20 19.56 -36.72
N THR E 109 -14.25 18.78 -36.97
CA THR E 109 -14.14 17.42 -37.49
C THR E 109 -15.34 17.20 -38.41
N ARG E 110 -15.26 16.23 -39.32
CA ARG E 110 -16.36 15.99 -40.26
C ARG E 110 -17.62 15.49 -39.59
N GLU E 111 -17.50 14.67 -38.55
CA GLU E 111 -18.73 14.15 -37.94
C GLU E 111 -19.49 15.20 -37.16
N PHE E 112 -18.79 16.14 -36.52
CA PHE E 112 -19.53 17.25 -35.93
C PHE E 112 -20.05 18.18 -37.00
N GLN E 113 -19.14 18.61 -37.89
CA GLN E 113 -19.44 19.63 -38.87
C GLN E 113 -20.56 19.29 -39.84
N GLN E 114 -20.71 18.01 -40.19
CA GLN E 114 -21.77 17.60 -41.13
C GLN E 114 -23.14 17.34 -40.51
N GLN E 115 -23.34 17.74 -39.26
CA GLN E 115 -24.66 17.69 -38.65
C GLN E 115 -25.66 18.62 -39.36
N ILE E 116 -25.14 19.65 -40.02
CA ILE E 116 -25.97 20.55 -40.81
C ILE E 116 -25.49 20.62 -42.24
N ALA E 117 -26.14 21.46 -43.04
CA ALA E 117 -25.82 21.62 -44.46
C ALA E 117 -24.56 22.46 -44.62
N ILE E 118 -23.51 21.88 -45.19
CA ILE E 118 -22.25 22.61 -45.34
C ILE E 118 -21.39 22.10 -46.51
N ASP E 119 -20.89 23.03 -47.31
CA ASP E 119 -20.04 22.69 -48.43
C ASP E 119 -18.66 22.35 -47.93
N LEU E 120 -18.29 21.06 -47.98
CA LEU E 120 -16.98 20.62 -47.50
C LEU E 120 -16.10 20.14 -48.64
N SER E 121 -16.48 20.50 -49.86
CA SER E 121 -15.81 20.06 -51.07
C SER E 121 -14.32 20.37 -51.14
N ALA E 122 -13.83 21.36 -50.39
CA ALA E 122 -12.39 21.63 -50.39
C ALA E 122 -11.68 20.80 -49.33
N TYR E 123 -12.43 19.95 -48.64
CA TYR E 123 -11.87 19.22 -47.52
C TYR E 123 -12.15 17.72 -47.66
N PRO E 124 -11.52 17.08 -48.64
CA PRO E 124 -11.64 15.63 -48.77
C PRO E 124 -10.79 14.94 -47.70
N GLY E 125 -11.21 13.73 -47.34
CA GLY E 125 -10.51 12.97 -46.31
C GLY E 125 -11.28 12.99 -45.01
N GLU E 126 -10.83 12.19 -44.06
CA GLU E 126 -11.49 12.04 -42.77
C GLU E 126 -12.95 11.66 -42.93
N GLU E 127 -13.21 10.55 -43.60
CA GLU E 127 -14.58 10.09 -43.76
C GLU E 127 -15.12 9.60 -42.43
N LEU E 128 -16.43 9.68 -42.26
CA LEU E 128 -17.11 9.29 -41.03
C LEU E 128 -16.68 7.93 -40.51
N SER E 129 -16.14 7.88 -39.30
CA SER E 129 -15.67 6.63 -38.73
C SER E 129 -16.81 5.78 -38.20
N GLY E 130 -17.89 6.44 -37.79
CA GLY E 130 -19.00 5.75 -37.14
C GLY E 130 -18.82 5.65 -35.64
N GLU E 131 -17.68 6.14 -35.14
CA GLU E 131 -17.38 6.10 -33.70
C GLU E 131 -18.40 6.88 -32.88
N GLN E 132 -19.01 7.89 -33.50
CA GLN E 132 -19.96 8.78 -32.82
C GLN E 132 -19.35 9.36 -31.55
N ARG E 133 -18.29 10.15 -31.72
CA ARG E 133 -17.45 10.55 -30.62
C ARG E 133 -17.78 11.99 -30.26
N SER E 134 -17.87 12.32 -28.97
CA SER E 134 -18.28 13.67 -28.60
C SER E 134 -17.20 14.70 -28.93
N HIS E 135 -17.63 15.94 -29.19
CA HIS E 135 -16.69 16.98 -29.61
C HIS E 135 -15.70 17.29 -28.51
N ALA E 136 -16.10 17.07 -27.27
CA ALA E 136 -15.21 17.36 -26.17
C ALA E 136 -14.17 16.24 -26.07
N ALA E 137 -14.61 15.01 -26.29
CA ALA E 137 -13.72 13.86 -26.33
C ALA E 137 -12.62 14.07 -27.38
N ALA E 138 -13.00 14.67 -28.50
CA ALA E 138 -12.09 14.89 -29.60
C ALA E 138 -11.09 15.98 -29.21
N THR E 139 -11.58 17.00 -28.51
CA THR E 139 -10.69 18.05 -28.07
C THR E 139 -9.56 17.43 -27.26
N GLY E 140 -9.93 16.57 -26.31
CA GLY E 140 -8.95 15.91 -25.48
C GLY E 140 -7.98 15.02 -26.23
N LYS E 141 -8.43 14.51 -27.38
CA LYS E 141 -7.66 13.57 -28.19
C LYS E 141 -6.74 14.27 -29.21
N TRP E 142 -7.11 15.47 -29.65
CA TRP E 142 -6.30 16.23 -30.60
C TRP E 142 -5.23 17.09 -29.89
N LEU E 143 -5.66 17.82 -28.87
CA LEU E 143 -4.79 18.76 -28.19
C LEU E 143 -3.46 18.24 -27.66
N PRO E 144 -3.36 16.96 -27.25
CA PRO E 144 -2.04 16.57 -26.71
C PRO E 144 -0.92 16.54 -27.77
N PHE E 145 -1.29 16.31 -29.02
CA PHE E 145 -0.33 16.20 -30.09
C PHE E 145 -0.31 17.39 -31.03
N ALA E 146 -0.85 18.52 -30.56
CA ALA E 146 -0.84 19.75 -31.35
C ALA E 146 -0.28 20.86 -30.48
N LEU E 147 -0.55 20.75 -29.18
CA LEU E 147 -0.02 21.69 -28.21
C LEU E 147 1.51 21.80 -28.20
N PRO E 148 2.25 20.71 -28.48
CA PRO E 148 3.71 20.88 -28.48
C PRO E 148 4.24 21.80 -29.56
N SER E 149 3.53 21.93 -30.67
CA SER E 149 3.98 22.85 -31.71
C SER E 149 4.02 24.30 -31.23
N LEU E 150 3.47 24.56 -30.06
CA LEU E 150 3.42 25.91 -29.51
C LEU E 150 4.30 25.96 -28.30
N GLY E 151 5.00 24.87 -28.04
CA GLY E 151 6.02 24.87 -27.02
C GLY E 151 5.75 24.02 -25.81
N TYR E 152 4.63 23.31 -25.82
CA TYR E 152 4.30 22.51 -24.66
C TYR E 152 5.19 21.27 -24.67
N PRO E 153 5.58 20.77 -23.48
CA PRO E 153 6.37 19.54 -23.47
C PRO E 153 5.57 18.36 -24.02
N ASN E 154 6.06 17.79 -25.12
CA ASN E 154 5.47 16.60 -25.69
C ASN E 154 5.52 15.46 -24.68
N GLY E 155 4.37 14.87 -24.37
CA GLY E 155 4.29 13.80 -23.40
C GLY E 155 4.27 14.28 -21.96
N GLY E 156 4.48 15.57 -21.75
CA GLY E 156 4.54 16.10 -20.40
C GLY E 156 3.21 16.08 -19.67
N LEU E 157 3.24 16.21 -18.34
CA LEU E 157 2.05 16.35 -17.50
C LEU E 157 1.19 17.55 -17.83
N VAL E 158 1.78 18.73 -17.88
CA VAL E 158 1.02 19.91 -18.27
C VAL E 158 0.23 19.70 -19.57
N THR E 159 0.90 19.29 -20.63
CA THR E 159 0.23 19.10 -21.92
C THR E 159 -0.92 18.07 -21.80
N GLY E 160 -0.78 17.11 -20.91
CA GLY E 160 -1.81 16.12 -20.72
C GLY E 160 -2.97 16.59 -19.86
N LEU E 161 -2.67 17.39 -18.85
CA LEU E 161 -3.72 17.93 -18.01
C LEU E 161 -4.49 18.99 -18.77
N VAL E 162 -3.79 19.81 -19.54
CA VAL E 162 -4.48 20.83 -20.32
C VAL E 162 -5.45 20.18 -21.28
N ALA E 163 -5.07 19.07 -21.89
CA ALA E 163 -6.02 18.46 -22.81
C ALA E 163 -7.19 17.73 -22.12
N GLN E 164 -6.89 17.00 -21.04
CA GLN E 164 -7.91 16.26 -20.31
C GLN E 164 -8.95 17.21 -19.74
N MET E 165 -8.48 18.31 -19.17
CA MET E 165 -9.35 19.33 -18.61
C MET E 165 -10.25 20.03 -19.65
N LEU E 166 -9.67 20.49 -20.74
CA LEU E 166 -10.48 21.02 -21.81
C LEU E 166 -11.44 19.93 -22.29
N GLY E 167 -10.96 18.68 -22.33
CA GLY E 167 -11.74 17.57 -22.84
C GLY E 167 -12.95 17.29 -21.99
N GLY E 168 -12.91 17.70 -20.73
CA GLY E 168 -14.03 17.47 -19.86
C GLY E 168 -14.92 18.68 -19.69
N HIS E 169 -14.89 19.61 -20.64
CA HIS E 169 -15.63 20.87 -20.51
C HIS E 169 -17.13 20.73 -20.57
N HIS E 170 -17.64 19.53 -20.85
CA HIS E 170 -19.07 19.26 -20.68
C HIS E 170 -19.47 18.43 -19.43
N GLY E 171 -18.62 18.37 -18.43
CA GLY E 171 -19.02 17.77 -17.18
C GLY E 171 -18.52 16.34 -16.99
N THR E 172 -17.85 15.80 -18.00
CA THR E 172 -17.32 14.44 -17.87
C THR E 172 -15.91 14.35 -18.40
N PHE E 173 -14.96 14.01 -17.51
CA PHE E 173 -13.56 13.86 -17.89
C PHE E 173 -13.33 12.55 -18.63
N HIS E 174 -12.27 12.49 -19.43
CA HIS E 174 -11.95 11.26 -20.16
C HIS E 174 -10.53 10.80 -19.86
N PRO E 175 -10.25 9.50 -20.08
CA PRO E 175 -8.90 8.98 -19.84
C PRO E 175 -7.88 9.63 -20.77
N HIS E 176 -6.64 9.74 -20.30
CA HIS E 176 -5.56 10.18 -21.17
C HIS E 176 -5.51 9.20 -22.34
N PRO E 177 -5.45 9.74 -23.56
CA PRO E 177 -5.48 8.93 -24.78
C PRO E 177 -4.37 7.90 -24.75
N SER E 178 -4.65 6.69 -25.21
CA SER E 178 -3.60 5.71 -25.33
C SER E 178 -3.49 5.25 -26.77
N PHE E 179 -2.26 5.05 -27.23
CA PHE E 179 -2.01 4.71 -28.61
C PHE E 179 -0.76 3.83 -28.71
N GLN E 180 -0.68 3.06 -29.80
CA GLN E 180 0.39 2.09 -30.00
C GLN E 180 1.34 2.50 -31.12
N SER E 181 0.92 3.42 -31.98
CA SER E 181 1.78 3.84 -33.10
C SER E 181 2.53 5.14 -32.82
N ARG E 182 3.42 5.53 -33.73
CA ARG E 182 4.18 6.78 -33.58
C ARG E 182 3.56 7.95 -34.37
N ASN E 183 2.30 7.81 -34.71
CA ASN E 183 1.52 8.89 -35.30
C ASN E 183 0.15 8.89 -34.62
N PRO E 184 0.06 9.52 -33.44
CA PRO E 184 -1.16 9.52 -32.64
C PRO E 184 -2.30 10.31 -33.30
N LEU E 185 -1.96 11.35 -34.05
CA LEU E 185 -2.98 12.17 -34.71
C LEU E 185 -3.79 11.33 -35.67
N ALA E 186 -3.10 10.69 -36.62
CA ALA E 186 -3.77 9.80 -37.56
C ALA E 186 -4.43 8.64 -36.84
N GLU E 187 -3.78 8.10 -35.81
CA GLU E 187 -4.36 6.98 -35.09
C GLU E 187 -5.74 7.31 -34.47
N PHE E 188 -5.95 8.57 -34.08
CA PHE E 188 -7.24 8.99 -33.53
C PHE E 188 -8.19 9.63 -34.56
N GLY E 189 -7.82 9.58 -35.84
CA GLY E 189 -8.72 9.96 -36.91
C GLY E 189 -8.41 11.27 -37.62
N PHE E 190 -7.47 12.03 -37.08
CA PHE E 190 -7.13 13.28 -37.71
C PHE E 190 -6.14 13.04 -38.84
N SER E 191 -6.64 12.52 -39.97
CA SER E 191 -5.78 11.99 -41.02
C SER E 191 -5.79 12.78 -42.34
N SER E 192 -6.52 13.89 -42.40
CA SER E 192 -6.54 14.74 -43.59
C SER E 192 -5.73 15.99 -43.38
N PRO E 193 -4.84 16.30 -44.32
CA PRO E 193 -4.02 17.52 -44.20
C PRO E 193 -4.90 18.76 -44.29
N HIS E 194 -5.95 18.67 -45.09
CA HIS E 194 -6.86 19.80 -45.23
C HIS E 194 -7.55 20.13 -43.90
N TRP E 195 -8.13 19.12 -43.26
CA TRP E 195 -8.78 19.35 -41.98
C TRP E 195 -7.76 19.74 -40.93
N GLU E 196 -6.63 19.03 -40.92
CA GLU E 196 -5.58 19.27 -39.95
C GLU E 196 -5.05 20.70 -40.04
N LYS E 197 -4.99 21.23 -41.27
CA LYS E 197 -4.56 22.60 -41.49
C LYS E 197 -5.54 23.62 -40.88
N GLN E 198 -6.85 23.40 -41.09
CA GLN E 198 -7.85 24.26 -40.45
C GLN E 198 -7.85 24.17 -38.90
N ARG E 199 -7.46 23.02 -38.35
CA ARG E 199 -7.38 22.87 -36.91
C ARG E 199 -6.14 23.56 -36.35
N HIS E 200 -5.11 23.73 -37.17
CA HIS E 200 -3.96 24.50 -36.73
C HIS E 200 -4.17 26.00 -36.96
N ALA E 201 -4.92 26.33 -38.00
CA ALA E 201 -5.24 27.71 -38.28
C ALA E 201 -6.03 28.27 -37.10
N LEU E 202 -6.97 27.48 -36.59
CA LEU E 202 -7.78 27.87 -35.44
C LEU E 202 -6.99 27.93 -34.13
N LEU E 203 -6.14 26.93 -33.91
CA LEU E 203 -5.28 26.86 -32.73
C LEU E 203 -4.41 28.11 -32.63
N HIS E 204 -3.90 28.56 -33.78
CA HIS E 204 -3.00 29.71 -33.81
C HIS E 204 -3.76 31.00 -33.75
N ALA E 205 -4.96 31.01 -34.31
CA ALA E 205 -5.77 32.23 -34.30
C ALA E 205 -6.12 32.63 -32.88
N VAL E 206 -6.50 31.67 -32.03
CA VAL E 206 -6.82 32.02 -30.66
C VAL E 206 -5.58 32.23 -29.79
N PHE E 207 -4.51 31.47 -30.07
CA PHE E 207 -3.23 31.65 -29.39
C PHE E 207 -2.72 33.08 -29.60
N ASP E 208 -2.79 33.53 -30.85
CA ASP E 208 -2.49 34.93 -31.16
C ASP E 208 -3.36 35.86 -30.33
N ALA E 209 -4.67 35.70 -30.44
CA ALA E 209 -5.61 36.60 -29.79
C ALA E 209 -5.45 36.71 -28.28
N THR E 210 -4.83 35.72 -27.66
CA THR E 210 -4.64 35.74 -26.23
C THR E 210 -3.24 36.15 -25.83
N GLY E 211 -2.46 36.62 -26.81
CA GLY E 211 -1.10 37.10 -26.60
C GLY E 211 -0.04 36.02 -26.46
N ARG E 212 -0.22 34.93 -27.18
CA ARG E 212 0.74 33.83 -27.22
C ARG E 212 1.39 33.40 -25.92
N PRO E 213 0.58 33.03 -24.92
CA PRO E 213 1.24 32.71 -23.64
C PRO E 213 2.09 31.46 -23.71
N THR E 214 3.28 31.54 -23.14
CA THR E 214 4.20 30.41 -23.07
C THR E 214 3.68 29.41 -22.06
N PRO E 215 3.79 28.11 -22.37
CA PRO E 215 3.26 27.04 -21.51
C PRO E 215 3.74 27.17 -20.07
N PRO E 216 2.81 27.05 -19.12
CA PRO E 216 3.18 27.06 -17.70
C PRO E 216 4.12 25.92 -17.40
N ASP E 217 5.06 26.09 -16.46
CA ASP E 217 6.04 25.05 -16.19
C ASP E 217 5.42 23.87 -15.48
N MET E 218 4.39 24.15 -14.68
CA MET E 218 3.79 23.15 -13.82
C MET E 218 2.28 23.28 -13.81
N LEU E 219 1.59 22.20 -13.44
CA LEU E 219 0.13 22.17 -13.31
C LEU E 219 -0.23 20.85 -12.64
N ASP E 220 -1.16 20.91 -11.69
CA ASP E 220 -1.60 19.69 -11.00
C ASP E 220 -3.12 19.50 -11.13
N GLY E 221 -3.59 18.29 -10.83
CA GLY E 221 -4.97 17.93 -11.05
C GLY E 221 -6.01 18.82 -10.38
N PRO E 222 -5.85 19.07 -9.07
CA PRO E 222 -6.82 19.93 -8.37
C PRO E 222 -6.95 21.34 -8.98
N THR E 223 -5.83 22.03 -9.22
CA THR E 223 -5.88 23.26 -9.98
C THR E 223 -6.58 23.09 -11.35
N ALA E 224 -6.19 22.08 -12.12
CA ALA E 224 -6.85 21.85 -13.41
C ALA E 224 -8.37 21.74 -13.30
N SER E 225 -8.86 21.03 -12.28
CA SER E 225 -10.30 20.81 -12.13
C SER E 225 -11.03 22.13 -11.82
N VAL E 226 -10.42 22.94 -10.96
CA VAL E 226 -10.91 24.27 -10.72
C VAL E 226 -10.89 25.08 -12.03
N VAL E 227 -9.85 24.93 -12.84
CA VAL E 227 -9.82 25.71 -14.07
C VAL E 227 -10.86 25.18 -15.05
N CYS E 228 -11.16 23.89 -14.97
CA CYS E 228 -12.22 23.31 -15.79
C CYS E 228 -13.52 24.06 -15.55
N GLY E 229 -13.81 24.29 -14.27
CA GLY E 229 -14.99 25.04 -13.89
C GLY E 229 -15.00 26.40 -14.56
N LEU E 230 -13.88 27.11 -14.42
CA LEU E 230 -13.74 28.44 -14.99
C LEU E 230 -14.13 28.37 -16.44
N VAL E 231 -13.56 27.40 -17.17
CA VAL E 231 -13.85 27.30 -18.60
C VAL E 231 -15.31 26.99 -18.87
N ILE E 232 -15.90 26.09 -18.07
CA ILE E 232 -17.32 25.75 -18.22
C ILE E 232 -18.17 27.01 -18.03
N LEU E 233 -17.90 27.78 -16.98
CA LEU E 233 -18.59 29.06 -16.77
C LEU E 233 -18.45 30.01 -17.96
N ALA E 234 -17.22 30.16 -18.47
CA ALA E 234 -17.00 30.90 -19.72
C ALA E 234 -17.83 30.37 -20.91
N ASP E 235 -17.80 29.04 -21.15
CA ASP E 235 -18.61 28.49 -22.23
C ASP E 235 -20.08 28.87 -22.07
N TRP E 236 -20.61 28.79 -20.85
CA TRP E 236 -22.03 29.04 -20.61
C TRP E 236 -22.41 30.49 -20.79
N LEU E 237 -21.58 31.39 -20.28
CA LEU E 237 -21.88 32.81 -20.37
C LEU E 237 -22.09 33.25 -21.81
N VAL E 238 -21.16 32.89 -22.70
CA VAL E 238 -21.25 33.33 -24.08
C VAL E 238 -22.09 32.42 -24.96
N SER E 239 -22.80 31.48 -24.37
CA SER E 239 -23.62 30.59 -25.18
C SER E 239 -25.08 31.02 -25.16
N GLN E 240 -25.35 32.08 -24.40
CA GLN E 240 -26.68 32.61 -24.27
C GLN E 240 -27.16 33.18 -25.60
N GLU E 241 -28.37 32.83 -26.01
CA GLU E 241 -28.88 33.19 -27.31
C GLU E 241 -29.01 34.70 -27.50
N ASP E 242 -29.21 35.45 -26.42
CA ASP E 242 -29.25 36.90 -26.58
C ASP E 242 -27.89 37.38 -27.00
N PHE E 243 -26.87 37.00 -26.25
CA PHE E 243 -25.50 37.36 -26.58
C PHE E 243 -25.07 36.95 -28.01
N LEU E 244 -25.25 35.68 -28.32
CA LEU E 244 -25.00 35.16 -29.65
C LEU E 244 -25.62 36.03 -30.73
N LEU E 245 -26.88 36.39 -30.55
CA LEU E 245 -27.58 37.18 -31.55
C LEU E 245 -26.93 38.54 -31.74
N GLU E 246 -26.42 39.15 -30.66
CA GLU E 246 -25.72 40.42 -30.78
C GLU E 246 -24.52 40.26 -31.71
N ARG E 247 -23.78 39.19 -31.53
CA ARG E 247 -22.55 39.03 -32.29
C ARG E 247 -22.81 38.53 -33.71
N LEU E 248 -23.98 37.89 -33.89
CA LEU E 248 -24.35 37.29 -35.18
C LEU E 248 -24.55 38.38 -36.22
N THR E 249 -24.99 39.56 -35.77
CA THR E 249 -25.18 40.71 -36.66
C THR E 249 -23.88 41.24 -37.25
N SER E 250 -22.79 41.14 -36.50
CA SER E 250 -21.53 41.64 -36.98
C SER E 250 -20.41 40.61 -36.96
N LEU E 251 -20.51 39.59 -37.82
CA LEU E 251 -19.42 38.63 -37.93
C LEU E 251 -18.17 39.26 -38.56
N PRO E 252 -16.99 38.68 -38.31
CA PRO E 252 -15.80 39.13 -39.02
C PRO E 252 -15.90 38.83 -40.52
N ALA E 253 -15.45 39.78 -41.34
CA ALA E 253 -15.53 39.70 -42.79
C ALA E 253 -14.76 38.51 -43.34
N ASP E 254 -13.69 38.15 -42.64
CA ASP E 254 -12.84 37.03 -43.01
C ASP E 254 -11.95 36.57 -41.85
N GLY E 255 -11.10 35.56 -42.11
CA GLY E 255 -10.29 34.96 -41.08
C GLY E 255 -8.99 35.68 -40.77
N SER E 256 -8.84 36.87 -41.33
CA SER E 256 -7.61 37.63 -41.15
C SER E 256 -7.35 37.92 -39.68
N ALA E 257 -6.09 38.16 -39.34
CA ALA E 257 -5.70 38.40 -37.95
C ALA E 257 -6.45 39.59 -37.35
N SER E 258 -6.50 40.68 -38.11
CA SER E 258 -7.13 41.91 -37.63
C SER E 258 -8.63 41.76 -37.46
N ALA E 259 -9.24 40.98 -38.36
CA ALA E 259 -10.68 40.75 -38.28
C ALA E 259 -10.98 40.01 -36.99
N LEU E 260 -10.14 39.02 -36.68
CA LEU E 260 -10.33 38.23 -35.48
C LEU E 260 -10.01 39.02 -34.21
N ARG E 261 -8.90 39.75 -34.25
CA ARG E 261 -8.52 40.67 -33.18
C ARG E 261 -9.70 41.62 -32.88
N ALA E 262 -10.39 42.08 -33.93
CA ALA E 262 -11.53 42.98 -33.76
C ALA E 262 -12.66 42.28 -33.06
N HIS E 263 -12.96 41.07 -33.50
CA HIS E 263 -14.01 40.28 -32.89
C HIS E 263 -13.76 40.10 -31.39
N PHE E 264 -12.52 39.73 -31.06
CA PHE E 264 -12.16 39.35 -29.70
C PHE E 264 -12.29 40.52 -28.76
N GLU E 265 -11.76 41.66 -29.18
CA GLU E 265 -11.74 42.83 -28.30
C GLU E 265 -13.13 43.40 -28.05
N THR E 266 -14.03 43.17 -29.00
CA THR E 266 -15.40 43.62 -28.83
C THR E 266 -16.13 42.71 -27.84
N SER E 267 -16.08 41.41 -28.05
CA SER E 267 -16.61 40.47 -27.06
C SER E 267 -16.10 40.80 -25.66
N LEU E 268 -14.78 40.97 -25.53
CA LEU E 268 -14.16 41.34 -24.25
C LEU E 268 -14.95 42.44 -23.55
N ARG E 269 -15.38 43.43 -24.32
CA ARG E 269 -16.03 44.61 -23.77
C ARG E 269 -17.41 44.27 -23.28
N ARG E 270 -17.99 43.22 -23.85
CA ARG E 270 -19.38 42.79 -23.58
C ARG E 270 -19.55 41.93 -22.32
N ILE E 271 -18.56 41.10 -22.04
CA ILE E 271 -18.66 40.15 -20.97
C ILE E 271 -18.95 40.79 -19.61
N PRO E 272 -18.46 42.02 -19.38
CA PRO E 272 -18.80 42.51 -18.02
C PRO E 272 -20.29 42.70 -17.76
N SER E 273 -21.07 42.91 -18.81
CA SER E 273 -22.51 43.08 -18.65
C SER E 273 -23.15 41.72 -18.37
N LEU E 274 -22.64 40.69 -19.04
CA LEU E 274 -23.04 39.31 -18.77
C LEU E 274 -22.89 38.99 -17.29
N LEU E 275 -21.78 39.44 -16.70
CA LEU E 275 -21.52 39.22 -15.28
C LEU E 275 -22.56 39.93 -14.43
N ASP E 276 -22.86 41.17 -14.79
CA ASP E 276 -23.92 41.93 -14.14
C ASP E 276 -25.28 41.20 -14.21
N ALA E 277 -25.74 40.90 -15.42
CA ALA E 277 -27.06 40.29 -15.59
C ALA E 277 -27.21 39.04 -14.75
N ALA E 278 -26.18 38.21 -14.74
CA ALA E 278 -26.20 36.94 -14.05
C ALA E 278 -26.03 37.13 -12.54
N GLY E 279 -25.62 38.31 -12.13
CA GLY E 279 -25.51 38.63 -10.72
C GLY E 279 -24.27 38.08 -10.03
N LEU E 280 -23.17 38.04 -10.76
CA LEU E 280 -21.96 37.34 -10.35
C LEU E 280 -20.88 38.24 -9.75
N ARG E 281 -21.10 39.55 -9.71
CA ARG E 281 -20.11 40.49 -9.15
C ARG E 281 -19.84 40.19 -7.68
N PRO E 282 -18.63 40.47 -7.19
CA PRO E 282 -18.32 40.04 -5.83
C PRO E 282 -19.09 40.82 -4.78
N ILE E 283 -19.28 40.25 -3.59
CA ILE E 283 -19.76 41.03 -2.47
C ILE E 283 -18.60 41.25 -1.52
N THR E 284 -18.15 42.50 -1.40
CA THR E 284 -17.04 42.75 -0.48
C THR E 284 -17.46 43.48 0.80
N VAL E 285 -16.86 43.07 1.91
CA VAL E 285 -17.19 43.58 3.20
C VAL E 285 -15.91 44.11 3.84
N PRO E 286 -15.95 45.35 4.32
CA PRO E 286 -14.74 45.98 4.82
C PRO E 286 -14.32 45.36 6.13
N PRO E 287 -13.01 45.31 6.40
CA PRO E 287 -12.34 44.97 7.66
C PRO E 287 -13.09 45.61 8.83
N ALA E 288 -13.30 44.88 9.91
CA ALA E 288 -14.02 45.48 11.05
C ALA E 288 -13.81 44.74 12.36
N THR E 289 -13.77 45.45 13.47
CA THR E 289 -13.72 44.75 14.75
C THR E 289 -15.08 44.12 14.99
N PHE E 290 -15.17 43.24 15.99
CA PHE E 290 -16.44 42.56 16.25
C PHE E 290 -17.53 43.56 16.63
N THR E 291 -17.19 44.58 17.42
CA THR E 291 -18.15 45.63 17.80
C THR E 291 -18.66 46.37 16.58
N GLU E 292 -17.73 46.73 15.68
CA GLU E 292 -18.06 47.47 14.45
C GLU E 292 -18.92 46.69 13.47
N SER E 293 -18.86 45.35 13.54
CA SER E 293 -19.59 44.49 12.62
C SER E 293 -21.02 44.31 13.08
N PHE E 294 -21.23 44.48 14.37
CA PHE E 294 -22.55 44.32 14.95
C PHE E 294 -22.79 45.49 15.92
N PRO E 295 -23.20 46.65 15.37
CA PRO E 295 -23.45 47.88 16.15
C PRO E 295 -24.67 47.75 17.07
N HIS E 296 -25.74 47.16 16.54
CA HIS E 296 -26.99 46.91 17.27
C HIS E 296 -26.80 46.09 18.56
N LEU E 297 -25.84 45.17 18.54
CA LEU E 297 -25.63 44.29 19.69
C LEU E 297 -24.33 44.66 20.35
N SER E 298 -24.39 44.78 21.67
CA SER E 298 -23.18 45.03 22.46
C SER E 298 -23.20 44.12 23.67
N LYS E 299 -22.17 44.25 24.49
CA LYS E 299 -21.80 43.19 25.42
C LYS E 299 -21.66 41.86 24.69
N PRO E 300 -20.66 41.76 23.79
CA PRO E 300 -20.25 40.46 23.27
C PRO E 300 -20.00 39.51 24.42
N ASN E 301 -20.44 38.26 24.31
CA ASN E 301 -20.25 37.31 25.39
C ASN E 301 -18.85 36.71 25.43
N GLY E 302 -18.67 35.73 26.29
CA GLY E 302 -17.37 35.11 26.47
C GLY E 302 -16.81 34.62 25.16
N LEU E 303 -17.61 33.83 24.45
CA LEU E 303 -17.18 33.16 23.23
C LEU E 303 -16.85 34.17 22.14
N GLN E 304 -17.73 35.13 21.93
CA GLN E 304 -17.44 36.18 20.98
C GLN E 304 -16.17 36.97 21.34
N ALA E 305 -16.02 37.34 22.61
CA ALA E 305 -14.87 38.13 23.01
C ALA E 305 -13.60 37.31 22.82
N SER E 306 -13.64 36.07 23.27
CA SER E 306 -12.49 35.17 23.17
C SER E 306 -12.02 35.04 21.72
N LEU E 307 -12.98 34.89 20.81
CA LEU E 307 -12.66 34.68 19.40
C LEU E 307 -12.15 35.95 18.76
N ALA E 308 -12.79 37.06 19.10
CA ALA E 308 -12.46 38.34 18.50
C ALA E 308 -11.05 38.79 18.89
N LYS E 309 -10.66 38.44 20.12
CA LYS E 309 -9.39 38.82 20.70
C LYS E 309 -8.22 38.01 20.18
N HIS E 310 -8.34 36.69 20.20
CA HIS E 310 -7.22 35.79 19.90
C HIS E 310 -7.05 35.41 18.43
N LEU E 311 -8.13 35.48 17.65
CA LEU E 311 -8.09 34.98 16.28
C LEU E 311 -7.35 35.80 15.20
N PRO E 312 -7.35 37.13 15.31
CA PRO E 312 -6.68 37.86 14.22
C PRO E 312 -5.18 37.53 14.03
N CYS E 313 -4.49 37.21 15.12
CA CYS E 313 -3.05 36.98 15.06
C CYS E 313 -2.76 35.59 14.59
N LEU E 314 -3.73 34.71 14.79
CA LEU E 314 -3.64 33.32 14.33
C LEU E 314 -4.03 33.20 12.87
N CYS E 315 -4.82 34.15 12.36
CA CYS E 315 -5.46 34.03 11.04
C CYS E 315 -4.68 34.67 9.88
N THR E 316 -3.52 34.12 9.58
CA THR E 316 -2.61 34.76 8.67
C THR E 316 -2.64 34.16 7.26
N GLY E 317 -3.51 33.18 7.07
CA GLY E 317 -3.70 32.56 5.76
C GLY E 317 -4.66 31.40 5.91
N PRO E 318 -4.72 30.53 4.89
CA PRO E 318 -5.66 29.41 4.85
C PRO E 318 -5.57 28.55 6.12
N GLY E 319 -6.72 28.26 6.71
CA GLY E 319 -6.75 27.55 7.97
C GLY E 319 -8.18 27.23 8.35
N LEU E 320 -8.35 26.43 9.38
CA LEU E 320 -9.66 25.93 9.76
C LEU E 320 -9.90 26.24 11.21
N VAL E 321 -11.09 26.70 11.54
CA VAL E 321 -11.42 27.03 12.91
C VAL E 321 -12.64 26.22 13.33
N LEU E 322 -12.49 25.43 14.38
CA LEU E 322 -13.60 24.63 14.87
C LEU E 322 -14.18 25.23 16.15
N ILE E 323 -15.41 25.70 16.10
CA ILE E 323 -16.07 26.23 17.31
C ILE E 323 -17.09 25.25 17.86
N THR E 324 -16.97 24.94 19.12
CA THR E 324 -17.85 23.95 19.72
C THR E 324 -18.47 24.52 21.01
N ALA E 325 -19.68 25.07 20.89
CA ALA E 325 -20.35 25.81 21.96
C ALA E 325 -21.82 25.37 22.08
N PRO E 326 -22.55 25.83 23.12
CA PRO E 326 -23.95 25.45 23.25
C PRO E 326 -24.88 26.45 22.59
N MET E 327 -26.18 26.15 22.62
CA MET E 327 -27.18 27.11 22.17
C MET E 327 -27.18 28.34 23.05
N GLY E 328 -27.58 29.46 22.47
CA GLY E 328 -27.73 30.70 23.20
C GLY E 328 -26.39 31.32 23.51
N GLU E 329 -25.36 30.94 22.77
CA GLU E 329 -24.06 31.53 23.01
C GLU E 329 -23.56 32.38 21.85
N GLY E 330 -24.43 32.67 20.89
CA GLY E 330 -24.09 33.61 19.85
C GLY E 330 -23.08 33.11 18.84
N LYS E 331 -23.05 31.80 18.62
CA LYS E 331 -22.23 31.17 17.60
C LYS E 331 -22.33 31.81 16.20
N THR E 332 -23.53 32.18 15.79
CA THR E 332 -23.70 32.75 14.46
C THR E 332 -22.95 34.05 14.28
N GLU E 333 -23.11 34.96 15.23
CA GLU E 333 -22.46 36.25 15.11
C GLU E 333 -20.95 36.07 15.17
N ALA E 334 -20.50 35.07 15.93
CA ALA E 334 -19.08 34.75 16.01
C ALA E 334 -18.57 34.26 14.64
N ALA E 335 -19.29 33.29 14.08
CA ALA E 335 -18.94 32.68 12.81
C ALA E 335 -18.83 33.68 11.66
N TYR E 336 -19.73 34.67 11.61
CA TYR E 336 -19.62 35.70 10.57
C TYR E 336 -18.28 36.40 10.71
N HIS E 337 -17.92 36.73 11.94
CA HIS E 337 -16.73 37.52 12.20
C HIS E 337 -15.43 36.73 11.89
N VAL E 338 -15.35 35.50 12.41
CA VAL E 338 -14.24 34.61 12.09
C VAL E 338 -14.14 34.40 10.57
N ALA E 339 -15.26 34.32 9.88
CA ALA E 339 -15.21 34.11 8.45
C ALA E 339 -14.62 35.35 7.76
N ASP E 340 -14.92 36.52 8.29
CA ASP E 340 -14.36 37.76 7.77
C ASP E 340 -12.83 37.82 7.94
N LEU E 341 -12.34 37.37 9.09
CA LEU E 341 -10.90 37.24 9.30
C LEU E 341 -10.23 36.34 8.26
N LEU E 342 -10.60 35.06 8.21
CA LEU E 342 -10.08 34.15 7.19
C LEU E 342 -10.34 34.67 5.78
N GLY E 343 -11.50 35.28 5.59
CA GLY E 343 -11.82 35.94 4.33
C GLY E 343 -10.79 36.98 3.90
N LYS E 344 -10.46 37.90 4.80
CA LYS E 344 -9.45 38.89 4.45
C LYS E 344 -8.06 38.30 4.28
N ALA E 345 -7.75 37.28 5.08
CA ALA E 345 -6.46 36.62 5.05
C ALA E 345 -6.18 35.78 3.80
N THR E 346 -7.21 35.29 3.12
CA THR E 346 -7.01 34.45 1.95
C THR E 346 -7.52 35.12 0.68
N GLY E 347 -7.86 36.40 0.77
CA GLY E 347 -8.27 37.16 -0.39
C GLY E 347 -9.54 36.62 -1.00
N ARG E 348 -10.32 35.94 -0.17
CA ARG E 348 -11.58 35.33 -0.59
C ARG E 348 -12.77 36.01 0.06
N PRO E 349 -13.44 36.90 -0.69
CA PRO E 349 -14.62 37.62 -0.22
C PRO E 349 -15.89 36.83 -0.39
N GLY E 350 -15.84 35.64 -0.98
CA GLY E 350 -17.07 34.90 -1.21
C GLY E 350 -17.46 34.09 -0.01
N ARG E 351 -18.70 33.67 0.05
CA ARG E 351 -19.19 32.95 1.23
C ARG E 351 -20.08 31.81 0.83
N PHE E 352 -20.00 30.72 1.58
CA PHE E 352 -21.03 29.69 1.55
C PHE E 352 -21.21 29.18 2.94
N LEU E 353 -22.42 29.33 3.47
CA LEU E 353 -22.77 28.82 4.79
C LEU E 353 -23.62 27.58 4.60
N ALA E 354 -23.12 26.43 5.07
CA ALA E 354 -23.86 25.18 4.98
C ALA E 354 -24.63 24.90 6.25
N LEU E 355 -25.92 24.65 6.11
CA LEU E 355 -26.78 24.29 7.22
C LEU E 355 -27.33 22.87 7.06
N PRO E 356 -27.92 22.30 8.13
CA PRO E 356 -28.26 20.88 8.07
C PRO E 356 -29.64 20.60 7.47
N THR E 357 -30.47 21.63 7.31
CA THR E 357 -31.83 21.46 6.79
C THR E 357 -32.24 22.66 5.94
N MET E 358 -33.27 22.50 5.10
CA MET E 358 -33.73 23.58 4.23
C MET E 358 -34.27 24.72 5.05
N ALA E 359 -34.94 24.38 6.15
CA ALA E 359 -35.50 25.38 7.04
C ALA E 359 -34.42 26.30 7.59
N THR E 360 -33.43 25.71 8.24
CA THR E 360 -32.34 26.46 8.85
C THR E 360 -31.55 27.22 7.78
N ALA E 361 -31.58 26.71 6.55
CA ALA E 361 -31.02 27.42 5.41
C ALA E 361 -31.83 28.67 5.10
N ASP E 362 -33.15 28.57 5.21
CA ASP E 362 -34.00 29.73 4.95
C ASP E 362 -33.77 30.85 5.98
N GLN E 363 -33.69 30.47 7.25
CA GLN E 363 -33.44 31.44 8.32
C GLN E 363 -32.11 32.15 8.10
N MET E 364 -31.04 31.37 7.90
CA MET E 364 -29.69 31.92 7.87
C MET E 364 -29.50 32.82 6.68
N HIS E 365 -30.16 32.46 5.58
CA HIS E 365 -30.16 33.28 4.39
C HIS E 365 -30.62 34.67 4.76
N THR E 366 -31.77 34.75 5.42
CA THR E 366 -32.36 36.02 5.86
C THR E 366 -31.42 36.85 6.72
N ARG E 367 -30.79 36.18 7.70
CA ARG E 367 -29.90 36.79 8.66
C ARG E 367 -28.64 37.34 7.98
N LEU E 368 -28.14 36.62 6.96
CA LEU E 368 -26.90 36.99 6.23
C LEU E 368 -27.13 38.09 5.20
N LYS E 369 -28.34 38.14 4.65
CA LYS E 369 -28.76 39.20 3.75
C LYS E 369 -28.85 40.49 4.55
N GLU E 370 -29.24 40.34 5.81
CA GLU E 370 -29.39 41.46 6.72
C GLU E 370 -28.01 41.94 7.07
N TYR E 371 -27.13 41.00 7.42
CA TYR E 371 -25.73 41.31 7.69
C TYR E 371 -25.06 42.03 6.53
N ALA E 372 -25.24 41.51 5.32
CA ALA E 372 -24.67 42.11 4.11
C ALA E 372 -25.14 43.54 3.85
N ARG E 373 -26.42 43.83 4.11
CA ARG E 373 -27.02 45.14 3.86
C ARG E 373 -26.34 46.27 4.58
N TYR E 374 -26.07 46.08 5.87
CA TYR E 374 -25.39 47.12 6.61
C TYR E 374 -23.92 46.91 6.69
N ARG E 375 -23.39 46.06 5.88
CA ARG E 375 -22.00 45.79 5.96
C ARG E 375 -21.35 46.11 4.67
N VAL E 376 -21.91 45.74 3.57
CA VAL E 376 -21.38 46.13 2.28
C VAL E 376 -21.40 47.65 2.19
N GLU E 377 -20.46 48.25 1.46
CA GLU E 377 -20.41 49.69 1.32
C GLU E 377 -20.93 50.13 -0.05
N ASN E 378 -21.72 51.16 -0.05
CA ASN E 378 -22.39 51.65 -1.24
C ASN E 378 -21.48 52.31 -2.27
N PRO E 382 -25.65 50.53 -6.72
CA PRO E 382 -26.04 49.83 -7.98
C PRO E 382 -25.57 48.39 -8.06
N ARG E 383 -25.23 47.79 -6.96
CA ARG E 383 -24.75 46.44 -6.98
C ARG E 383 -25.61 45.54 -7.87
N SER E 384 -25.00 44.45 -8.32
CA SER E 384 -25.66 43.32 -8.94
C SER E 384 -24.89 42.07 -8.60
N SER E 385 -25.10 41.60 -7.37
CA SER E 385 -24.45 40.42 -6.85
C SER E 385 -25.40 39.68 -5.96
N THR E 386 -25.96 38.57 -6.43
CA THR E 386 -27.00 37.89 -5.68
C THR E 386 -26.50 37.10 -4.48
N LEU E 387 -27.27 37.17 -3.41
CA LEU E 387 -27.07 36.34 -2.24
C LEU E 387 -28.00 35.13 -2.40
N ALA E 388 -27.54 34.14 -3.15
CA ALA E 388 -28.35 32.97 -3.49
C ALA E 388 -28.71 32.08 -2.31
N LEU E 389 -29.87 31.42 -2.43
CA LEU E 389 -30.39 30.43 -1.47
C LEU E 389 -30.37 29.05 -2.11
N LEU E 390 -29.49 28.17 -1.63
CA LEU E 390 -29.22 26.89 -2.31
C LEU E 390 -29.80 25.63 -1.64
N HIS E 391 -31.01 25.24 -2.04
CA HIS E 391 -31.60 23.94 -1.68
C HIS E 391 -32.77 23.56 -2.61
N SER E 392 -33.27 22.34 -2.52
CA SER E 392 -34.21 21.84 -3.52
C SER E 392 -35.67 22.40 -3.48
N MET E 393 -35.97 23.25 -2.50
CA MET E 393 -37.27 23.89 -2.42
C MET E 393 -37.13 25.38 -2.63
N ALA E 394 -35.92 25.83 -2.97
CA ALA E 394 -35.65 27.25 -3.14
C ALA E 394 -36.60 27.90 -4.13
N TRP E 395 -36.79 27.27 -5.29
CA TRP E 395 -37.75 27.74 -6.30
C TRP E 395 -39.12 28.07 -5.74
N LEU E 396 -39.60 27.23 -4.84
CA LEU E 396 -40.94 27.39 -4.30
C LEU E 396 -40.91 28.27 -3.07
N ASN E 397 -39.87 29.08 -2.96
CA ASN E 397 -39.85 30.14 -1.97
C ASN E 397 -40.24 31.41 -2.70
N PRO E 398 -41.44 31.93 -2.41
CA PRO E 398 -41.99 33.09 -3.10
C PRO E 398 -41.17 34.33 -2.79
N ASP E 399 -40.54 34.34 -1.61
CA ASP E 399 -39.77 35.48 -1.11
C ASP E 399 -38.34 35.52 -1.66
N TYR E 400 -37.95 34.48 -2.39
CA TYR E 400 -36.59 34.40 -2.92
C TYR E 400 -36.57 34.34 -4.45
N ALA E 401 -37.34 33.43 -5.02
CA ALA E 401 -37.34 33.22 -6.47
C ALA E 401 -37.99 34.39 -7.21
N PRO E 402 -37.43 34.80 -8.37
CA PRO E 402 -37.95 35.98 -9.06
C PRO E 402 -39.32 35.67 -9.66
N ALA E 403 -40.09 36.70 -10.05
CA ALA E 403 -41.49 36.56 -10.52
C ALA E 403 -41.81 35.28 -11.29
N ASP E 419 -33.49 46.20 -4.49
CA ASP E 419 -32.83 45.22 -3.63
C ASP E 419 -31.70 44.50 -4.35
N PRO E 420 -30.46 44.85 -3.98
CA PRO E 420 -29.33 44.02 -4.43
C PRO E 420 -29.43 42.71 -3.66
N PHE E 421 -28.54 41.79 -3.96
CA PHE E 421 -28.59 40.45 -3.34
C PHE E 421 -29.82 39.67 -3.80
N ALA E 422 -30.73 40.31 -4.52
CA ALA E 422 -31.89 39.61 -5.07
C ALA E 422 -31.45 38.55 -6.07
N ALA E 423 -32.12 37.41 -6.06
CA ALA E 423 -31.85 36.35 -7.01
C ALA E 423 -31.94 36.85 -8.44
N THR E 424 -31.43 36.04 -9.36
CA THR E 424 -31.29 36.42 -10.75
C THR E 424 -31.75 35.21 -11.49
N ASP E 425 -32.33 35.39 -12.67
CA ASP E 425 -32.78 34.27 -13.48
C ASP E 425 -31.63 33.32 -13.78
N TRP E 426 -30.50 33.88 -14.21
CA TRP E 426 -29.32 33.06 -14.52
C TRP E 426 -28.91 32.12 -13.37
N LEU E 427 -28.94 32.62 -12.14
CA LEU E 427 -28.49 31.85 -10.97
C LEU E 427 -29.52 30.86 -10.48
N MET E 428 -30.58 30.75 -11.23
CA MET E 428 -31.65 29.91 -10.83
C MET E 428 -31.63 28.59 -11.55
N GLY E 429 -30.68 28.46 -12.44
CA GLY E 429 -30.50 27.32 -13.29
C GLY E 429 -29.89 26.15 -12.60
N ARG E 430 -30.02 24.99 -13.20
CA ARG E 430 -29.50 23.79 -12.62
C ARG E 430 -28.03 23.97 -12.64
N LYS E 431 -27.39 23.67 -11.53
CA LYS E 431 -25.94 23.71 -11.43
C LYS E 431 -25.17 25.00 -11.24
N ARG E 432 -25.77 26.13 -10.95
CA ARG E 432 -25.03 27.39 -10.97
C ARG E 432 -25.00 28.04 -9.60
N GLY E 433 -25.66 27.44 -8.64
CA GLY E 433 -25.82 28.03 -7.33
C GLY E 433 -24.54 28.44 -6.63
N LEU E 434 -23.53 27.56 -6.59
CA LEU E 434 -22.28 27.88 -5.90
C LEU E 434 -21.44 28.89 -6.67
N LEU E 435 -21.93 29.32 -7.83
CA LEU E 435 -21.24 30.38 -8.56
C LEU E 435 -21.63 31.77 -8.04
N ALA E 436 -22.75 31.84 -7.32
CA ALA E 436 -23.14 33.07 -6.66
C ALA E 436 -22.05 33.51 -5.68
N PRO E 437 -21.76 34.82 -5.65
CA PRO E 437 -20.75 35.38 -4.76
C PRO E 437 -20.92 34.97 -3.29
N TRP E 438 -22.04 35.29 -2.66
CA TRP E 438 -22.37 34.70 -1.35
C TRP E 438 -23.50 33.70 -1.54
N ALA E 439 -23.45 32.57 -0.85
CA ALA E 439 -24.57 31.65 -0.89
C ALA E 439 -24.83 31.02 0.47
N VAL E 440 -26.10 30.86 0.84
CA VAL E 440 -26.44 29.94 1.94
C VAL E 440 -27.40 28.82 1.50
N GLY E 441 -27.29 27.67 2.15
CA GLY E 441 -28.02 26.50 1.71
C GLY E 441 -27.63 25.26 2.48
N THR E 442 -28.07 24.10 2.02
CA THR E 442 -27.86 22.88 2.79
C THR E 442 -26.46 22.34 2.60
N ILE E 443 -25.92 21.70 3.64
CA ILE E 443 -24.61 21.08 3.54
C ILE E 443 -24.48 20.20 2.28
N ASP E 444 -25.60 19.61 1.88
CA ASP E 444 -25.65 18.70 0.74
C ASP E 444 -25.14 19.36 -0.52
N GLN E 445 -25.51 20.62 -0.72
CA GLN E 445 -25.08 21.33 -1.92
C GLN E 445 -23.55 21.38 -2.04
N ALA E 446 -22.88 21.51 -0.91
CA ALA E 446 -21.41 21.51 -0.88
C ALA E 446 -20.84 20.11 -1.05
N LEU E 447 -21.43 19.12 -0.38
CA LEU E 447 -20.98 17.75 -0.47
C LEU E 447 -21.11 17.22 -1.89
N MET E 448 -21.99 17.84 -2.66
CA MET E 448 -22.17 17.42 -4.06
C MET E 448 -20.90 17.64 -4.86
N ALA E 449 -20.06 18.57 -4.41
CA ALA E 449 -18.80 18.83 -5.11
C ALA E 449 -17.82 17.63 -5.11
N VAL E 450 -17.83 16.82 -4.07
CA VAL E 450 -16.89 15.71 -3.97
C VAL E 450 -17.49 14.31 -4.26
N LEU E 451 -18.68 14.29 -4.84
CA LEU E 451 -19.31 13.08 -5.39
C LEU E 451 -18.89 12.88 -6.85
N ARG E 452 -18.81 11.67 -7.33
CA ARG E 452 -18.43 11.38 -8.69
C ARG E 452 -19.57 11.59 -9.64
N ALA E 453 -19.84 12.81 -10.01
CA ALA E 453 -21.04 13.19 -10.75
C ALA E 453 -20.67 14.21 -11.80
N LYS E 454 -21.49 14.35 -12.83
CA LYS E 454 -21.21 15.36 -13.85
C LYS E 454 -21.20 16.76 -13.25
N HIS E 455 -20.24 17.56 -13.69
CA HIS E 455 -20.14 18.96 -13.33
C HIS E 455 -19.68 19.25 -11.91
N ASN E 456 -19.12 18.26 -11.22
CA ASN E 456 -18.55 18.55 -9.91
C ASN E 456 -17.47 19.63 -10.00
N ALA E 457 -16.71 19.64 -11.08
CA ALA E 457 -15.64 20.62 -11.21
C ALA E 457 -16.23 22.02 -11.15
N LEU E 458 -17.41 22.20 -11.73
CA LEU E 458 -18.13 23.47 -11.61
C LEU E 458 -18.38 23.83 -10.14
N ARG E 459 -18.88 22.87 -9.35
CA ARG E 459 -19.09 23.15 -7.94
C ARG E 459 -17.79 23.44 -7.22
N LEU E 460 -16.79 22.60 -7.45
CA LEU E 460 -15.46 22.85 -6.91
C LEU E 460 -15.01 24.29 -7.17
N PHE E 461 -15.26 24.80 -8.37
CA PHE E 461 -14.85 26.14 -8.76
C PHE E 461 -15.59 27.19 -7.93
N GLY E 462 -16.89 27.02 -7.82
CA GLY E 462 -17.71 27.98 -7.12
C GLY E 462 -17.25 28.05 -5.69
N LEU E 463 -16.83 26.92 -5.17
CA LEU E 463 -16.41 26.83 -3.78
C LEU E 463 -15.02 27.45 -3.61
N ALA E 464 -14.20 27.37 -4.67
CA ALA E 464 -12.77 27.70 -4.60
C ALA E 464 -12.41 29.12 -4.12
N GLY E 465 -13.26 30.12 -4.43
CA GLY E 465 -13.03 31.49 -4.02
C GLY E 465 -13.80 31.95 -2.78
N LYS E 466 -14.31 30.99 -2.02
CA LYS E 466 -15.15 31.32 -0.90
C LYS E 466 -14.54 30.92 0.41
N VAL E 467 -15.05 31.49 1.50
CA VAL E 467 -14.82 30.92 2.83
C VAL E 467 -16.01 30.02 3.15
N VAL E 468 -15.80 28.72 3.32
CA VAL E 468 -16.96 27.89 3.61
C VAL E 468 -17.17 27.71 5.11
N VAL E 469 -18.41 27.96 5.55
CA VAL E 469 -18.79 27.78 6.93
C VAL E 469 -19.76 26.65 7.02
N VAL E 470 -19.44 25.61 7.76
CA VAL E 470 -20.47 24.60 7.97
C VAL E 470 -20.94 24.62 9.41
N ASP E 471 -22.26 24.68 9.56
CA ASP E 471 -22.86 24.71 10.88
C ASP E 471 -23.42 23.34 11.29
N GLU E 472 -23.55 23.13 12.60
CA GLU E 472 -24.08 21.89 13.18
C GLU E 472 -23.31 20.68 12.69
N ALA E 473 -21.99 20.69 12.92
CA ALA E 473 -21.12 19.60 12.45
C ALA E 473 -21.50 18.29 13.10
N HIS E 474 -21.95 18.40 14.36
CA HIS E 474 -22.28 17.24 15.17
C HIS E 474 -23.40 16.38 14.59
N ALA E 475 -24.10 16.94 13.62
CA ALA E 475 -25.24 16.27 12.98
C ALA E 475 -24.89 15.59 11.65
N VAL E 476 -23.63 15.29 11.41
CA VAL E 476 -23.32 14.54 10.22
C VAL E 476 -23.02 13.07 10.57
N ASP E 477 -23.88 12.18 10.08
CA ASP E 477 -23.77 10.75 10.35
C ASP E 477 -22.47 10.25 9.66
N PRO E 478 -22.04 9.00 9.95
CA PRO E 478 -20.75 8.53 9.41
C PRO E 478 -20.61 8.57 7.88
N TYR E 479 -21.71 8.40 7.18
CA TYR E 479 -21.70 8.50 5.74
C TYR E 479 -21.38 9.92 5.29
N MET E 480 -22.15 10.87 5.79
CA MET E 480 -21.95 12.26 5.44
C MET E 480 -20.58 12.73 5.86
N GLN E 481 -20.11 12.15 6.96
CA GLN E 481 -18.83 12.48 7.54
C GLN E 481 -17.69 12.09 6.63
N VAL E 482 -17.82 10.95 5.93
CA VAL E 482 -16.82 10.56 4.94
C VAL E 482 -16.80 11.57 3.79
N LEU E 483 -17.99 11.97 3.35
CA LEU E 483 -18.14 12.99 2.31
C LEU E 483 -17.54 14.33 2.76
N LEU E 484 -17.90 14.74 3.97
CA LEU E 484 -17.40 16.00 4.56
C LEU E 484 -15.89 16.00 4.60
N GLU E 485 -15.31 14.83 4.86
CA GLU E 485 -13.86 14.72 4.96
C GLU E 485 -13.17 14.95 3.63
N GLN E 486 -13.76 14.43 2.56
CA GLN E 486 -13.22 14.63 1.22
C GLN E 486 -13.43 16.06 0.73
N LEU E 487 -14.52 16.69 1.15
CA LEU E 487 -14.67 18.12 0.86
C LEU E 487 -13.56 18.89 1.58
N LEU E 488 -13.37 18.56 2.85
CA LEU E 488 -12.41 19.26 3.68
C LEU E 488 -11.02 19.08 3.11
N ARG E 489 -10.79 17.88 2.60
CA ARG E 489 -9.51 17.56 1.99
C ARG E 489 -9.28 18.38 0.72
N TRP E 490 -10.28 18.47 -0.13
CA TRP E 490 -10.12 19.22 -1.37
C TRP E 490 -10.04 20.73 -1.12
N LEU E 491 -10.88 21.22 -0.21
CA LEU E 491 -10.83 22.64 0.14
C LEU E 491 -9.45 23.05 0.66
N GLY E 492 -8.86 22.21 1.51
CA GLY E 492 -7.53 22.44 2.00
C GLY E 492 -6.48 22.63 0.91
N THR E 493 -6.48 21.74 -0.08
CA THR E 493 -5.48 21.80 -1.14
C THR E 493 -5.72 23.00 -2.06
N LEU E 494 -6.93 23.53 -2.03
CA LEU E 494 -7.32 24.61 -2.91
C LEU E 494 -7.19 25.94 -2.20
N ASP E 495 -6.67 25.90 -0.96
CA ASP E 495 -6.49 27.07 -0.10
C ASP E 495 -7.76 27.78 0.40
N VAL E 496 -8.91 27.13 0.35
CA VAL E 496 -10.08 27.77 0.91
C VAL E 496 -10.12 27.53 2.43
N PRO E 497 -10.38 28.60 3.21
CA PRO E 497 -10.46 28.49 4.67
C PRO E 497 -11.84 28.05 5.15
N VAL E 498 -11.89 27.28 6.22
CA VAL E 498 -13.11 26.65 6.65
C VAL E 498 -13.44 27.03 8.09
N VAL E 499 -14.73 27.25 8.36
CA VAL E 499 -15.19 27.36 9.75
C VAL E 499 -16.19 26.26 10.07
N LEU E 500 -15.93 25.56 11.17
CA LEU E 500 -16.79 24.47 11.63
C LEU E 500 -17.46 24.87 12.92
N LEU E 501 -18.73 25.23 12.86
CA LEU E 501 -19.49 25.49 14.06
C LEU E 501 -20.09 24.16 14.51
N SER E 502 -20.14 23.94 15.81
CA SER E 502 -20.79 22.74 16.29
C SER E 502 -21.25 22.91 17.72
N ALA E 503 -22.13 22.01 18.15
CA ALA E 503 -22.45 21.86 19.59
C ALA E 503 -21.48 20.75 19.88
N THR E 504 -21.75 20.00 20.95
CA THR E 504 -20.77 19.14 21.54
C THR E 504 -20.38 18.11 20.46
N LEU E 505 -19.10 18.09 20.07
CA LEU E 505 -18.63 17.15 19.04
C LEU E 505 -17.70 16.07 19.62
N HIS E 506 -17.91 14.80 19.25
CA HIS E 506 -17.05 13.70 19.72
C HIS E 506 -15.62 13.97 19.28
N HIS E 507 -14.63 13.66 20.13
CA HIS E 507 -13.25 14.05 19.82
C HIS E 507 -12.75 13.42 18.52
N SER E 508 -13.17 12.19 18.26
CA SER E 508 -12.72 11.45 17.10
C SER E 508 -13.22 12.06 15.79
N ILE E 509 -14.45 12.58 15.79
CA ILE E 509 -14.96 13.25 14.60
C ILE E 509 -14.17 14.54 14.36
N ALA E 510 -14.03 15.38 15.38
CA ALA E 510 -13.22 16.60 15.28
C ALA E 510 -11.84 16.26 14.76
N ASN E 511 -11.29 15.15 15.24
CA ASN E 511 -9.97 14.71 14.85
C ASN E 511 -9.92 14.33 13.38
N SER E 512 -10.93 13.59 12.92
CA SER E 512 -10.98 13.16 11.52
C SER E 512 -11.19 14.34 10.60
N LEU E 513 -11.97 15.32 11.05
CA LEU E 513 -12.26 16.48 10.24
C LEU E 513 -11.01 17.33 10.03
N VAL E 514 -10.27 17.62 11.10
CA VAL E 514 -9.08 18.43 10.91
C VAL E 514 -7.97 17.64 10.25
N LYS E 515 -7.86 16.36 10.57
CA LYS E 515 -6.88 15.51 9.90
C LYS E 515 -7.13 15.56 8.39
N ALA E 516 -8.38 15.49 7.97
CA ALA E 516 -8.68 15.54 6.55
C ALA E 516 -8.25 16.87 5.98
N TYR E 517 -8.50 17.95 6.70
CA TYR E 517 -8.16 19.26 6.18
C TYR E 517 -6.66 19.42 6.03
N LEU E 518 -5.89 18.94 7.00
CA LEU E 518 -4.43 19.08 6.96
C LEU E 518 -3.84 18.28 5.81
N GLU E 519 -4.33 17.06 5.62
CA GLU E 519 -3.86 16.22 4.52
C GLU E 519 -3.92 17.00 3.20
N GLY E 520 -5.02 17.74 3.01
CA GLY E 520 -5.19 18.55 1.82
C GLY E 520 -4.15 19.66 1.72
N ALA E 521 -3.98 20.39 2.82
CA ALA E 521 -3.02 21.48 2.88
C ALA E 521 -1.59 21.02 2.64
N ARG E 522 -1.25 19.87 3.20
CA ARG E 522 0.13 19.39 3.20
C ARG E 522 0.44 18.40 2.10
N GLY E 523 -0.55 18.06 1.29
CA GLY E 523 -0.33 17.23 0.12
C GLY E 523 -0.11 15.74 0.35
N ARG E 524 -0.05 15.31 1.61
CA ARG E 524 0.17 13.89 1.90
C ARG E 524 -0.73 13.40 3.03
N ARG E 525 -1.17 12.15 2.91
CA ARG E 525 -1.99 11.51 3.92
C ARG E 525 -1.19 11.26 5.20
N TRP E 526 -1.86 10.70 6.19
CA TRP E 526 -1.26 10.52 7.51
C TRP E 526 -0.50 9.18 7.71
N ASN E 527 0.60 9.26 8.44
CA ASN E 527 1.34 8.05 8.81
C ASN E 527 0.71 7.44 10.03
N ARG E 528 0.93 6.14 10.24
CA ARG E 528 0.38 5.48 11.43
C ARG E 528 1.07 6.03 12.68
N SER E 529 2.38 6.26 12.56
CA SER E 529 3.21 6.73 13.66
C SER E 529 2.86 8.13 14.13
N GLU E 530 2.36 8.95 13.20
CA GLU E 530 2.03 10.35 13.42
C GLU E 530 1.06 10.58 14.60
N PRO E 531 1.33 11.59 15.44
CA PRO E 531 0.44 11.95 16.55
C PRO E 531 -0.80 12.71 16.07
N GLN E 532 -1.98 12.29 16.51
CA GLN E 532 -3.24 12.90 16.09
C GLN E 532 -3.33 14.41 16.42
N PRO E 533 -3.93 15.19 15.51
CA PRO E 533 -3.99 16.65 15.69
C PRO E 533 -5.04 17.14 16.69
N VAL E 534 -6.00 16.28 17.05
CA VAL E 534 -7.01 16.66 18.05
C VAL E 534 -7.36 15.46 18.89
N SER E 535 -6.91 15.48 20.14
CA SER E 535 -7.19 14.34 21.00
C SER E 535 -8.29 14.63 22.00
N GLU E 536 -8.53 15.91 22.32
CA GLU E 536 -9.71 16.27 23.09
C GLU E 536 -10.28 17.62 22.65
N VAL E 537 -11.58 17.79 22.83
CA VAL E 537 -12.24 19.06 22.51
C VAL E 537 -12.88 19.63 23.78
N SER E 538 -12.74 20.94 23.97
CA SER E 538 -13.33 21.58 25.13
C SER E 538 -14.67 22.21 24.75
N TYR E 539 -15.69 21.97 25.58
CA TYR E 539 -17.04 22.46 25.30
C TYR E 539 -17.53 23.27 26.48
N PRO E 540 -17.69 24.60 26.31
CA PRO E 540 -17.44 25.35 25.08
C PRO E 540 -15.95 25.54 24.85
N GLY E 541 -15.56 25.78 23.59
CA GLY E 541 -14.16 25.97 23.26
C GLY E 541 -14.00 26.23 21.78
N TRP E 542 -12.81 26.62 21.37
CA TRP E 542 -12.51 26.71 19.94
C TRP E 542 -11.13 26.20 19.66
N LEU E 543 -10.73 26.29 18.41
CA LEU E 543 -9.53 25.62 17.96
C LEU E 543 -9.22 26.22 16.61
N HIS E 544 -7.97 26.60 16.39
CA HIS E 544 -7.54 27.11 15.09
C HIS E 544 -6.50 26.20 14.47
N VAL E 545 -6.58 25.97 13.17
CA VAL E 545 -5.56 25.17 12.52
C VAL E 545 -4.89 25.97 11.43
N ASP E 546 -3.59 26.21 11.58
CA ASP E 546 -2.81 26.90 10.55
C ASP E 546 -2.48 25.95 9.41
N ALA E 547 -2.92 26.24 8.19
CA ALA E 547 -2.74 25.25 7.11
C ALA E 547 -1.29 25.15 6.63
N ARG E 548 -0.54 26.21 6.83
CA ARG E 548 0.80 26.28 6.30
C ARG E 548 1.75 25.39 7.08
N ILE E 549 1.59 25.35 8.38
CA ILE E 549 2.53 24.61 9.19
C ILE E 549 1.87 23.45 9.97
N GLY E 550 0.55 23.41 10.01
CA GLY E 550 -0.11 22.31 10.66
C GLY E 550 -0.32 22.54 12.14
N LYS E 551 -0.10 23.77 12.60
CA LYS E 551 -0.18 24.06 14.03
C LYS E 551 -1.59 24.22 14.60
N VAL E 552 -1.93 23.36 15.56
CA VAL E 552 -3.26 23.39 16.15
C VAL E 552 -3.29 24.12 17.47
N THR E 553 -3.86 25.32 17.45
CA THR E 553 -3.93 26.17 18.62
C THR E 553 -5.28 26.07 19.31
N ARG E 554 -5.36 25.36 20.42
CA ARG E 554 -6.59 25.28 21.18
C ARG E 554 -6.89 26.61 21.87
N SER E 555 -8.13 26.78 22.31
CA SER E 555 -8.52 27.96 23.08
C SER E 555 -7.88 27.91 24.46
N SER E 556 -7.61 26.68 24.92
CA SER E 556 -7.00 26.44 26.23
C SER E 556 -5.59 26.99 26.26
N ASP E 557 -4.90 26.88 25.12
CA ASP E 557 -3.52 27.32 24.97
C ASP E 557 -3.32 28.82 25.02
N VAL E 558 -4.38 29.59 24.82
CA VAL E 558 -4.24 31.02 24.70
C VAL E 558 -5.03 31.72 25.77
N ASP E 559 -5.65 30.92 26.64
CA ASP E 559 -6.42 31.44 27.77
C ASP E 559 -6.76 30.28 28.71
N PRO E 560 -6.14 30.27 29.90
CA PRO E 560 -6.37 29.24 30.92
C PRO E 560 -7.81 29.26 31.44
N LEU E 561 -8.42 30.44 31.49
CA LEU E 561 -9.82 30.55 31.90
C LEU E 561 -10.75 29.94 30.86
N PRO E 562 -11.62 29.01 31.32
CA PRO E 562 -12.69 28.49 30.47
C PRO E 562 -13.57 29.62 29.94
N ILE E 563 -14.10 29.46 28.73
CA ILE E 563 -14.94 30.49 28.12
C ILE E 563 -16.31 30.63 28.81
N ALA E 564 -16.64 31.85 29.22
CA ALA E 564 -17.89 32.09 29.93
C ALA E 564 -19.08 31.86 29.02
N THR E 565 -20.05 31.10 29.51
CA THR E 565 -21.32 30.94 28.80
C THR E 565 -22.46 31.25 29.77
N THR E 566 -23.68 31.27 29.27
CA THR E 566 -24.84 31.53 30.12
C THR E 566 -24.85 30.52 31.27
N PRO E 567 -24.89 31.01 32.53
CA PRO E 567 -24.97 30.11 33.69
C PRO E 567 -26.28 29.33 33.69
N ARG E 568 -26.21 28.02 33.91
CA ARG E 568 -27.41 27.18 33.81
C ARG E 568 -27.60 26.24 35.01
N LYS E 569 -28.83 26.17 35.50
CA LYS E 569 -29.16 25.21 36.55
C LYS E 569 -28.87 23.82 36.02
N PRO E 570 -28.21 22.99 36.83
CA PRO E 570 -27.85 21.65 36.32
C PRO E 570 -29.09 20.83 36.01
N LEU E 571 -28.90 19.81 35.19
CA LEU E 571 -30.00 19.04 34.67
C LEU E 571 -30.20 17.74 35.43
N GLU E 572 -31.37 17.62 36.04
CA GLU E 572 -31.75 16.39 36.74
C GLU E 572 -32.24 15.33 35.76
N VAL E 573 -31.46 14.29 35.54
CA VAL E 573 -31.94 13.19 34.69
C VAL E 573 -32.39 11.99 35.50
N ARG E 574 -33.65 11.61 35.29
CA ARG E 574 -34.27 10.55 36.06
C ARG E 574 -34.63 9.35 35.18
N LEU E 575 -34.05 8.20 35.48
CA LEU E 575 -34.39 6.97 34.76
C LEU E 575 -35.64 6.39 35.41
N VAL E 576 -36.57 5.90 34.60
CA VAL E 576 -37.86 5.43 35.10
C VAL E 576 -38.33 4.22 34.32
N ASP E 577 -38.40 3.06 34.95
CA ASP E 577 -38.78 1.85 34.21
C ASP E 577 -40.22 1.95 33.80
N VAL E 578 -40.52 1.39 32.63
CA VAL E 578 -41.87 1.37 32.12
C VAL E 578 -42.16 -0.07 31.74
N PRO E 579 -43.35 -0.57 32.10
CA PRO E 579 -43.73 -1.94 31.74
C PRO E 579 -43.90 -2.13 30.25
N VAL E 580 -43.65 -3.36 29.80
CA VAL E 580 -43.77 -3.72 28.39
C VAL E 580 -45.03 -4.53 28.14
N LYS E 581 -45.75 -4.18 27.08
CA LYS E 581 -46.90 -4.95 26.65
C LYS E 581 -46.74 -5.35 25.17
N GLU E 582 -46.49 -6.63 24.93
CA GLU E 582 -46.30 -7.15 23.58
C GLU E 582 -45.16 -6.44 22.84
N GLY E 583 -44.03 -6.31 23.53
CA GLY E 583 -42.82 -5.73 22.95
C GLY E 583 -42.85 -4.22 22.73
N ALA E 584 -43.71 -3.52 23.47
CA ALA E 584 -43.86 -2.06 23.38
C ALA E 584 -44.09 -1.46 24.77
N LEU E 585 -43.59 -0.25 25.00
CA LEU E 585 -43.76 0.40 26.31
C LEU E 585 -45.21 0.78 26.56
N ASN E 586 -45.68 0.49 27.77
CA ASN E 586 -47.00 0.93 28.19
C ASN E 586 -46.92 2.16 29.07
N ARG E 587 -46.93 3.34 28.45
CA ARG E 587 -46.63 4.56 29.17
C ARG E 587 -47.78 5.02 30.06
N SER E 588 -48.92 4.36 29.97
CA SER E 588 -50.14 4.80 30.66
C SER E 588 -49.99 5.14 32.13
N THR E 589 -49.17 4.34 32.82
CA THR E 589 -48.96 4.53 34.24
C THR E 589 -48.05 5.72 34.53
N VAL E 590 -46.91 5.76 33.84
CA VAL E 590 -45.92 6.81 34.10
C VAL E 590 -46.42 8.19 33.68
N LEU E 591 -47.20 8.22 32.60
CA LEU E 591 -47.77 9.47 32.13
C LEU E 591 -48.70 10.10 33.17
N ALA E 592 -49.60 9.30 33.73
CA ALA E 592 -50.56 9.80 34.70
C ALA E 592 -49.83 10.31 35.95
N LYS E 593 -48.81 9.59 36.36
CA LYS E 593 -48.11 9.92 37.58
C LYS E 593 -47.32 11.22 37.41
N GLU E 594 -46.76 11.40 36.22
CA GLU E 594 -45.81 12.51 35.95
C GLU E 594 -46.51 13.79 35.51
N LEU E 595 -47.64 13.64 34.84
CA LEU E 595 -48.39 14.77 34.31
C LEU E 595 -49.34 15.34 35.37
N THR E 596 -49.68 14.52 36.38
CA THR E 596 -50.60 14.93 37.45
C THR E 596 -50.31 16.34 38.04
N PRO E 597 -49.05 16.66 38.37
CA PRO E 597 -48.86 18.01 38.90
C PRO E 597 -49.16 19.08 37.86
N LEU E 598 -48.95 18.78 36.58
CA LEU E 598 -49.25 19.77 35.54
C LEU E 598 -50.75 20.00 35.41
N VAL E 599 -51.54 18.93 35.41
CA VAL E 599 -52.98 19.07 35.23
C VAL E 599 -53.65 19.80 36.40
N LYS E 600 -53.03 19.69 37.59
CA LYS E 600 -53.47 20.47 38.75
C LYS E 600 -53.11 21.95 38.61
N GLN E 601 -51.83 22.26 38.74
CA GLN E 601 -51.37 23.65 38.83
C GLN E 601 -51.05 24.34 37.50
N GLY E 602 -50.71 23.57 36.47
CA GLY E 602 -50.34 24.16 35.19
C GLY E 602 -48.86 23.97 34.85
N GLY E 603 -48.42 24.58 33.74
CA GLY E 603 -47.07 24.39 33.24
C GLY E 603 -47.00 23.86 31.82
N CYS E 604 -45.79 23.59 31.34
CA CYS E 604 -45.60 23.08 29.98
C CYS E 604 -44.66 21.89 29.98
N ALA E 605 -45.04 20.82 29.31
CA ALA E 605 -44.18 19.64 29.23
C ALA E 605 -44.11 19.10 27.81
N ALA E 606 -43.13 18.23 27.58
CA ALA E 606 -42.97 17.59 26.29
C ALA E 606 -42.73 16.09 26.45
N ILE E 607 -43.39 15.28 25.63
CA ILE E 607 -43.16 13.85 25.61
C ILE E 607 -42.53 13.49 24.27
N ILE E 608 -41.27 13.09 24.29
CA ILE E 608 -40.57 12.77 23.03
C ILE E 608 -40.58 11.28 22.83
N CYS E 609 -41.11 10.85 21.70
CA CYS E 609 -41.25 9.44 21.40
C CYS E 609 -40.39 9.04 20.23
N THR E 610 -40.01 7.78 20.22
CA THR E 610 -39.08 7.29 19.22
C THR E 610 -39.68 7.18 17.81
N THR E 611 -40.95 6.81 17.71
CA THR E 611 -41.57 6.65 16.39
C THR E 611 -42.82 7.51 16.23
N VAL E 612 -43.31 7.58 15.00
CA VAL E 612 -44.53 8.34 14.71
C VAL E 612 -45.74 7.64 15.31
N ALA E 613 -45.77 6.32 15.24
CA ALA E 613 -46.86 5.55 15.82
C ALA E 613 -46.92 5.72 17.34
N GLU E 614 -45.76 5.63 17.99
CA GLU E 614 -45.72 5.76 19.44
C GLU E 614 -46.19 7.14 19.91
N ALA E 615 -45.89 8.18 19.14
CA ALA E 615 -46.34 9.52 19.49
C ALA E 615 -47.82 9.68 19.19
N GLN E 616 -48.29 9.09 18.09
CA GLN E 616 -49.70 9.18 17.73
C GLN E 616 -50.55 8.51 18.80
N GLY E 617 -50.07 7.38 19.32
CA GLY E 617 -50.72 6.70 20.42
C GLY E 617 -50.72 7.49 21.73
N VAL E 618 -49.55 8.01 22.13
CA VAL E 618 -49.44 8.80 23.35
C VAL E 618 -50.42 9.97 23.32
N TYR E 619 -50.55 10.59 22.15
CA TYR E 619 -51.50 11.68 21.97
C TYR E 619 -52.92 11.21 22.20
N ASP E 620 -53.31 10.14 21.50
CA ASP E 620 -54.62 9.50 21.73
C ASP E 620 -54.90 9.34 23.22
N LEU E 621 -53.99 8.64 23.91
CA LEU E 621 -54.07 8.43 25.36
C LEU E 621 -54.17 9.70 26.21
N LEU E 622 -53.44 10.75 25.85
CA LEU E 622 -53.56 11.99 26.60
C LEU E 622 -54.86 12.72 26.27
N SER E 623 -55.28 12.67 25.02
CA SER E 623 -56.49 13.35 24.57
C SER E 623 -57.71 12.76 25.28
N GLN E 624 -57.71 11.44 25.42
CA GLN E 624 -58.81 10.73 26.09
C GLN E 624 -58.87 11.12 27.56
N TRP E 625 -57.74 11.04 28.25
CA TRP E 625 -57.66 11.51 29.62
C TRP E 625 -58.12 12.97 29.71
N PHE E 626 -57.65 13.83 28.80
CA PHE E 626 -57.91 15.26 28.91
C PHE E 626 -59.33 15.65 28.56
N ALA E 627 -60.07 14.69 28.00
CA ALA E 627 -61.46 14.91 27.66
C ALA E 627 -62.30 15.20 28.93
N THR E 628 -61.77 14.83 30.08
CA THR E 628 -62.46 14.99 31.36
C THR E 628 -62.18 16.34 32.08
N LEU E 629 -62.52 17.46 31.41
CA LEU E 629 -62.71 18.78 32.03
C LEU E 629 -63.05 19.86 30.99
N ALA E 633 -58.01 22.48 29.12
CA ALA E 633 -57.37 22.30 30.43
C ALA E 633 -57.01 20.85 30.69
N PRO E 634 -55.77 20.46 30.35
CA PRO E 634 -54.77 21.32 29.72
C PRO E 634 -54.69 21.09 28.21
N ASP E 635 -54.04 21.98 27.46
CA ASP E 635 -53.95 21.85 26.00
C ASP E 635 -53.10 20.66 25.56
N LEU E 636 -53.29 20.23 24.32
CA LEU E 636 -52.54 19.09 23.83
C LEU E 636 -52.07 19.37 22.43
N TYR E 637 -50.77 19.18 22.19
CA TYR E 637 -50.23 19.36 20.85
C TYR E 637 -49.43 18.15 20.39
N LEU E 638 -49.49 17.87 19.08
CA LEU E 638 -48.72 16.77 18.48
C LEU E 638 -47.91 17.23 17.26
N LEU E 639 -46.64 16.83 17.18
CA LEU E 639 -45.73 17.25 16.10
C LEU E 639 -44.77 16.16 15.59
N HIS E 640 -44.84 15.86 14.30
CA HIS E 640 -43.91 14.90 13.68
C HIS E 640 -43.86 15.10 12.15
N SER E 641 -43.00 14.35 11.49
CA SER E 641 -42.74 14.63 10.09
C SER E 641 -43.92 14.33 9.17
N ARG E 642 -44.82 13.44 9.58
CA ARG E 642 -45.89 13.01 8.69
C ARG E 642 -47.14 13.90 8.77
N PHE E 643 -46.96 15.19 8.52
CA PHE E 643 -48.07 16.11 8.36
C PHE E 643 -47.94 16.76 7.00
N PRO E 644 -49.06 17.18 6.41
CA PRO E 644 -48.95 18.05 5.23
C PRO E 644 -48.16 19.31 5.61
N ASN E 645 -47.34 19.80 4.68
CA ASN E 645 -46.43 20.90 4.95
C ASN E 645 -47.07 22.13 5.56
N ARG E 646 -48.21 22.55 5.00
CA ARG E 646 -48.93 23.69 5.52
C ARG E 646 -49.25 23.47 7.00
N GLN E 647 -49.84 22.33 7.31
CA GLN E 647 -50.22 22.04 8.68
C GLN E 647 -49.01 22.06 9.62
N ARG E 648 -47.89 21.51 9.19
CA ARG E 648 -46.73 21.44 10.08
C ARG E 648 -46.17 22.83 10.42
N THR E 649 -46.10 23.73 9.44
CA THR E 649 -45.65 25.07 9.76
C THR E 649 -46.65 25.77 10.69
N GLU E 650 -47.93 25.46 10.55
CA GLU E 650 -48.93 26.08 11.43
C GLU E 650 -48.82 25.54 12.85
N ILE E 651 -48.65 24.22 12.97
CA ILE E 651 -48.44 23.58 14.26
C ILE E 651 -47.14 24.09 14.90
N THR E 652 -46.06 24.05 14.12
CA THR E 652 -44.78 24.57 14.58
C THR E 652 -44.91 26.00 15.09
N ALA E 653 -45.53 26.87 14.30
CA ALA E 653 -45.61 28.26 14.69
C ALA E 653 -46.34 28.42 16.02
N THR E 654 -47.55 27.88 16.14
CA THR E 654 -48.30 28.11 17.37
C THR E 654 -47.56 27.48 18.55
N ILE E 655 -46.87 26.38 18.27
CA ILE E 655 -46.07 25.70 19.28
C ILE E 655 -44.91 26.56 19.82
N VAL E 656 -44.24 27.34 18.96
CA VAL E 656 -43.20 28.22 19.49
C VAL E 656 -43.77 29.56 19.96
N ASP E 657 -44.95 29.91 19.48
CA ASP E 657 -45.56 31.15 19.94
C ASP E 657 -45.93 31.05 21.40
N LEU E 658 -46.09 29.82 21.86
CA LEU E 658 -46.43 29.56 23.24
C LEU E 658 -45.18 29.26 24.06
N PHE E 659 -44.44 28.23 23.65
CA PHE E 659 -43.37 27.72 24.49
C PHE E 659 -42.05 28.45 24.27
N GLY E 660 -42.05 29.37 23.31
CA GLY E 660 -40.82 30.02 22.88
C GLY E 660 -40.55 31.35 23.53
N LYS E 661 -39.40 31.93 23.20
CA LYS E 661 -38.96 33.20 23.77
C LYS E 661 -39.95 34.35 23.57
N GLU E 662 -40.34 34.61 22.33
CA GLU E 662 -41.27 35.69 22.01
C GLU E 662 -42.63 35.48 22.67
N GLY E 663 -42.94 34.22 22.99
CA GLY E 663 -44.19 33.90 23.62
C GLY E 663 -44.22 34.21 25.09
N ALA E 664 -43.04 34.30 25.71
CA ALA E 664 -42.97 34.57 27.14
C ALA E 664 -42.82 36.07 27.39
N GLN E 665 -42.18 36.77 26.46
CA GLN E 665 -42.02 38.21 26.58
C GLN E 665 -43.30 38.93 26.18
N SER E 666 -44.26 38.17 25.66
CA SER E 666 -45.57 38.72 25.31
C SER E 666 -46.61 38.38 26.36
N GLY E 667 -46.24 37.52 27.30
CA GLY E 667 -47.18 37.03 28.30
C GLY E 667 -48.10 35.99 27.68
N ARG E 668 -47.77 35.59 26.48
CA ARG E 668 -48.57 34.66 25.70
C ARG E 668 -48.37 33.21 26.19
N ARG E 669 -47.46 33.02 27.13
CA ARG E 669 -47.16 31.68 27.65
C ARG E 669 -48.29 31.12 28.52
N PRO E 670 -48.88 30.01 28.10
CA PRO E 670 -49.96 29.38 28.86
C PRO E 670 -49.59 29.00 30.29
N THR E 671 -50.31 29.57 31.25
CA THR E 671 -50.19 29.21 32.66
C THR E 671 -51.11 28.04 32.96
N ARG E 672 -52.04 27.81 32.04
CA ARG E 672 -53.12 26.86 32.28
C ARG E 672 -52.70 25.39 32.19
N GLY E 673 -51.54 25.11 31.61
CA GLY E 673 -51.12 23.74 31.46
C GLY E 673 -51.20 23.35 30.00
N ALA E 674 -50.11 22.75 29.51
CA ALA E 674 -50.00 22.42 28.09
C ALA E 674 -48.98 21.31 27.91
N VAL E 675 -49.34 20.31 27.11
CA VAL E 675 -48.46 19.19 26.85
C VAL E 675 -48.22 19.02 25.36
N LEU E 676 -46.95 19.00 24.97
CA LEU E 676 -46.56 18.71 23.59
C LEU E 676 -46.08 17.27 23.48
N VAL E 677 -46.61 16.56 22.50
CA VAL E 677 -46.08 15.22 22.18
C VAL E 677 -45.41 15.30 20.81
N ALA E 678 -44.19 14.76 20.72
CA ALA E 678 -43.40 14.95 19.52
C ALA E 678 -42.40 13.81 19.29
N THR E 679 -41.92 13.71 18.04
CA THR E 679 -40.80 12.84 17.72
C THR E 679 -39.48 13.63 17.67
N GLN E 680 -38.44 13.05 17.07
CA GLN E 680 -37.14 13.71 16.99
C GLN E 680 -37.08 15.00 16.15
N VAL E 681 -38.24 15.50 15.72
CA VAL E 681 -38.32 16.81 15.10
C VAL E 681 -38.04 17.89 16.13
N VAL E 682 -38.06 17.51 17.40
CA VAL E 682 -37.74 18.44 18.47
C VAL E 682 -36.22 18.61 18.57
N GLU E 683 -35.47 17.73 17.92
CA GLU E 683 -34.02 17.83 17.88
C GLU E 683 -33.57 18.93 16.90
N GLN E 684 -34.36 19.17 15.86
CA GLN E 684 -34.02 20.22 14.91
C GLN E 684 -34.40 21.54 15.49
N SER E 685 -34.00 22.64 14.84
CA SER E 685 -34.13 23.97 15.45
C SER E 685 -35.59 24.37 15.70
N LEU E 686 -35.89 24.66 16.95
CA LEU E 686 -37.26 24.81 17.42
C LEU E 686 -37.23 25.48 18.78
N ASP E 687 -37.58 26.76 18.83
CA ASP E 687 -37.54 27.53 20.06
C ASP E 687 -38.59 27.08 21.09
N LEU E 688 -38.22 26.14 21.95
CA LEU E 688 -39.10 25.63 23.00
C LEU E 688 -38.43 25.69 24.35
N ASP E 689 -39.12 26.27 25.32
CA ASP E 689 -38.76 26.17 26.74
C ASP E 689 -39.88 25.41 27.43
N VAL E 690 -39.62 24.17 27.84
CA VAL E 690 -40.59 23.43 28.62
C VAL E 690 -40.11 23.31 30.07
N ASP E 691 -41.06 23.23 31.00
CA ASP E 691 -40.76 23.11 32.41
C ASP E 691 -40.22 21.72 32.74
N LEU E 692 -40.78 20.72 32.06
CA LEU E 692 -40.38 19.34 32.28
C LEU E 692 -40.38 18.65 30.94
N MET E 693 -39.45 17.74 30.71
CA MET E 693 -39.48 16.98 29.48
C MET E 693 -39.42 15.49 29.72
N ILE E 694 -40.31 14.77 29.04
CA ILE E 694 -40.29 13.31 29.10
C ILE E 694 -39.88 12.75 27.74
N SER E 695 -38.84 11.91 27.75
CA SER E 695 -38.31 11.30 26.54
C SER E 695 -38.00 9.83 26.77
N ASP E 696 -38.15 9.02 25.73
CA ASP E 696 -37.59 7.69 25.72
C ASP E 696 -36.07 7.78 25.79
N LEU E 697 -35.46 6.66 26.11
CA LEU E 697 -34.02 6.55 26.04
C LEU E 697 -33.64 6.68 24.58
N ALA E 698 -32.73 7.61 24.29
CA ALA E 698 -32.03 7.70 23.01
C ALA E 698 -30.53 7.84 23.37
N PRO E 699 -29.64 7.68 22.38
CA PRO E 699 -28.20 7.89 22.61
C PRO E 699 -27.89 9.21 23.31
N VAL E 700 -26.92 9.26 24.24
CA VAL E 700 -26.76 10.44 25.10
C VAL E 700 -26.68 11.78 24.40
N SER E 701 -26.00 11.82 23.27
CA SER E 701 -25.85 13.07 22.55
C SER E 701 -27.22 13.62 22.27
N LEU E 702 -28.06 12.79 21.67
CA LEU E 702 -29.42 13.19 21.30
C LEU E 702 -30.28 13.52 22.51
N LEU E 703 -30.10 12.76 23.57
CA LEU E 703 -30.85 12.95 24.81
C LEU E 703 -30.53 14.33 25.38
N LEU E 704 -29.24 14.65 25.42
CA LEU E 704 -28.78 15.96 25.82
C LEU E 704 -29.30 17.03 24.87
N GLN E 705 -29.26 16.78 23.56
CA GLN E 705 -29.81 17.74 22.59
C GLN E 705 -31.27 18.07 22.87
N ARG E 706 -32.12 17.05 22.91
CA ARG E 706 -33.49 17.17 23.38
C ARG E 706 -33.62 17.99 24.71
N ALA E 707 -32.71 17.78 25.65
CA ALA E 707 -32.87 18.38 26.97
C ALA E 707 -32.54 19.87 26.99
N GLY E 708 -31.92 20.36 25.93
CA GLY E 708 -31.59 21.77 25.86
C GLY E 708 -32.83 22.62 25.78
N ARG E 709 -33.99 21.98 25.64
CA ARG E 709 -35.25 22.70 25.68
C ARG E 709 -35.68 22.99 27.14
N CYS E 710 -35.21 22.16 28.08
CA CYS E 710 -35.58 22.30 29.51
C CYS E 710 -35.09 23.58 30.14
N TRP E 711 -36.04 24.45 30.50
CA TRP E 711 -35.74 25.73 31.11
C TRP E 711 -34.81 26.53 30.23
N ARG E 712 -34.99 26.37 28.92
CA ARG E 712 -34.13 27.00 27.92
C ARG E 712 -33.97 28.49 28.14
N HIS E 713 -35.05 29.17 28.51
CA HIS E 713 -35.07 30.62 28.65
C HIS E 713 -35.13 31.10 30.11
N GLU E 714 -34.52 30.33 31.01
CA GLU E 714 -34.51 30.69 32.41
C GLU E 714 -33.73 31.96 32.68
N HIS E 715 -32.69 32.20 31.90
CA HIS E 715 -31.81 33.32 32.17
C HIS E 715 -32.51 34.66 31.93
N LEU E 716 -33.64 34.60 31.22
CA LEU E 716 -34.50 35.75 31.09
C LEU E 716 -35.16 35.97 32.45
N GLY E 717 -35.80 37.11 32.65
CA GLY E 717 -36.50 37.33 33.90
C GLY E 717 -37.91 36.75 33.99
N ILE E 718 -38.59 36.68 32.86
CA ILE E 718 -40.04 36.50 32.81
C ILE E 718 -40.65 35.19 33.34
N ILE E 719 -40.37 34.06 32.72
CA ILE E 719 -41.11 32.82 32.98
C ILE E 719 -41.27 32.42 34.44
N ASN E 720 -42.53 32.32 34.86
CA ASN E 720 -42.91 31.85 36.21
C ASN E 720 -43.15 30.35 36.16
N ARG E 721 -42.41 29.60 36.96
CA ARG E 721 -42.51 28.15 36.89
C ARG E 721 -43.42 27.61 37.99
N PRO E 722 -44.28 26.64 37.63
CA PRO E 722 -45.18 25.94 38.54
C PRO E 722 -44.42 25.40 39.75
N GLN E 723 -45.11 25.29 40.88
CA GLN E 723 -44.50 24.91 42.15
C GLN E 723 -43.88 23.52 42.08
N TRP E 724 -44.47 22.64 41.27
CA TRP E 724 -44.00 21.26 41.17
C TRP E 724 -42.71 21.15 40.37
N ALA E 725 -42.36 22.20 39.63
CA ALA E 725 -41.13 22.23 38.85
C ALA E 725 -40.03 23.02 39.57
N LYS E 726 -39.22 22.34 40.38
CA LYS E 726 -38.19 23.03 41.11
C LYS E 726 -36.82 22.94 40.45
N GLN E 727 -36.63 21.91 39.64
CA GLN E 727 -35.41 21.79 38.87
C GLN E 727 -35.77 21.53 37.43
N PRO E 728 -34.92 21.98 36.50
CA PRO E 728 -35.12 21.51 35.13
C PRO E 728 -34.79 20.02 35.14
N GLU E 729 -35.72 19.21 34.68
CA GLU E 729 -35.60 17.77 34.82
C GLU E 729 -35.88 17.02 33.52
N LEU E 730 -35.07 16.02 33.22
CA LEU E 730 -35.36 15.16 32.07
C LEU E 730 -35.78 13.78 32.57
N VAL E 731 -36.95 13.31 32.16
CA VAL E 731 -37.33 11.97 32.57
C VAL E 731 -37.09 11.00 31.44
N VAL E 732 -36.22 10.02 31.67
CA VAL E 732 -35.84 9.08 30.63
C VAL E 732 -36.54 7.71 30.77
N LEU E 733 -37.44 7.40 29.83
CA LEU E 733 -38.23 6.18 29.87
C LEU E 733 -37.55 4.99 29.21
N THR E 734 -37.46 3.90 29.94
CA THR E 734 -36.78 2.70 29.46
C THR E 734 -37.54 1.46 29.95
N PRO E 735 -37.52 0.37 29.16
CA PRO E 735 -38.22 -0.86 29.57
C PRO E 735 -37.74 -1.43 30.89
N GLU E 736 -38.63 -2.06 31.63
CA GLU E 736 -38.23 -2.90 32.77
C GLU E 736 -37.69 -4.25 32.26
N GLN E 737 -36.48 -4.61 32.70
CA GLN E 737 -35.81 -5.80 32.19
C GLN E 737 -36.07 -7.01 33.08
N ASN E 738 -35.94 -8.21 32.53
CA ASN E 738 -36.31 -9.42 33.28
C ASN E 738 -35.20 -10.47 33.36
N ARG E 743 -28.14 -10.90 30.05
CA ARG E 743 -28.21 -9.98 31.19
C ARG E 743 -27.93 -8.53 30.78
N ALA E 744 -27.85 -8.32 29.47
CA ALA E 744 -27.70 -6.99 28.89
C ALA E 744 -29.10 -6.47 28.57
N PRO E 745 -29.28 -5.15 28.64
CA PRO E 745 -30.61 -4.54 28.45
C PRO E 745 -31.30 -4.92 27.13
N TRP E 746 -32.63 -5.03 27.18
CA TRP E 746 -33.41 -5.29 26.00
C TRP E 746 -34.13 -4.01 25.64
N PHE E 747 -34.39 -3.75 24.36
CA PHE E 747 -35.24 -2.61 24.00
C PHE E 747 -36.30 -2.92 22.92
N PRO E 748 -37.36 -2.10 22.85
CA PRO E 748 -38.38 -2.39 21.83
C PRO E 748 -37.80 -2.42 20.42
N ARG E 749 -38.40 -3.26 19.59
CA ARG E 749 -37.93 -3.46 18.24
C ARG E 749 -38.08 -2.18 17.42
N SER E 750 -39.11 -1.40 17.73
CA SER E 750 -39.33 -0.12 17.07
C SER E 750 -38.19 0.86 17.38
N TRP E 751 -37.57 0.66 18.54
CA TRP E 751 -36.47 1.51 18.98
C TRP E 751 -35.15 1.12 18.32
N THR E 752 -34.90 -0.18 18.20
CA THR E 752 -33.64 -0.64 17.62
C THR E 752 -33.64 -0.56 16.10
N SER E 753 -34.73 -0.11 15.52
CA SER E 753 -34.73 0.04 14.08
C SER E 753 -34.43 1.46 13.72
N VAL E 754 -34.23 2.31 14.73
CA VAL E 754 -33.81 3.68 14.49
C VAL E 754 -32.45 3.96 15.11
N TYR E 755 -32.18 3.37 16.27
CA TYR E 755 -30.85 3.48 16.88
C TYR E 755 -30.22 2.11 17.09
N PRO E 756 -28.91 2.00 16.88
CA PRO E 756 -28.25 0.71 17.14
C PRO E 756 -28.59 0.23 18.54
N LEU E 757 -28.87 -1.05 18.71
CA LEU E 757 -29.21 -1.58 20.02
C LEU E 757 -28.06 -1.34 20.98
N ALA E 758 -26.84 -1.59 20.49
CA ALA E 758 -25.64 -1.46 21.32
C ALA E 758 -25.50 -0.05 21.87
N LEU E 759 -25.85 0.93 21.05
CA LEU E 759 -25.72 2.32 21.46
C LEU E 759 -26.80 2.74 22.49
N LEU E 760 -27.99 2.13 22.40
CA LEU E 760 -29.01 2.29 23.44
C LEU E 760 -28.52 1.66 24.73
N GLN E 761 -28.10 0.40 24.63
CA GLN E 761 -27.49 -0.31 25.74
C GLN E 761 -26.45 0.56 26.43
N ARG E 762 -25.53 1.13 25.65
CA ARG E 762 -24.44 1.91 26.23
C ARG E 762 -24.96 3.10 27.03
N THR E 763 -25.94 3.80 26.46
CA THR E 763 -26.49 4.99 27.13
C THR E 763 -27.15 4.64 28.47
N TYR E 764 -27.91 3.56 28.50
CA TYR E 764 -28.56 3.08 29.73
C TYR E 764 -27.54 2.76 30.82
N THR E 765 -26.54 1.97 30.47
CA THR E 765 -25.49 1.62 31.40
C THR E 765 -24.80 2.85 31.97
N LEU E 766 -24.56 3.84 31.10
CA LEU E 766 -23.84 5.06 31.48
C LEU E 766 -24.68 5.93 32.41
N LEU E 767 -25.95 6.08 32.08
CA LEU E 767 -26.85 6.88 32.90
C LEU E 767 -27.13 6.19 34.24
N ARG E 768 -27.19 4.86 34.19
CA ARG E 768 -27.43 4.04 35.38
C ARG E 768 -26.26 4.20 36.32
N ARG E 769 -25.09 4.45 35.75
CA ARG E 769 -23.86 4.46 36.50
C ARG E 769 -23.75 5.73 37.33
N ARG E 770 -24.52 6.76 36.97
CA ARG E 770 -24.39 8.03 37.67
C ARG E 770 -25.23 8.14 38.94
N ASN E 771 -26.12 7.18 39.14
CA ASN E 771 -26.98 7.16 40.32
C ASN E 771 -27.72 8.47 40.59
N GLY E 772 -28.61 8.84 39.67
CA GLY E 772 -29.45 10.01 39.86
C GLY E 772 -28.75 11.35 39.97
N ALA E 773 -27.42 11.37 39.87
CA ALA E 773 -26.69 12.64 39.92
C ALA E 773 -27.11 13.51 38.74
N PRO E 774 -27.36 14.80 39.00
CA PRO E 774 -27.70 15.72 37.91
C PRO E 774 -26.53 15.91 36.95
N VAL E 775 -26.79 16.50 35.79
CA VAL E 775 -25.72 16.78 34.83
C VAL E 775 -25.43 18.28 34.85
N GLN E 776 -24.18 18.64 35.16
CA GLN E 776 -23.79 20.04 35.14
C GLN E 776 -23.78 20.51 33.71
N ILE E 777 -24.35 21.68 33.47
CA ILE E 777 -24.34 22.25 32.13
C ILE E 777 -23.52 23.55 32.04
N PRO E 778 -22.48 23.55 31.20
CA PRO E 778 -22.10 22.50 30.24
C PRO E 778 -20.93 21.61 30.69
N GLU E 779 -20.56 21.68 31.95
CA GLU E 779 -19.34 21.02 32.43
C GLU E 779 -19.24 19.51 32.16
N ASP E 780 -20.36 18.79 32.27
CA ASP E 780 -20.36 17.32 32.18
C ASP E 780 -20.67 16.79 30.79
N VAL E 781 -21.11 17.68 29.91
CA VAL E 781 -21.71 17.28 28.64
C VAL E 781 -20.75 16.56 27.67
N GLN E 782 -19.68 17.24 27.28
CA GLN E 782 -18.71 16.68 26.33
C GLN E 782 -18.16 15.33 26.80
N GLN E 783 -17.99 15.15 28.10
CA GLN E 783 -17.45 13.92 28.65
C GLN E 783 -18.43 12.79 28.41
N LEU E 784 -19.71 13.05 28.65
CA LEU E 784 -20.75 12.06 28.42
C LEU E 784 -20.75 11.63 26.97
N VAL E 785 -20.60 12.60 26.08
CA VAL E 785 -20.63 12.37 24.66
C VAL E 785 -19.45 11.51 24.22
N ASP E 786 -18.29 11.74 24.85
CA ASP E 786 -17.07 11.01 24.50
C ASP E 786 -17.12 9.59 25.03
N ASP E 787 -17.44 9.46 26.30
CA ASP E 787 -17.42 8.19 27.01
C ASP E 787 -18.36 7.13 26.46
N VAL E 788 -19.57 7.53 26.08
CA VAL E 788 -20.56 6.58 25.57
C VAL E 788 -20.02 5.71 24.43
N TYR E 789 -19.15 6.28 23.60
CA TYR E 789 -18.45 5.49 22.59
C TYR E 789 -17.12 4.88 23.09
N ASP E 790 -16.34 5.70 23.81
CA ASP E 790 -14.99 5.33 24.17
C ASP E 790 -14.85 4.31 25.30
N ASP E 791 -15.85 4.23 26.17
CA ASP E 791 -15.77 3.35 27.33
C ASP E 791 -16.41 2.01 27.03
N ASP E 792 -15.60 1.02 26.67
CA ASP E 792 -16.09 -0.29 26.25
C ASP E 792 -16.78 -1.10 27.34
N SER E 793 -16.66 -0.64 28.58
CA SER E 793 -17.23 -1.38 29.70
C SER E 793 -18.75 -1.20 29.74
N LEU E 794 -19.23 -0.20 28.98
CA LEU E 794 -20.65 0.13 28.92
C LEU E 794 -21.40 -0.81 28.01
N ALA E 795 -20.68 -1.57 27.18
CA ALA E 795 -21.35 -2.48 26.26
C ALA E 795 -21.27 -3.92 26.74
N GLU E 796 -22.30 -4.33 27.46
CA GLU E 796 -22.35 -5.65 28.06
C GLU E 796 -22.70 -6.71 27.02
N ASP E 797 -23.39 -6.28 25.97
CA ASP E 797 -23.77 -7.17 24.89
C ASP E 797 -22.68 -7.08 23.83
N LEU E 798 -21.80 -8.06 23.80
CA LEU E 798 -20.69 -8.04 22.85
C LEU E 798 -21.16 -8.15 21.39
N GLU E 799 -22.05 -9.08 21.11
CA GLU E 799 -22.50 -9.29 19.74
C GLU E 799 -23.13 -8.04 19.15
N ALA E 800 -24.09 -7.49 19.88
CA ALA E 800 -24.76 -6.27 19.48
C ALA E 800 -23.76 -5.18 19.12
N ASP E 801 -22.75 -5.00 19.97
CA ASP E 801 -21.78 -3.94 19.79
C ASP E 801 -21.01 -4.12 18.51
N MET E 802 -20.72 -5.38 18.20
CA MET E 802 -20.04 -5.71 16.96
C MET E 802 -20.85 -5.41 15.71
N GLU E 803 -22.16 -5.58 15.80
CA GLU E 803 -23.02 -5.23 14.71
C GLU E 803 -23.11 -3.71 14.55
N ARG E 804 -22.99 -2.95 15.63
CA ARG E 804 -23.06 -1.50 15.52
C ARG E 804 -21.84 -0.97 14.80
N MET E 805 -20.69 -1.53 15.14
CA MET E 805 -19.46 -1.14 14.48
C MET E 805 -19.52 -1.62 13.06
N GLY E 806 -20.28 -2.68 12.83
CA GLY E 806 -20.36 -3.25 11.50
C GLY E 806 -21.15 -2.34 10.61
N GLU E 807 -22.24 -1.80 11.16
CA GLU E 807 -23.13 -0.96 10.41
C GLU E 807 -22.47 0.36 10.08
N GLU E 808 -21.62 0.84 11.00
CA GLU E 808 -20.92 2.10 10.80
C GLU E 808 -19.82 1.94 9.74
N LEU E 809 -19.26 0.74 9.67
CA LEU E 809 -18.30 0.46 8.63
C LEU E 809 -19.03 0.42 7.30
N ALA E 810 -20.22 -0.17 7.28
CA ALA E 810 -21.00 -0.28 6.06
C ALA E 810 -21.30 1.10 5.51
N GLN E 811 -21.64 2.01 6.41
CA GLN E 811 -21.93 3.39 6.02
C GLN E 811 -20.71 4.11 5.45
N ARG E 812 -19.59 4.05 6.15
CA ARG E 812 -18.41 4.74 5.66
C ARG E 812 -17.99 4.17 4.33
N GLY E 813 -18.21 2.87 4.18
CA GLY E 813 -17.72 2.13 3.04
C GLY E 813 -18.43 2.56 1.78
N LEU E 814 -19.74 2.72 1.88
CA LEU E 814 -20.55 3.13 0.76
C LEU E 814 -20.10 4.52 0.34
N ALA E 815 -19.88 5.37 1.34
CA ALA E 815 -19.43 6.72 1.10
C ALA E 815 -18.08 6.81 0.40
N ARG E 816 -17.10 6.00 0.83
CA ARG E 816 -15.82 5.94 0.10
C ARG E 816 -15.98 5.59 -1.40
N ASN E 817 -16.90 4.69 -1.74
CA ASN E 817 -17.27 4.40 -3.13
C ASN E 817 -17.74 5.62 -3.90
N ALA E 818 -18.48 6.48 -3.22
CA ALA E 818 -19.17 7.55 -3.91
C ALA E 818 -18.26 8.75 -4.20
N VAL E 819 -17.31 9.03 -3.32
CA VAL E 819 -16.48 10.25 -3.41
C VAL E 819 -15.48 10.25 -4.56
N ILE E 820 -15.04 11.45 -4.93
CA ILE E 820 -13.97 11.62 -5.89
C ILE E 820 -12.68 11.17 -5.21
N PRO E 821 -11.59 11.01 -6.00
CA PRO E 821 -10.26 10.74 -5.48
C PRO E 821 -9.75 11.74 -4.44
N ASP E 822 -8.91 11.26 -3.51
CA ASP E 822 -8.02 12.11 -2.72
C ASP E 822 -7.11 12.93 -3.63
N PRO E 823 -6.92 14.22 -3.31
CA PRO E 823 -6.21 15.09 -4.23
C PRO E 823 -4.85 14.59 -4.72
N ASP E 824 -4.14 13.82 -3.92
CA ASP E 824 -2.89 13.21 -4.39
C ASP E 824 -3.09 12.20 -5.53
N ASP E 825 -4.21 11.47 -5.52
CA ASP E 825 -4.51 10.50 -6.57
C ASP E 825 -5.04 11.20 -7.80
N ALA E 826 -5.35 12.48 -7.68
CA ALA E 826 -5.81 13.21 -8.85
C ALA E 826 -4.72 14.13 -9.39
N GLU E 827 -3.49 13.94 -8.91
CA GLU E 827 -2.38 14.85 -9.24
C GLU E 827 -2.06 14.94 -10.73
N ASP E 828 -2.07 13.80 -11.42
CA ASP E 828 -1.82 13.77 -12.86
C ASP E 828 -3.02 13.32 -13.70
N ASN E 829 -4.12 12.97 -13.07
CA ASN E 829 -5.26 12.41 -13.77
C ASN E 829 -6.61 12.88 -13.19
N LEU E 830 -7.47 13.44 -14.03
CA LEU E 830 -8.77 13.92 -13.58
C LEU E 830 -9.88 12.88 -13.76
N ASN E 831 -9.57 11.79 -14.44
CA ASN E 831 -10.62 10.89 -14.89
C ASN E 831 -11.51 10.35 -13.78
N GLY E 832 -10.92 10.10 -12.61
CA GLY E 832 -11.64 9.51 -11.49
C GLY E 832 -12.62 10.45 -10.82
N LEU E 833 -12.52 11.73 -11.17
CA LEU E 833 -13.46 12.70 -10.63
C LEU E 833 -14.90 12.45 -11.11
N THR E 834 -15.05 11.79 -12.26
CA THR E 834 -16.36 11.63 -12.90
C THR E 834 -16.63 10.23 -13.37
N GLU E 835 -15.86 9.28 -12.85
CA GLU E 835 -15.97 7.86 -13.21
C GLU E 835 -16.99 7.16 -12.33
N PHE E 836 -18.03 6.59 -12.92
CA PHE E 836 -19.05 5.87 -12.14
C PHE E 836 -19.69 4.76 -12.98
N VAL E 844 -28.22 8.13 -9.67
CA VAL E 844 -27.73 9.24 -8.86
C VAL E 844 -27.03 8.76 -7.57
N LEU E 845 -26.00 9.50 -7.16
CA LEU E 845 -25.33 9.24 -5.88
C LEU E 845 -25.85 10.19 -4.80
N ALA E 846 -25.99 9.69 -3.59
CA ALA E 846 -26.66 10.45 -2.55
C ALA E 846 -25.69 11.16 -1.65
N THR E 847 -26.05 12.38 -1.27
CA THR E 847 -25.38 13.07 -0.17
C THR E 847 -25.69 12.44 1.20
N ARG E 848 -26.76 11.68 1.31
CA ARG E 848 -27.14 11.06 2.58
C ARG E 848 -27.31 9.53 2.50
N PHE E 849 -27.03 8.83 3.59
CA PHE E 849 -27.13 7.36 3.62
C PHE E 849 -28.58 6.93 3.89
N GLY E 850 -28.96 5.76 3.38
CA GLY E 850 -30.33 5.29 3.56
C GLY E 850 -31.23 5.31 2.33
N ALA E 851 -32.50 4.95 2.52
CA ALA E 851 -33.41 4.79 1.38
C ALA E 851 -34.06 6.12 0.98
N GLY E 852 -34.17 7.04 1.93
CA GLY E 852 -34.70 8.33 1.57
C GLY E 852 -36.21 8.41 1.68
N SER E 853 -36.78 9.42 1.04
CA SER E 853 -38.18 9.72 1.21
C SER E 853 -38.78 10.08 -0.11
N VAL E 854 -40.10 9.89 -0.21
CA VAL E 854 -40.88 10.35 -1.34
C VAL E 854 -41.97 11.25 -0.80
N ARG E 855 -42.33 12.26 -1.56
CA ARG E 855 -43.43 13.13 -1.17
C ARG E 855 -44.75 12.52 -1.65
N VAL E 856 -45.72 12.43 -0.76
CA VAL E 856 -47.05 11.97 -1.16
C VAL E 856 -48.09 13.08 -1.09
N LEU E 857 -49.15 12.89 -1.85
CA LEU E 857 -50.30 13.78 -1.81
C LEU E 857 -51.54 12.93 -1.68
N CYS E 858 -52.33 13.18 -0.65
CA CYS E 858 -53.61 12.52 -0.51
C CYS E 858 -54.67 13.17 -1.38
N TYR E 859 -55.37 12.37 -2.17
CA TYR E 859 -56.61 12.82 -2.77
C TYR E 859 -57.76 12.02 -2.18
N TYR E 860 -58.86 12.70 -1.91
CA TYR E 860 -60.05 12.05 -1.40
C TYR E 860 -60.98 11.70 -2.56
N VAL E 861 -61.41 10.44 -2.61
CA VAL E 861 -62.34 10.00 -3.67
C VAL E 861 -63.71 9.45 -3.14
N ASP E 862 -64.78 9.79 -3.86
CA ASP E 862 -66.13 9.32 -3.51
C ASP E 862 -66.59 8.09 -4.32
N THR E 863 -67.90 7.88 -4.31
CA THR E 863 -68.54 6.69 -4.86
C THR E 863 -68.54 6.66 -6.41
N ALA E 864 -68.46 7.84 -7.01
CA ALA E 864 -68.57 8.00 -8.47
C ALA E 864 -67.53 7.29 -9.38
N GLY E 865 -66.22 7.46 -9.16
CA GLY E 865 -65.64 8.23 -8.09
C GLY E 865 -64.92 9.46 -8.59
N ASN E 866 -65.18 10.58 -7.92
CA ASN E 866 -64.55 11.85 -8.25
C ASN E 866 -63.46 12.20 -7.24
N ARG E 867 -62.31 12.67 -7.74
CA ARG E 867 -61.13 12.85 -6.92
C ARG E 867 -61.01 14.28 -6.36
N TRP E 868 -60.90 14.39 -5.04
CA TRP E 868 -60.85 15.71 -4.42
C TRP E 868 -59.61 15.95 -3.55
N LEU E 869 -59.23 17.22 -3.45
CA LEU E 869 -58.08 17.60 -2.65
C LEU E 869 -58.41 17.64 -1.16
N ASP E 870 -59.69 17.77 -0.84
CA ASP E 870 -60.09 17.96 0.55
C ASP E 870 -61.06 16.88 1.02
N PRO E 871 -61.17 16.69 2.35
CA PRO E 871 -62.09 15.71 2.92
C PRO E 871 -63.56 16.03 2.63
N GLU E 872 -63.83 17.31 2.40
CA GLU E 872 -65.19 17.80 2.18
C GLU E 872 -65.62 17.77 0.70
N CYS E 873 -64.76 17.20 -0.15
CA CYS E 873 -65.06 17.03 -1.57
C CYS E 873 -65.57 18.26 -2.31
N THR E 874 -65.08 19.43 -1.94
CA THR E 874 -65.41 20.67 -2.63
C THR E 874 -64.38 20.97 -3.72
N VAL E 875 -63.13 21.21 -3.29
CA VAL E 875 -62.03 21.45 -4.20
C VAL E 875 -61.68 20.19 -5.00
N GLU E 876 -61.70 20.31 -6.32
CA GLU E 876 -61.48 19.14 -7.15
C GLU E 876 -60.04 18.99 -7.62
N PHE E 877 -59.65 17.73 -7.80
CA PHE E 877 -58.30 17.37 -8.22
C PHE E 877 -57.95 18.02 -9.55
N PRO E 878 -56.90 18.87 -9.58
CA PRO E 878 -56.52 19.56 -10.82
C PRO E 878 -55.88 18.61 -11.82
N GLU E 879 -56.61 18.25 -12.86
CA GLU E 879 -56.08 17.40 -13.91
C GLU E 879 -55.03 18.19 -14.65
N GLN E 880 -55.34 19.46 -14.90
CA GLN E 880 -54.39 20.37 -15.53
C GLN E 880 -54.27 21.63 -14.71
N GLY E 881 -53.33 22.47 -15.08
CA GLY E 881 -53.02 23.63 -14.28
C GLY E 881 -53.85 24.85 -14.65
N THR E 882 -53.34 26.01 -14.35
CA THR E 882 -54.00 27.20 -14.78
C THR E 882 -53.06 27.90 -15.70
N GLY E 883 -53.56 28.29 -16.85
CA GLY E 883 -52.82 29.05 -17.83
C GLY E 883 -52.19 28.13 -18.83
N ARG E 884 -52.02 28.64 -20.02
CA ARG E 884 -51.19 28.02 -21.00
C ARG E 884 -51.41 26.54 -21.15
N GLU E 885 -52.59 26.17 -21.57
CA GLU E 885 -52.86 24.77 -21.84
C GLU E 885 -52.71 23.99 -20.57
N GLY E 886 -53.14 24.61 -19.50
CA GLY E 886 -53.14 23.93 -18.24
C GLY E 886 -51.74 23.55 -17.89
N ARG E 887 -50.81 24.39 -18.30
CA ARG E 887 -49.46 24.24 -17.85
C ARG E 887 -49.57 24.68 -16.42
N PHE E 888 -48.61 24.27 -15.60
CA PHE E 888 -48.65 24.55 -14.16
C PHE E 888 -47.78 25.75 -13.77
N THR E 889 -48.41 26.76 -13.15
CA THR E 889 -47.67 27.90 -12.64
C THR E 889 -46.75 27.44 -11.53
N MET E 890 -45.71 28.24 -11.22
CA MET E 890 -44.94 28.04 -10.01
C MET E 890 -45.86 28.26 -8.82
N ALA E 891 -46.79 29.20 -8.99
CA ALA E 891 -47.79 29.52 -7.99
C ALA E 891 -48.71 28.32 -7.73
N ASP E 892 -49.03 27.58 -8.79
CA ASP E 892 -49.87 26.41 -8.64
C ASP E 892 -49.10 25.34 -7.91
N CYS E 893 -47.86 25.14 -8.34
CA CYS E 893 -46.93 24.19 -7.73
C CYS E 893 -46.80 24.39 -6.22
N ARG E 894 -46.69 25.65 -5.78
CA ARG E 894 -46.54 25.94 -4.37
C ARG E 894 -47.77 25.46 -3.60
N ASP E 895 -48.93 25.55 -4.24
CA ASP E 895 -50.19 25.20 -3.60
C ASP E 895 -50.28 23.70 -3.47
N LEU E 896 -49.81 22.99 -4.49
CA LEU E 896 -49.88 21.55 -4.47
C LEU E 896 -48.90 21.02 -3.45
N VAL E 897 -47.66 21.45 -3.55
CA VAL E 897 -46.62 20.95 -2.66
C VAL E 897 -46.96 21.22 -1.19
N ALA E 898 -47.66 22.31 -0.91
CA ALA E 898 -47.99 22.64 0.47
C ALA E 898 -48.91 21.64 1.15
N ARG E 899 -49.56 20.77 0.37
CA ARG E 899 -50.45 19.77 0.94
C ARG E 899 -49.76 18.44 1.02
N THR E 900 -48.54 18.38 0.47
CA THR E 900 -47.81 17.11 0.41
C THR E 900 -47.18 16.74 1.73
N ILE E 901 -46.81 15.47 1.83
CA ILE E 901 -46.18 15.01 3.05
C ILE E 901 -45.08 13.97 2.78
N PRO E 902 -43.93 14.12 3.47
CA PRO E 902 -42.80 13.21 3.31
C PRO E 902 -43.07 11.88 3.98
N VAL E 903 -42.68 10.78 3.33
CA VAL E 903 -42.85 9.45 3.89
C VAL E 903 -41.61 8.62 3.61
N ARG E 904 -41.12 7.90 4.62
CA ARG E 904 -39.91 7.11 4.45
C ARG E 904 -40.15 5.96 3.50
N MET E 905 -39.26 5.88 2.52
CA MET E 905 -39.30 4.89 1.46
C MET E 905 -39.19 3.46 2.01
N GLY E 906 -39.95 2.56 1.41
CA GLY E 906 -40.01 1.19 1.88
C GLY E 906 -40.64 0.27 0.84
N PRO E 907 -41.07 -0.92 1.29
CA PRO E 907 -41.63 -1.97 0.44
C PRO E 907 -42.86 -1.53 -0.38
N TRP E 908 -43.76 -0.79 0.25
CA TRP E 908 -44.99 -0.32 -0.40
C TRP E 908 -44.74 0.45 -1.69
N ALA E 909 -43.55 1.03 -1.84
CA ALA E 909 -43.27 1.83 -3.02
C ALA E 909 -42.98 0.91 -4.19
N SER E 910 -42.69 -0.34 -3.88
CA SER E 910 -42.49 -1.35 -4.92
C SER E 910 -43.83 -1.93 -5.34
N GLN E 911 -44.84 -1.71 -4.50
CA GLN E 911 -46.17 -2.26 -4.71
C GLN E 911 -47.22 -1.19 -5.08
N LEU E 912 -46.79 -0.17 -5.81
CA LEU E 912 -47.70 0.90 -6.18
C LEU E 912 -48.43 0.53 -7.45
N THR E 913 -49.55 1.19 -7.69
CA THR E 913 -50.25 0.95 -8.94
C THR E 913 -50.53 2.32 -9.60
N GLU E 914 -51.28 2.36 -10.69
CA GLU E 914 -51.36 3.60 -11.50
C GLU E 914 -52.35 4.66 -11.02
N ASP E 915 -53.18 4.38 -10.01
CA ASP E 915 -53.97 5.44 -9.39
C ASP E 915 -53.18 6.00 -8.20
N ASN E 916 -51.89 5.77 -8.21
CA ASN E 916 -50.95 6.36 -7.26
C ASN E 916 -50.03 7.34 -7.99
N HIS E 917 -50.08 7.30 -9.30
CA HIS E 917 -49.24 8.20 -10.10
C HIS E 917 -50.03 9.37 -10.67
N PRO E 918 -49.39 10.53 -10.77
CA PRO E 918 -50.06 11.74 -11.24
C PRO E 918 -50.44 11.64 -12.71
N PRO E 919 -51.50 12.34 -13.14
CA PRO E 919 -51.94 12.45 -14.54
C PRO E 919 -50.79 12.85 -15.47
N GLU E 920 -50.91 12.60 -16.76
CA GLU E 920 -49.82 12.92 -17.69
C GLU E 920 -49.51 14.42 -17.73
N ALA E 921 -50.54 15.23 -17.49
CA ALA E 921 -50.38 16.69 -17.42
C ALA E 921 -49.38 17.10 -16.34
N TRP E 922 -49.29 16.28 -15.30
CA TRP E 922 -48.41 16.57 -14.17
C TRP E 922 -46.96 16.25 -14.48
N ARG E 923 -46.73 15.35 -15.42
CA ARG E 923 -45.37 14.89 -15.75
C ARG E 923 -44.45 16.03 -16.18
N GLU E 924 -45.04 17.13 -16.62
CA GLU E 924 -44.30 18.24 -17.23
C GLU E 924 -43.60 19.15 -16.22
N SER E 925 -44.08 19.14 -14.98
CA SER E 925 -43.47 19.93 -13.91
C SER E 925 -42.38 19.15 -13.20
N PHE E 926 -41.23 19.79 -13.00
CA PHE E 926 -40.14 19.20 -12.24
C PHE E 926 -40.59 18.87 -10.81
N TYR E 927 -41.53 19.66 -10.30
CA TYR E 927 -41.94 19.60 -8.91
C TYR E 927 -43.06 18.63 -8.58
N LEU E 928 -43.83 18.23 -9.59
CA LEU E 928 -45.02 17.40 -9.37
C LEU E 928 -44.81 16.00 -9.94
N ARG E 929 -43.93 15.95 -10.94
CA ARG E 929 -43.62 14.75 -11.69
C ARG E 929 -43.49 13.48 -10.85
N ASP E 930 -42.68 13.53 -9.79
CA ASP E 930 -42.42 12.34 -9.00
C ASP E 930 -43.24 12.22 -7.72
N LEU E 931 -44.39 12.87 -7.68
CA LEU E 931 -45.27 12.75 -6.50
C LEU E 931 -45.98 11.39 -6.45
N VAL E 932 -46.19 10.88 -5.24
CA VAL E 932 -46.99 9.66 -5.09
C VAL E 932 -48.35 10.03 -4.49
N LEU E 933 -49.43 9.66 -5.16
CA LEU E 933 -50.77 10.01 -4.70
C LEU E 933 -51.36 8.92 -3.79
N ILE E 934 -51.92 9.34 -2.66
CA ILE E 934 -52.54 8.39 -1.75
C ILE E 934 -54.06 8.58 -1.77
N PRO E 935 -54.79 7.62 -2.36
CA PRO E 935 -56.25 7.69 -2.41
C PRO E 935 -56.87 7.57 -1.03
N GLN E 936 -57.87 8.40 -0.75
CA GLN E 936 -58.60 8.33 0.51
C GLN E 936 -60.09 8.19 0.26
N ARG E 937 -60.70 7.13 0.82
CA ARG E 937 -62.11 6.83 0.59
C ARG E 937 -63.00 7.59 1.55
N VAL E 938 -63.80 8.49 1.04
CA VAL E 938 -64.74 9.23 1.86
C VAL E 938 -66.15 8.79 1.49
N THR E 939 -66.97 8.52 2.50
CA THR E 939 -68.33 8.03 2.32
C THR E 939 -69.33 9.09 1.99
N ASP E 940 -70.41 8.66 1.36
CA ASP E 940 -71.51 9.52 1.01
C ASP E 940 -72.03 10.16 2.26
N GLU E 941 -71.87 9.45 3.35
CA GLU E 941 -72.08 10.03 4.65
C GLU E 941 -71.11 11.17 4.89
N GLY E 942 -69.87 11.05 4.41
CA GLY E 942 -68.86 12.07 4.69
C GLY E 942 -67.58 11.66 5.41
N ALA E 943 -67.50 10.41 5.87
CA ALA E 943 -66.35 9.97 6.66
C ALA E 943 -65.23 9.36 5.82
N VAL E 944 -64.00 9.41 6.34
CA VAL E 944 -62.82 8.95 5.60
C VAL E 944 -62.40 7.52 5.95
N LEU E 945 -62.21 6.71 4.93
CA LEU E 945 -61.87 5.30 5.12
C LEU E 945 -60.41 4.99 4.82
N PRO E 946 -59.73 4.36 5.78
CA PRO E 946 -58.39 3.81 5.56
C PRO E 946 -58.52 3.12 4.20
N THR E 947 -57.81 3.66 3.20
CA THR E 947 -57.70 3.04 1.88
C THR E 947 -56.36 2.35 1.66
N GLU E 948 -56.38 1.32 0.82
CA GLU E 948 -55.21 0.50 0.52
C GLU E 948 -54.32 1.15 -0.52
N THR E 949 -53.01 1.07 -0.28
CA THR E 949 -51.98 1.45 -1.26
C THR E 949 -50.67 0.78 -0.91
N GLY E 950 -50.14 0.01 -1.86
CA GLY E 950 -48.84 -0.62 -1.70
C GLY E 950 -48.77 -1.79 -0.75
N GLY E 951 -49.92 -2.34 -0.39
CA GLY E 951 -49.94 -3.47 0.52
C GLY E 951 -50.22 -3.08 1.95
N ARG E 952 -50.68 -1.86 2.16
CA ARG E 952 -51.17 -1.47 3.49
C ARG E 952 -52.19 -0.35 3.42
N GLU E 953 -52.66 0.08 4.59
CA GLU E 953 -53.77 1.00 4.68
C GLU E 953 -53.36 2.35 5.22
N TRP E 954 -53.81 3.40 4.55
CA TRP E 954 -53.36 4.72 4.88
C TRP E 954 -54.52 5.57 5.30
N LEU E 955 -54.37 6.34 6.37
CA LEU E 955 -55.40 7.27 6.77
C LEU E 955 -54.78 8.60 7.16
N LEU E 956 -55.25 9.68 6.54
CA LEU E 956 -54.82 11.02 6.94
C LEU E 956 -55.80 11.65 7.94
N ASP E 957 -55.55 11.39 9.21
CA ASP E 957 -56.33 11.97 10.28
C ASP E 957 -55.89 13.43 10.45
N PRO E 958 -56.84 14.36 10.63
CA PRO E 958 -56.50 15.79 10.67
C PRO E 958 -55.76 16.17 11.95
N CYS E 959 -55.92 15.38 12.99
CA CYS E 959 -55.25 15.72 14.23
C CYS E 959 -53.94 14.92 14.45
N LYS E 960 -53.79 13.80 13.75
CA LYS E 960 -52.58 12.99 13.92
C LYS E 960 -51.75 12.76 12.66
N GLY E 961 -52.15 13.38 11.55
CA GLY E 961 -51.40 13.25 10.32
C GLY E 961 -51.57 11.87 9.72
N LEU E 962 -50.61 11.47 8.88
CA LEU E 962 -50.70 10.20 8.18
C LEU E 962 -50.59 9.03 9.14
N ILE E 963 -51.37 7.98 8.87
CA ILE E 963 -51.36 6.74 9.64
C ILE E 963 -51.31 5.52 8.74
N PHE E 964 -50.35 4.63 8.98
CA PHE E 964 -50.27 3.39 8.21
C PHE E 964 -49.54 2.25 8.92
N PRO G 34 -27.10 -23.80 11.49
CA PRO G 34 -28.43 -23.21 11.25
C PRO G 34 -29.25 -23.91 10.13
N PRO G 35 -30.52 -24.25 10.42
CA PRO G 35 -31.39 -24.78 9.36
C PRO G 35 -31.84 -23.65 8.40
N LEU G 36 -31.68 -23.91 7.10
CA LEU G 36 -31.89 -22.87 6.09
C LEU G 36 -33.35 -22.56 5.87
N ASP G 37 -33.66 -21.27 5.83
CA ASP G 37 -35.02 -20.75 5.71
C ASP G 37 -35.41 -20.60 4.23
N LEU G 38 -36.53 -21.17 3.83
CA LEU G 38 -36.97 -21.12 2.42
C LEU G 38 -37.81 -19.88 2.06
N ARG G 39 -37.99 -18.97 3.02
CA ARG G 39 -38.81 -17.78 2.78
C ARG G 39 -38.19 -16.88 1.72
N PHE G 40 -36.88 -17.04 1.50
CA PHE G 40 -36.13 -16.18 0.60
C PHE G 40 -36.23 -16.64 -0.85
N TRP G 41 -36.73 -15.74 -1.70
CA TRP G 41 -37.10 -16.11 -3.06
C TRP G 41 -36.06 -15.69 -4.10
N ALA G 42 -36.11 -16.35 -5.25
CA ALA G 42 -35.33 -15.94 -6.38
C ALA G 42 -36.16 -15.55 -7.55
N LYS G 43 -37.44 -15.90 -7.55
CA LYS G 43 -38.27 -15.61 -8.69
C LYS G 43 -39.67 -15.27 -8.24
N GLU G 44 -40.36 -14.42 -8.97
CA GLU G 44 -41.77 -14.24 -8.75
C GLU G 44 -42.37 -14.14 -10.13
N ARG G 45 -41.85 -13.22 -10.90
CA ARG G 45 -42.49 -12.68 -12.06
C ARG G 45 -42.91 -13.83 -12.88
N GLY G 46 -44.12 -13.72 -13.39
CA GLY G 46 -44.73 -14.77 -14.19
C GLY G 46 -45.19 -16.00 -13.48
N LEU G 47 -45.45 -15.92 -12.20
CA LEU G 47 -45.70 -17.11 -11.40
C LEU G 47 -47.03 -17.28 -10.73
N ARG G 48 -48.05 -16.71 -11.31
CA ARG G 48 -49.41 -16.85 -10.78
C ARG G 48 -49.59 -16.41 -9.30
N GLY G 49 -48.62 -15.68 -8.75
CA GLY G 49 -48.74 -15.17 -7.39
C GLY G 49 -47.96 -16.00 -6.39
N LYS G 50 -47.05 -16.83 -6.92
CA LYS G 50 -46.19 -17.66 -6.10
C LYS G 50 -44.74 -17.12 -6.07
N THR G 51 -43.93 -17.63 -5.15
CA THR G 51 -42.52 -17.27 -5.11
C THR G 51 -41.62 -18.50 -5.10
N TYR G 52 -40.84 -18.68 -6.15
CA TYR G 52 -39.86 -19.75 -6.19
C TYR G 52 -38.70 -19.43 -5.24
N PRO G 53 -38.44 -20.32 -4.28
CA PRO G 53 -37.39 -20.11 -3.27
C PRO G 53 -36.01 -20.01 -3.87
N LEU G 54 -35.18 -19.18 -3.25
CA LEU G 54 -33.81 -18.93 -3.69
C LEU G 54 -32.96 -20.20 -3.81
N VAL G 55 -33.16 -21.12 -2.88
CA VAL G 55 -32.35 -22.34 -2.75
C VAL G 55 -32.59 -23.31 -3.87
N CYS G 56 -33.85 -23.38 -4.29
CA CYS G 56 -34.27 -24.25 -5.36
C CYS G 56 -33.66 -23.77 -6.65
N HIS G 57 -33.73 -22.48 -6.93
CA HIS G 57 -33.08 -21.95 -8.12
C HIS G 57 -31.53 -22.14 -8.11
N SER G 58 -30.92 -21.91 -6.97
CA SER G 58 -29.50 -22.14 -6.83
C SER G 58 -29.19 -23.59 -7.19
N LEU G 59 -29.99 -24.51 -6.66
CA LEU G 59 -29.79 -25.92 -6.94
C LEU G 59 -30.07 -26.22 -8.39
N ASP G 60 -31.10 -25.60 -8.96
CA ASP G 60 -31.45 -25.84 -10.35
C ASP G 60 -30.31 -25.47 -11.30
N ALA G 61 -29.62 -24.37 -11.02
CA ALA G 61 -28.54 -23.91 -11.90
C ALA G 61 -27.30 -24.80 -11.76
N ALA G 62 -27.04 -25.24 -10.52
CA ALA G 62 -25.98 -26.19 -10.23
C ALA G 62 -26.19 -27.49 -11.04
N ALA G 63 -27.40 -28.02 -10.93
CA ALA G 63 -27.81 -29.17 -11.71
C ALA G 63 -27.57 -29.00 -13.23
N ALA G 64 -28.06 -27.88 -13.78
CA ALA G 64 -27.96 -27.62 -15.22
C ALA G 64 -26.52 -27.57 -15.74
N ALA G 65 -25.65 -26.93 -14.95
CA ALA G 65 -24.24 -26.77 -15.30
C ALA G 65 -23.57 -28.12 -15.42
N LEU G 66 -23.81 -28.98 -14.43
CA LEU G 66 -23.34 -30.36 -14.45
C LEU G 66 -23.80 -31.07 -15.73
N VAL G 67 -25.10 -31.07 -16.00
CA VAL G 67 -25.62 -31.75 -17.19
C VAL G 67 -24.98 -31.21 -18.46
N LEU G 68 -24.90 -29.88 -18.54
CA LEU G 68 -24.19 -29.22 -19.63
C LEU G 68 -22.74 -29.71 -19.73
N TRP G 69 -22.09 -29.80 -18.57
CA TRP G 69 -20.68 -30.18 -18.53
C TRP G 69 -20.50 -31.50 -19.25
N ASN G 70 -21.34 -32.47 -18.89
CA ASN G 70 -21.30 -33.82 -19.45
C ASN G 70 -21.95 -33.94 -20.83
N GLU G 71 -23.21 -33.53 -20.94
CA GLU G 71 -23.96 -33.73 -22.16
C GLU G 71 -23.74 -32.70 -23.26
N TYR G 72 -23.51 -31.44 -22.91
CA TYR G 72 -23.52 -30.40 -23.93
C TYR G 72 -22.14 -29.98 -24.44
N LEU G 73 -21.15 -29.88 -23.57
CA LEU G 73 -19.84 -29.38 -24.01
C LEU G 73 -19.08 -30.34 -24.90
N SER G 74 -18.43 -29.82 -25.92
CA SER G 74 -17.49 -30.63 -26.70
C SER G 74 -16.46 -31.25 -25.76
N PRO G 75 -16.15 -32.54 -25.95
CA PRO G 75 -15.17 -33.21 -25.08
C PRO G 75 -13.87 -32.41 -24.98
N GLY G 76 -13.40 -31.90 -26.12
CA GLY G 76 -12.16 -31.16 -26.19
C GLY G 76 -12.17 -29.91 -25.35
N LEU G 77 -13.36 -29.32 -25.18
CA LEU G 77 -13.52 -28.16 -24.30
C LEU G 77 -13.51 -28.54 -22.81
N ARG G 78 -14.15 -29.65 -22.46
CA ARG G 78 -14.00 -30.25 -21.13
C ARG G 78 -12.52 -30.47 -20.80
N ASP G 79 -11.79 -31.04 -21.75
CA ASP G 79 -10.35 -31.21 -21.63
C ASP G 79 -9.60 -29.88 -21.36
N THR G 80 -9.75 -28.92 -22.28
CA THR G 80 -9.17 -27.59 -22.17
C THR G 80 -9.47 -26.92 -20.82
N ILE G 81 -10.75 -26.82 -20.50
CA ILE G 81 -11.18 -26.24 -19.23
C ILE G 81 -10.57 -26.97 -18.03
N ALA G 82 -10.66 -28.30 -18.00
CA ALA G 82 -10.11 -29.10 -16.90
C ALA G 82 -8.59 -29.00 -16.75
N SER G 83 -7.90 -28.84 -17.87
CA SER G 83 -6.46 -28.68 -17.84
C SER G 83 -6.02 -27.35 -17.25
N SER G 84 -6.78 -26.30 -17.55
CA SER G 84 -6.47 -24.96 -17.04
C SER G 84 -6.69 -24.84 -15.53
N MET G 85 -7.62 -25.64 -15.01
CA MET G 85 -7.83 -25.76 -13.56
C MET G 85 -6.91 -26.83 -12.95
N GLU G 86 -6.08 -27.44 -13.80
CA GLU G 86 -5.15 -28.49 -13.40
C GLU G 86 -5.82 -29.55 -12.53
N THR G 87 -6.67 -30.36 -13.13
CA THR G 87 -7.42 -31.38 -12.40
C THR G 87 -8.18 -32.24 -13.39
N ASP G 88 -8.85 -33.28 -12.89
CA ASP G 88 -9.58 -34.19 -13.77
C ASP G 88 -10.94 -33.60 -14.14
N GLU G 89 -11.51 -34.09 -15.25
CA GLU G 89 -12.81 -33.63 -15.74
C GLU G 89 -13.94 -33.84 -14.75
N GLU G 90 -13.92 -34.95 -14.03
CA GLU G 90 -14.98 -35.20 -13.05
C GLU G 90 -14.94 -34.13 -11.97
N HIS G 91 -13.74 -33.73 -11.58
CA HIS G 91 -13.55 -32.70 -10.56
C HIS G 91 -14.01 -31.34 -11.07
N ALA G 92 -13.44 -30.92 -12.20
CA ALA G 92 -13.76 -29.62 -12.80
C ALA G 92 -15.28 -29.47 -12.90
N GLY G 93 -15.91 -30.44 -13.56
CA GLY G 93 -17.36 -30.50 -13.64
C GLY G 93 -18.08 -30.18 -12.33
N HIS G 94 -17.68 -30.86 -11.26
CA HIS G 94 -18.27 -30.60 -9.97
C HIS G 94 -17.98 -29.19 -9.45
N CYS G 95 -16.77 -28.69 -9.69
CA CYS G 95 -16.44 -27.31 -9.35
C CYS G 95 -17.42 -26.34 -9.98
N ILE G 96 -17.49 -26.40 -11.31
CA ILE G 96 -18.33 -25.52 -12.08
C ILE G 96 -19.74 -25.62 -11.56
N ALA G 97 -20.23 -26.84 -11.41
CA ALA G 97 -21.58 -27.08 -10.90
C ALA G 97 -21.83 -26.37 -9.56
N PHE G 98 -20.85 -26.48 -8.66
CA PHE G 98 -20.89 -25.74 -7.41
C PHE G 98 -20.93 -24.21 -7.65
N TRP G 99 -20.19 -23.75 -8.66
CA TRP G 99 -20.10 -22.33 -8.94
C TRP G 99 -21.43 -21.81 -9.49
N ALA G 100 -22.02 -22.57 -10.41
CA ALA G 100 -23.31 -22.18 -10.99
C ALA G 100 -24.36 -22.01 -9.90
N GLY G 101 -24.39 -22.98 -8.97
CA GLY G 101 -25.32 -22.91 -7.85
C GLY G 101 -25.14 -21.68 -6.97
N LEU G 102 -23.98 -21.04 -7.04
CA LEU G 102 -23.76 -19.84 -6.23
C LEU G 102 -24.18 -18.52 -6.91
N HIS G 103 -24.67 -18.58 -8.14
CA HIS G 103 -24.77 -17.40 -9.01
C HIS G 103 -25.71 -16.28 -8.51
N ASP G 104 -26.89 -16.63 -8.02
CA ASP G 104 -27.82 -15.61 -7.52
C ASP G 104 -27.70 -15.44 -6.00
N ILE G 105 -26.57 -15.85 -5.43
CA ILE G 105 -26.43 -15.74 -3.98
C ILE G 105 -26.48 -14.29 -3.49
N GLY G 106 -26.22 -13.35 -4.39
CA GLY G 106 -26.29 -11.94 -4.05
C GLY G 106 -27.71 -11.43 -3.87
N LYS G 107 -28.70 -12.24 -4.27
CA LYS G 107 -30.12 -11.98 -4.00
C LYS G 107 -30.53 -12.14 -2.53
N LEU G 108 -29.65 -12.68 -1.69
CA LEU G 108 -30.00 -12.87 -0.30
C LEU G 108 -29.63 -11.61 0.49
N THR G 109 -30.25 -10.51 0.07
CA THR G 109 -30.08 -9.20 0.69
C THR G 109 -31.47 -8.59 0.91
N ARG G 110 -31.60 -7.67 1.86
CA ARG G 110 -32.87 -6.97 2.04
C ARG G 110 -33.30 -6.20 0.78
N GLU G 111 -32.36 -5.51 0.13
CA GLU G 111 -32.65 -4.73 -1.06
C GLU G 111 -33.32 -5.57 -2.15
N PHE G 112 -32.91 -6.83 -2.28
CA PHE G 112 -33.59 -7.71 -3.21
C PHE G 112 -34.88 -8.33 -2.63
N GLN G 113 -34.72 -9.01 -1.51
CA GLN G 113 -35.82 -9.70 -0.87
C GLN G 113 -37.04 -8.83 -0.61
N GLN G 114 -36.87 -7.52 -0.50
CA GLN G 114 -38.00 -6.64 -0.16
C GLN G 114 -38.78 -6.04 -1.33
N GLN G 115 -38.46 -6.43 -2.57
CA GLN G 115 -39.20 -5.93 -3.72
C GLN G 115 -40.66 -6.39 -3.71
N ILE G 116 -40.92 -7.47 -2.99
CA ILE G 116 -42.28 -7.98 -2.84
C ILE G 116 -42.57 -8.13 -1.36
N ALA G 117 -43.78 -8.59 -1.04
CA ALA G 117 -44.15 -8.86 0.34
C ALA G 117 -43.40 -10.07 0.87
N ILE G 118 -42.84 -9.93 2.07
CA ILE G 118 -42.08 -10.97 2.71
C ILE G 118 -42.02 -10.65 4.20
N ASP G 119 -42.02 -11.68 5.02
CA ASP G 119 -41.97 -11.49 6.46
C ASP G 119 -40.52 -11.53 6.89
N LEU G 120 -39.96 -10.37 7.25
CA LEU G 120 -38.57 -10.33 7.69
C LEU G 120 -38.41 -9.90 9.13
N SER G 121 -39.44 -10.13 9.93
CA SER G 121 -39.43 -9.77 11.34
C SER G 121 -38.42 -10.57 12.16
N ALA G 122 -37.95 -11.69 11.64
CA ALA G 122 -36.98 -12.51 12.34
C ALA G 122 -35.56 -12.26 11.82
N TYR G 123 -35.40 -11.20 11.05
CA TYR G 123 -34.08 -10.88 10.49
C TYR G 123 -33.77 -9.38 10.56
N PRO G 124 -33.68 -8.81 11.78
CA PRO G 124 -33.42 -7.38 11.93
C PRO G 124 -31.99 -7.03 11.53
N GLY G 125 -31.71 -5.73 11.32
CA GLY G 125 -30.40 -5.29 10.84
C GLY G 125 -30.33 -5.25 9.31
N GLU G 126 -29.19 -4.83 8.79
CA GLU G 126 -29.06 -4.58 7.35
C GLU G 126 -30.22 -3.73 6.76
N GLU G 127 -30.41 -2.54 7.31
CA GLU G 127 -31.39 -1.61 6.77
C GLU G 127 -30.94 -1.19 5.37
N LEU G 128 -31.90 -0.87 4.50
CA LEU G 128 -31.63 -0.37 3.15
C LEU G 128 -30.55 0.73 3.04
N SER G 129 -29.55 0.52 2.19
CA SER G 129 -28.43 1.47 2.04
C SER G 129 -28.72 2.70 1.18
N GLY G 130 -29.59 2.52 0.19
CA GLY G 130 -29.87 3.55 -0.79
C GLY G 130 -29.11 3.16 -2.03
N GLU G 131 -28.19 2.21 -1.86
CA GLU G 131 -27.20 1.91 -2.88
C GLU G 131 -27.79 1.44 -4.21
N GLN G 132 -28.84 0.64 -4.12
CA GLN G 132 -29.53 0.12 -5.29
C GLN G 132 -28.58 -0.77 -6.07
N ARG G 133 -27.94 -1.71 -5.39
CA ARG G 133 -26.90 -2.53 -6.01
C ARG G 133 -27.50 -3.77 -6.68
N SER G 134 -27.02 -4.13 -7.85
CA SER G 134 -27.58 -5.29 -8.50
C SER G 134 -27.23 -6.55 -7.72
N HIS G 135 -28.05 -7.60 -7.87
CA HIS G 135 -27.83 -8.85 -7.14
C HIS G 135 -26.57 -9.54 -7.62
N ALA G 136 -26.19 -9.32 -8.86
CA ALA G 136 -25.00 -9.98 -9.36
C ALA G 136 -23.78 -9.28 -8.79
N ALA G 137 -23.86 -7.96 -8.70
CA ALA G 137 -22.86 -7.16 -8.02
C ALA G 137 -22.63 -7.66 -6.59
N ALA G 138 -23.71 -7.92 -5.87
CA ALA G 138 -23.58 -8.41 -4.49
C ALA G 138 -22.97 -9.80 -4.44
N THR G 139 -23.27 -10.62 -5.43
CA THR G 139 -22.71 -11.96 -5.49
C THR G 139 -21.22 -11.85 -5.54
N GLY G 140 -20.72 -10.95 -6.39
CA GLY G 140 -19.29 -10.81 -6.61
C GLY G 140 -18.60 -10.08 -5.49
N LYS G 141 -19.39 -9.57 -4.54
CA LYS G 141 -18.90 -8.82 -3.37
C LYS G 141 -18.90 -9.66 -2.07
N TRP G 142 -19.72 -10.69 -2.05
CA TRP G 142 -19.86 -11.52 -0.87
C TRP G 142 -18.93 -12.73 -1.01
N LEU G 143 -18.91 -13.31 -2.19
CA LEU G 143 -18.17 -14.54 -2.42
C LEU G 143 -16.65 -14.53 -2.15
N PRO G 144 -15.95 -13.40 -2.38
CA PRO G 144 -14.52 -13.48 -2.11
C PRO G 144 -14.17 -13.63 -0.63
N PHE G 145 -15.16 -13.47 0.25
CA PHE G 145 -14.88 -13.52 1.68
C PHE G 145 -15.71 -14.57 2.36
N ALA G 146 -16.15 -15.57 1.62
CA ALA G 146 -16.97 -16.64 2.18
C ALA G 146 -16.49 -17.96 1.62
N LEU G 147 -15.99 -17.89 0.40
CA LEU G 147 -15.30 -19.00 -0.22
C LEU G 147 -14.18 -19.61 0.64
N PRO G 148 -13.38 -18.78 1.35
CA PRO G 148 -12.34 -19.42 2.17
C PRO G 148 -12.86 -20.26 3.36
N SER G 149 -14.12 -20.11 3.77
CA SER G 149 -14.69 -21.00 4.78
C SER G 149 -14.58 -22.44 4.31
N LEU G 150 -14.40 -22.62 3.01
CA LEU G 150 -14.50 -23.91 2.37
C LEU G 150 -13.15 -24.33 1.79
N GLY G 151 -12.10 -23.60 2.12
CA GLY G 151 -10.77 -23.97 1.67
C GLY G 151 -10.25 -23.19 0.47
N TYR G 152 -11.02 -22.22 0.02
CA TYR G 152 -10.53 -21.38 -1.06
C TYR G 152 -9.49 -20.40 -0.51
N PRO G 153 -8.38 -20.23 -1.25
CA PRO G 153 -7.28 -19.34 -0.87
C PRO G 153 -7.73 -17.90 -0.70
N ASN G 154 -7.78 -17.45 0.55
CA ASN G 154 -8.05 -16.06 0.87
C ASN G 154 -7.10 -15.14 0.13
N GLY G 155 -7.64 -14.28 -0.72
CA GLY G 155 -6.85 -13.35 -1.50
C GLY G 155 -6.43 -13.97 -2.79
N GLY G 156 -6.72 -15.25 -2.95
CA GLY G 156 -6.31 -16.02 -4.11
C GLY G 156 -6.73 -15.49 -5.48
N LEU G 157 -5.92 -15.82 -6.48
CA LEU G 157 -6.28 -15.60 -7.88
C LEU G 157 -7.53 -16.41 -8.22
N VAL G 158 -7.51 -17.69 -7.89
CA VAL G 158 -8.66 -18.57 -8.09
C VAL G 158 -9.92 -18.04 -7.40
N THR G 159 -9.81 -17.65 -6.14
CA THR G 159 -10.95 -17.14 -5.41
C THR G 159 -11.40 -15.81 -6.01
N GLY G 160 -10.45 -15.07 -6.55
CA GLY G 160 -10.77 -13.79 -7.13
C GLY G 160 -11.58 -13.92 -8.39
N LEU G 161 -11.19 -14.87 -9.22
CA LEU G 161 -11.84 -15.10 -10.50
C LEU G 161 -13.21 -15.72 -10.35
N VAL G 162 -13.35 -16.71 -9.47
CA VAL G 162 -14.62 -17.40 -9.32
C VAL G 162 -15.69 -16.40 -8.92
N ALA G 163 -15.34 -15.50 -8.01
CA ALA G 163 -16.29 -14.47 -7.56
C ALA G 163 -16.58 -13.45 -8.67
N GLN G 164 -15.54 -13.01 -9.36
CA GLN G 164 -15.71 -12.01 -10.41
C GLN G 164 -16.55 -12.56 -11.53
N MET G 165 -16.16 -13.74 -12.02
CA MET G 165 -16.88 -14.45 -13.07
C MET G 165 -18.35 -14.68 -12.69
N LEU G 166 -18.59 -15.19 -11.49
CA LEU G 166 -19.96 -15.36 -11.06
C LEU G 166 -20.70 -14.03 -11.05
N GLY G 167 -20.07 -12.98 -10.52
CA GLY G 167 -20.69 -11.67 -10.49
C GLY G 167 -20.96 -11.06 -11.86
N GLY G 168 -20.49 -11.70 -12.92
CA GLY G 168 -20.73 -11.22 -14.27
C GLY G 168 -21.72 -12.12 -15.01
N HIS G 169 -22.60 -12.74 -14.23
CA HIS G 169 -23.57 -13.67 -14.79
C HIS G 169 -24.76 -12.99 -15.49
N HIS G 170 -24.84 -11.66 -15.45
CA HIS G 170 -25.76 -10.97 -16.37
C HIS G 170 -25.05 -10.23 -17.49
N GLY G 171 -23.85 -10.69 -17.85
CA GLY G 171 -23.19 -10.16 -19.02
C GLY G 171 -22.27 -8.96 -18.78
N THR G 172 -22.19 -8.49 -17.55
CA THR G 172 -21.29 -7.39 -17.18
C THR G 172 -20.41 -7.76 -15.98
N PHE G 173 -19.10 -7.78 -16.22
CA PHE G 173 -18.13 -8.01 -15.15
C PHE G 173 -17.95 -6.74 -14.28
N HIS G 174 -17.59 -6.91 -13.01
CA HIS G 174 -17.26 -5.76 -12.17
C HIS G 174 -15.80 -5.83 -11.76
N PRO G 175 -15.23 -4.70 -11.32
CA PRO G 175 -13.85 -4.70 -10.83
C PRO G 175 -13.74 -5.58 -9.61
N HIS G 176 -12.60 -6.23 -9.39
CA HIS G 176 -12.40 -6.93 -8.12
C HIS G 176 -12.67 -5.95 -6.98
N PRO G 177 -13.36 -6.40 -5.94
CA PRO G 177 -13.74 -5.52 -4.83
C PRO G 177 -12.56 -5.00 -4.00
N SER G 178 -12.58 -3.71 -3.75
CA SER G 178 -11.54 -3.05 -2.99
C SER G 178 -12.10 -2.63 -1.62
N PHE G 179 -11.31 -2.81 -0.57
CA PHE G 179 -11.74 -2.44 0.78
C PHE G 179 -10.54 -1.92 1.57
N GLN G 180 -10.81 -1.21 2.66
CA GLN G 180 -9.74 -0.61 3.47
C GLN G 180 -9.66 -1.19 4.88
N SER G 181 -10.73 -1.80 5.36
CA SER G 181 -10.75 -2.32 6.72
C SER G 181 -10.34 -3.78 6.77
N ARG G 182 -10.43 -4.38 7.96
CA ARG G 182 -10.12 -5.79 8.12
C ARG G 182 -11.45 -6.52 8.30
N ASN G 183 -12.50 -5.91 7.79
CA ASN G 183 -13.82 -6.51 7.81
C ASN G 183 -14.57 -6.11 6.51
N PRO G 184 -14.24 -6.80 5.43
CA PRO G 184 -14.77 -6.44 4.11
C PRO G 184 -16.27 -6.72 4.03
N LEU G 185 -16.72 -7.82 4.64
CA LEU G 185 -18.13 -8.20 4.60
C LEU G 185 -19.03 -7.10 5.15
N ALA G 186 -18.65 -6.52 6.30
CA ALA G 186 -19.42 -5.40 6.83
C ALA G 186 -19.18 -4.14 5.98
N GLU G 187 -17.96 -3.97 5.50
CA GLU G 187 -17.64 -2.81 4.68
C GLU G 187 -18.47 -2.74 3.39
N PHE G 188 -18.89 -3.91 2.88
CA PHE G 188 -19.76 -3.99 1.71
C PHE G 188 -21.24 -4.20 2.09
N GLY G 189 -21.56 -4.01 3.37
CA GLY G 189 -22.94 -3.96 3.80
C GLY G 189 -23.50 -5.22 4.41
N PHE G 190 -22.71 -6.28 4.45
CA PHE G 190 -23.18 -7.53 5.05
C PHE G 190 -22.93 -7.53 6.55
N SER G 191 -23.78 -6.82 7.28
CA SER G 191 -23.50 -6.52 8.68
C SER G 191 -24.37 -7.26 9.69
N SER G 192 -25.44 -7.91 9.24
CA SER G 192 -26.32 -8.61 10.16
C SER G 192 -25.93 -10.07 10.27
N PRO G 193 -25.85 -10.58 11.51
CA PRO G 193 -25.54 -11.99 11.74
C PRO G 193 -26.70 -12.85 11.24
N HIS G 194 -27.91 -12.36 11.49
CA HIS G 194 -29.13 -13.02 11.02
C HIS G 194 -29.15 -13.24 9.51
N TRP G 195 -28.79 -12.21 8.74
CA TRP G 195 -28.72 -12.39 7.30
C TRP G 195 -27.53 -13.26 6.88
N GLU G 196 -26.44 -13.11 7.62
CA GLU G 196 -25.19 -13.74 7.28
C GLU G 196 -25.24 -15.25 7.46
N LYS G 197 -26.03 -15.69 8.44
CA LYS G 197 -26.12 -17.12 8.73
C LYS G 197 -26.96 -17.78 7.64
N GLN G 198 -27.94 -17.04 7.12
CA GLN G 198 -28.71 -17.54 5.99
C GLN G 198 -27.88 -17.59 4.69
N ARG G 199 -27.08 -16.55 4.44
CA ARG G 199 -26.19 -16.55 3.28
C ARG G 199 -25.22 -17.73 3.35
N HIS G 200 -24.73 -18.01 4.56
CA HIS G 200 -23.80 -19.12 4.75
C HIS G 200 -24.49 -20.49 4.70
N ALA G 201 -25.73 -20.56 5.19
CA ALA G 201 -26.53 -21.76 5.04
C ALA G 201 -26.65 -22.13 3.57
N LEU G 202 -27.03 -21.16 2.74
CA LEU G 202 -27.21 -21.41 1.31
C LEU G 202 -25.90 -21.89 0.68
N LEU G 203 -24.80 -21.28 1.11
CA LEU G 203 -23.49 -21.60 0.57
C LEU G 203 -23.18 -23.08 0.82
N HIS G 204 -23.27 -23.51 2.07
CA HIS G 204 -23.02 -24.91 2.42
C HIS G 204 -24.02 -25.86 1.78
N ALA G 205 -25.26 -25.40 1.63
CA ALA G 205 -26.31 -26.20 1.00
C ALA G 205 -25.96 -26.59 -0.43
N VAL G 206 -25.53 -25.63 -1.25
CA VAL G 206 -25.16 -26.02 -2.61
C VAL G 206 -23.78 -26.68 -2.67
N PHE G 207 -22.91 -26.33 -1.74
CA PHE G 207 -21.66 -27.07 -1.57
C PHE G 207 -21.97 -28.56 -1.39
N ASP G 208 -22.78 -28.89 -0.37
CA ASP G 208 -23.11 -30.28 -0.07
C ASP G 208 -23.67 -31.03 -1.28
N ALA G 209 -24.78 -30.53 -1.81
CA ALA G 209 -25.45 -31.15 -2.94
C ALA G 209 -24.51 -31.41 -4.12
N THR G 210 -23.54 -30.53 -4.35
CA THR G 210 -22.68 -30.65 -5.52
C THR G 210 -21.47 -31.51 -5.21
N GLY G 211 -21.50 -32.17 -4.05
CA GLY G 211 -20.47 -33.12 -3.65
C GLY G 211 -19.20 -32.48 -3.12
N ARG G 212 -19.37 -31.39 -2.39
CA ARG G 212 -18.29 -30.65 -1.76
C ARG G 212 -16.94 -30.68 -2.49
N PRO G 213 -16.88 -30.14 -3.72
CA PRO G 213 -15.59 -30.20 -4.44
C PRO G 213 -14.52 -29.31 -3.83
N THR G 214 -13.29 -29.80 -3.75
CA THR G 214 -12.18 -28.97 -3.24
C THR G 214 -11.80 -27.93 -4.29
N PRO G 215 -11.29 -26.77 -3.85
CA PRO G 215 -10.88 -25.78 -4.86
C PRO G 215 -9.84 -26.33 -5.81
N PRO G 216 -9.90 -25.92 -7.08
CA PRO G 216 -8.86 -26.32 -8.02
C PRO G 216 -7.63 -25.44 -7.76
N ASP G 217 -6.47 -25.85 -8.27
CA ASP G 217 -5.20 -25.18 -7.95
C ASP G 217 -5.01 -23.93 -8.78
N MET G 218 -5.65 -23.89 -9.93
CA MET G 218 -5.38 -22.85 -10.91
C MET G 218 -6.67 -22.46 -11.65
N LEU G 219 -6.68 -21.27 -12.23
CA LEU G 219 -7.78 -20.79 -13.07
C LEU G 219 -7.30 -19.51 -13.70
N ASP G 220 -7.56 -19.32 -14.99
CA ASP G 220 -7.20 -18.07 -15.64
C ASP G 220 -8.44 -17.37 -16.18
N GLY G 221 -8.28 -16.08 -16.45
CA GLY G 221 -9.33 -15.26 -17.02
C GLY G 221 -10.04 -15.88 -18.22
N PRO G 222 -9.29 -16.18 -19.31
CA PRO G 222 -9.87 -16.80 -20.51
C PRO G 222 -10.71 -18.03 -20.20
N THR G 223 -10.19 -18.93 -19.38
CA THR G 223 -11.00 -20.07 -18.96
C THR G 223 -12.20 -19.56 -18.14
N ALA G 224 -11.94 -18.69 -17.18
CA ALA G 224 -13.01 -18.15 -16.35
C ALA G 224 -14.14 -17.51 -17.16
N SER G 225 -13.80 -16.93 -18.31
CA SER G 225 -14.78 -16.18 -19.10
C SER G 225 -15.73 -17.12 -19.81
N VAL G 226 -15.17 -18.25 -20.23
CA VAL G 226 -15.91 -19.32 -20.87
C VAL G 226 -16.76 -20.05 -19.84
N VAL G 227 -16.26 -20.17 -18.61
CA VAL G 227 -17.07 -20.81 -17.59
C VAL G 227 -18.26 -19.94 -17.29
N CYS G 228 -18.06 -18.64 -17.41
CA CYS G 228 -19.13 -17.65 -17.20
C CYS G 228 -20.35 -17.94 -18.09
N GLY G 229 -20.08 -18.10 -19.38
CA GLY G 229 -21.12 -18.43 -20.36
C GLY G 229 -21.83 -19.72 -20.02
N LEU G 230 -21.07 -20.69 -19.53
CA LEU G 230 -21.68 -21.94 -19.09
C LEU G 230 -22.70 -21.63 -17.99
N VAL G 231 -22.23 -20.97 -16.93
CA VAL G 231 -23.11 -20.54 -15.84
C VAL G 231 -24.29 -19.70 -16.34
N ILE G 232 -24.04 -18.84 -17.32
CA ILE G 232 -25.11 -18.05 -17.90
C ILE G 232 -26.10 -18.97 -18.61
N LEU G 233 -25.57 -19.84 -19.49
CA LEU G 233 -26.41 -20.76 -20.23
C LEU G 233 -27.22 -21.59 -19.27
N ALA G 234 -26.62 -21.89 -18.11
CA ALA G 234 -27.29 -22.63 -17.03
C ALA G 234 -28.42 -21.84 -16.42
N ASP G 235 -28.18 -20.56 -16.11
CA ASP G 235 -29.22 -19.75 -15.49
C ASP G 235 -30.44 -19.64 -16.41
N TRP G 236 -30.18 -19.44 -17.70
CA TRP G 236 -31.25 -19.19 -18.63
C TRP G 236 -32.13 -20.39 -18.75
N LEU G 237 -31.50 -21.55 -19.00
CA LEU G 237 -32.22 -22.81 -19.13
C LEU G 237 -33.22 -23.07 -17.99
N VAL G 238 -32.85 -22.71 -16.76
CA VAL G 238 -33.71 -23.02 -15.62
C VAL G 238 -34.63 -21.87 -15.25
N SER G 239 -34.61 -20.82 -16.06
CA SER G 239 -35.39 -19.64 -15.74
C SER G 239 -36.65 -19.55 -16.60
N GLN G 240 -36.76 -20.47 -17.55
CA GLN G 240 -37.97 -20.60 -18.37
C GLN G 240 -39.22 -20.85 -17.52
N GLU G 241 -40.31 -20.16 -17.85
CA GLU G 241 -41.51 -20.20 -17.05
C GLU G 241 -42.13 -21.60 -16.92
N ASP G 242 -42.02 -22.41 -17.99
CA ASP G 242 -42.50 -23.80 -17.94
C ASP G 242 -41.85 -24.62 -16.84
N PHE G 243 -40.51 -24.66 -16.88
CA PHE G 243 -39.73 -25.36 -15.90
C PHE G 243 -40.16 -24.96 -14.49
N LEU G 244 -40.11 -23.66 -14.23
CA LEU G 244 -40.39 -23.13 -12.89
C LEU G 244 -41.74 -23.59 -12.40
N LEU G 245 -42.74 -23.42 -13.26
CA LEU G 245 -44.14 -23.71 -12.91
C LEU G 245 -44.27 -25.17 -12.53
N GLU G 246 -43.59 -26.00 -13.30
CA GLU G 246 -43.60 -27.41 -13.01
C GLU G 246 -42.89 -27.64 -11.67
N ARG G 247 -41.72 -27.01 -11.46
CA ARG G 247 -40.93 -27.19 -10.21
C ARG G 247 -41.67 -26.69 -8.99
N LEU G 248 -42.63 -25.81 -9.24
CA LEU G 248 -43.37 -25.12 -8.20
C LEU G 248 -44.36 -26.06 -7.51
N THR G 249 -44.64 -27.17 -8.16
CA THR G 249 -45.59 -28.14 -7.66
C THR G 249 -44.90 -29.04 -6.65
N SER G 250 -43.59 -29.13 -6.77
CA SER G 250 -42.80 -30.10 -6.03
C SER G 250 -41.70 -29.47 -5.21
N LEU G 251 -42.06 -28.49 -4.39
CA LEU G 251 -41.09 -27.83 -3.53
C LEU G 251 -40.75 -28.71 -2.34
N PRO G 252 -39.53 -28.55 -1.79
CA PRO G 252 -39.18 -29.20 -0.52
C PRO G 252 -40.12 -28.74 0.58
N ALA G 253 -40.33 -29.57 1.60
CA ALA G 253 -41.17 -29.14 2.70
C ALA G 253 -40.37 -28.29 3.68
N ASP G 254 -39.04 -28.37 3.58
CA ASP G 254 -38.15 -27.70 4.52
C ASP G 254 -36.75 -27.59 3.95
N GLY G 255 -35.81 -27.12 4.78
CA GLY G 255 -34.45 -26.87 4.32
C GLY G 255 -33.50 -27.91 4.84
N SER G 256 -34.00 -29.14 4.93
CA SER G 256 -33.20 -30.28 5.38
C SER G 256 -32.25 -30.68 4.27
N ALA G 257 -31.11 -31.25 4.64
CA ALA G 257 -30.17 -31.74 3.65
C ALA G 257 -30.83 -32.77 2.73
N SER G 258 -31.70 -33.60 3.27
CA SER G 258 -32.35 -34.62 2.45
C SER G 258 -33.29 -34.03 1.42
N ALA G 259 -34.16 -33.10 1.86
CA ALA G 259 -35.15 -32.52 0.97
C ALA G 259 -34.46 -31.78 -0.15
N LEU G 260 -33.39 -31.07 0.20
CA LEU G 260 -32.67 -30.29 -0.77
C LEU G 260 -31.91 -31.18 -1.74
N ARG G 261 -31.36 -32.28 -1.24
CA ARG G 261 -30.67 -33.22 -2.11
C ARG G 261 -31.65 -33.88 -3.08
N ALA G 262 -32.87 -34.09 -2.60
CA ALA G 262 -33.95 -34.57 -3.46
C ALA G 262 -34.18 -33.58 -4.58
N HIS G 263 -34.32 -32.31 -4.22
CA HIS G 263 -34.58 -31.25 -5.18
C HIS G 263 -33.52 -31.19 -6.27
N PHE G 264 -32.26 -31.34 -5.86
CA PHE G 264 -31.15 -31.26 -6.80
C PHE G 264 -31.20 -32.41 -7.80
N GLU G 265 -31.45 -33.62 -7.30
CA GLU G 265 -31.39 -34.81 -8.14
C GLU G 265 -32.61 -34.90 -9.03
N THR G 266 -33.71 -34.30 -8.58
CA THR G 266 -34.92 -34.18 -9.40
C THR G 266 -34.70 -33.26 -10.60
N SER G 267 -33.93 -32.20 -10.38
CA SER G 267 -33.61 -31.23 -11.44
C SER G 267 -32.60 -31.79 -12.44
N LEU G 268 -31.60 -32.52 -11.95
CA LEU G 268 -30.65 -33.18 -12.84
C LEU G 268 -31.39 -34.03 -13.85
N ARG G 269 -32.47 -34.66 -13.42
CA ARG G 269 -33.28 -35.47 -14.31
C ARG G 269 -33.97 -34.58 -15.33
N ARG G 270 -34.48 -33.43 -14.90
CA ARG G 270 -35.29 -32.59 -15.75
C ARG G 270 -34.54 -31.79 -16.80
N ILE G 271 -33.20 -31.80 -16.71
CA ILE G 271 -32.41 -30.98 -17.61
C ILE G 271 -32.17 -31.50 -19.03
N PRO G 272 -31.85 -32.80 -19.20
CA PRO G 272 -31.63 -33.29 -20.57
C PRO G 272 -32.80 -32.96 -21.51
N SER G 273 -34.03 -33.08 -21.00
CA SER G 273 -35.22 -32.75 -21.80
C SER G 273 -35.14 -31.31 -22.32
N LEU G 274 -34.70 -30.41 -21.45
CA LEU G 274 -34.52 -29.01 -21.78
C LEU G 274 -33.52 -28.88 -22.92
N LEU G 275 -32.37 -29.54 -22.78
CA LEU G 275 -31.40 -29.64 -23.87
C LEU G 275 -32.03 -30.07 -25.19
N ASP G 276 -32.96 -31.03 -25.13
CA ASP G 276 -33.63 -31.52 -26.32
C ASP G 276 -34.54 -30.42 -26.86
N ALA G 277 -35.36 -29.87 -25.97
CA ALA G 277 -36.31 -28.82 -26.33
C ALA G 277 -35.63 -27.64 -27.00
N ALA G 278 -34.45 -27.31 -26.50
CA ALA G 278 -33.70 -26.18 -27.01
C ALA G 278 -32.86 -26.63 -28.19
N GLY G 279 -32.88 -27.94 -28.44
CA GLY G 279 -32.10 -28.53 -29.51
C GLY G 279 -30.60 -28.27 -29.41
N LEU G 280 -30.02 -28.52 -28.24
CA LEU G 280 -28.59 -28.25 -28.05
C LEU G 280 -27.70 -29.49 -28.15
N ARG G 281 -28.27 -30.63 -28.52
CA ARG G 281 -27.52 -31.87 -28.63
C ARG G 281 -26.44 -31.79 -29.72
N PRO G 282 -25.31 -32.47 -29.53
CA PRO G 282 -24.23 -32.30 -30.51
C PRO G 282 -24.49 -32.99 -31.84
N ILE G 283 -23.95 -32.44 -32.91
CA ILE G 283 -23.99 -33.06 -34.23
C ILE G 283 -22.63 -33.69 -34.47
N THR G 284 -22.58 -35.03 -34.48
CA THR G 284 -21.30 -35.69 -34.71
C THR G 284 -21.16 -36.28 -36.10
N VAL G 285 -19.93 -36.29 -36.58
CA VAL G 285 -19.64 -36.74 -37.93
C VAL G 285 -18.49 -37.75 -37.84
N PRO G 286 -18.75 -38.99 -38.25
CA PRO G 286 -17.79 -40.09 -38.23
C PRO G 286 -16.57 -39.74 -39.07
N PRO G 287 -15.36 -40.17 -38.65
CA PRO G 287 -14.16 -39.95 -39.46
C PRO G 287 -14.36 -40.57 -40.84
N ALA G 288 -13.88 -39.90 -41.88
CA ALA G 288 -14.01 -40.40 -43.26
C ALA G 288 -12.90 -39.79 -44.10
N THR G 289 -12.59 -40.42 -45.23
CA THR G 289 -11.59 -39.84 -46.13
C THR G 289 -12.27 -38.78 -46.98
N PHE G 290 -11.55 -38.20 -47.93
CA PHE G 290 -12.14 -37.16 -48.77
C PHE G 290 -13.23 -37.71 -49.68
N THR G 291 -12.91 -38.82 -50.34
CA THR G 291 -13.81 -39.49 -51.27
C THR G 291 -15.09 -39.93 -50.58
N GLU G 292 -14.96 -40.53 -49.39
CA GLU G 292 -16.11 -40.97 -48.61
C GLU G 292 -17.00 -39.81 -48.23
N SER G 293 -16.38 -38.65 -48.01
CA SER G 293 -17.07 -37.49 -47.50
C SER G 293 -17.77 -36.80 -48.65
N PHE G 294 -17.28 -37.08 -49.85
CA PHE G 294 -17.85 -36.47 -51.06
C PHE G 294 -18.00 -37.48 -52.20
N PRO G 295 -18.87 -38.44 -51.99
CA PRO G 295 -18.92 -39.60 -52.93
C PRO G 295 -19.44 -39.18 -54.27
N HIS G 296 -20.25 -38.12 -54.28
CA HIS G 296 -20.81 -37.66 -55.58
C HIS G 296 -19.79 -36.92 -56.43
N LEU G 297 -18.56 -36.84 -55.94
CA LEU G 297 -17.48 -36.15 -56.64
C LEU G 297 -16.60 -37.13 -57.37
N SER G 298 -16.82 -37.27 -58.67
CA SER G 298 -16.08 -38.23 -59.49
C SER G 298 -14.57 -38.11 -59.33
N LYS G 299 -14.06 -36.90 -59.48
CA LYS G 299 -12.63 -36.66 -59.30
C LYS G 299 -12.28 -35.43 -58.48
N PRO G 300 -11.39 -35.67 -57.42
CA PRO G 300 -10.97 -34.47 -56.70
C PRO G 300 -9.94 -33.58 -57.36
N ASN G 301 -9.86 -32.33 -56.92
CA ASN G 301 -8.94 -31.31 -57.42
C ASN G 301 -7.54 -31.48 -56.95
N GLY G 302 -6.64 -30.69 -57.51
CA GLY G 302 -5.30 -30.66 -57.02
C GLY G 302 -5.37 -30.16 -55.62
N LEU G 303 -6.16 -29.14 -55.36
CA LEU G 303 -6.27 -28.61 -54.02
C LEU G 303 -6.87 -29.56 -53.03
N GLN G 304 -7.97 -30.16 -53.38
CA GLN G 304 -8.53 -31.18 -52.49
C GLN G 304 -7.62 -32.39 -52.34
N ALA G 305 -6.90 -32.75 -53.39
CA ALA G 305 -6.01 -33.91 -53.29
C ALA G 305 -4.82 -33.59 -52.39
N SER G 306 -4.15 -32.47 -52.65
CA SER G 306 -3.02 -32.02 -51.85
C SER G 306 -3.35 -31.93 -50.36
N LEU G 307 -4.51 -31.35 -50.05
CA LEU G 307 -4.97 -31.22 -48.67
C LEU G 307 -5.17 -32.57 -47.98
N ALA G 308 -6.13 -33.36 -48.47
CA ALA G 308 -6.45 -34.66 -47.88
C ALA G 308 -5.23 -35.59 -47.73
N LYS G 309 -4.25 -35.41 -48.62
CA LYS G 309 -3.04 -36.23 -48.68
C LYS G 309 -2.13 -36.00 -47.47
N HIS G 310 -1.66 -34.76 -47.34
CA HIS G 310 -0.62 -34.42 -46.39
C HIS G 310 -1.13 -33.91 -45.03
N LEU G 311 -2.43 -33.67 -44.93
CA LEU G 311 -2.98 -33.04 -43.74
C LEU G 311 -3.33 -33.93 -42.53
N PRO G 312 -3.73 -35.19 -42.75
CA PRO G 312 -4.10 -35.94 -41.54
C PRO G 312 -2.92 -36.14 -40.58
N CYS G 313 -1.71 -36.16 -41.13
CA CYS G 313 -0.51 -36.33 -40.32
C CYS G 313 -0.21 -35.08 -39.54
N LEU G 314 -0.49 -33.93 -40.15
CA LEU G 314 -0.20 -32.64 -39.55
C LEU G 314 -1.23 -32.25 -38.52
N CYS G 315 -2.43 -32.78 -38.65
CA CYS G 315 -3.50 -32.35 -37.76
C CYS G 315 -3.58 -33.16 -36.50
N THR G 316 -2.66 -32.89 -35.58
CA THR G 316 -2.48 -33.67 -34.37
C THR G 316 -3.32 -33.12 -33.20
N GLY G 317 -3.68 -31.85 -33.30
CA GLY G 317 -4.42 -31.18 -32.25
C GLY G 317 -4.74 -29.75 -32.68
N PRO G 318 -4.83 -28.84 -31.70
CA PRO G 318 -5.16 -27.44 -32.02
C PRO G 318 -4.18 -26.84 -33.01
N GLY G 319 -4.73 -26.28 -34.09
CA GLY G 319 -3.95 -25.61 -35.09
C GLY G 319 -4.82 -24.80 -36.05
N LEU G 320 -4.16 -24.10 -36.97
CA LEU G 320 -4.85 -23.26 -37.94
C LEU G 320 -4.39 -23.57 -39.35
N VAL G 321 -5.34 -23.62 -40.28
CA VAL G 321 -5.04 -23.88 -41.68
C VAL G 321 -5.42 -22.71 -42.59
N LEU G 322 -4.48 -22.24 -43.39
CA LEU G 322 -4.70 -21.15 -44.34
C LEU G 322 -4.69 -21.66 -45.79
N ILE G 323 -5.89 -21.82 -46.35
CA ILE G 323 -6.07 -22.17 -47.77
C ILE G 323 -6.36 -20.92 -48.59
N THR G 324 -5.49 -20.67 -49.55
CA THR G 324 -5.54 -19.46 -50.36
C THR G 324 -5.53 -19.84 -51.86
N ALA G 325 -6.72 -19.87 -52.43
CA ALA G 325 -6.93 -20.35 -53.77
C ALA G 325 -8.14 -19.82 -54.53
N PRO G 326 -8.05 -19.97 -55.92
CA PRO G 326 -9.11 -19.30 -56.68
C PRO G 326 -10.44 -19.96 -56.61
N MET G 327 -11.48 -19.23 -56.94
CA MET G 327 -12.83 -19.74 -56.83
C MET G 327 -13.05 -20.80 -57.84
N GLY G 328 -14.06 -21.62 -57.59
CA GLY G 328 -14.28 -22.76 -58.44
C GLY G 328 -13.10 -23.66 -58.40
N GLU G 329 -12.49 -23.76 -57.23
CA GLU G 329 -11.58 -24.83 -56.95
C GLU G 329 -12.11 -25.68 -55.84
N GLY G 330 -13.40 -25.61 -55.61
CA GLY G 330 -14.01 -26.46 -54.62
C GLY G 330 -13.46 -26.32 -53.23
N LYS G 331 -13.23 -25.15 -52.68
CA LYS G 331 -12.73 -25.12 -51.31
C LYS G 331 -13.83 -25.51 -50.43
N THR G 332 -14.94 -25.02 -50.67
CA THR G 332 -15.94 -25.35 -49.67
C THR G 332 -15.83 -26.80 -49.23
N GLU G 333 -15.63 -27.72 -50.18
CA GLU G 333 -15.49 -29.13 -49.86
C GLU G 333 -14.14 -29.39 -49.21
N ALA G 334 -13.15 -28.61 -49.60
CA ALA G 334 -11.83 -28.77 -49.01
C ALA G 334 -11.91 -28.35 -47.57
N ALA G 335 -12.68 -27.31 -47.30
CA ALA G 335 -12.71 -26.73 -45.97
C ALA G 335 -13.45 -27.64 -44.97
N TYR G 336 -14.49 -28.30 -45.44
CA TYR G 336 -15.29 -29.16 -44.59
C TYR G 336 -14.43 -30.29 -44.06
N HIS G 337 -13.60 -30.81 -44.96
CA HIS G 337 -12.82 -31.99 -44.67
C HIS G 337 -11.73 -31.60 -43.68
N VAL G 338 -10.94 -30.58 -44.02
CA VAL G 338 -9.97 -30.02 -43.09
C VAL G 338 -10.62 -29.69 -41.73
N ALA G 339 -11.85 -29.18 -41.74
CA ALA G 339 -12.60 -28.96 -40.52
C ALA G 339 -12.95 -30.28 -39.81
N ASP G 340 -13.03 -31.36 -40.58
CA ASP G 340 -13.33 -32.65 -39.98
C ASP G 340 -12.08 -33.22 -39.33
N LEU G 341 -10.94 -33.11 -40.03
CA LEU G 341 -9.66 -33.58 -39.50
C LEU G 341 -9.34 -32.88 -38.19
N LEU G 342 -9.35 -31.55 -38.21
CA LEU G 342 -9.11 -30.71 -37.01
C LEU G 342 -10.12 -30.95 -35.90
N GLY G 343 -11.38 -31.18 -36.28
CA GLY G 343 -12.42 -31.46 -35.32
C GLY G 343 -12.17 -32.72 -34.51
N LYS G 344 -11.89 -33.83 -35.21
CA LYS G 344 -11.61 -35.10 -34.57
C LYS G 344 -10.36 -34.96 -33.71
N ALA G 345 -9.40 -34.20 -34.22
CA ALA G 345 -8.12 -34.03 -33.55
C ALA G 345 -8.19 -33.21 -32.26
N THR G 346 -9.32 -32.55 -32.00
CA THR G 346 -9.41 -31.63 -30.87
C THR G 346 -10.65 -31.89 -30.04
N GLY G 347 -11.33 -32.98 -30.34
CA GLY G 347 -12.47 -33.39 -29.55
C GLY G 347 -13.56 -32.36 -29.62
N ARG G 348 -13.61 -31.65 -30.75
CA ARG G 348 -14.58 -30.59 -30.99
C ARG G 348 -15.45 -30.88 -32.19
N PRO G 349 -16.62 -31.49 -31.95
CA PRO G 349 -17.55 -31.87 -33.02
C PRO G 349 -18.32 -30.66 -33.60
N GLY G 350 -18.49 -29.59 -32.82
CA GLY G 350 -19.27 -28.43 -33.23
C GLY G 350 -18.67 -27.57 -34.34
N ARG G 351 -19.53 -26.84 -35.05
CA ARG G 351 -19.08 -26.05 -36.21
C ARG G 351 -19.57 -24.60 -36.20
N PHE G 352 -18.74 -23.69 -36.71
CA PHE G 352 -19.22 -22.36 -37.09
C PHE G 352 -18.57 -21.87 -38.37
N LEU G 353 -19.39 -21.60 -39.38
CA LEU G 353 -18.91 -21.08 -40.66
C LEU G 353 -19.24 -19.60 -40.79
N ALA G 354 -18.21 -18.77 -40.94
CA ALA G 354 -18.39 -17.33 -41.04
C ALA G 354 -18.25 -16.84 -42.48
N LEU G 355 -19.26 -16.15 -42.99
CA LEU G 355 -19.21 -15.65 -44.37
C LEU G 355 -19.33 -14.13 -44.51
N PRO G 356 -18.83 -13.56 -45.62
CA PRO G 356 -18.77 -12.09 -45.77
C PRO G 356 -20.14 -11.43 -45.80
N THR G 357 -21.14 -12.13 -46.32
CA THR G 357 -22.46 -11.53 -46.48
C THR G 357 -23.57 -12.42 -45.93
N MET G 358 -24.74 -11.84 -45.69
CA MET G 358 -25.92 -12.62 -45.31
C MET G 358 -26.40 -13.50 -46.49
N ALA G 359 -26.14 -13.03 -47.71
CA ALA G 359 -26.48 -13.82 -48.88
C ALA G 359 -25.63 -15.08 -48.92
N THR G 360 -24.31 -14.93 -48.81
CA THR G 360 -23.41 -16.09 -48.84
C THR G 360 -23.66 -17.05 -47.68
N ALA G 361 -23.99 -16.50 -46.51
CA ALA G 361 -24.32 -17.31 -45.35
C ALA G 361 -25.64 -18.04 -45.57
N ASP G 362 -26.54 -17.42 -46.33
CA ASP G 362 -27.78 -18.09 -46.68
C ASP G 362 -27.51 -19.31 -47.55
N GLN G 363 -26.68 -19.12 -48.57
CA GLN G 363 -26.28 -20.22 -49.43
C GLN G 363 -25.61 -21.35 -48.66
N MET G 364 -24.52 -21.01 -47.99
CA MET G 364 -23.67 -21.97 -47.27
C MET G 364 -24.39 -22.73 -46.15
N HIS G 365 -25.47 -22.17 -45.65
CA HIS G 365 -26.29 -22.87 -44.67
C HIS G 365 -26.91 -24.09 -45.34
N THR G 366 -27.41 -23.86 -46.55
CA THR G 366 -28.04 -24.94 -47.30
C THR G 366 -27.04 -26.05 -47.64
N ARG G 367 -25.84 -25.69 -48.10
CA ARG G 367 -24.80 -26.69 -48.40
C ARG G 367 -24.46 -27.54 -47.16
N LEU G 368 -24.21 -26.89 -46.04
CA LEU G 368 -23.78 -27.61 -44.83
C LEU G 368 -24.91 -28.45 -44.27
N LYS G 369 -26.16 -27.99 -44.43
CA LYS G 369 -27.29 -28.75 -43.93
C LYS G 369 -27.35 -30.12 -44.62
N GLU G 370 -27.09 -30.13 -45.92
CA GLU G 370 -27.20 -31.35 -46.70
C GLU G 370 -25.93 -32.19 -46.60
N TYR G 371 -24.81 -31.54 -46.29
CA TYR G 371 -23.60 -32.26 -45.94
C TYR G 371 -23.84 -32.95 -44.62
N ALA G 372 -24.65 -32.31 -43.79
CA ALA G 372 -24.95 -32.84 -42.47
C ALA G 372 -25.84 -34.06 -42.58
N ARG G 373 -26.90 -33.97 -43.39
CA ARG G 373 -27.81 -35.10 -43.59
C ARG G 373 -27.04 -36.31 -44.08
N TYR G 374 -26.18 -36.09 -45.06
CA TYR G 374 -25.40 -37.17 -45.64
C TYR G 374 -24.46 -37.82 -44.65
N ARG G 375 -23.87 -37.04 -43.74
CA ARG G 375 -22.73 -37.54 -42.97
C ARG G 375 -23.00 -38.02 -41.55
N VAL G 376 -24.24 -37.86 -41.08
CA VAL G 376 -24.64 -38.25 -39.73
C VAL G 376 -25.41 -39.59 -39.74
N GLU G 377 -25.36 -40.32 -38.63
CA GLU G 377 -26.17 -41.53 -38.41
C GLU G 377 -27.49 -41.19 -37.73
N ASN G 378 -28.42 -42.14 -37.75
CA ASN G 378 -29.69 -41.95 -37.06
C ASN G 378 -29.75 -42.70 -35.72
N SER G 384 -32.65 -33.92 -32.29
CA SER G 384 -32.86 -32.52 -31.88
C SER G 384 -31.53 -31.77 -31.66
N SER G 385 -30.91 -31.38 -32.76
CA SER G 385 -29.70 -30.58 -32.75
C SER G 385 -29.77 -29.63 -33.94
N THR G 386 -30.09 -28.36 -33.68
CA THR G 386 -30.34 -27.42 -34.78
C THR G 386 -29.06 -26.93 -35.45
N LEU G 387 -29.08 -26.91 -36.77
CA LEU G 387 -28.03 -26.32 -37.59
C LEU G 387 -28.43 -24.86 -37.81
N ALA G 388 -27.92 -23.95 -36.98
CA ALA G 388 -28.46 -22.59 -36.88
C ALA G 388 -27.94 -21.62 -37.96
N LEU G 389 -28.76 -20.61 -38.29
CA LEU G 389 -28.37 -19.56 -39.25
C LEU G 389 -28.28 -18.20 -38.56
N LEU G 390 -27.09 -17.60 -38.60
CA LEU G 390 -26.81 -16.43 -37.76
C LEU G 390 -26.51 -15.13 -38.53
N HIS G 391 -27.53 -14.27 -38.66
CA HIS G 391 -27.37 -12.89 -39.15
C HIS G 391 -28.67 -12.10 -38.96
N SER G 392 -28.62 -10.79 -39.17
CA SER G 392 -29.73 -9.89 -38.81
C SER G 392 -31.06 -10.14 -39.51
N MET G 393 -31.03 -10.81 -40.66
CA MET G 393 -32.23 -11.03 -41.46
C MET G 393 -32.78 -12.45 -41.33
N ALA G 394 -32.16 -13.24 -40.47
CA ALA G 394 -32.46 -14.64 -40.33
C ALA G 394 -33.91 -14.92 -39.95
N TRP G 395 -34.46 -14.15 -39.01
CA TRP G 395 -35.86 -14.27 -38.58
C TRP G 395 -36.86 -14.18 -39.73
N LEU G 396 -36.53 -13.38 -40.74
CA LEU G 396 -37.44 -13.18 -41.86
C LEU G 396 -37.01 -14.00 -43.06
N ASN G 397 -36.40 -15.14 -42.78
CA ASN G 397 -36.20 -16.18 -43.78
C ASN G 397 -37.25 -17.24 -43.49
N PRO G 398 -38.14 -17.46 -44.46
CA PRO G 398 -39.33 -18.29 -44.29
C PRO G 398 -39.01 -19.76 -44.02
N ASP G 399 -38.00 -20.28 -44.73
CA ASP G 399 -37.59 -21.68 -44.62
C ASP G 399 -37.02 -21.98 -43.24
N TYR G 400 -36.15 -21.09 -42.77
CA TYR G 400 -35.38 -21.27 -41.56
C TYR G 400 -36.17 -21.09 -40.28
N ALA G 401 -36.71 -19.89 -40.07
CA ALA G 401 -37.45 -19.59 -38.84
C ALA G 401 -38.70 -20.46 -38.70
N PRO G 402 -39.13 -20.73 -37.45
CA PRO G 402 -40.41 -21.41 -37.18
C PRO G 402 -41.62 -20.50 -37.35
N ALA G 403 -42.81 -21.09 -37.43
CA ALA G 403 -44.05 -20.34 -37.63
C ALA G 403 -44.78 -20.10 -36.31
N ASP G 419 -38.33 -31.27 -37.77
CA ASP G 419 -37.43 -31.95 -38.69
C ASP G 419 -36.01 -31.98 -38.15
N PRO G 420 -35.12 -32.80 -38.75
CA PRO G 420 -33.79 -32.78 -38.14
C PRO G 420 -33.05 -31.53 -38.62
N PHE G 421 -32.14 -31.04 -37.77
CA PHE G 421 -31.34 -29.85 -38.06
C PHE G 421 -32.13 -28.53 -38.05
N ALA G 422 -33.45 -28.60 -37.91
CA ALA G 422 -34.31 -27.42 -37.97
C ALA G 422 -34.15 -26.52 -36.75
N ALA G 423 -34.27 -25.21 -36.93
CA ALA G 423 -34.14 -24.27 -35.80
C ALA G 423 -35.27 -24.46 -34.77
N THR G 424 -34.97 -24.17 -33.52
CA THR G 424 -35.96 -24.27 -32.45
C THR G 424 -36.42 -22.87 -32.06
N ASP G 425 -37.51 -22.80 -31.29
CA ASP G 425 -37.92 -21.52 -30.73
C ASP G 425 -36.78 -20.98 -29.89
N TRP G 426 -36.20 -21.85 -29.06
CA TRP G 426 -35.20 -21.41 -28.08
C TRP G 426 -34.05 -20.69 -28.76
N LEU G 427 -33.39 -21.38 -29.69
CA LEU G 427 -32.17 -20.85 -30.33
C LEU G 427 -32.43 -19.62 -31.21
N MET G 428 -33.67 -19.22 -31.29
CA MET G 428 -34.08 -18.08 -32.08
C MET G 428 -33.97 -16.80 -31.29
N GLY G 429 -33.73 -16.97 -30.00
CA GLY G 429 -33.67 -15.91 -29.02
C GLY G 429 -32.40 -15.13 -29.13
N ARG G 430 -32.37 -14.01 -28.43
CA ARG G 430 -31.30 -13.07 -28.62
C ARG G 430 -30.10 -13.52 -27.87
N LYS G 431 -28.99 -13.55 -28.59
CA LYS G 431 -27.72 -13.94 -28.08
C LYS G 431 -27.47 -15.41 -27.94
N ARG G 432 -28.34 -16.26 -28.43
CA ARG G 432 -28.16 -17.69 -28.19
C ARG G 432 -27.62 -18.41 -29.44
N GLY G 433 -27.59 -17.70 -30.55
CA GLY G 433 -27.22 -18.28 -31.84
C GLY G 433 -25.99 -19.17 -31.90
N LEU G 434 -24.94 -18.81 -31.18
CA LEU G 434 -23.68 -19.53 -31.30
C LEU G 434 -23.59 -20.76 -30.38
N LEU G 435 -24.62 -20.97 -29.55
CA LEU G 435 -24.74 -22.15 -28.70
C LEU G 435 -25.27 -23.39 -29.48
N ALA G 436 -25.67 -23.17 -30.71
CA ALA G 436 -26.09 -24.26 -31.58
C ALA G 436 -24.86 -25.11 -31.87
N PRO G 437 -25.03 -26.45 -31.91
CA PRO G 437 -23.90 -27.33 -32.22
C PRO G 437 -23.24 -26.95 -33.53
N TRP G 438 -24.05 -26.84 -34.58
CA TRP G 438 -23.54 -26.37 -35.86
C TRP G 438 -24.24 -25.08 -36.21
N ALA G 439 -23.47 -24.16 -36.77
CA ALA G 439 -24.02 -22.87 -37.14
C ALA G 439 -23.24 -22.25 -38.29
N VAL G 440 -23.95 -21.65 -39.24
CA VAL G 440 -23.31 -20.79 -40.23
C VAL G 440 -23.95 -19.41 -40.16
N GLY G 441 -23.12 -18.37 -40.27
CA GLY G 441 -23.60 -17.00 -40.15
C GLY G 441 -22.57 -16.02 -40.69
N THR G 442 -22.82 -14.74 -40.48
CA THR G 442 -21.84 -13.74 -40.90
C THR G 442 -20.58 -13.77 -40.03
N ILE G 443 -19.46 -13.31 -40.59
CA ILE G 443 -18.22 -13.16 -39.83
C ILE G 443 -18.44 -12.26 -38.62
N ASP G 444 -19.51 -11.47 -38.68
CA ASP G 444 -19.82 -10.47 -37.69
C ASP G 444 -20.37 -11.07 -36.41
N GLN G 445 -21.05 -12.21 -36.49
CA GLN G 445 -21.63 -12.82 -35.31
C GLN G 445 -20.53 -13.38 -34.43
N ALA G 446 -19.37 -13.59 -35.04
CA ALA G 446 -18.19 -14.11 -34.37
C ALA G 446 -17.34 -12.99 -33.81
N LEU G 447 -17.11 -11.94 -34.59
CA LEU G 447 -16.32 -10.81 -34.13
C LEU G 447 -16.99 -10.14 -32.94
N MET G 448 -18.31 -10.28 -32.80
CA MET G 448 -19.00 -9.72 -31.64
C MET G 448 -18.57 -10.37 -30.31
N ALA G 449 -17.86 -11.50 -30.38
CA ALA G 449 -17.39 -12.18 -29.17
C ALA G 449 -16.18 -11.47 -28.58
N VAL G 450 -15.40 -10.79 -29.41
CA VAL G 450 -14.22 -10.09 -28.94
C VAL G 450 -14.43 -8.58 -28.98
N LEU G 451 -15.70 -8.18 -28.97
CA LEU G 451 -16.04 -6.78 -28.78
C LEU G 451 -16.40 -6.58 -27.30
N ARG G 452 -16.02 -5.44 -26.71
CA ARG G 452 -16.47 -5.11 -25.37
C ARG G 452 -17.96 -4.83 -25.41
N ALA G 453 -18.78 -5.82 -25.09
CA ALA G 453 -20.25 -5.66 -25.07
C ALA G 453 -20.82 -6.68 -24.09
N LYS G 454 -22.02 -6.43 -23.55
CA LYS G 454 -22.63 -7.38 -22.61
C LYS G 454 -22.73 -8.79 -23.20
N HIS G 455 -22.67 -9.80 -22.35
CA HIS G 455 -22.82 -11.20 -22.79
C HIS G 455 -21.84 -11.69 -23.88
N ASN G 456 -20.70 -11.03 -24.06
CA ASN G 456 -19.67 -11.60 -24.94
C ASN G 456 -19.04 -12.88 -24.34
N ALA G 457 -19.27 -13.08 -23.03
CA ALA G 457 -18.90 -14.32 -22.38
C ALA G 457 -19.66 -15.48 -23.01
N LEU G 458 -20.94 -15.26 -23.34
CA LEU G 458 -21.74 -16.28 -24.01
C LEU G 458 -21.18 -16.69 -25.36
N ARG G 459 -21.08 -15.71 -26.26
CA ARG G 459 -20.46 -15.90 -27.57
C ARG G 459 -19.12 -16.65 -27.50
N LEU G 460 -18.24 -16.19 -26.62
CA LEU G 460 -16.95 -16.86 -26.36
C LEU G 460 -17.12 -18.33 -25.96
N PHE G 461 -18.08 -18.60 -25.09
CA PHE G 461 -18.39 -19.96 -24.71
C PHE G 461 -19.02 -20.76 -25.87
N GLY G 462 -19.95 -20.16 -26.61
CA GLY G 462 -20.56 -20.85 -27.73
C GLY G 462 -19.53 -21.30 -28.77
N LEU G 463 -18.54 -20.45 -28.95
CA LEU G 463 -17.46 -20.67 -29.90
C LEU G 463 -16.41 -21.70 -29.44
N ALA G 464 -16.16 -21.77 -28.12
CA ALA G 464 -15.03 -22.54 -27.62
C ALA G 464 -15.13 -24.06 -27.83
N GLY G 465 -16.32 -24.53 -28.22
CA GLY G 465 -16.48 -25.95 -28.48
C GLY G 465 -16.48 -26.32 -29.95
N LYS G 466 -16.10 -25.38 -30.80
CA LYS G 466 -16.28 -25.54 -32.24
C LYS G 466 -14.99 -25.52 -33.04
N VAL G 467 -15.09 -26.01 -34.27
CA VAL G 467 -14.10 -25.67 -35.28
C VAL G 467 -14.67 -24.44 -35.99
N VAL G 468 -13.91 -23.36 -36.05
CA VAL G 468 -14.42 -22.18 -36.71
C VAL G 468 -13.71 -21.99 -38.04
N VAL G 469 -14.49 -21.63 -39.04
CA VAL G 469 -13.99 -21.54 -40.40
C VAL G 469 -14.42 -20.20 -40.90
N VAL G 470 -13.48 -19.37 -41.30
CA VAL G 470 -13.90 -18.09 -41.86
C VAL G 470 -13.59 -18.04 -43.35
N ASP G 471 -14.55 -17.58 -44.13
CA ASP G 471 -14.39 -17.56 -45.58
C ASP G 471 -14.09 -16.17 -46.13
N GLU G 472 -13.41 -16.14 -47.28
CA GLU G 472 -13.11 -14.90 -48.00
C GLU G 472 -12.38 -13.92 -47.10
N ALA G 473 -11.39 -14.43 -46.37
CA ALA G 473 -10.62 -13.63 -45.42
C ALA G 473 -9.91 -12.44 -46.07
N HIS G 474 -9.84 -12.46 -47.40
CA HIS G 474 -9.24 -11.35 -48.13
C HIS G 474 -10.16 -10.14 -48.17
N ALA G 475 -11.41 -10.33 -47.76
CA ALA G 475 -12.41 -9.27 -47.82
C ALA G 475 -12.65 -8.57 -46.48
N VAL G 476 -11.66 -8.63 -45.58
CA VAL G 476 -11.74 -7.88 -44.33
C VAL G 476 -10.85 -6.63 -44.31
N ASP G 477 -11.48 -5.46 -44.19
CA ASP G 477 -10.75 -4.20 -44.16
C ASP G 477 -9.81 -4.14 -42.93
N PRO G 478 -8.89 -3.17 -42.90
CA PRO G 478 -8.06 -2.98 -41.71
C PRO G 478 -8.85 -3.11 -40.40
N TYR G 479 -9.97 -2.43 -40.29
CA TYR G 479 -10.75 -2.43 -39.06
C TYR G 479 -11.16 -3.84 -38.68
N MET G 480 -11.75 -4.57 -39.60
CA MET G 480 -12.30 -5.90 -39.29
C MET G 480 -11.18 -6.85 -39.00
N GLN G 481 -10.03 -6.56 -39.60
CA GLN G 481 -8.85 -7.42 -39.46
C GLN G 481 -8.33 -7.42 -38.00
N VAL G 482 -8.34 -6.27 -37.35
CA VAL G 482 -7.97 -6.17 -35.94
C VAL G 482 -8.90 -7.02 -35.08
N LEU G 483 -10.21 -6.86 -35.25
CA LEU G 483 -11.21 -7.71 -34.61
C LEU G 483 -10.97 -9.18 -34.88
N LEU G 484 -10.64 -9.51 -36.13
CA LEU G 484 -10.36 -10.89 -36.53
C LEU G 484 -9.15 -11.41 -35.79
N GLU G 485 -8.10 -10.60 -35.77
CA GLU G 485 -6.86 -11.00 -35.12
C GLU G 485 -7.10 -11.33 -33.65
N GLN G 486 -7.85 -10.47 -32.98
CA GLN G 486 -8.20 -10.66 -31.56
C GLN G 486 -9.06 -11.89 -31.34
N LEU G 487 -9.95 -12.17 -32.29
CA LEU G 487 -10.73 -13.40 -32.22
C LEU G 487 -9.84 -14.64 -32.34
N LEU G 488 -8.94 -14.63 -33.32
CA LEU G 488 -7.98 -15.71 -33.48
C LEU G 488 -7.15 -15.89 -32.22
N ARG G 489 -6.58 -14.80 -31.74
CA ARG G 489 -5.78 -14.81 -30.53
C ARG G 489 -6.52 -15.43 -29.36
N TRP G 490 -7.78 -15.10 -29.18
CA TRP G 490 -8.55 -15.76 -28.13
C TRP G 490 -8.85 -17.21 -28.46
N LEU G 491 -9.13 -17.50 -29.74
CA LEU G 491 -9.41 -18.87 -30.15
C LEU G 491 -8.20 -19.75 -29.95
N GLY G 492 -7.02 -19.21 -30.27
CA GLY G 492 -5.77 -19.88 -29.98
C GLY G 492 -5.53 -20.26 -28.52
N THR G 493 -6.01 -19.48 -27.56
CA THR G 493 -5.76 -19.85 -26.17
C THR G 493 -6.82 -20.81 -25.69
N LEU G 494 -7.99 -20.77 -26.30
CA LEU G 494 -9.06 -21.64 -25.84
C LEU G 494 -9.00 -23.00 -26.50
N ASP G 495 -7.98 -23.22 -27.33
CA ASP G 495 -7.71 -24.51 -27.96
C ASP G 495 -8.60 -24.86 -29.14
N VAL G 496 -9.25 -23.85 -29.71
CA VAL G 496 -10.14 -24.12 -30.83
C VAL G 496 -9.38 -24.03 -32.14
N PRO G 497 -9.65 -24.97 -33.05
CA PRO G 497 -8.92 -24.99 -34.33
C PRO G 497 -9.68 -24.11 -35.32
N VAL G 498 -9.01 -23.69 -36.37
CA VAL G 498 -9.53 -22.66 -37.24
C VAL G 498 -9.13 -22.90 -38.69
N VAL G 499 -10.08 -22.81 -39.61
CA VAL G 499 -9.72 -22.85 -41.02
C VAL G 499 -10.00 -21.51 -41.67
N LEU G 500 -9.00 -20.97 -42.35
CA LEU G 500 -9.12 -19.71 -43.06
C LEU G 500 -9.07 -19.93 -44.56
N LEU G 501 -10.18 -19.67 -45.25
CA LEU G 501 -10.22 -19.70 -46.71
C LEU G 501 -10.07 -18.30 -47.25
N SER G 502 -9.27 -18.16 -48.30
CA SER G 502 -9.08 -16.86 -48.91
C SER G 502 -8.91 -17.00 -50.43
N ALA G 503 -9.24 -15.95 -51.18
CA ALA G 503 -8.95 -15.94 -52.59
C ALA G 503 -7.58 -15.65 -53.14
N THR G 504 -7.06 -14.49 -52.81
CA THR G 504 -5.65 -14.15 -52.83
C THR G 504 -5.40 -13.13 -51.72
N LEU G 505 -4.47 -13.45 -50.83
CA LEU G 505 -4.27 -12.68 -49.62
C LEU G 505 -2.90 -12.05 -49.62
N HIS G 506 -2.84 -10.72 -49.50
CA HIS G 506 -1.54 -10.04 -49.36
C HIS G 506 -0.75 -10.68 -48.19
N HIS G 507 0.53 -10.96 -48.40
CA HIS G 507 1.32 -11.73 -47.45
C HIS G 507 1.33 -11.14 -46.04
N SER G 508 1.31 -9.80 -45.96
CA SER G 508 1.30 -9.11 -44.67
C SER G 508 0.07 -9.48 -43.85
N ILE G 509 -1.05 -9.70 -44.52
CA ILE G 509 -2.29 -10.01 -43.82
C ILE G 509 -2.28 -11.47 -43.38
N ALA G 510 -1.71 -12.34 -44.20
CA ALA G 510 -1.61 -13.74 -43.83
C ALA G 510 -0.73 -13.86 -42.60
N ASN G 511 0.32 -13.05 -42.61
CA ASN G 511 1.27 -13.01 -41.50
C ASN G 511 0.59 -12.58 -40.18
N SER G 512 -0.14 -11.48 -40.23
CA SER G 512 -0.80 -10.92 -39.06
C SER G 512 -1.76 -11.91 -38.48
N LEU G 513 -2.46 -12.60 -39.37
CA LEU G 513 -3.49 -13.54 -38.97
C LEU G 513 -2.97 -14.80 -38.28
N VAL G 514 -1.91 -15.40 -38.81
CA VAL G 514 -1.39 -16.61 -38.17
C VAL G 514 -0.59 -16.24 -36.93
N LYS G 515 0.12 -15.11 -36.98
CA LYS G 515 0.85 -14.61 -35.84
C LYS G 515 -0.11 -14.34 -34.68
N ALA G 516 -1.31 -13.85 -35.00
CA ALA G 516 -2.29 -13.62 -33.97
C ALA G 516 -2.67 -14.96 -33.35
N TYR G 517 -2.86 -15.97 -34.19
CA TYR G 517 -3.29 -17.26 -33.71
C TYR G 517 -2.20 -17.95 -32.90
N LEU G 518 -0.95 -17.69 -33.26
CA LEU G 518 0.18 -18.26 -32.55
C LEU G 518 0.39 -17.54 -31.21
N GLU G 519 0.15 -16.23 -31.18
CA GLU G 519 0.28 -15.47 -29.94
C GLU G 519 -0.61 -16.03 -28.83
N GLY G 520 -1.85 -16.37 -29.18
CA GLY G 520 -2.82 -16.85 -28.23
C GLY G 520 -2.44 -18.21 -27.70
N ALA G 521 -1.93 -19.06 -28.58
CA ALA G 521 -1.60 -20.44 -28.25
C ALA G 521 -0.42 -20.56 -27.26
N ARG G 522 0.65 -19.80 -27.52
CA ARG G 522 1.79 -19.78 -26.62
C ARG G 522 1.45 -18.99 -25.36
N GLY G 523 0.69 -17.93 -25.50
CA GLY G 523 0.25 -17.18 -24.34
C GLY G 523 1.05 -15.92 -24.14
N ARG G 524 1.73 -15.49 -25.19
CA ARG G 524 2.51 -14.25 -25.14
C ARG G 524 2.66 -13.69 -26.54
N ARG G 525 2.66 -12.37 -26.64
CA ARG G 525 2.65 -11.75 -27.96
C ARG G 525 4.01 -11.76 -28.65
N TRP G 526 4.10 -11.11 -29.80
CA TRP G 526 5.33 -11.21 -30.59
C TRP G 526 6.30 -10.10 -30.24
N ASN G 527 7.59 -10.42 -30.31
CA ASN G 527 8.60 -9.41 -30.03
C ASN G 527 9.19 -8.87 -31.32
N ARG G 528 9.58 -7.60 -31.27
CA ARG G 528 10.08 -6.88 -32.45
C ARG G 528 11.13 -7.66 -33.26
N SER G 529 11.91 -8.49 -32.58
CA SER G 529 13.08 -9.15 -33.16
C SER G 529 12.79 -10.58 -33.63
N GLU G 530 11.77 -11.16 -33.04
CA GLU G 530 11.34 -12.51 -33.37
C GLU G 530 10.95 -12.59 -34.85
N PRO G 531 11.52 -13.55 -35.59
CA PRO G 531 11.32 -13.64 -37.03
C PRO G 531 9.91 -14.11 -37.41
N GLN G 532 9.27 -13.38 -38.32
CA GLN G 532 7.87 -13.64 -38.71
C GLN G 532 7.57 -15.08 -39.09
N PRO G 533 6.34 -15.52 -38.86
CA PRO G 533 5.91 -16.89 -39.18
C PRO G 533 5.60 -17.11 -40.66
N VAL G 534 5.23 -16.03 -41.37
CA VAL G 534 4.91 -16.08 -42.80
C VAL G 534 5.56 -14.91 -43.52
N SER G 535 6.44 -15.17 -44.48
CA SER G 535 6.98 -14.09 -45.30
C SER G 535 6.52 -14.23 -46.75
N GLU G 536 5.97 -15.39 -47.08
CA GLU G 536 5.47 -15.65 -48.42
C GLU G 536 4.20 -16.49 -48.40
N VAL G 537 3.30 -16.21 -49.35
CA VAL G 537 2.16 -17.09 -49.60
C VAL G 537 2.10 -17.38 -51.08
N SER G 538 1.61 -18.56 -51.44
CA SER G 538 1.47 -18.91 -52.85
C SER G 538 0.00 -18.89 -53.22
N TYR G 539 -0.26 -18.80 -54.52
CA TYR G 539 -1.62 -18.77 -55.03
C TYR G 539 -1.71 -19.64 -56.28
N PRO G 540 -2.28 -20.85 -56.15
CA PRO G 540 -2.92 -21.39 -54.95
C PRO G 540 -1.90 -21.94 -53.95
N GLY G 541 -2.36 -22.19 -52.74
CA GLY G 541 -1.52 -22.77 -51.71
C GLY G 541 -2.28 -23.03 -50.42
N TRP G 542 -1.73 -23.87 -49.56
CA TRP G 542 -2.26 -24.01 -48.23
C TRP G 542 -1.09 -24.02 -47.28
N LEU G 543 -1.38 -24.03 -45.99
CA LEU G 543 -0.38 -23.83 -44.95
C LEU G 543 -0.89 -24.32 -43.59
N HIS G 544 -0.07 -25.04 -42.84
CA HIS G 544 -0.51 -25.56 -41.54
C HIS G 544 0.24 -24.95 -40.37
N VAL G 545 -0.51 -24.59 -39.33
CA VAL G 545 0.07 -24.02 -38.13
C VAL G 545 -0.29 -24.89 -36.93
N ASP G 546 0.71 -25.38 -36.20
CA ASP G 546 0.47 -26.24 -35.04
C ASP G 546 0.60 -25.45 -33.74
N ALA G 547 -0.41 -25.55 -32.89
CA ALA G 547 -0.40 -24.71 -31.68
C ALA G 547 0.63 -25.17 -30.66
N ARG G 548 0.72 -26.49 -30.48
CA ARG G 548 1.65 -27.08 -29.52
C ARG G 548 3.07 -26.52 -29.67
N ILE G 549 3.60 -26.52 -30.89
CA ILE G 549 4.98 -26.10 -31.10
C ILE G 549 5.16 -24.86 -32.00
N GLY G 550 4.12 -24.47 -32.72
CA GLY G 550 4.21 -23.27 -33.52
C GLY G 550 4.82 -23.50 -34.89
N LYS G 551 4.87 -24.76 -35.32
CA LYS G 551 5.48 -25.08 -36.61
C LYS G 551 4.61 -24.66 -37.77
N VAL G 552 5.16 -23.86 -38.68
CA VAL G 552 4.42 -23.45 -39.87
C VAL G 552 4.90 -24.25 -41.06
N THR G 553 4.07 -25.18 -41.51
CA THR G 553 4.40 -26.04 -42.65
C THR G 553 3.66 -25.56 -43.88
N ARG G 554 4.36 -25.03 -44.88
CA ARG G 554 3.69 -24.69 -46.13
C ARG G 554 3.29 -25.93 -46.93
N SER G 555 2.62 -25.70 -48.06
CA SER G 555 2.36 -26.79 -48.99
C SER G 555 3.67 -27.23 -49.66
N SER G 556 4.47 -26.26 -50.11
CA SER G 556 5.75 -26.50 -50.79
C SER G 556 6.60 -27.55 -50.05
N ASP G 557 6.58 -27.47 -48.73
CA ASP G 557 7.49 -28.25 -47.88
C ASP G 557 6.99 -29.67 -47.64
N VAL G 558 5.95 -30.07 -48.37
CA VAL G 558 5.46 -31.45 -48.31
C VAL G 558 5.05 -31.93 -49.70
N ASP G 559 4.92 -31.00 -50.64
CA ASP G 559 4.65 -31.35 -52.04
C ASP G 559 5.23 -30.29 -52.98
N PRO G 560 6.28 -30.67 -53.74
CA PRO G 560 7.01 -29.76 -54.62
C PRO G 560 6.24 -29.44 -55.90
N LEU G 561 5.52 -30.44 -56.41
CA LEU G 561 4.68 -30.28 -57.61
C LEU G 561 3.50 -29.40 -57.20
N PRO G 562 3.45 -28.17 -57.75
CA PRO G 562 2.45 -27.17 -57.34
C PRO G 562 1.02 -27.70 -57.50
N ILE G 563 0.07 -26.96 -56.93
CA ILE G 563 -1.30 -27.43 -56.85
C ILE G 563 -2.05 -27.21 -58.17
N ALA G 564 -2.72 -28.27 -58.63
CA ALA G 564 -3.45 -28.23 -59.90
C ALA G 564 -4.75 -27.44 -59.82
N THR G 565 -4.84 -26.44 -60.69
CA THR G 565 -6.05 -25.64 -60.80
C THR G 565 -6.59 -25.65 -62.22
N THR G 566 -7.85 -25.26 -62.36
CA THR G 566 -8.50 -25.17 -63.66
C THR G 566 -7.66 -24.33 -64.62
N PRO G 567 -7.38 -24.90 -65.80
CA PRO G 567 -6.57 -24.24 -66.83
C PRO G 567 -7.37 -23.15 -67.54
N ARG G 568 -6.76 -21.98 -67.72
CA ARG G 568 -7.45 -20.90 -68.41
C ARG G 568 -6.51 -19.97 -69.14
N LYS G 569 -6.98 -19.44 -70.27
CA LYS G 569 -6.24 -18.47 -71.06
C LYS G 569 -6.01 -17.20 -70.26
N PRO G 570 -4.80 -16.64 -70.35
CA PRO G 570 -4.44 -15.42 -69.62
C PRO G 570 -5.39 -14.28 -69.99
N LEU G 571 -5.57 -13.36 -69.07
CA LEU G 571 -6.48 -12.25 -69.26
C LEU G 571 -5.68 -11.08 -69.79
N GLU G 572 -6.12 -10.52 -70.89
CA GLU G 572 -5.49 -9.31 -71.43
C GLU G 572 -6.07 -8.09 -70.72
N VAL G 573 -5.19 -7.16 -70.38
CA VAL G 573 -5.57 -5.99 -69.60
C VAL G 573 -5.14 -4.70 -70.29
N ARG G 574 -6.13 -3.85 -70.57
CA ARG G 574 -5.89 -2.68 -71.39
C ARG G 574 -6.34 -1.40 -70.72
N LEU G 575 -5.40 -0.47 -70.53
CA LEU G 575 -5.70 0.88 -70.05
C LEU G 575 -6.22 1.75 -71.18
N VAL G 576 -7.40 2.33 -71.00
CA VAL G 576 -7.98 3.17 -72.05
C VAL G 576 -8.36 4.57 -71.55
N ASP G 577 -7.60 5.57 -71.98
CA ASP G 577 -7.87 6.94 -71.55
C ASP G 577 -9.24 7.39 -72.01
N VAL G 578 -9.89 8.15 -71.15
CA VAL G 578 -11.23 8.66 -71.40
C VAL G 578 -11.18 10.16 -71.06
N PRO G 579 -11.82 10.99 -71.89
CA PRO G 579 -11.84 12.43 -71.59
C PRO G 579 -12.65 12.76 -70.32
N VAL G 580 -12.24 13.83 -69.64
CA VAL G 580 -12.91 14.28 -68.42
C VAL G 580 -13.77 15.53 -68.66
N LYS G 581 -15.03 15.47 -68.24
CA LYS G 581 -15.94 16.59 -68.39
C LYS G 581 -16.53 17.01 -67.05
N GLU G 582 -16.17 18.21 -66.60
CA GLU G 582 -16.60 18.72 -65.29
C GLU G 582 -16.20 17.79 -64.16
N GLY G 583 -15.00 17.24 -64.24
CA GLY G 583 -14.50 16.39 -63.18
C GLY G 583 -14.77 14.90 -63.33
N ALA G 584 -15.78 14.54 -64.12
CA ALA G 584 -16.17 13.13 -64.32
C ALA G 584 -15.81 12.56 -65.70
N LEU G 585 -15.81 11.24 -65.82
CA LEU G 585 -15.48 10.60 -67.09
C LEU G 585 -16.63 10.66 -68.07
N ASN G 586 -16.37 11.18 -69.26
CA ASN G 586 -17.33 11.10 -70.35
C ASN G 586 -17.09 9.81 -71.09
N ARG G 587 -17.76 8.74 -70.67
CA ARG G 587 -17.51 7.41 -71.22
C ARG G 587 -18.07 7.21 -72.62
N SER G 588 -18.66 8.25 -73.21
CA SER G 588 -19.42 8.12 -74.46
C SER G 588 -18.58 7.72 -75.69
N THR G 589 -17.37 8.26 -75.80
CA THR G 589 -16.49 7.91 -76.91
C THR G 589 -16.03 6.46 -76.81
N VAL G 590 -15.57 6.06 -75.62
CA VAL G 590 -15.01 4.73 -75.43
C VAL G 590 -16.05 3.61 -75.44
N LEU G 591 -17.21 3.85 -74.83
CA LEU G 591 -18.31 2.89 -74.82
C LEU G 591 -18.71 2.45 -76.22
N ALA G 592 -19.11 3.40 -77.05
CA ALA G 592 -19.50 3.15 -78.43
C ALA G 592 -18.46 2.36 -79.22
N LYS G 593 -17.19 2.53 -78.85
CA LYS G 593 -16.06 1.93 -79.56
C LYS G 593 -15.84 0.44 -79.28
N GLU G 594 -16.16 0.00 -78.07
CA GLU G 594 -15.93 -1.40 -77.67
C GLU G 594 -17.22 -2.18 -77.52
N LEU G 595 -18.34 -1.46 -77.44
CA LEU G 595 -19.65 -2.09 -77.45
C LEU G 595 -20.10 -2.23 -78.89
N THR G 596 -19.24 -1.81 -79.82
CA THR G 596 -19.53 -1.93 -81.25
C THR G 596 -19.60 -3.38 -81.72
N PRO G 597 -18.45 -4.12 -81.66
CA PRO G 597 -18.45 -5.48 -82.20
C PRO G 597 -19.50 -6.30 -81.50
N LEU G 598 -19.89 -5.88 -80.30
CA LEU G 598 -21.03 -6.47 -79.63
C LEU G 598 -22.30 -6.38 -80.46
N VAL G 599 -22.86 -5.17 -80.60
CA VAL G 599 -24.22 -4.98 -81.13
C VAL G 599 -24.49 -5.81 -82.38
N LYS G 600 -23.60 -5.71 -83.35
CA LYS G 600 -23.65 -6.56 -84.53
C LYS G 600 -23.66 -8.09 -84.47
N GLN G 601 -22.56 -8.67 -83.99
CA GLN G 601 -22.46 -10.12 -83.83
C GLN G 601 -23.08 -10.66 -82.55
N GLY G 602 -23.22 -9.80 -81.54
CA GLY G 602 -23.80 -10.22 -80.28
C GLY G 602 -22.76 -10.45 -79.20
N GLY G 603 -23.21 -10.98 -78.06
CA GLY G 603 -22.32 -11.26 -76.94
C GLY G 603 -22.77 -10.75 -75.58
N CYS G 604 -21.97 -11.05 -74.57
CA CYS G 604 -22.25 -10.66 -73.19
C CYS G 604 -21.10 -9.83 -72.64
N ALA G 605 -21.37 -8.58 -72.28
CA ALA G 605 -20.32 -7.75 -71.68
C ALA G 605 -20.82 -7.04 -70.44
N ALA G 606 -19.89 -6.70 -69.55
CA ALA G 606 -20.22 -5.97 -68.34
C ALA G 606 -19.37 -4.72 -68.19
N ILE G 607 -20.03 -3.61 -67.87
CA ILE G 607 -19.31 -2.41 -67.53
C ILE G 607 -19.49 -2.19 -66.03
N ILE G 608 -18.38 -1.83 -65.37
CA ILE G 608 -18.38 -1.70 -63.93
C ILE G 608 -17.90 -0.35 -63.50
N CYS G 609 -18.82 0.35 -62.86
CA CYS G 609 -18.55 1.72 -62.47
C CYS G 609 -18.23 1.81 -60.98
N THR G 610 -17.67 2.95 -60.59
CA THR G 610 -17.22 3.13 -59.22
C THR G 610 -18.37 3.46 -58.28
N THR G 611 -19.23 4.38 -58.67
CA THR G 611 -20.32 4.80 -57.82
C THR G 611 -21.66 4.46 -58.44
N VAL G 612 -22.73 4.67 -57.68
CA VAL G 612 -24.06 4.31 -58.13
C VAL G 612 -24.54 5.32 -59.16
N ALA G 613 -24.28 6.60 -58.89
CA ALA G 613 -24.67 7.68 -59.80
C ALA G 613 -24.00 7.52 -61.17
N GLU G 614 -22.71 7.20 -61.18
CA GLU G 614 -21.96 6.94 -62.41
C GLU G 614 -22.52 5.76 -63.16
N ALA G 615 -22.95 4.74 -62.43
CA ALA G 615 -23.47 3.54 -63.05
C ALA G 615 -24.86 3.79 -63.62
N GLN G 616 -25.62 4.64 -62.94
CA GLN G 616 -26.94 5.02 -63.44
C GLN G 616 -26.77 5.79 -64.76
N GLY G 617 -25.88 6.77 -64.77
CA GLY G 617 -25.61 7.57 -65.94
C GLY G 617 -25.16 6.76 -67.13
N VAL G 618 -24.25 5.80 -66.90
CA VAL G 618 -23.81 4.98 -68.02
C VAL G 618 -24.95 4.11 -68.56
N TYR G 619 -25.87 3.71 -67.70
CA TYR G 619 -27.07 3.04 -68.15
C TYR G 619 -27.94 3.97 -69.02
N ASP G 620 -28.20 5.18 -68.51
CA ASP G 620 -28.99 6.19 -69.24
C ASP G 620 -28.45 6.40 -70.64
N LEU G 621 -27.13 6.48 -70.77
CA LEU G 621 -26.52 6.58 -72.09
C LEU G 621 -26.98 5.42 -72.95
N LEU G 622 -26.74 4.20 -72.49
CA LEU G 622 -26.98 3.02 -73.32
C LEU G 622 -28.47 2.78 -73.50
N SER G 623 -29.26 3.30 -72.58
CA SER G 623 -30.71 3.25 -72.72
C SER G 623 -31.12 4.07 -73.93
N GLN G 624 -30.48 5.23 -74.10
CA GLN G 624 -30.77 6.13 -75.22
C GLN G 624 -30.24 5.56 -76.53
N TRP G 625 -28.98 5.27 -76.52
CA TRP G 625 -28.31 4.78 -77.69
C TRP G 625 -28.98 3.54 -78.22
N PHE G 626 -30.07 3.14 -77.61
CA PHE G 626 -30.62 1.85 -77.93
C PHE G 626 -31.95 1.83 -78.63
N ALA G 627 -32.72 2.89 -78.53
CA ALA G 627 -33.99 2.98 -79.26
C ALA G 627 -33.72 3.06 -80.74
N THR G 628 -32.47 3.33 -81.07
CA THR G 628 -32.01 3.20 -82.39
C THR G 628 -31.84 1.70 -82.41
N LEU G 629 -32.97 1.02 -82.38
CA LEU G 629 -33.11 -0.36 -81.92
C LEU G 629 -32.83 -1.45 -82.92
N GLY G 630 -33.35 -2.65 -82.66
CA GLY G 630 -33.20 -3.78 -83.55
C GLY G 630 -32.02 -4.64 -83.17
N ALA G 633 -32.74 -6.21 -78.27
CA ALA G 633 -31.61 -6.38 -79.19
C ALA G 633 -30.80 -5.08 -79.37
N PRO G 634 -29.78 -4.88 -78.52
CA PRO G 634 -29.35 -5.76 -77.43
C PRO G 634 -30.05 -5.43 -76.12
N ASP G 635 -29.82 -6.24 -75.10
CA ASP G 635 -30.48 -6.04 -73.82
C ASP G 635 -29.59 -5.38 -72.77
N LEU G 636 -30.20 -4.50 -71.98
CA LEU G 636 -29.50 -3.70 -70.98
C LEU G 636 -30.02 -4.00 -69.59
N TYR G 637 -29.11 -4.29 -68.68
CA TYR G 637 -29.45 -4.52 -67.27
C TYR G 637 -28.68 -3.59 -66.33
N LEU G 638 -29.30 -3.33 -65.17
CA LEU G 638 -28.70 -2.46 -64.15
C LEU G 638 -28.74 -3.08 -62.76
N LEU G 639 -27.58 -3.10 -62.12
CA LEU G 639 -27.48 -3.68 -60.78
C LEU G 639 -26.57 -2.90 -59.85
N HIS G 640 -27.11 -2.55 -58.69
CA HIS G 640 -26.34 -1.96 -57.61
C HIS G 640 -27.13 -2.13 -56.30
N SER G 641 -26.69 -1.46 -55.24
CA SER G 641 -27.23 -1.69 -53.91
C SER G 641 -28.55 -0.96 -53.62
N ARG G 642 -28.91 0.00 -54.48
CA ARG G 642 -30.07 0.85 -54.19
C ARG G 642 -31.35 0.46 -54.93
N PHE G 643 -31.82 -0.75 -54.69
CA PHE G 643 -33.10 -1.24 -55.17
C PHE G 643 -33.72 -1.89 -53.98
N PRO G 644 -35.12 -1.95 -53.95
CA PRO G 644 -35.66 -2.67 -52.81
C PRO G 644 -35.30 -4.12 -52.93
N ASN G 645 -35.29 -4.89 -51.85
CA ASN G 645 -34.67 -6.19 -51.93
C ASN G 645 -35.27 -7.09 -52.92
N ARG G 646 -36.56 -7.34 -52.80
CA ARG G 646 -37.27 -8.13 -53.80
C ARG G 646 -36.90 -7.81 -55.23
N GLN G 647 -36.81 -6.52 -55.56
CA GLN G 647 -36.45 -6.16 -56.92
C GLN G 647 -35.03 -6.55 -57.23
N ARG G 648 -34.13 -6.36 -56.26
CA ARG G 648 -32.73 -6.67 -56.48
C ARG G 648 -32.57 -8.16 -56.66
N THR G 649 -33.20 -8.93 -55.77
CA THR G 649 -33.09 -10.37 -55.83
C THR G 649 -33.64 -10.86 -57.18
N GLU G 650 -34.72 -10.24 -57.63
CA GLU G 650 -35.30 -10.51 -58.95
C GLU G 650 -34.34 -10.13 -60.09
N ILE G 651 -33.70 -8.96 -59.99
CA ILE G 651 -32.77 -8.53 -61.02
C ILE G 651 -31.57 -9.47 -61.05
N THR G 652 -31.16 -9.89 -59.86
CA THR G 652 -29.99 -10.75 -59.73
C THR G 652 -30.32 -12.13 -60.28
N ALA G 653 -31.53 -12.61 -60.02
CA ALA G 653 -31.96 -13.90 -60.54
C ALA G 653 -31.84 -13.91 -62.04
N THR G 654 -32.68 -13.11 -62.69
CA THR G 654 -32.73 -13.08 -64.15
C THR G 654 -31.38 -12.81 -64.82
N ILE G 655 -30.40 -12.32 -64.06
CA ILE G 655 -29.08 -11.94 -64.59
C ILE G 655 -28.06 -13.09 -64.58
N VAL G 656 -28.05 -13.86 -63.48
CA VAL G 656 -27.20 -15.04 -63.35
C VAL G 656 -27.81 -16.08 -64.27
N ASP G 657 -29.12 -15.99 -64.41
CA ASP G 657 -29.85 -16.85 -65.32
C ASP G 657 -29.38 -16.76 -66.78
N LEU G 658 -28.88 -15.59 -67.19
CA LEU G 658 -28.48 -15.37 -68.58
C LEU G 658 -26.99 -15.51 -68.81
N PHE G 659 -26.20 -15.17 -67.79
CA PHE G 659 -24.75 -15.08 -67.93
C PHE G 659 -24.10 -16.22 -67.15
N GLY G 660 -24.91 -17.03 -66.47
CA GLY G 660 -24.42 -18.07 -65.59
C GLY G 660 -24.26 -19.44 -66.20
N LYS G 661 -23.80 -20.39 -65.39
CA LYS G 661 -23.49 -21.73 -65.88
C LYS G 661 -24.74 -22.54 -66.24
N GLU G 662 -25.76 -22.52 -65.40
CA GLU G 662 -27.02 -23.21 -65.72
C GLU G 662 -27.69 -22.60 -66.95
N GLY G 663 -27.57 -21.29 -67.07
CA GLY G 663 -28.03 -20.58 -68.26
C GLY G 663 -27.38 -21.09 -69.54
N ALA G 664 -26.06 -21.21 -69.53
CA ALA G 664 -25.34 -21.74 -70.68
C ALA G 664 -25.64 -23.21 -70.86
N GLN G 665 -25.98 -23.89 -69.76
CA GLN G 665 -26.30 -25.31 -69.82
C GLN G 665 -27.70 -25.54 -70.36
N SER G 666 -28.67 -24.78 -69.90
CA SER G 666 -30.03 -24.94 -70.40
C SER G 666 -30.28 -24.03 -71.59
N GLY G 667 -29.23 -23.70 -72.35
CA GLY G 667 -29.35 -22.98 -73.60
C GLY G 667 -29.79 -21.52 -73.56
N ARG G 668 -30.26 -21.04 -72.42
CA ARG G 668 -30.92 -19.74 -72.33
C ARG G 668 -29.98 -18.53 -72.29
N ARG G 669 -28.70 -18.75 -72.57
CA ARG G 669 -27.73 -17.68 -72.75
C ARG G 669 -28.18 -16.79 -73.92
N PRO G 670 -28.06 -15.46 -73.78
CA PRO G 670 -28.64 -14.60 -74.83
C PRO G 670 -27.82 -14.63 -76.11
N THR G 671 -28.49 -14.94 -77.21
CA THR G 671 -27.82 -15.05 -78.49
C THR G 671 -27.43 -13.65 -78.96
N ARG G 672 -28.35 -12.71 -78.85
CA ARG G 672 -28.07 -11.37 -79.26
C ARG G 672 -27.03 -10.80 -78.37
N GLY G 673 -26.72 -9.55 -78.57
CA GLY G 673 -25.90 -8.81 -77.63
C GLY G 673 -26.60 -8.61 -76.30
N ALA G 674 -25.84 -8.64 -75.21
CA ALA G 674 -26.39 -8.46 -73.87
C ALA G 674 -25.40 -7.72 -72.97
N VAL G 675 -25.80 -6.55 -72.49
CA VAL G 675 -24.93 -5.71 -71.67
C VAL G 675 -25.50 -5.47 -70.28
N LEU G 676 -24.67 -5.70 -69.26
CA LEU G 676 -25.05 -5.38 -67.88
C LEU G 676 -24.22 -4.21 -67.32
N VAL G 677 -24.91 -3.38 -66.54
CA VAL G 677 -24.28 -2.29 -65.85
C VAL G 677 -24.25 -2.58 -64.37
N ALA G 678 -23.09 -2.37 -63.75
CA ALA G 678 -23.00 -2.53 -62.32
C ALA G 678 -21.91 -1.73 -61.60
N THR G 679 -22.15 -1.60 -60.30
CA THR G 679 -21.26 -1.08 -59.30
C THR G 679 -20.54 -2.29 -58.76
N GLN G 680 -19.99 -2.19 -57.57
CA GLN G 680 -19.21 -3.23 -56.97
C GLN G 680 -20.01 -4.42 -56.54
N VAL G 681 -21.31 -4.36 -56.64
CA VAL G 681 -22.15 -5.50 -56.29
C VAL G 681 -21.69 -6.73 -57.06
N VAL G 682 -20.96 -6.50 -58.13
CA VAL G 682 -20.45 -7.56 -59.00
C VAL G 682 -19.30 -8.37 -58.36
N GLU G 683 -18.79 -7.89 -57.22
CA GLU G 683 -17.65 -8.53 -56.57
C GLU G 683 -17.99 -9.69 -55.63
N GLN G 684 -19.28 -9.94 -55.39
CA GLN G 684 -19.69 -10.88 -54.39
C GLN G 684 -20.57 -11.95 -54.93
N SER G 685 -20.01 -13.15 -55.02
CA SER G 685 -20.77 -14.38 -55.25
C SER G 685 -21.95 -14.21 -56.20
N LEU G 686 -21.64 -13.91 -57.46
CA LEU G 686 -22.63 -13.94 -58.53
C LEU G 686 -22.08 -14.83 -59.63
N ASP G 687 -22.84 -15.87 -60.00
CA ASP G 687 -22.41 -16.75 -61.06
C ASP G 687 -22.60 -16.06 -62.39
N LEU G 688 -21.54 -15.39 -62.86
CA LEU G 688 -21.62 -14.64 -64.09
C LEU G 688 -20.41 -14.92 -64.98
N ASP G 689 -20.66 -15.44 -66.18
CA ASP G 689 -19.62 -15.42 -67.21
C ASP G 689 -19.95 -14.45 -68.33
N VAL G 690 -19.01 -13.54 -68.58
CA VAL G 690 -19.16 -12.56 -69.64
C VAL G 690 -18.02 -12.70 -70.64
N ASP G 691 -18.26 -12.18 -71.84
CA ASP G 691 -17.33 -12.33 -72.95
C ASP G 691 -16.37 -11.14 -73.00
N LEU G 692 -16.73 -10.07 -72.29
CA LEU G 692 -15.91 -8.88 -72.21
C LEU G 692 -16.22 -8.08 -70.94
N MET G 693 -15.17 -7.59 -70.28
CA MET G 693 -15.36 -6.73 -69.12
C MET G 693 -14.66 -5.39 -69.26
N ILE G 694 -15.43 -4.33 -69.06
CA ILE G 694 -14.93 -2.97 -69.00
C ILE G 694 -15.20 -2.44 -67.61
N SER G 695 -14.19 -1.86 -66.98
CA SER G 695 -14.35 -1.32 -65.64
C SER G 695 -13.50 -0.09 -65.38
N ASP G 696 -13.97 0.75 -64.45
CA ASP G 696 -13.18 1.87 -63.96
C ASP G 696 -11.94 1.29 -63.29
N LEU G 697 -10.96 2.16 -63.04
CA LEU G 697 -9.84 1.74 -62.22
C LEU G 697 -10.33 1.37 -60.81
N ALA G 698 -9.54 0.51 -60.15
CA ALA G 698 -9.82 0.04 -58.80
C ALA G 698 -8.54 -0.63 -58.29
N PRO G 699 -8.43 -0.87 -56.97
CA PRO G 699 -7.25 -1.60 -56.47
C PRO G 699 -7.07 -2.93 -57.22
N VAL G 700 -5.83 -3.30 -57.54
CA VAL G 700 -5.62 -4.49 -58.37
C VAL G 700 -6.32 -5.73 -57.81
N SER G 701 -6.38 -5.84 -56.49
CA SER G 701 -7.05 -6.96 -55.86
C SER G 701 -8.52 -6.97 -56.25
N LEU G 702 -9.14 -5.80 -56.25
CA LEU G 702 -10.54 -5.70 -56.64
C LEU G 702 -10.70 -5.84 -58.15
N LEU G 703 -9.71 -5.32 -58.88
CA LEU G 703 -9.67 -5.43 -60.33
C LEU G 703 -9.57 -6.88 -60.77
N LEU G 704 -8.65 -7.62 -60.15
CA LEU G 704 -8.46 -9.04 -60.42
C LEU G 704 -9.68 -9.90 -60.09
N GLN G 705 -10.52 -9.41 -59.19
CA GLN G 705 -11.62 -10.22 -58.72
C GLN G 705 -12.82 -9.96 -59.58
N ARG G 706 -13.00 -8.70 -59.96
CA ARG G 706 -14.00 -8.29 -60.95
C ARG G 706 -13.79 -9.06 -62.25
N ALA G 707 -12.55 -9.07 -62.73
CA ALA G 707 -12.20 -9.75 -63.98
C ALA G 707 -12.00 -11.27 -63.80
N GLY G 708 -12.81 -11.87 -62.94
CA GLY G 708 -12.80 -13.31 -62.77
C GLY G 708 -14.11 -13.86 -63.29
N ARG G 709 -15.00 -12.94 -63.65
CA ARG G 709 -16.27 -13.26 -64.27
C ARG G 709 -16.07 -13.33 -65.80
N CYS G 710 -14.98 -12.72 -66.26
CA CYS G 710 -14.65 -12.72 -67.68
C CYS G 710 -14.19 -14.10 -68.13
N TRP G 711 -14.99 -14.77 -68.95
CA TRP G 711 -14.71 -16.12 -69.48
C TRP G 711 -14.58 -17.15 -68.38
N ARG G 712 -15.44 -17.01 -67.38
CA ARG G 712 -15.37 -17.84 -66.20
C ARG G 712 -15.55 -19.34 -66.49
N HIS G 713 -16.60 -19.68 -67.24
CA HIS G 713 -16.95 -21.07 -67.49
C HIS G 713 -16.53 -21.59 -68.86
N GLU G 714 -15.42 -21.04 -69.38
CA GLU G 714 -14.88 -21.45 -70.67
C GLU G 714 -14.42 -22.90 -70.67
N HIS G 715 -13.93 -23.34 -69.52
CA HIS G 715 -13.43 -24.70 -69.33
C HIS G 715 -14.44 -25.76 -69.76
N LEU G 716 -15.70 -25.51 -69.42
CA LEU G 716 -16.75 -26.49 -69.58
C LEU G 716 -17.18 -26.61 -71.05
N GLY G 717 -16.57 -25.80 -71.90
CA GLY G 717 -16.82 -25.80 -73.33
C GLY G 717 -18.30 -25.78 -73.69
N ILE G 718 -19.07 -25.01 -72.93
CA ILE G 718 -20.51 -25.07 -72.96
C ILE G 718 -21.10 -23.70 -73.25
N ILE G 719 -20.22 -22.72 -73.46
CA ILE G 719 -20.66 -21.41 -73.89
C ILE G 719 -19.95 -21.07 -75.19
N ASN G 720 -20.74 -20.51 -76.11
CA ASN G 720 -20.25 -20.14 -77.43
C ASN G 720 -19.98 -18.65 -77.48
N ARG G 721 -18.78 -18.29 -77.93
CA ARG G 721 -18.39 -16.88 -77.91
C ARG G 721 -18.52 -16.27 -79.29
N PRO G 722 -18.74 -14.95 -79.33
CA PRO G 722 -18.75 -14.20 -80.58
C PRO G 722 -17.42 -14.35 -81.34
N GLN G 723 -17.36 -13.79 -82.54
CA GLN G 723 -16.14 -13.82 -83.33
C GLN G 723 -15.15 -12.78 -82.81
N TRP G 724 -15.69 -11.68 -82.29
CA TRP G 724 -14.86 -10.60 -81.75
C TRP G 724 -14.32 -10.91 -80.36
N ALA G 725 -15.05 -11.75 -79.63
CA ALA G 725 -14.62 -12.21 -78.32
C ALA G 725 -13.45 -13.17 -78.49
N LYS G 726 -12.29 -12.62 -78.86
CA LYS G 726 -11.15 -13.46 -79.21
C LYS G 726 -10.35 -13.93 -78.00
N GLN G 727 -10.30 -13.12 -76.94
CA GLN G 727 -9.74 -13.53 -75.64
C GLN G 727 -10.57 -13.00 -74.48
N PRO G 728 -10.32 -13.53 -73.27
CA PRO G 728 -10.84 -12.87 -72.07
C PRO G 728 -10.09 -11.56 -71.86
N GLU G 729 -10.76 -10.44 -72.10
CA GLU G 729 -10.09 -9.15 -72.02
C GLU G 729 -10.78 -8.23 -71.03
N LEU G 730 -9.97 -7.62 -70.18
CA LEU G 730 -10.45 -6.62 -69.24
C LEU G 730 -10.00 -5.24 -69.70
N VAL G 731 -10.98 -4.36 -69.93
CA VAL G 731 -10.68 -2.99 -70.30
C VAL G 731 -10.75 -2.10 -69.07
N VAL G 732 -9.67 -1.39 -68.81
CA VAL G 732 -9.56 -0.52 -67.66
C VAL G 732 -9.85 0.92 -68.07
N LEU G 733 -10.70 1.62 -67.32
CA LEU G 733 -10.98 3.01 -67.64
C LEU G 733 -10.19 3.96 -66.75
N THR G 734 -9.32 4.75 -67.34
CA THR G 734 -8.58 5.78 -66.62
C THR G 734 -8.76 7.16 -67.25
N PRO G 735 -8.85 8.21 -66.43
CA PRO G 735 -8.92 9.58 -66.97
C PRO G 735 -7.60 9.98 -67.61
N GLU G 736 -7.68 10.79 -68.65
CA GLU G 736 -6.47 11.30 -69.29
C GLU G 736 -5.88 12.46 -68.50
N GLN G 737 -4.57 12.56 -68.49
CA GLN G 737 -3.88 13.56 -67.67
C GLN G 737 -3.68 14.90 -68.38
N ASN G 738 -3.00 15.80 -67.68
CA ASN G 738 -2.76 17.15 -68.19
C ASN G 738 -1.68 17.85 -67.39
N ARG G 743 3.60 15.52 -60.86
CA ARG G 743 3.19 14.82 -62.06
C ARG G 743 2.76 13.37 -61.79
N ALA G 744 1.85 13.21 -60.84
CA ALA G 744 1.32 11.91 -60.48
C ALA G 744 -0.14 11.88 -60.88
N PRO G 745 -0.64 10.70 -61.29
CA PRO G 745 -1.99 10.51 -61.84
C PRO G 745 -3.09 11.19 -61.03
N TRP G 746 -4.21 11.46 -61.70
CA TRP G 746 -5.32 12.18 -61.08
C TRP G 746 -6.58 11.37 -61.33
N PHE G 747 -7.54 11.44 -60.41
CA PHE G 747 -8.80 10.68 -60.52
C PHE G 747 -10.01 11.50 -60.06
N PRO G 748 -11.21 11.13 -60.48
CA PRO G 748 -12.42 11.87 -60.06
C PRO G 748 -12.65 11.83 -58.55
N ARG G 749 -13.13 12.93 -57.98
CA ARG G 749 -13.41 13.02 -56.55
C ARG G 749 -14.40 11.93 -56.10
N SER G 750 -15.31 11.55 -56.98
CA SER G 750 -16.23 10.46 -56.67
C SER G 750 -15.55 9.08 -56.65
N TRP G 751 -14.32 9.01 -57.15
CA TRP G 751 -13.55 7.78 -57.11
C TRP G 751 -12.73 7.79 -55.83
N THR G 752 -12.09 8.93 -55.59
CA THR G 752 -11.22 9.12 -54.44
C THR G 752 -12.03 9.18 -53.15
N SER G 753 -13.34 9.08 -53.27
CA SER G 753 -14.21 9.01 -52.10
C SER G 753 -14.46 7.57 -51.66
N VAL G 754 -14.30 6.61 -52.56
CA VAL G 754 -14.49 5.22 -52.17
C VAL G 754 -13.16 4.44 -52.09
N TYR G 755 -12.22 4.75 -52.98
CA TYR G 755 -10.88 4.19 -52.83
C TYR G 755 -9.84 5.27 -52.57
N PRO G 756 -8.86 4.95 -51.73
CA PRO G 756 -7.70 5.82 -51.53
C PRO G 756 -7.02 6.19 -52.86
N LEU G 757 -7.01 7.50 -53.16
CA LEU G 757 -6.28 8.03 -54.32
C LEU G 757 -4.95 7.32 -54.52
N ALA G 758 -4.10 7.32 -53.50
CA ALA G 758 -2.81 6.63 -53.57
C ALA G 758 -2.93 5.17 -54.06
N LEU G 759 -3.96 4.47 -53.61
CA LEU G 759 -4.15 3.08 -54.04
C LEU G 759 -4.54 3.05 -55.50
N LEU G 760 -5.26 4.07 -55.95
CA LEU G 760 -5.64 4.15 -57.36
C LEU G 760 -4.38 4.39 -58.19
N GLN G 761 -3.64 5.42 -57.81
CA GLN G 761 -2.43 5.80 -58.52
C GLN G 761 -1.44 4.64 -58.63
N ARG G 762 -1.30 3.89 -57.54
CA ARG G 762 -0.35 2.79 -57.49
C ARG G 762 -0.74 1.66 -58.43
N THR G 763 -2.05 1.48 -58.62
CA THR G 763 -2.56 0.45 -59.50
C THR G 763 -2.41 0.87 -60.95
N TYR G 764 -2.76 2.11 -61.24
CA TYR G 764 -2.53 2.69 -62.57
C TYR G 764 -1.08 2.51 -62.98
N THR G 765 -0.17 2.91 -62.09
CA THR G 765 1.26 2.76 -62.34
C THR G 765 1.65 1.30 -62.56
N LEU G 766 1.23 0.41 -61.67
CA LEU G 766 1.53 -1.02 -61.82
C LEU G 766 1.07 -1.62 -63.16
N LEU G 767 -0.01 -1.09 -63.71
CA LEU G 767 -0.55 -1.64 -64.94
C LEU G 767 0.11 -1.02 -66.17
N ARG G 768 0.33 0.29 -66.12
CA ARG G 768 1.09 0.99 -67.15
C ARG G 768 2.48 0.35 -67.33
N ARG G 769 3.07 -0.10 -66.22
CA ARG G 769 4.40 -0.70 -66.24
C ARG G 769 4.44 -2.04 -66.98
N ARG G 770 3.30 -2.69 -67.10
CA ARG G 770 3.24 -4.00 -67.76
C ARG G 770 3.25 -3.89 -69.28
N ASN G 771 2.91 -2.71 -69.80
CA ASN G 771 2.84 -2.48 -71.24
C ASN G 771 1.86 -3.40 -71.97
N GLY G 772 0.61 -3.42 -71.52
CA GLY G 772 -0.40 -4.26 -72.13
C GLY G 772 -0.19 -5.76 -72.03
N ALA G 773 0.98 -6.17 -71.51
CA ALA G 773 1.25 -7.60 -71.31
C ALA G 773 0.10 -8.21 -70.51
N PRO G 774 -0.43 -9.34 -71.00
CA PRO G 774 -1.57 -9.97 -70.34
C PRO G 774 -1.13 -10.60 -69.03
N VAL G 775 -2.10 -10.92 -68.18
CA VAL G 775 -1.83 -11.44 -66.85
C VAL G 775 -2.22 -12.90 -66.70
N GLN G 776 -1.25 -13.72 -66.35
CA GLN G 776 -1.48 -15.15 -66.29
C GLN G 776 -2.09 -15.57 -64.98
N ILE G 777 -3.10 -16.43 -65.05
CA ILE G 777 -3.87 -16.81 -63.89
C ILE G 777 -3.65 -18.29 -63.57
N PRO G 778 -3.24 -18.60 -62.33
CA PRO G 778 -2.95 -17.63 -61.27
C PRO G 778 -1.47 -17.39 -61.02
N GLU G 779 -0.63 -17.48 -62.05
CA GLU G 779 0.82 -17.38 -61.83
C GLU G 779 1.29 -15.98 -61.51
N ASP G 780 0.52 -14.97 -61.93
CA ASP G 780 0.93 -13.58 -61.75
C ASP G 780 0.10 -12.79 -60.71
N VAL G 781 -1.00 -13.38 -60.25
CA VAL G 781 -1.95 -12.70 -59.38
C VAL G 781 -1.36 -12.32 -58.04
N GLN G 782 -0.69 -13.28 -57.39
CA GLN G 782 -0.18 -13.09 -56.04
C GLN G 782 0.79 -11.91 -55.93
N GLN G 783 1.67 -11.75 -56.92
CA GLN G 783 2.66 -10.67 -56.89
C GLN G 783 2.01 -9.30 -57.09
N LEU G 784 1.05 -9.21 -58.02
CA LEU G 784 0.35 -7.95 -58.26
C LEU G 784 -0.32 -7.53 -56.97
N VAL G 785 -1.01 -8.47 -56.31
CA VAL G 785 -1.64 -8.21 -55.01
C VAL G 785 -0.64 -7.66 -53.97
N ASP G 786 0.56 -8.23 -53.93
CA ASP G 786 1.62 -7.79 -53.02
C ASP G 786 2.30 -6.52 -53.49
N ASP G 787 2.79 -6.55 -54.73
CA ASP G 787 3.63 -5.47 -55.26
C ASP G 787 2.96 -4.10 -55.13
N VAL G 788 1.65 -4.06 -55.35
CA VAL G 788 0.89 -2.80 -55.33
C VAL G 788 1.08 -2.02 -54.02
N TYR G 789 1.24 -2.75 -52.93
CA TYR G 789 1.48 -2.14 -51.64
C TYR G 789 2.99 -2.06 -51.41
N ASP G 790 3.65 -3.20 -51.61
CA ASP G 790 5.05 -3.36 -51.23
C ASP G 790 6.06 -2.55 -52.04
N ASP G 791 5.71 -2.18 -53.25
CA ASP G 791 6.67 -1.47 -54.10
C ASP G 791 6.52 0.05 -53.98
N ASP G 792 7.44 0.67 -53.24
CA ASP G 792 7.41 2.12 -53.02
C ASP G 792 7.42 2.95 -54.32
N SER G 793 8.03 2.41 -55.36
CA SER G 793 8.18 3.13 -56.61
C SER G 793 6.84 3.38 -57.28
N LEU G 794 5.82 2.64 -56.87
CA LEU G 794 4.48 2.72 -57.47
C LEU G 794 3.70 3.97 -57.05
N ALA G 795 4.16 4.62 -55.99
CA ALA G 795 3.47 5.77 -55.44
C ALA G 795 4.29 7.05 -55.59
N GLU G 796 3.96 7.82 -56.62
CA GLU G 796 4.72 9.02 -56.95
C GLU G 796 4.16 10.26 -56.25
N ASP G 797 2.90 10.17 -55.82
CA ASP G 797 2.32 11.19 -54.95
C ASP G 797 2.54 10.79 -53.50
N LEU G 798 3.66 11.21 -52.93
CA LEU G 798 4.06 10.81 -51.57
C LEU G 798 3.13 11.31 -50.49
N GLU G 799 2.48 12.45 -50.76
CA GLU G 799 1.48 12.97 -49.84
C GLU G 799 0.26 12.07 -49.75
N ALA G 800 -0.32 11.77 -50.90
CA ALA G 800 -1.52 10.94 -50.98
C ALA G 800 -1.29 9.58 -50.35
N ASP G 801 -0.06 9.09 -50.43
CA ASP G 801 0.22 7.75 -49.95
C ASP G 801 0.39 7.75 -48.44
N MET G 802 0.93 8.84 -47.92
CA MET G 802 1.06 9.02 -46.48
C MET G 802 -0.32 9.09 -45.86
N GLU G 803 -1.23 9.83 -46.50
CA GLU G 803 -2.59 9.98 -46.02
C GLU G 803 -3.31 8.64 -46.06
N ARG G 804 -2.94 7.81 -47.04
CA ARG G 804 -3.59 6.53 -47.20
C ARG G 804 -3.23 5.67 -46.02
N MET G 805 -2.01 5.88 -45.54
CA MET G 805 -1.46 5.10 -44.47
C MET G 805 -2.04 5.61 -43.18
N GLY G 806 -2.23 6.92 -43.11
CA GLY G 806 -2.87 7.53 -41.96
C GLY G 806 -4.27 7.01 -41.71
N GLU G 807 -5.09 6.97 -42.76
CA GLU G 807 -6.44 6.45 -42.68
C GLU G 807 -6.46 5.02 -42.17
N GLU G 808 -5.59 4.19 -42.72
CA GLU G 808 -5.51 2.79 -42.33
C GLU G 808 -5.14 2.72 -40.86
N LEU G 809 -4.28 3.65 -40.45
CA LEU G 809 -3.87 3.76 -39.05
C LEU G 809 -5.07 4.12 -38.16
N ALA G 810 -5.85 5.08 -38.63
CA ALA G 810 -7.09 5.49 -37.99
C ALA G 810 -8.06 4.30 -37.84
N GLN G 811 -8.18 3.49 -38.88
CA GLN G 811 -9.09 2.35 -38.85
C GLN G 811 -8.64 1.35 -37.83
N ARG G 812 -7.38 0.95 -37.88
CA ARG G 812 -6.91 -0.09 -36.98
C ARG G 812 -6.94 0.37 -35.51
N GLY G 813 -6.87 1.68 -35.31
CA GLY G 813 -6.87 2.26 -33.97
C GLY G 813 -8.24 2.26 -33.34
N LEU G 814 -9.27 2.51 -34.15
CA LEU G 814 -10.64 2.55 -33.67
C LEU G 814 -11.02 1.17 -33.20
N ALA G 815 -10.48 0.17 -33.89
CA ALA G 815 -10.78 -1.22 -33.62
C ALA G 815 -10.11 -1.66 -32.33
N ARG G 816 -8.85 -1.25 -32.14
CA ARG G 816 -8.15 -1.57 -30.92
C ARG G 816 -8.94 -1.04 -29.73
N ASN G 817 -9.54 0.12 -29.91
CA ASN G 817 -10.31 0.72 -28.83
C ASN G 817 -11.61 -0.01 -28.55
N ALA G 818 -12.01 -0.88 -29.48
CA ALA G 818 -13.29 -1.57 -29.37
C ALA G 818 -13.16 -3.02 -28.86
N VAL G 819 -11.99 -3.61 -29.04
CA VAL G 819 -11.80 -5.01 -28.70
C VAL G 819 -11.49 -5.20 -27.23
N ILE G 820 -11.86 -6.40 -26.74
CA ILE G 820 -11.56 -6.85 -25.41
C ILE G 820 -10.05 -6.98 -25.28
N PRO G 821 -9.55 -7.09 -24.03
CA PRO G 821 -8.11 -7.28 -23.80
C PRO G 821 -7.51 -8.54 -24.48
N ASP G 822 -6.24 -8.50 -24.85
CA ASP G 822 -5.54 -9.73 -25.22
C ASP G 822 -5.67 -10.72 -24.05
N PRO G 823 -5.53 -12.03 -24.31
CA PRO G 823 -5.75 -13.01 -23.24
C PRO G 823 -4.77 -12.85 -22.09
N ASP G 824 -3.53 -12.48 -22.39
CA ASP G 824 -2.52 -12.27 -21.35
C ASP G 824 -2.90 -11.14 -20.37
N ASP G 825 -3.52 -10.07 -20.85
CA ASP G 825 -4.01 -9.03 -19.96
C ASP G 825 -5.31 -9.32 -19.22
N ALA G 826 -5.96 -10.43 -19.53
CA ALA G 826 -7.18 -10.77 -18.82
C ALA G 826 -6.92 -12.00 -17.97
N GLU G 827 -5.64 -12.26 -17.70
CA GLU G 827 -5.20 -13.42 -16.92
C GLU G 827 -5.89 -13.56 -15.56
N ASP G 828 -5.96 -12.46 -14.82
CA ASP G 828 -6.53 -12.49 -13.48
C ASP G 828 -7.66 -11.50 -13.27
N ASN G 829 -8.03 -10.78 -14.33
CA ASN G 829 -9.09 -9.78 -14.24
C ASN G 829 -10.02 -9.82 -15.44
N LEU G 830 -11.28 -10.16 -15.21
CA LEU G 830 -12.24 -10.21 -16.31
C LEU G 830 -12.88 -8.86 -16.62
N ASN G 831 -12.59 -7.85 -15.82
CA ASN G 831 -13.33 -6.59 -15.91
C ASN G 831 -13.19 -5.86 -17.23
N GLY G 832 -12.05 -6.00 -17.91
CA GLY G 832 -11.86 -5.29 -19.16
C GLY G 832 -12.66 -5.85 -20.32
N LEU G 833 -13.14 -7.07 -20.15
CA LEU G 833 -13.94 -7.75 -21.15
C LEU G 833 -15.25 -7.03 -21.47
N THR G 834 -15.88 -6.44 -20.45
CA THR G 834 -17.13 -5.74 -20.63
C THR G 834 -17.08 -4.29 -20.21
N GLU G 835 -15.93 -3.66 -20.30
CA GLU G 835 -15.84 -2.27 -19.85
C GLU G 835 -15.95 -1.32 -21.01
N PHE G 836 -16.79 -0.28 -20.86
CA PHE G 836 -16.84 0.81 -21.85
C PHE G 836 -17.57 2.00 -21.29
N SER G 837 -17.21 3.20 -21.74
CA SER G 837 -17.82 4.42 -21.22
C SER G 837 -17.66 5.59 -22.20
N VAL G 844 -23.20 1.48 -28.77
CA VAL G 844 -23.13 0.15 -29.40
C VAL G 844 -21.98 0.03 -30.40
N LEU G 845 -21.02 -0.84 -30.07
CA LEU G 845 -19.81 -0.98 -30.89
C LEU G 845 -20.02 -1.75 -32.18
N ALA G 846 -19.36 -1.28 -33.24
CA ALA G 846 -19.54 -1.84 -34.57
C ALA G 846 -18.54 -2.93 -34.96
N THR G 847 -19.02 -3.91 -35.72
CA THR G 847 -18.15 -4.92 -36.25
C THR G 847 -17.52 -4.42 -37.53
N ARG G 848 -17.97 -3.24 -37.98
CA ARG G 848 -17.49 -2.66 -39.23
C ARG G 848 -17.28 -1.16 -39.15
N PHE G 849 -16.22 -0.72 -39.80
CA PHE G 849 -15.89 0.70 -39.87
C PHE G 849 -16.82 1.45 -40.84
N GLY G 850 -17.15 2.69 -40.51
CA GLY G 850 -17.92 3.51 -41.41
C GLY G 850 -19.15 4.15 -40.79
N ALA G 851 -19.78 5.03 -41.56
CA ALA G 851 -21.02 5.65 -41.11
C ALA G 851 -22.11 4.59 -40.96
N GLY G 852 -22.09 3.57 -41.81
CA GLY G 852 -23.13 2.56 -41.80
C GLY G 852 -24.15 2.69 -42.93
N SER G 853 -25.34 2.12 -42.70
CA SER G 853 -26.47 2.19 -43.64
C SER G 853 -27.76 2.15 -42.85
N VAL G 854 -28.81 2.76 -43.38
CA VAL G 854 -30.14 2.54 -42.80
C VAL G 854 -31.07 2.02 -43.88
N ARG G 855 -32.07 1.24 -43.46
CA ARG G 855 -33.08 0.77 -44.38
C ARG G 855 -34.11 1.86 -44.51
N VAL G 856 -34.36 2.29 -45.74
CA VAL G 856 -35.40 3.26 -45.98
C VAL G 856 -36.62 2.63 -46.66
N LEU G 857 -37.82 3.05 -46.26
CA LEU G 857 -39.04 2.64 -46.94
C LEU G 857 -39.68 3.82 -47.65
N CYS G 858 -39.76 3.72 -48.96
CA CYS G 858 -40.48 4.72 -49.74
C CYS G 858 -42.00 4.57 -49.62
N TYR G 859 -42.68 5.64 -49.26
CA TYR G 859 -44.11 5.64 -49.48
C TYR G 859 -44.51 6.70 -50.53
N TYR G 860 -45.74 6.59 -51.01
CA TYR G 860 -46.21 7.40 -52.09
C TYR G 860 -47.43 8.18 -51.69
N VAL G 861 -47.48 9.43 -52.12
CA VAL G 861 -48.53 10.34 -51.74
C VAL G 861 -48.95 11.21 -52.90
N THR G 863 -50.66 12.96 -54.57
CA THR G 863 -52.07 12.69 -54.60
C THR G 863 -52.79 13.53 -53.54
N ALA G 864 -54.03 13.86 -53.81
CA ALA G 864 -54.90 14.42 -52.82
C ALA G 864 -55.02 13.39 -51.72
N GLY G 865 -54.98 12.13 -52.13
CA GLY G 865 -55.02 10.97 -51.26
C GLY G 865 -53.72 11.04 -50.54
N ASN G 866 -53.60 10.32 -49.44
CA ASN G 866 -52.45 10.53 -48.60
C ASN G 866 -51.29 9.55 -48.68
N ARG G 867 -51.35 8.40 -48.02
CA ARG G 867 -50.17 7.57 -47.92
C ARG G 867 -50.36 6.25 -48.60
N TRP G 868 -49.47 5.86 -49.49
CA TRP G 868 -49.62 4.59 -50.18
C TRP G 868 -48.36 3.80 -50.46
N LEU G 869 -48.49 2.50 -50.52
CA LEU G 869 -47.29 1.67 -50.56
C LEU G 869 -46.66 1.47 -51.94
N ASP G 870 -47.44 1.65 -52.99
CA ASP G 870 -46.94 1.46 -54.34
C ASP G 870 -47.28 2.73 -55.09
N PRO G 871 -46.63 2.95 -56.24
CA PRO G 871 -46.86 4.12 -57.08
C PRO G 871 -48.34 4.34 -57.42
N GLU G 872 -49.16 3.31 -57.27
CA GLU G 872 -50.52 3.37 -57.77
C GLU G 872 -51.61 3.43 -56.70
N CYS G 873 -51.25 3.79 -55.48
CA CYS G 873 -52.21 3.89 -54.36
C CYS G 873 -53.22 2.78 -54.21
N THR G 874 -52.91 1.60 -54.73
CA THR G 874 -53.79 0.45 -54.61
C THR G 874 -53.60 -0.24 -53.27
N VAL G 875 -52.35 -0.21 -52.79
CA VAL G 875 -51.98 -0.86 -51.52
C VAL G 875 -51.90 0.22 -50.44
N GLU G 876 -52.91 0.22 -49.58
CA GLU G 876 -53.03 1.12 -48.44
C GLU G 876 -51.73 1.03 -47.67
N PHE G 877 -51.24 2.19 -47.28
CA PHE G 877 -50.18 2.28 -46.33
C PHE G 877 -50.74 1.76 -45.00
N PRO G 878 -50.00 0.85 -44.34
CA PRO G 878 -50.51 0.30 -43.08
C PRO G 878 -50.16 1.13 -41.87
N GLU G 879 -51.17 1.69 -41.20
CA GLU G 879 -50.98 2.32 -39.89
C GLU G 879 -50.78 1.22 -38.85
N GLN G 880 -51.45 0.09 -39.07
CA GLN G 880 -51.34 -1.09 -38.20
C GLN G 880 -51.31 -2.35 -39.05
N GLY G 881 -50.91 -3.47 -38.45
CA GLY G 881 -50.78 -4.71 -39.19
C GLY G 881 -51.89 -5.73 -38.93
N THR G 882 -52.02 -6.69 -39.84
CA THR G 882 -53.05 -7.72 -39.72
C THR G 882 -52.72 -8.67 -38.58
N GLY G 883 -53.30 -8.42 -37.42
CA GLY G 883 -53.06 -9.28 -36.28
C GLY G 883 -53.95 -8.86 -35.14
N ARG G 884 -54.01 -9.68 -34.08
CA ARG G 884 -54.85 -9.38 -32.92
C ARG G 884 -54.51 -8.03 -32.29
N GLU G 885 -55.53 -7.19 -32.15
CA GLU G 885 -55.38 -5.80 -31.73
C GLU G 885 -54.40 -5.00 -32.59
N GLY G 886 -54.31 -5.36 -33.87
CA GLY G 886 -53.58 -4.58 -34.85
C GLY G 886 -52.08 -4.76 -34.90
N ARG G 887 -51.56 -5.66 -34.07
CA ARG G 887 -50.11 -5.87 -33.95
C ARG G 887 -49.53 -6.54 -35.19
N PHE G 888 -48.24 -6.31 -35.44
CA PHE G 888 -47.60 -6.80 -36.66
C PHE G 888 -47.07 -8.22 -36.54
N THR G 889 -47.40 -9.06 -37.52
CA THR G 889 -46.88 -10.42 -37.56
C THR G 889 -45.45 -10.43 -38.10
N MET G 890 -44.87 -11.61 -38.19
CA MET G 890 -43.54 -11.75 -38.77
C MET G 890 -43.69 -11.70 -40.28
N ALA G 891 -44.88 -12.08 -40.77
CA ALA G 891 -45.17 -12.09 -42.20
C ALA G 891 -45.51 -10.71 -42.74
N ASP G 892 -46.14 -9.88 -41.90
CA ASP G 892 -46.34 -8.46 -42.19
C ASP G 892 -45.00 -7.78 -42.36
N CYS G 893 -44.21 -7.86 -41.30
CA CYS G 893 -42.84 -7.37 -41.29
C CYS G 893 -42.06 -7.88 -42.50
N ARG G 894 -42.27 -9.14 -42.88
CA ARG G 894 -41.51 -9.72 -43.98
C ARG G 894 -41.86 -9.06 -45.31
N ASP G 895 -43.11 -8.63 -45.46
CA ASP G 895 -43.53 -7.93 -46.68
C ASP G 895 -42.95 -6.53 -46.76
N LEU G 896 -43.03 -5.81 -45.64
CA LEU G 896 -42.55 -4.44 -45.59
C LEU G 896 -41.05 -4.41 -45.90
N VAL G 897 -40.30 -5.20 -45.14
CA VAL G 897 -38.85 -5.25 -45.27
C VAL G 897 -38.40 -5.62 -46.69
N ALA G 898 -39.21 -6.40 -47.40
CA ALA G 898 -38.92 -6.77 -48.79
C ALA G 898 -38.87 -5.53 -49.70
N ARG G 899 -39.57 -4.49 -49.27
CA ARG G 899 -39.66 -3.23 -50.02
C ARG G 899 -38.53 -2.28 -49.68
N THR G 900 -37.91 -2.48 -48.51
CA THR G 900 -36.90 -1.55 -48.01
C THR G 900 -35.64 -1.60 -48.85
N ILE G 901 -34.90 -0.50 -48.78
CA ILE G 901 -33.66 -0.36 -49.51
C ILE G 901 -32.61 0.31 -48.61
N PRO G 902 -31.38 -0.19 -48.65
CA PRO G 902 -30.33 0.32 -47.77
C PRO G 902 -29.63 1.55 -48.36
N VAL G 903 -29.65 2.63 -47.59
CA VAL G 903 -28.99 3.87 -48.00
C VAL G 903 -27.83 4.20 -47.07
N ARG G 904 -26.71 4.67 -47.62
CA ARG G 904 -25.57 5.14 -46.82
C ARG G 904 -25.99 6.26 -45.89
N MET G 905 -25.53 6.17 -44.65
CA MET G 905 -25.66 7.25 -43.70
C MET G 905 -24.90 8.46 -44.21
N GLY G 906 -25.48 9.64 -44.01
CA GLY G 906 -24.93 10.89 -44.50
C GLY G 906 -25.52 12.07 -43.77
N PRO G 907 -25.20 13.29 -44.22
CA PRO G 907 -25.72 14.53 -43.62
C PRO G 907 -27.25 14.50 -43.50
N TRP G 908 -27.88 13.82 -44.45
CA TRP G 908 -29.33 13.83 -44.65
C TRP G 908 -30.13 13.24 -43.51
N ALA G 909 -29.47 12.42 -42.70
CA ALA G 909 -30.13 11.74 -41.59
C ALA G 909 -30.25 12.62 -40.35
N SER G 910 -29.54 13.74 -40.36
CA SER G 910 -29.58 14.66 -39.22
C SER G 910 -30.66 15.71 -39.44
N GLN G 911 -31.22 15.73 -40.65
CA GLN G 911 -32.25 16.69 -41.04
C GLN G 911 -33.53 15.97 -41.38
N LEU G 912 -34.00 15.09 -40.49
CA LEU G 912 -35.24 14.36 -40.73
C LEU G 912 -36.39 14.96 -39.94
N THR G 913 -37.62 14.71 -40.39
CA THR G 913 -38.81 15.26 -39.74
C THR G 913 -39.78 14.18 -39.31
N GLU G 914 -40.96 14.63 -38.89
CA GLU G 914 -42.02 13.76 -38.39
C GLU G 914 -42.31 12.67 -39.38
N ASP G 915 -42.69 13.07 -40.58
CA ASP G 915 -43.17 12.15 -41.59
C ASP G 915 -42.04 11.36 -42.25
N ASN G 916 -40.92 11.20 -41.55
CA ASN G 916 -39.87 10.27 -41.92
C ASN G 916 -39.80 9.18 -40.87
N HIS G 917 -40.59 9.34 -39.82
CA HIS G 917 -40.67 8.35 -38.79
C HIS G 917 -41.99 7.61 -38.90
N PRO G 918 -41.99 6.31 -38.56
CA PRO G 918 -43.19 5.47 -38.61
C PRO G 918 -44.13 5.83 -37.49
N PRO G 919 -45.36 5.32 -37.52
CA PRO G 919 -46.34 5.64 -36.46
C PRO G 919 -46.02 5.02 -35.12
N GLU G 920 -46.94 5.21 -34.18
CA GLU G 920 -46.77 4.63 -32.85
C GLU G 920 -46.95 3.12 -32.91
N ALA G 921 -47.60 2.62 -33.96
CA ALA G 921 -47.80 1.19 -34.02
C ALA G 921 -46.53 0.45 -34.41
N TRP G 922 -45.71 1.07 -35.26
CA TRP G 922 -44.49 0.44 -35.75
C TRP G 922 -43.40 0.45 -34.71
N ARG G 923 -43.50 1.32 -33.73
CA ARG G 923 -42.46 1.40 -32.73
C ARG G 923 -42.51 0.13 -31.88
N GLU G 924 -43.65 -0.56 -31.90
CA GLU G 924 -43.82 -1.79 -31.11
C GLU G 924 -43.01 -2.95 -31.69
N SER G 925 -42.80 -2.91 -32.99
CA SER G 925 -42.10 -3.99 -33.68
C SER G 925 -40.60 -3.78 -33.68
N PHE G 926 -39.89 -4.85 -33.40
CA PHE G 926 -38.45 -4.83 -33.43
C PHE G 926 -37.96 -4.45 -34.82
N TYR G 927 -38.67 -4.93 -35.83
CA TYR G 927 -38.19 -4.88 -37.22
C TYR G 927 -38.49 -3.59 -37.99
N LEU G 928 -39.55 -2.89 -37.57
CA LEU G 928 -40.06 -1.73 -38.29
C LEU G 928 -39.64 -0.43 -37.62
N ARG G 929 -39.33 -0.56 -36.34
CA ARG G 929 -38.99 0.58 -35.47
C ARG G 929 -37.92 1.54 -36.02
N ASP G 930 -36.76 1.00 -36.39
CA ASP G 930 -35.63 1.84 -36.84
C ASP G 930 -35.70 2.21 -38.31
N LEU G 931 -36.88 2.08 -38.91
CA LEU G 931 -37.04 2.36 -40.33
C LEU G 931 -37.15 3.85 -40.64
N VAL G 932 -36.64 4.25 -41.81
CA VAL G 932 -36.69 5.64 -42.20
C VAL G 932 -37.52 5.83 -43.48
N LEU G 933 -38.57 6.63 -43.39
CA LEU G 933 -39.54 6.75 -44.48
C LEU G 933 -39.24 7.91 -45.44
N ILE G 934 -39.27 7.58 -46.73
CA ILE G 934 -39.12 8.56 -47.80
C ILE G 934 -40.45 8.76 -48.54
N PRO G 935 -41.07 9.96 -48.42
CA PRO G 935 -42.26 10.27 -49.21
C PRO G 935 -41.88 10.31 -50.68
N GLN G 936 -42.77 9.88 -51.57
CA GLN G 936 -42.54 9.99 -53.00
C GLN G 936 -43.83 10.51 -53.65
N ALA G 943 -45.93 10.90 -60.75
CA ALA G 943 -46.91 11.51 -59.88
C ALA G 943 -47.14 10.57 -58.71
N VAL G 944 -46.60 10.82 -57.53
CA VAL G 944 -45.69 11.92 -57.19
C VAL G 944 -44.38 11.60 -57.89
N LEU G 945 -43.49 12.56 -58.06
CA LEU G 945 -42.13 12.23 -58.45
C LEU G 945 -41.13 13.22 -57.82
N PRO G 946 -39.85 13.25 -58.15
CA PRO G 946 -38.83 13.52 -57.13
C PRO G 946 -39.25 14.44 -56.05
N THR G 947 -38.99 14.00 -54.83
CA THR G 947 -39.45 14.65 -53.65
C THR G 947 -38.36 14.82 -52.64
N GLU G 948 -38.65 15.66 -51.66
CA GLU G 948 -37.64 16.07 -50.73
C GLU G 948 -37.77 15.36 -49.45
N THR G 949 -36.64 14.91 -48.97
CA THR G 949 -36.50 14.62 -47.59
C THR G 949 -35.06 14.79 -47.30
N GLY G 950 -34.75 15.25 -46.10
CA GLY G 950 -33.39 15.51 -45.66
C GLY G 950 -32.57 16.54 -46.39
N GLY G 951 -33.21 17.61 -46.82
CA GLY G 951 -32.50 18.63 -47.53
C GLY G 951 -31.94 18.11 -48.81
N ARG G 952 -32.62 17.15 -49.39
CA ARG G 952 -32.35 16.76 -50.74
C ARG G 952 -33.50 16.01 -51.33
N GLU G 953 -33.45 15.76 -52.62
CA GLU G 953 -34.59 15.22 -53.34
C GLU G 953 -34.42 13.78 -53.85
N TRP G 954 -35.41 12.95 -53.52
CA TRP G 954 -35.31 11.52 -53.71
C TRP G 954 -36.24 11.00 -54.79
N LEU G 955 -35.71 10.14 -55.65
CA LEU G 955 -36.55 9.53 -56.67
C LEU G 955 -36.42 8.01 -56.72
N LEU G 956 -37.54 7.31 -56.64
CA LEU G 956 -37.52 5.86 -56.86
C LEU G 956 -37.84 5.45 -58.30
N ASP G 957 -36.84 5.58 -59.16
CA ASP G 957 -36.98 5.19 -60.56
C ASP G 957 -37.11 3.68 -60.66
N PRO G 958 -38.29 3.20 -61.10
CA PRO G 958 -38.58 1.77 -61.15
C PRO G 958 -37.68 0.97 -62.10
N CYS G 959 -36.75 1.64 -62.80
CA CYS G 959 -35.81 0.96 -63.68
C CYS G 959 -34.34 1.21 -63.27
N LYS G 960 -34.13 2.22 -62.42
CA LYS G 960 -32.79 2.64 -62.04
C LYS G 960 -32.58 2.68 -60.53
N GLY G 961 -33.58 2.25 -59.76
CA GLY G 961 -33.47 2.28 -58.32
C GLY G 961 -33.58 3.68 -57.76
N LEU G 962 -32.88 3.97 -56.67
CA LEU G 962 -33.00 5.26 -55.99
C LEU G 962 -32.10 6.33 -56.60
N ILE G 963 -32.49 7.59 -56.41
CA ILE G 963 -31.73 8.73 -56.91
C ILE G 963 -31.88 9.92 -55.96
N PHE G 964 -30.75 10.52 -55.57
CA PHE G 964 -30.74 11.73 -54.76
C PHE G 964 -29.48 12.55 -55.01
#